data_4DPW
#
_entry.id   4DPW
#
_cell.length_a   96.459
_cell.length_b   99.445
_cell.length_c   314.418
_cell.angle_alpha   90.000
_cell.angle_beta   90.000
_cell.angle_gamma   90.000
#
_symmetry.space_group_name_H-M   'P 21 21 21'
#
loop_
_entity.id
_entity.type
_entity.pdbx_description
1 polymer 'Mevalonate diphosphate decarboxylase'
2 non-polymer 'PHOSPHOTHIOPHOSPHORIC ACID-ADENYLATE ESTER'
3 non-polymer '(3R)-3-HYDROXY-5-{[(R)-HYDROXY(PHOSPHONOOXY)PHOSPHORYL]OXY}-3-METHYLPENTANOIC ACID'
4 non-polymer 'FORMIC ACID'
5 non-polymer GLYCEROL
6 water water
#
_entity_poly.entity_id   1
_entity_poly.type   'polypeptide(L)'
_entity_poly.pdbx_seq_one_letter_code
;GSTGSMVKSGKARAHTNIALIKYWGKADETYIIPMNNSLSVTLDRFYTETKVTFDPDFTEDCLILNGNEVNAKEKEKIQN
YMNIVRDLAGNRLHARIESENYVPTAAGLASSASAYAALAAACNEALSLNLSDTDLSRLARRGSGSASRSIFGGFAEWEK
GHDDLTSYAHGINSNGWEKDLSMIFVVINNQSKKVSSRSGMSLTRDTSRFYQYWLDHVDEDLNEAKEAVKNQDFQRLGEV
IEANGLRMHATNLGAQPPFTYLVQESYDAMAIVEQCRKANLPCYFTMAAGPNVKVLVEKKNKQAVMEQFLKVFDESKIIA
SDIISSGVEIIK
;
_entity_poly.pdbx_strand_id   A,B,C,D,E,F,G,H
#
loop_
_chem_comp.id
_chem_comp.type
_chem_comp.name
_chem_comp.formula
AGS non-polymer 'PHOSPHOTHIOPHOSPHORIC ACID-ADENYLATE ESTER' 'C10 H16 N5 O12 P3 S'
DP6 non-polymer '(3R)-3-HYDROXY-5-{[(R)-HYDROXY(PHOSPHONOOXY)PHOSPHORYL]OXY}-3-METHYLPENTANOIC ACID' 'C6 H14 O10 P2'
FMT non-polymer 'FORMIC ACID' 'C H2 O2'
GOL non-polymer GLYCEROL 'C3 H8 O3'
#
# COMPACT_ATOMS: atom_id res chain seq x y z
N MET A 6 -48.73 19.33 9.12
CA MET A 6 -48.35 20.26 8.07
C MET A 6 -46.86 20.15 7.74
N VAL A 7 -46.45 20.70 6.59
CA VAL A 7 -45.11 20.48 6.06
C VAL A 7 -44.34 21.78 5.76
N LYS A 8 -43.11 21.87 6.27
CA LYS A 8 -42.30 23.09 6.14
C LYS A 8 -41.19 22.95 5.09
N SER A 9 -41.00 23.97 4.25
CA SER A 9 -39.90 23.97 3.29
C SER A 9 -39.15 25.31 3.20
N GLY A 10 -37.88 25.23 2.82
CA GLY A 10 -37.07 26.43 2.59
C GLY A 10 -36.17 26.23 1.40
N LYS A 11 -35.77 27.32 0.75
CA LYS A 11 -34.81 27.24 -0.35
C LYS A 11 -33.88 28.45 -0.33
N ALA A 12 -32.58 28.18 -0.21
CA ALA A 12 -31.57 29.25 -0.18
C ALA A 12 -30.49 29.04 -1.25
N ARG A 13 -29.82 30.12 -1.60
CA ARG A 13 -28.63 30.04 -2.43
C ARG A 13 -27.44 30.64 -1.67
N ALA A 14 -26.39 29.85 -1.48
CA ALA A 14 -25.17 30.40 -0.90
C ALA A 14 -23.99 30.34 -1.88
N HIS A 15 -23.22 31.41 -1.94
CA HIS A 15 -22.01 31.44 -2.75
C HIS A 15 -20.78 30.86 -2.00
N THR A 16 -19.78 30.42 -2.75
CA THR A 16 -18.55 29.87 -2.16
C THR A 16 -17.59 30.97 -1.68
N ASN A 17 -16.65 30.55 -0.85
CA ASN A 17 -15.56 31.43 -0.43
C ASN A 17 -14.22 30.69 -0.43
N ILE A 18 -13.19 31.43 -0.84
CA ILE A 18 -11.83 30.97 -0.77
C ILE A 18 -11.11 31.79 0.30
N ALA A 19 -10.40 31.10 1.19
CA ALA A 19 -9.73 31.78 2.29
C ALA A 19 -8.40 32.38 1.84
N LEU A 20 -8.24 33.68 2.09
CA LEU A 20 -6.93 34.33 1.90
C LEU A 20 -5.98 33.95 3.06
N ILE A 21 -6.49 34.05 4.28
CA ILE A 21 -5.78 33.55 5.46
C ILE A 21 -6.44 32.22 5.85
N LYS A 22 -5.69 31.14 5.77
CA LYS A 22 -6.33 29.83 5.74
C LYS A 22 -6.91 29.40 7.09
N TYR A 23 -8.05 28.72 7.01
CA TYR A 23 -8.49 27.82 8.07
C TYR A 23 -7.88 26.46 7.74
N TRP A 24 -7.01 25.97 8.62
CA TRP A 24 -6.43 24.63 8.43
C TRP A 24 -6.06 24.06 9.78
N GLY A 25 -6.86 23.11 10.23
CA GLY A 25 -6.68 22.53 11.56
C GLY A 25 -7.78 22.94 12.54
N LYS A 26 -8.28 21.96 13.28
CA LYS A 26 -9.41 22.14 14.19
C LYS A 26 -8.98 21.98 15.65
N ALA A 27 -9.47 22.87 16.50
CA ALA A 27 -9.19 22.81 17.93
C ALA A 27 -10.07 21.74 18.55
N ASP A 28 -11.34 21.73 18.12
CA ASP A 28 -12.35 20.76 18.55
C ASP A 28 -13.02 20.12 17.33
N GLU A 29 -12.89 18.80 17.24
CA GLU A 29 -13.27 18.02 16.05
C GLU A 29 -14.80 17.85 15.91
N THR A 30 -15.53 18.12 17.00
CA THR A 30 -16.95 17.74 17.08
C THR A 30 -17.87 18.95 16.90
N TYR A 31 -17.38 20.11 17.31
CA TYR A 31 -18.12 21.34 17.15
C TYR A 31 -17.53 22.20 16.03
N ILE A 32 -16.41 21.75 15.47
CA ILE A 32 -15.74 22.52 14.44
C ILE A 32 -15.33 23.90 14.98
N ILE A 33 -14.46 23.87 15.98
CA ILE A 33 -13.79 25.06 16.47
C ILE A 33 -12.37 25.04 15.90
N PRO A 34 -11.99 26.13 15.19
CA PRO A 34 -10.73 26.14 14.46
C PRO A 34 -9.56 26.43 15.38
N MET A 35 -8.36 26.15 14.89
CA MET A 35 -7.15 26.41 15.66
C MET A 35 -6.73 27.85 15.49
N ASN A 36 -7.29 28.52 14.49
CA ASN A 36 -6.91 29.90 14.21
C ASN A 36 -7.99 30.69 13.46
N ASN A 37 -7.98 32.01 13.59
CA ASN A 37 -8.92 32.85 12.87
C ASN A 37 -8.69 32.72 11.37
N SER A 38 -9.61 33.26 10.58
CA SER A 38 -9.69 32.90 9.19
C SER A 38 -10.29 34.05 8.40
N LEU A 39 -9.77 34.29 7.19
CA LEU A 39 -10.26 35.40 6.37
C LEU A 39 -10.45 34.98 4.92
N SER A 40 -11.64 35.24 4.37
CA SER A 40 -11.93 34.81 2.99
C SER A 40 -12.62 35.88 2.12
N VAL A 41 -12.66 35.64 0.82
CA VAL A 41 -13.52 36.42 -0.08
C VAL A 41 -14.66 35.54 -0.62
N THR A 42 -15.83 36.14 -0.86
CA THR A 42 -16.96 35.37 -1.39
C THR A 42 -17.12 35.59 -2.90
N LEU A 43 -17.35 34.49 -3.64
CA LEU A 43 -17.34 34.58 -5.11
C LEU A 43 -18.70 34.36 -5.72
N ASP A 44 -19.08 35.24 -6.66
CA ASP A 44 -20.42 35.13 -7.25
C ASP A 44 -20.50 34.22 -8.46
N ARG A 45 -19.37 33.71 -8.94
CA ARG A 45 -19.46 32.80 -10.06
C ARG A 45 -19.81 31.37 -9.63
N PHE A 46 -19.48 31.02 -8.39
CA PHE A 46 -19.72 29.66 -7.87
C PHE A 46 -20.71 29.64 -6.70
N TYR A 47 -21.62 28.68 -6.68
CA TYR A 47 -22.66 28.66 -5.66
C TYR A 47 -23.46 27.36 -5.54
N THR A 48 -24.13 27.23 -4.40
CA THR A 48 -25.03 26.11 -4.16
C THR A 48 -26.47 26.60 -4.03
N GLU A 49 -27.39 25.81 -4.56
CA GLU A 49 -28.81 26.01 -4.34
C GLU A 49 -29.37 24.78 -3.65
N THR A 50 -29.79 24.95 -2.41
CA THR A 50 -30.36 23.86 -1.62
C THR A 50 -31.81 24.17 -1.23
N LYS A 51 -32.69 23.19 -1.44
CA LYS A 51 -34.04 23.24 -0.90
C LYS A 51 -34.22 22.11 0.11
N VAL A 52 -34.86 22.41 1.24
CA VAL A 52 -35.12 21.39 2.25
C VAL A 52 -36.61 21.29 2.61
N THR A 53 -37.10 20.05 2.74
CA THR A 53 -38.51 19.81 3.03
C THR A 53 -38.67 18.89 4.23
N PHE A 54 -39.46 19.33 5.21
CA PHE A 54 -39.69 18.56 6.44
C PHE A 54 -41.08 17.96 6.47
N ASP A 55 -41.14 16.67 6.76
CA ASP A 55 -42.37 15.89 6.58
C ASP A 55 -42.53 14.85 7.68
N PRO A 56 -43.72 14.84 8.33
CA PRO A 56 -44.16 13.81 9.27
C PRO A 56 -44.07 12.41 8.65
N ASP A 57 -44.08 12.35 7.32
CA ASP A 57 -43.98 11.09 6.57
C ASP A 57 -42.60 10.44 6.57
N PHE A 58 -41.53 11.23 6.73
CA PHE A 58 -40.16 10.71 6.61
C PHE A 58 -39.72 10.01 7.88
N THR A 59 -38.77 9.09 7.74
CA THR A 59 -38.31 8.31 8.89
C THR A 59 -36.79 8.33 8.99
N GLU A 60 -36.15 8.81 7.93
CA GLU A 60 -34.77 9.27 8.00
C GLU A 60 -34.55 10.42 7.02
N ASP A 61 -33.37 11.00 7.05
CA ASP A 61 -33.06 12.16 6.24
C ASP A 61 -32.46 11.76 4.91
N CYS A 62 -32.86 12.45 3.85
CA CYS A 62 -32.38 12.10 2.52
C CYS A 62 -31.65 13.28 1.88
N LEU A 63 -30.47 13.01 1.33
CA LEU A 63 -29.78 14.03 0.55
C LEU A 63 -29.72 13.65 -0.94
N ILE A 64 -30.22 14.54 -1.78
CA ILE A 64 -30.08 14.41 -3.21
C ILE A 64 -29.09 15.47 -3.68
N LEU A 65 -27.95 15.03 -4.20
CA LEU A 65 -26.89 15.95 -4.59
C LEU A 65 -26.57 15.84 -6.07
N ASN A 66 -26.82 16.93 -6.79
CA ASN A 66 -26.65 17.00 -8.24
C ASN A 66 -27.51 15.99 -8.97
N GLY A 67 -28.67 15.68 -8.40
CA GLY A 67 -29.58 14.73 -9.01
C GLY A 67 -29.50 13.35 -8.40
N ASN A 68 -28.42 13.06 -7.71
CA ASN A 68 -28.21 11.68 -7.21
C ASN A 68 -28.29 11.55 -5.70
N GLU A 69 -29.06 10.57 -5.24
CA GLU A 69 -29.03 10.16 -3.86
C GLU A 69 -27.58 9.81 -3.54
N VAL A 70 -27.11 10.12 -2.34
CA VAL A 70 -25.69 9.97 -2.03
C VAL A 70 -25.41 8.67 -1.30
N ASN A 71 -24.14 8.38 -1.06
CA ASN A 71 -23.78 7.11 -0.44
C ASN A 71 -24.08 7.11 1.05
N ALA A 72 -23.66 6.04 1.72
CA ALA A 72 -24.12 5.79 3.10
C ALA A 72 -23.17 6.29 4.22
N LYS A 73 -22.01 6.81 3.88
CA LYS A 73 -21.21 7.57 4.85
C LYS A 73 -21.52 9.05 4.64
N GLU A 74 -21.88 9.39 3.40
CA GLU A 74 -22.40 10.71 3.06
C GLU A 74 -23.76 10.91 3.72
N LYS A 75 -24.57 9.85 3.75
CA LYS A 75 -25.86 9.90 4.43
C LYS A 75 -25.63 10.19 5.91
N GLU A 76 -24.85 9.32 6.53
CA GLU A 76 -24.43 9.45 7.92
C GLU A 76 -24.07 10.92 8.25
N LYS A 77 -23.26 11.52 7.38
CA LYS A 77 -22.77 12.88 7.58
C LYS A 77 -23.90 13.91 7.59
N ILE A 78 -24.89 13.73 6.71
CA ILE A 78 -26.03 14.65 6.66
C ILE A 78 -27.00 14.36 7.79
N GLN A 79 -26.90 13.19 8.40
CA GLN A 79 -27.81 12.78 9.45
C GLN A 79 -27.48 13.51 10.74
N ASN A 80 -26.18 13.51 11.04
CA ASN A 80 -25.67 14.11 12.25
C ASN A 80 -25.87 15.62 12.25
N TYR A 81 -25.94 16.19 11.05
CA TYR A 81 -26.17 17.62 10.95
C TYR A 81 -27.64 17.92 11.14
N MET A 82 -28.50 17.19 10.43
CA MET A 82 -29.95 17.34 10.61
C MET A 82 -30.34 17.16 12.07
N ASN A 83 -29.61 16.29 12.78
CA ASN A 83 -29.80 16.11 14.22
C ASN A 83 -29.55 17.39 15.01
N ILE A 84 -28.41 18.02 14.72
CA ILE A 84 -28.09 19.32 15.29
C ILE A 84 -29.19 20.34 15.02
N VAL A 85 -29.72 20.36 13.80
CA VAL A 85 -30.85 21.23 13.48
C VAL A 85 -32.10 20.88 14.29
N ARG A 86 -32.35 19.59 14.51
CA ARG A 86 -33.55 19.16 15.19
C ARG A 86 -33.55 19.57 16.66
N ASP A 87 -32.41 19.41 17.33
CA ASP A 87 -32.27 19.86 18.71
C ASP A 87 -32.58 21.35 18.81
N LEU A 88 -31.91 22.12 17.96
CA LEU A 88 -32.01 23.57 17.98
C LEU A 88 -33.39 24.10 17.61
N ALA A 89 -34.15 23.34 16.81
CA ALA A 89 -35.46 23.82 16.33
C ALA A 89 -36.58 23.49 17.31
N GLY A 90 -36.43 22.39 18.02
CA GLY A 90 -37.41 21.96 19.00
C GLY A 90 -38.14 20.70 18.60
N ASN A 91 -38.05 20.34 17.32
CA ASN A 91 -38.87 19.26 16.75
C ASN A 91 -38.15 17.93 16.47
N ARG A 92 -38.89 17.03 15.83
CA ARG A 92 -38.47 15.64 15.62
C ARG A 92 -38.49 15.27 14.14
N LEU A 93 -38.86 16.22 13.31
CA LEU A 93 -39.05 15.98 11.88
C LEU A 93 -37.77 15.59 11.14
N HIS A 94 -37.91 14.62 10.24
CA HIS A 94 -36.85 14.26 9.34
C HIS A 94 -36.98 15.08 8.06
N ALA A 95 -35.86 15.32 7.38
CA ALA A 95 -35.89 16.17 6.19
C ALA A 95 -35.43 15.45 4.92
N ARG A 96 -35.78 16.02 3.79
CA ARG A 96 -35.29 15.58 2.49
C ARG A 96 -34.62 16.78 1.81
N ILE A 97 -33.36 16.60 1.42
CA ILE A 97 -32.59 17.72 0.89
C ILE A 97 -32.31 17.56 -0.61
N GLU A 98 -32.57 18.61 -1.36
CA GLU A 98 -32.34 18.61 -2.79
C GLU A 98 -31.45 19.77 -3.15
N SER A 99 -30.19 19.45 -3.45
CA SER A 99 -29.14 20.45 -3.59
C SER A 99 -28.42 20.27 -4.92
N GLU A 100 -28.30 21.35 -5.68
CA GLU A 100 -27.50 21.36 -6.89
C GLU A 100 -26.20 22.16 -6.63
N ASN A 101 -25.04 21.54 -6.85
CA ASN A 101 -23.78 22.28 -6.82
C ASN A 101 -23.44 22.96 -8.16
N TYR A 102 -23.70 24.26 -8.27
CA TYR A 102 -23.28 25.02 -9.43
C TYR A 102 -21.81 25.36 -9.31
N VAL A 103 -21.02 24.31 -9.08
CA VAL A 103 -19.62 24.40 -8.74
C VAL A 103 -19.15 22.96 -8.59
N PRO A 104 -17.93 22.65 -9.06
CA PRO A 104 -17.33 21.32 -8.93
C PRO A 104 -17.40 20.85 -7.49
N THR A 105 -17.54 19.55 -7.27
CA THR A 105 -17.86 19.01 -5.94
C THR A 105 -16.68 18.31 -5.26
N ALA A 106 -16.49 18.55 -3.97
CA ALA A 106 -15.37 17.96 -3.21
C ALA A 106 -14.02 18.06 -3.95
N ALA A 107 -13.78 19.20 -4.60
CA ALA A 107 -12.65 19.30 -5.52
C ALA A 107 -11.65 20.41 -5.16
N GLY A 108 -11.85 21.02 -4.00
CA GLY A 108 -10.97 22.10 -3.56
C GLY A 108 -11.37 23.44 -4.14
N LEU A 109 -12.67 23.62 -4.38
CA LEU A 109 -13.19 24.92 -4.80
C LEU A 109 -14.27 25.41 -3.85
N ALA A 110 -14.32 24.77 -2.68
CA ALA A 110 -15.15 25.21 -1.57
C ALA A 110 -16.62 24.92 -1.73
N SER A 111 -16.95 23.72 -2.20
CA SER A 111 -18.36 23.31 -2.24
C SER A 111 -18.93 23.09 -0.85
N SER A 112 -18.08 22.68 0.09
CA SER A 112 -18.39 22.72 1.53
C SER A 112 -19.06 24.02 2.00
N ALA A 113 -18.42 25.15 1.72
CA ALA A 113 -18.86 26.44 2.22
C ALA A 113 -20.23 26.86 1.67
N SER A 114 -20.47 26.58 0.40
CA SER A 114 -21.72 27.00 -0.21
C SER A 114 -22.80 26.04 0.23
N ALA A 115 -22.50 24.75 0.11
CA ALA A 115 -23.39 23.70 0.57
C ALA A 115 -24.03 24.01 1.93
N TYR A 116 -23.20 24.14 2.96
CA TYR A 116 -23.73 24.19 4.32
C TYR A 116 -24.29 25.55 4.74
N ALA A 117 -23.90 26.60 4.03
CA ALA A 117 -24.51 27.90 4.21
C ALA A 117 -25.91 27.87 3.61
N ALA A 118 -25.99 27.38 2.38
CA ALA A 118 -27.29 27.23 1.70
C ALA A 118 -28.26 26.41 2.56
N LEU A 119 -27.80 25.26 3.05
CA LEU A 119 -28.65 24.39 3.85
C LEU A 119 -29.14 25.10 5.13
N ALA A 120 -28.20 25.53 5.98
CA ALA A 120 -28.55 26.19 7.21
C ALA A 120 -29.55 27.34 7.00
N ALA A 121 -29.34 28.13 5.95
CA ALA A 121 -30.22 29.25 5.66
C ALA A 121 -31.60 28.78 5.19
N ALA A 122 -31.64 27.61 4.57
CA ALA A 122 -32.89 27.04 4.11
C ALA A 122 -33.66 26.49 5.32
N CYS A 123 -32.95 25.79 6.20
CA CYS A 123 -33.50 25.28 7.45
C CYS A 123 -34.11 26.40 8.29
N ASN A 124 -33.44 27.54 8.28
CA ASN A 124 -33.90 28.68 9.02
C ASN A 124 -35.26 29.14 8.51
N GLU A 125 -35.35 29.35 7.21
CA GLU A 125 -36.59 29.74 6.55
C GLU A 125 -37.69 28.70 6.77
N ALA A 126 -37.38 27.43 6.49
CA ALA A 126 -38.35 26.36 6.65
C ALA A 126 -38.95 26.37 8.04
N LEU A 127 -38.10 26.21 9.05
CA LEU A 127 -38.54 26.10 10.44
C LEU A 127 -38.81 27.46 11.11
N SER A 128 -38.77 28.54 10.33
CA SER A 128 -39.11 29.87 10.85
C SER A 128 -38.32 30.18 12.13
N LEU A 129 -37.00 30.10 12.05
CA LEU A 129 -36.17 30.18 13.25
C LEU A 129 -35.76 31.61 13.60
N ASN A 130 -35.90 32.52 12.65
CA ASN A 130 -35.47 33.91 12.81
C ASN A 130 -34.08 34.03 13.42
N LEU A 131 -33.13 33.36 12.81
CA LEU A 131 -31.77 33.33 13.33
C LEU A 131 -31.04 34.61 12.92
N SER A 132 -30.31 35.19 13.87
CA SER A 132 -29.44 36.31 13.55
C SER A 132 -28.33 35.80 12.63
N ASP A 133 -27.77 36.71 11.82
CA ASP A 133 -26.63 36.34 11.01
C ASP A 133 -25.59 35.62 11.87
N THR A 134 -25.36 36.11 13.09
CA THR A 134 -24.34 35.48 13.94
C THR A 134 -24.72 34.05 14.29
N ASP A 135 -26.01 33.80 14.50
CA ASP A 135 -26.43 32.44 14.82
C ASP A 135 -26.48 31.55 13.57
N LEU A 136 -26.86 32.14 12.44
CA LEU A 136 -26.79 31.45 11.16
C LEU A 136 -25.38 30.90 10.92
N SER A 137 -24.41 31.81 10.94
CA SER A 137 -23.00 31.48 10.86
C SER A 137 -22.62 30.39 11.86
N ARG A 138 -23.13 30.50 13.09
CA ARG A 138 -22.91 29.46 14.09
C ARG A 138 -23.42 28.09 13.61
N LEU A 139 -24.57 28.11 12.94
CA LEU A 139 -25.20 26.88 12.43
C LEU A 139 -24.44 26.26 11.27
N ALA A 140 -24.18 27.05 10.24
CA ALA A 140 -23.48 26.53 9.07
C ALA A 140 -22.14 25.94 9.50
N ARG A 141 -21.49 26.60 10.45
CA ARG A 141 -20.18 26.15 10.96
C ARG A 141 -20.18 24.71 11.46
N ARG A 142 -21.34 24.22 11.88
CA ARG A 142 -21.41 22.87 12.44
C ARG A 142 -21.40 21.84 11.31
N GLY A 143 -21.79 22.28 10.12
CA GLY A 143 -21.77 21.44 8.93
C GLY A 143 -20.40 21.46 8.29
N SER A 144 -19.88 22.66 8.10
CA SER A 144 -18.57 22.84 7.48
C SER A 144 -17.94 24.16 7.91
N GLY A 145 -16.73 24.09 8.47
CA GLY A 145 -16.05 25.27 8.98
C GLY A 145 -16.18 26.47 8.06
N SER A 146 -15.72 26.30 6.83
CA SER A 146 -15.73 27.38 5.83
C SER A 146 -17.12 27.96 5.60
N ALA A 147 -18.15 27.14 5.82
CA ALA A 147 -19.50 27.58 5.56
C ALA A 147 -19.84 28.78 6.43
N SER A 148 -19.32 28.82 7.66
CA SER A 148 -19.57 29.98 8.51
C SER A 148 -19.35 31.30 7.75
N ARG A 149 -18.31 31.36 6.91
CA ARG A 149 -18.03 32.61 6.22
C ARG A 149 -18.94 32.94 5.03
N SER A 150 -19.66 31.95 4.53
CA SER A 150 -20.47 32.18 3.33
C SER A 150 -21.85 32.80 3.61
N ILE A 151 -22.22 32.85 4.89
CA ILE A 151 -23.39 33.60 5.29
C ILE A 151 -23.25 35.02 4.73
N PHE A 152 -22.00 35.51 4.70
CA PHE A 152 -21.72 36.90 4.35
C PHE A 152 -21.05 37.06 2.96
N GLY A 153 -21.06 38.27 2.43
CA GLY A 153 -20.39 38.59 1.17
C GLY A 153 -19.10 39.37 1.36
N GLY A 154 -18.43 39.69 0.25
CA GLY A 154 -17.19 40.44 0.29
C GLY A 154 -16.19 39.76 1.21
N PHE A 155 -15.30 40.54 1.83
CA PHE A 155 -14.38 39.96 2.81
C PHE A 155 -15.14 39.54 4.07
N ALA A 156 -14.82 38.37 4.59
CA ALA A 156 -15.42 37.90 5.83
C ALA A 156 -14.39 37.20 6.71
N GLU A 157 -14.66 37.15 8.01
CA GLU A 157 -13.72 36.54 8.94
C GLU A 157 -14.40 35.58 9.93
N TRP A 158 -13.83 34.39 10.04
CA TRP A 158 -14.22 33.42 11.05
C TRP A 158 -13.39 33.63 12.33
N GLU A 159 -14.00 34.24 13.33
CA GLU A 159 -13.39 34.40 14.66
C GLU A 159 -13.45 33.07 15.40
N LYS A 160 -12.31 32.59 15.89
CA LYS A 160 -12.24 31.21 16.33
C LYS A 160 -12.97 30.92 17.64
N GLY A 161 -13.19 31.95 18.45
CA GLY A 161 -13.87 31.77 19.73
C GLY A 161 -13.23 30.67 20.56
N HIS A 162 -13.94 30.21 21.58
CA HIS A 162 -13.42 29.18 22.48
C HIS A 162 -14.44 28.05 22.70
N ASP A 163 -15.66 28.27 22.25
CA ASP A 163 -16.71 27.25 22.31
C ASP A 163 -17.79 27.48 21.25
N ASP A 164 -18.86 26.68 21.31
CA ASP A 164 -19.90 26.71 20.29
C ASP A 164 -20.58 28.08 20.12
N LEU A 165 -20.65 28.87 21.19
CA LEU A 165 -21.34 30.16 21.12
C LEU A 165 -20.46 31.27 20.59
N THR A 166 -19.14 31.14 20.84
CA THR A 166 -18.18 32.19 20.49
C THR A 166 -17.50 31.98 19.13
N SER A 167 -17.64 30.79 18.55
CA SER A 167 -17.00 30.50 17.26
C SER A 167 -17.93 30.75 16.06
N TYR A 168 -17.74 31.88 15.40
CA TYR A 168 -18.59 32.25 14.27
C TYR A 168 -17.91 33.32 13.46
N ALA A 169 -18.56 33.78 12.40
CA ALA A 169 -17.93 34.71 11.47
C ALA A 169 -18.67 36.03 11.37
N HIS A 170 -18.03 37.04 10.80
CA HIS A 170 -18.68 38.32 10.53
C HIS A 170 -18.17 38.88 9.22
N GLY A 171 -18.86 39.88 8.67
CA GLY A 171 -18.40 40.55 7.48
C GLY A 171 -17.43 41.69 7.81
N ILE A 172 -16.73 42.17 6.80
CA ILE A 172 -15.83 43.30 6.98
C ILE A 172 -16.05 44.35 5.89
N ASN A 173 -16.16 45.62 6.31
CA ASN A 173 -16.23 46.70 5.36
C ASN A 173 -14.88 46.94 4.70
N SER A 174 -14.86 46.89 3.38
CA SER A 174 -13.68 47.26 2.62
C SER A 174 -14.01 48.50 1.82
N ASN A 175 -15.08 49.19 2.24
CA ASN A 175 -15.67 50.28 1.47
C ASN A 175 -15.86 49.90 0.02
N GLY A 176 -16.29 48.67 -0.22
CA GLY A 176 -16.48 48.19 -1.58
C GLY A 176 -15.23 48.05 -2.42
N TRP A 177 -14.09 47.88 -1.75
CA TRP A 177 -12.86 47.52 -2.46
C TRP A 177 -13.03 46.20 -3.19
N GLU A 178 -13.94 45.36 -2.69
CA GLU A 178 -14.19 44.06 -3.27
C GLU A 178 -14.73 44.19 -4.70
N LYS A 179 -15.31 45.35 -4.99
CA LYS A 179 -15.87 45.64 -6.31
C LYS A 179 -14.79 45.80 -7.37
N ASP A 180 -13.62 46.28 -6.95
CA ASP A 180 -12.50 46.44 -7.88
C ASP A 180 -11.63 45.18 -8.01
N LEU A 181 -12.11 44.06 -7.48
CA LEU A 181 -11.30 42.85 -7.43
C LEU A 181 -11.88 41.68 -8.24
N SER A 182 -11.12 40.60 -8.33
CA SER A 182 -11.45 39.52 -9.24
C SER A 182 -10.57 38.31 -8.93
N MET A 183 -11.06 37.13 -9.26
CA MET A 183 -10.31 35.93 -8.95
C MET A 183 -10.36 34.92 -10.09
N ILE A 184 -9.21 34.73 -10.75
CA ILE A 184 -9.13 33.76 -11.82
C ILE A 184 -8.88 32.35 -11.30
N PHE A 185 -9.81 31.46 -11.60
CA PHE A 185 -9.66 30.05 -11.31
C PHE A 185 -8.91 29.28 -12.42
N VAL A 186 -7.86 28.55 -12.03
CA VAL A 186 -7.22 27.60 -12.94
C VAL A 186 -7.64 26.19 -12.55
N VAL A 187 -8.48 25.58 -13.39
CA VAL A 187 -9.14 24.34 -13.02
C VAL A 187 -8.41 23.11 -13.56
N ILE A 188 -7.41 22.70 -12.80
CA ILE A 188 -6.48 21.64 -13.20
C ILE A 188 -7.11 20.26 -13.01
N ASN A 189 -7.94 20.13 -11.98
CA ASN A 189 -8.62 18.87 -11.72
C ASN A 189 -10.02 19.03 -11.15
N ASN A 190 -10.97 18.37 -11.80
CA ASN A 190 -12.38 18.64 -11.60
C ASN A 190 -13.05 17.71 -10.62
N GLN A 191 -12.27 16.73 -10.14
CA GLN A 191 -12.87 15.56 -9.54
C GLN A 191 -12.68 15.55 -8.03
N SER A 192 -13.13 14.48 -7.40
CA SER A 192 -13.01 14.36 -5.96
C SER A 192 -11.56 14.44 -5.52
N LYS A 193 -11.29 15.25 -4.51
CA LYS A 193 -10.05 15.15 -3.75
C LYS A 193 -9.82 13.69 -3.44
N LYS A 194 -8.56 13.27 -3.41
CA LYS A 194 -8.25 11.95 -2.91
C LYS A 194 -8.49 11.95 -1.39
N VAL A 195 -8.00 13.00 -0.73
CA VAL A 195 -8.18 13.19 0.72
C VAL A 195 -9.03 14.45 0.98
N SER A 196 -10.10 14.29 1.74
CA SER A 196 -11.04 15.40 1.93
C SER A 196 -10.44 16.49 2.81
N SER A 197 -10.80 17.74 2.53
CA SER A 197 -10.34 18.84 3.36
C SER A 197 -10.33 18.42 4.84
N ARG A 198 -11.46 17.86 5.29
CA ARG A 198 -11.61 17.44 6.68
C ARG A 198 -10.51 16.51 7.21
N SER A 199 -10.28 15.39 6.52
CA SER A 199 -9.34 14.40 7.08
C SER A 199 -7.88 14.78 6.89
N GLY A 200 -7.59 15.60 5.87
CA GLY A 200 -6.24 16.08 5.65
C GLY A 200 -5.86 17.09 6.70
N MET A 201 -6.80 17.98 6.98
CA MET A 201 -6.71 18.94 8.09
C MET A 201 -6.45 18.22 9.41
N SER A 202 -7.17 17.12 9.59
CA SER A 202 -7.13 16.36 10.82
C SER A 202 -5.74 15.76 11.02
N LEU A 203 -5.19 15.19 9.95
CA LEU A 203 -3.88 14.54 10.05
C LEU A 203 -2.77 15.56 10.19
N THR A 204 -2.83 16.64 9.42
CA THR A 204 -1.80 17.69 9.53
C THR A 204 -1.81 18.31 10.93
N ARG A 205 -3.00 18.64 11.41
CA ARG A 205 -3.17 19.21 12.74
C ARG A 205 -2.59 18.34 13.87
N ASP A 206 -2.75 17.02 13.76
CA ASP A 206 -2.40 16.10 14.85
C ASP A 206 -0.92 15.72 14.88
N THR A 207 -0.29 15.76 13.71
CA THR A 207 0.98 15.06 13.50
C THR A 207 2.09 15.91 12.87
N SER A 208 1.71 17.01 12.22
CA SER A 208 2.68 17.77 11.44
C SER A 208 3.78 18.49 12.26
N ARG A 209 5.02 18.19 11.91
CA ARG A 209 6.20 18.82 12.48
C ARG A 209 6.39 20.28 12.06
N PHE A 210 5.50 20.78 11.21
CA PHE A 210 5.55 22.18 10.78
C PHE A 210 4.31 22.94 11.21
N TYR A 211 3.40 22.24 11.90
CA TYR A 211 2.15 22.88 12.28
C TYR A 211 2.40 24.06 13.20
N GLN A 212 3.25 23.86 14.20
CA GLN A 212 3.57 24.93 15.14
C GLN A 212 4.07 26.17 14.39
N TYR A 213 4.93 25.96 13.41
CA TYR A 213 5.36 27.08 12.56
C TYR A 213 4.17 27.77 11.89
N TRP A 214 3.20 26.98 11.46
CA TRP A 214 1.98 27.56 10.89
C TRP A 214 1.33 28.47 11.90
N LEU A 215 1.20 27.99 13.15
CA LEU A 215 0.44 28.72 14.17
C LEU A 215 1.14 30.00 14.65
N ASP A 216 2.48 29.99 14.71
CA ASP A 216 3.19 31.15 15.20
C ASP A 216 3.08 32.33 14.25
N HIS A 217 2.76 32.07 12.99
CA HIS A 217 2.68 33.14 11.98
C HIS A 217 1.27 33.52 11.57
N VAL A 218 0.30 32.69 11.94
CA VAL A 218 -1.02 32.93 11.39
C VAL A 218 -1.61 34.29 11.78
N ASP A 219 -1.53 34.64 13.06
CA ASP A 219 -2.12 35.92 13.51
C ASP A 219 -1.42 37.15 12.97
N GLU A 220 -0.08 37.13 12.93
CA GLU A 220 0.62 38.24 12.30
C GLU A 220 0.13 38.45 10.86
N ASP A 221 -0.17 37.37 10.14
CA ASP A 221 -0.60 37.50 8.75
C ASP A 221 -1.96 38.18 8.66
N LEU A 222 -2.90 37.69 9.47
CA LEU A 222 -4.24 38.24 9.58
C LEU A 222 -4.28 39.77 9.80
N ASN A 223 -3.50 40.30 10.74
CA ASN A 223 -3.54 41.75 10.96
C ASN A 223 -3.04 42.50 9.73
N GLU A 224 -1.97 41.99 9.15
CA GLU A 224 -1.35 42.56 7.96
C GLU A 224 -2.38 42.58 6.82
N ALA A 225 -3.06 41.44 6.64
CA ALA A 225 -4.12 41.35 5.64
C ALA A 225 -5.23 42.34 5.94
N LYS A 226 -5.64 42.38 7.21
CA LYS A 226 -6.61 43.38 7.64
C LYS A 226 -6.14 44.82 7.36
N GLU A 227 -4.89 45.18 7.67
CA GLU A 227 -4.44 46.55 7.39
C GLU A 227 -4.37 46.82 5.89
N ALA A 228 -4.16 45.77 5.13
CA ALA A 228 -4.14 45.86 3.67
C ALA A 228 -5.54 46.20 3.15
N VAL A 229 -6.58 45.58 3.71
CA VAL A 229 -7.93 45.89 3.23
C VAL A 229 -8.35 47.29 3.66
N LYS A 230 -7.89 47.72 4.83
CA LYS A 230 -8.18 49.07 5.36
C LYS A 230 -7.55 50.16 4.50
N ASN A 231 -6.49 49.81 3.76
CA ASN A 231 -5.81 50.81 2.93
C ASN A 231 -6.03 50.60 1.44
N GLN A 232 -6.59 49.45 1.09
CA GLN A 232 -6.72 49.07 -0.31
C GLN A 232 -5.35 49.03 -0.99
N ASP A 233 -4.37 48.45 -0.30
CA ASP A 233 -3.08 48.20 -0.89
C ASP A 233 -3.09 46.76 -1.41
N PHE A 234 -3.37 46.63 -2.69
CA PHE A 234 -3.42 45.31 -3.32
C PHE A 234 -2.10 44.56 -3.17
N GLN A 235 -0.99 45.22 -3.49
CA GLN A 235 0.33 44.60 -3.39
C GLN A 235 0.60 44.05 -1.99
N ARG A 236 0.23 44.84 -0.99
CA ARG A 236 0.45 44.49 0.39
C ARG A 236 -0.35 43.26 0.75
N LEU A 237 -1.61 43.24 0.32
CA LEU A 237 -2.50 42.10 0.58
C LEU A 237 -2.00 40.85 -0.14
N GLY A 238 -1.66 40.98 -1.42
CA GLY A 238 -1.23 39.82 -2.20
C GLY A 238 -0.07 39.11 -1.54
N GLU A 239 1.00 39.87 -1.29
CA GLU A 239 2.21 39.30 -0.72
C GLU A 239 1.95 38.42 0.50
N VAL A 240 1.18 38.91 1.48
CA VAL A 240 0.91 38.11 2.69
C VAL A 240 0.00 36.88 2.48
N ILE A 241 -1.01 37.01 1.63
CA ILE A 241 -1.94 35.91 1.39
C ILE A 241 -1.28 34.83 0.55
N GLU A 242 -0.48 35.24 -0.44
CA GLU A 242 0.35 34.26 -1.15
C GLU A 242 1.25 33.46 -0.18
N ALA A 243 2.02 34.13 0.67
CA ALA A 243 2.87 33.41 1.64
C ALA A 243 2.05 32.56 2.61
N ASN A 244 0.97 33.13 3.13
CA ASN A 244 0.16 32.41 4.09
C ASN A 244 -0.31 31.10 3.49
N GLY A 245 -0.89 31.18 2.28
CA GLY A 245 -1.41 29.99 1.59
C GLY A 245 -0.37 28.89 1.39
N LEU A 246 0.83 29.30 0.95
CA LEU A 246 1.95 28.38 0.79
C LEU A 246 2.39 27.78 2.12
N ARG A 247 2.29 28.60 3.17
CA ARG A 247 2.69 28.12 4.50
C ARG A 247 1.69 27.06 4.93
N MET A 248 0.44 27.27 4.56
CA MET A 248 -0.56 26.28 4.91
C MET A 248 -0.19 24.96 4.27
N HIS A 249 0.18 25.01 2.99
CA HIS A 249 0.51 23.77 2.30
C HIS A 249 1.80 23.12 2.83
N ALA A 250 2.78 23.93 3.19
CA ALA A 250 3.97 23.41 3.87
C ALA A 250 3.62 22.50 5.05
N THR A 251 2.56 22.80 5.81
CA THR A 251 2.23 21.96 6.97
C THR A 251 1.89 20.53 6.56
N ASN A 252 1.48 20.33 5.32
CA ASN A 252 1.12 18.99 4.88
C ASN A 252 2.38 18.14 4.64
N LEU A 253 3.43 18.83 4.23
CA LEU A 253 4.72 18.20 3.99
C LEU A 253 5.35 17.73 5.30
N GLY A 254 4.85 18.27 6.41
CA GLY A 254 5.35 17.92 7.74
C GLY A 254 4.55 16.82 8.42
N ALA A 255 3.42 16.46 7.82
CA ALA A 255 2.53 15.45 8.39
C ALA A 255 3.21 14.07 8.46
N GLN A 256 2.57 13.14 9.18
CA GLN A 256 3.08 11.78 9.32
C GLN A 256 2.06 10.72 8.88
N PRO A 257 2.19 10.23 7.63
CA PRO A 257 3.28 10.54 6.69
C PRO A 257 2.91 11.74 5.84
N PRO A 258 3.90 12.33 5.16
CA PRO A 258 3.64 13.61 4.49
C PRO A 258 2.83 13.47 3.18
N PHE A 259 2.27 14.57 2.70
CA PHE A 259 1.49 14.54 1.48
C PHE A 259 1.33 15.93 0.87
N THR A 260 0.62 16.03 -0.25
CA THR A 260 0.40 17.32 -0.91
C THR A 260 -0.76 17.31 -1.89
N TYR A 261 -1.51 18.41 -1.94
CA TYR A 261 -2.61 18.55 -2.88
C TYR A 261 -2.11 19.08 -4.22
N LEU A 262 -0.82 19.43 -4.25
CA LEU A 262 -0.25 20.18 -5.37
C LEU A 262 0.29 19.25 -6.46
N VAL A 263 0.04 19.59 -7.72
CA VAL A 263 0.59 18.80 -8.84
C VAL A 263 1.49 19.69 -9.70
N GLN A 264 2.20 19.12 -10.67
CA GLN A 264 3.14 19.92 -11.48
C GLN A 264 2.42 21.10 -12.09
N GLU A 265 1.18 20.87 -12.52
CA GLU A 265 0.39 21.91 -13.15
C GLU A 265 0.19 23.09 -12.19
N SER A 266 -0.09 22.79 -10.91
CA SER A 266 -0.22 23.85 -9.89
C SER A 266 1.02 24.72 -9.87
N TYR A 267 2.19 24.08 -9.92
CA TYR A 267 3.43 24.85 -9.98
C TYR A 267 3.52 25.66 -11.28
N ASP A 268 3.26 25.04 -12.42
CA ASP A 268 3.26 25.77 -13.71
C ASP A 268 2.46 27.05 -13.64
N ALA A 269 1.30 26.95 -12.98
CA ALA A 269 0.40 28.10 -12.80
C ALA A 269 1.03 29.17 -11.95
N MET A 270 1.68 28.76 -10.86
CA MET A 270 2.34 29.73 -9.99
C MET A 270 3.38 30.51 -10.80
N ALA A 271 4.13 29.80 -11.64
CA ALA A 271 5.16 30.46 -12.43
C ALA A 271 4.56 31.58 -13.29
N ILE A 272 3.49 31.27 -14.00
CA ILE A 272 2.82 32.27 -14.85
C ILE A 272 2.40 33.50 -14.04
N VAL A 273 1.93 33.29 -12.81
CA VAL A 273 1.67 34.44 -11.95
C VAL A 273 2.92 35.27 -11.78
N GLU A 274 4.06 34.60 -11.57
CA GLU A 274 5.30 35.34 -11.33
C GLU A 274 5.69 36.15 -12.57
N GLN A 275 5.69 35.49 -13.73
CA GLN A 275 5.97 36.16 -14.99
C GLN A 275 5.05 37.37 -15.17
N CYS A 276 3.75 37.19 -14.89
CA CYS A 276 2.81 38.31 -14.89
C CYS A 276 3.26 39.49 -14.04
N ARG A 277 3.59 39.21 -12.78
CA ARG A 277 4.09 40.21 -11.86
C ARG A 277 5.33 40.93 -12.41
N LYS A 278 6.19 40.17 -13.10
CA LYS A 278 7.40 40.74 -13.72
C LYS A 278 7.04 41.62 -14.92
N ALA A 279 6.08 41.15 -15.70
CA ALA A 279 5.50 41.90 -16.82
C ALA A 279 4.57 43.01 -16.36
N ASN A 280 4.62 43.35 -15.07
CA ASN A 280 3.90 44.50 -14.56
C ASN A 280 2.37 44.31 -14.51
N LEU A 281 1.95 43.07 -14.28
CA LEU A 281 0.55 42.75 -14.06
C LEU A 281 0.35 42.16 -12.64
N PRO A 282 0.14 43.05 -11.64
CA PRO A 282 0.05 42.65 -10.22
C PRO A 282 -1.01 41.58 -9.98
N CYS A 283 -0.58 40.41 -9.53
CA CYS A 283 -1.51 39.35 -9.21
C CYS A 283 -0.84 38.35 -8.25
N TYR A 284 -1.66 37.64 -7.48
CA TYR A 284 -1.17 36.69 -6.49
C TYR A 284 -2.04 35.43 -6.43
N PHE A 285 -1.47 34.35 -5.92
CA PHE A 285 -2.17 33.08 -5.92
C PHE A 285 -2.38 32.50 -4.55
N THR A 286 -3.42 31.66 -4.44
CA THR A 286 -3.69 30.90 -3.24
C THR A 286 -4.34 29.59 -3.70
N MET A 287 -4.34 28.60 -2.82
CA MET A 287 -4.81 27.29 -3.18
C MET A 287 -5.55 26.69 -2.01
N ALA A 288 -6.80 26.29 -2.23
CA ALA A 288 -7.54 25.55 -1.24
C ALA A 288 -7.00 24.12 -1.19
N ALA A 289 -7.69 23.22 -0.52
CA ALA A 289 -7.21 21.85 -0.44
C ALA A 289 -7.44 21.06 -1.74
N GLY A 290 -6.48 21.19 -2.64
CA GLY A 290 -6.55 20.54 -3.94
C GLY A 290 -5.59 21.21 -4.88
N PRO A 291 -5.50 20.70 -6.11
CA PRO A 291 -4.50 21.10 -7.11
C PRO A 291 -4.84 22.44 -7.76
N ASN A 292 -6.12 22.80 -7.80
CA ASN A 292 -6.54 24.01 -8.51
C ASN A 292 -5.95 25.29 -7.92
N VAL A 293 -5.78 26.31 -8.76
CA VAL A 293 -5.15 27.56 -8.32
C VAL A 293 -6.04 28.78 -8.51
N LYS A 294 -6.14 29.59 -7.47
CA LYS A 294 -6.88 30.85 -7.53
C LYS A 294 -5.91 32.01 -7.67
N VAL A 295 -6.23 32.97 -8.53
CA VAL A 295 -5.35 34.08 -8.80
C VAL A 295 -6.09 35.37 -8.55
N LEU A 296 -5.68 36.07 -7.50
CA LEU A 296 -6.26 37.35 -7.14
C LEU A 296 -5.65 38.42 -8.05
N VAL A 297 -6.52 39.16 -8.74
CA VAL A 297 -6.06 40.25 -9.59
C VAL A 297 -7.06 41.41 -9.57
N GLU A 298 -6.56 42.65 -9.54
CA GLU A 298 -7.43 43.81 -9.63
C GLU A 298 -8.20 43.76 -10.95
N LYS A 299 -9.45 44.22 -10.94
CA LYS A 299 -10.32 44.07 -12.10
C LYS A 299 -9.69 44.58 -13.42
N LYS A 300 -8.96 45.69 -13.33
CA LYS A 300 -8.31 46.28 -14.49
C LYS A 300 -7.47 45.32 -15.33
N ASN A 301 -6.74 44.42 -14.66
CA ASN A 301 -5.79 43.55 -15.37
C ASN A 301 -6.28 42.12 -15.56
N LYS A 302 -7.57 41.91 -15.28
CA LYS A 302 -8.21 40.61 -15.46
C LYS A 302 -7.87 40.02 -16.84
N GLN A 303 -8.24 40.75 -17.91
CA GLN A 303 -8.07 40.24 -19.26
C GLN A 303 -6.62 39.86 -19.57
N ALA A 304 -5.71 40.83 -19.41
CA ALA A 304 -4.28 40.58 -19.61
C ALA A 304 -3.79 39.30 -18.92
N VAL A 305 -3.85 39.29 -17.60
CA VAL A 305 -3.44 38.13 -16.82
C VAL A 305 -4.14 36.86 -17.29
N MET A 306 -5.45 36.94 -17.51
CA MET A 306 -6.18 35.76 -17.96
C MET A 306 -5.63 35.28 -19.30
N GLU A 307 -5.23 36.22 -20.15
CA GLU A 307 -4.67 35.88 -21.44
C GLU A 307 -3.38 35.07 -21.29
N GLN A 308 -2.54 35.48 -20.35
CA GLN A 308 -1.24 34.85 -20.10
C GLN A 308 -1.35 33.38 -19.79
N PHE A 309 -2.42 33.02 -19.10
CA PHE A 309 -2.66 31.62 -18.76
C PHE A 309 -3.11 30.84 -19.98
N LEU A 310 -3.83 31.51 -20.86
CA LEU A 310 -4.41 30.86 -22.02
C LEU A 310 -3.34 30.38 -22.99
N LYS A 311 -2.16 31.01 -22.93
CA LYS A 311 -1.03 30.56 -23.74
C LYS A 311 -0.57 29.17 -23.35
N VAL A 312 -1.03 28.69 -22.21
CA VAL A 312 -0.53 27.43 -21.68
C VAL A 312 -1.62 26.43 -21.30
N PHE A 313 -2.76 26.93 -20.84
CA PHE A 313 -3.85 26.06 -20.38
C PHE A 313 -5.01 25.97 -21.37
N ASP A 314 -5.62 24.80 -21.49
CA ASP A 314 -6.83 24.63 -22.31
C ASP A 314 -7.93 25.57 -21.79
N GLU A 315 -8.69 26.22 -22.67
CA GLU A 315 -9.62 27.26 -22.22
C GLU A 315 -10.86 26.74 -21.48
N SER A 316 -11.03 25.42 -21.45
CA SER A 316 -12.06 24.86 -20.58
C SER A 316 -11.57 24.82 -19.13
N LYS A 317 -10.58 25.66 -18.80
CA LYS A 317 -9.90 25.57 -17.51
C LYS A 317 -9.59 26.91 -16.88
N ILE A 318 -9.87 28.00 -17.59
CA ILE A 318 -9.67 29.32 -17.01
C ILE A 318 -11.03 30.01 -16.79
N ILE A 319 -11.27 30.49 -15.58
CA ILE A 319 -12.63 30.91 -15.18
C ILE A 319 -12.63 32.12 -14.25
N ALA A 320 -12.99 33.29 -14.75
CA ALA A 320 -12.93 34.50 -13.93
C ALA A 320 -14.19 34.75 -13.10
N SER A 321 -13.98 34.96 -11.81
CA SER A 321 -15.09 35.30 -10.93
C SER A 321 -14.96 36.70 -10.39
N ASP A 322 -16.11 37.33 -10.19
CA ASP A 322 -16.14 38.59 -9.47
C ASP A 322 -16.28 38.26 -7.99
N ILE A 323 -16.00 39.22 -7.13
CA ILE A 323 -16.32 39.04 -5.71
C ILE A 323 -17.70 39.65 -5.48
N ILE A 324 -18.60 38.89 -4.84
CA ILE A 324 -19.93 39.40 -4.56
C ILE A 324 -20.00 40.18 -3.25
N SER A 325 -20.77 41.27 -3.24
CA SER A 325 -20.95 42.07 -2.04
C SER A 325 -22.07 41.54 -1.12
N SER A 326 -23.01 40.78 -1.67
CA SER A 326 -24.19 40.35 -0.91
C SER A 326 -24.03 38.98 -0.23
N GLY A 327 -24.77 38.77 0.86
CA GLY A 327 -24.71 37.51 1.60
C GLY A 327 -25.64 36.43 1.04
N VAL A 328 -25.86 35.36 1.80
CA VAL A 328 -26.76 34.28 1.37
C VAL A 328 -28.20 34.77 1.21
N GLU A 329 -28.89 34.29 0.19
CA GLU A 329 -30.26 34.72 -0.09
C GLU A 329 -31.25 33.56 -0.12
N ILE A 330 -32.50 33.82 0.29
CA ILE A 330 -33.60 32.87 0.12
C ILE A 330 -34.10 32.96 -1.32
N ILE A 331 -34.58 31.85 -1.89
CA ILE A 331 -35.10 31.89 -3.26
C ILE A 331 -36.39 31.08 -3.48
N MET B 6 65.42 37.41 33.21
CA MET B 6 64.68 37.04 34.42
C MET B 6 63.46 37.93 34.59
N VAL B 7 63.48 39.09 33.97
CA VAL B 7 62.37 40.02 34.07
C VAL B 7 61.73 40.16 32.68
N LYS B 8 60.59 39.50 32.49
CA LYS B 8 59.90 39.51 31.22
C LYS B 8 58.96 40.74 31.19
N SER B 9 59.08 41.53 30.13
CA SER B 9 58.24 42.73 29.98
C SER B 9 57.65 42.87 28.58
N GLY B 10 56.46 43.47 28.50
CA GLY B 10 55.82 43.71 27.22
C GLY B 10 54.75 44.78 27.31
N LYS B 11 54.41 45.37 26.18
CA LYS B 11 53.46 46.48 26.15
C LYS B 11 52.62 46.46 24.86
N ALA B 12 51.32 46.71 24.98
CA ALA B 12 50.41 46.64 23.83
C ALA B 12 49.40 47.79 23.80
N ARG B 13 48.87 48.10 22.61
CA ARG B 13 47.73 49.00 22.47
C ARG B 13 46.56 48.29 21.79
N ALA B 14 45.38 48.37 22.40
CA ALA B 14 44.19 47.76 21.85
C ALA B 14 43.07 48.78 21.82
N HIS B 15 42.30 48.79 20.73
CA HIS B 15 41.18 49.70 20.64
C HIS B 15 39.88 49.09 21.14
N THR B 16 38.95 49.92 21.59
CA THR B 16 37.63 49.46 21.99
C THR B 16 36.85 49.01 20.75
N ASN B 17 35.78 48.26 20.97
CA ASN B 17 34.83 47.92 19.92
C ASN B 17 33.40 47.96 20.43
N ILE B 18 32.49 48.39 19.58
CA ILE B 18 31.08 48.45 20.00
C ILE B 18 30.27 47.40 19.27
N ALA B 19 29.60 46.53 20.01
CA ALA B 19 28.77 45.51 19.38
C ALA B 19 27.62 46.14 18.61
N LEU B 20 27.50 45.74 17.34
CA LEU B 20 26.37 46.09 16.49
C LEU B 20 25.28 45.04 16.64
N ILE B 21 25.71 43.78 16.76
CA ILE B 21 24.84 42.68 17.13
C ILE B 21 25.36 42.17 18.48
N LYS B 22 24.52 42.29 19.50
CA LYS B 22 25.02 42.33 20.88
C LYS B 22 25.43 40.98 21.44
N TYR B 23 26.51 41.02 22.22
CA TYR B 23 26.83 39.98 23.18
C TYR B 23 26.15 40.35 24.49
N TRP B 24 25.28 39.47 24.99
CA TRP B 24 24.57 39.71 26.24
C TRP B 24 24.11 38.41 26.89
N GLY B 25 24.91 37.94 27.86
CA GLY B 25 24.63 36.68 28.54
C GLY B 25 25.65 35.58 28.20
N LYS B 26 25.99 34.77 29.19
CA LYS B 26 26.96 33.71 28.99
C LYS B 26 26.35 32.34 29.11
N ALA B 27 26.85 31.42 28.30
CA ALA B 27 26.50 30.01 28.44
C ALA B 27 27.29 29.40 29.59
N ASP B 28 28.49 29.95 29.84
CA ASP B 28 29.44 29.41 30.83
C ASP B 28 30.18 30.54 31.51
N GLU B 29 29.85 30.79 32.78
CA GLU B 29 30.46 31.92 33.52
C GLU B 29 31.95 31.77 33.83
N THR B 30 32.45 30.54 33.91
CA THR B 30 33.86 30.28 34.18
C THR B 30 34.80 30.60 32.99
N TYR B 31 34.45 30.12 31.79
CA TYR B 31 35.29 30.30 30.61
C TYR B 31 34.82 31.42 29.67
N ILE B 32 33.76 32.10 30.05
CA ILE B 32 33.21 33.16 29.20
C ILE B 32 32.88 32.66 27.77
N ILE B 33 32.06 31.61 27.69
CA ILE B 33 31.42 31.19 26.44
C ILE B 33 30.05 31.88 26.33
N PRO B 34 29.79 32.56 25.19
CA PRO B 34 28.57 33.38 25.11
C PRO B 34 27.31 32.59 24.73
N MET B 35 26.14 33.16 25.00
CA MET B 35 24.87 32.54 24.60
C MET B 35 24.62 32.66 23.09
N ASN B 36 25.15 33.72 22.48
CA ASN B 36 24.96 33.95 21.05
C ASN B 36 26.22 34.49 20.38
N ASN B 37 26.22 34.51 19.05
CA ASN B 37 27.33 35.10 18.33
C ASN B 37 27.21 36.61 18.39
N SER B 38 28.29 37.28 18.01
CA SER B 38 28.43 38.70 18.27
C SER B 38 29.14 39.36 17.10
N LEU B 39 28.75 40.60 16.78
CA LEU B 39 29.37 41.31 15.67
C LEU B 39 29.64 42.74 16.11
N SER B 40 30.81 43.27 15.72
CA SER B 40 31.22 44.59 16.21
C SER B 40 32.12 45.40 15.26
N VAL B 41 32.28 46.69 15.57
CA VAL B 41 33.28 47.52 14.91
C VAL B 41 34.28 48.11 15.91
N THR B 42 35.54 48.18 15.50
CA THR B 42 36.63 48.63 16.38
C THR B 42 36.91 50.10 16.12
N LEU B 43 37.05 50.87 17.19
CA LEU B 43 37.08 52.32 17.04
C LEU B 43 38.47 52.95 17.13
N ASP B 44 38.72 53.92 16.28
CA ASP B 44 40.02 54.55 16.21
C ASP B 44 40.29 55.44 17.44
N ARG B 45 39.28 56.21 17.85
CA ARG B 45 39.44 57.22 18.89
C ARG B 45 39.78 56.67 20.30
N PHE B 46 39.22 55.51 20.65
CA PHE B 46 39.33 54.99 22.01
C PHE B 46 40.17 53.74 22.07
N TYR B 47 41.03 53.65 23.07
CA TYR B 47 41.93 52.51 23.18
C TYR B 47 42.52 52.43 24.57
N THR B 48 43.27 51.35 24.79
CA THR B 48 43.98 51.16 26.04
C THR B 48 45.42 50.75 25.76
N GLU B 49 46.36 51.32 26.53
CA GLU B 49 47.76 50.90 26.46
C GLU B 49 48.15 50.22 27.75
N THR B 50 48.65 49.00 27.65
CA THR B 50 48.97 48.24 28.84
C THR B 50 50.39 47.74 28.84
N LYS B 51 51.05 47.88 29.98
CA LYS B 51 52.35 47.25 30.20
C LYS B 51 52.22 46.19 31.28
N VAL B 52 52.98 45.12 31.13
CA VAL B 52 52.97 44.05 32.09
C VAL B 52 54.40 43.62 32.34
N THR B 53 54.71 43.36 33.60
CA THR B 53 56.07 43.02 33.99
C THR B 53 56.03 41.80 34.87
N PHE B 54 56.79 40.78 34.49
CA PHE B 54 56.91 39.60 35.34
C PHE B 54 58.26 39.58 35.99
N ASP B 55 58.25 39.57 37.33
CA ASP B 55 59.44 39.70 38.15
C ASP B 55 59.37 38.71 39.30
N PRO B 56 60.43 37.89 39.46
CA PRO B 56 60.53 36.86 40.51
C PRO B 56 60.40 37.43 41.92
N ASP B 57 60.78 38.69 42.13
CA ASP B 57 60.59 39.37 43.42
C ASP B 57 59.10 39.58 43.76
N PHE B 58 58.26 39.78 42.76
CA PHE B 58 56.82 40.01 42.99
C PHE B 58 56.16 38.82 43.64
N THR B 59 55.39 39.09 44.69
CA THR B 59 54.81 38.05 45.53
C THR B 59 53.31 37.90 45.28
N GLU B 60 52.69 38.97 44.80
CA GLU B 60 51.29 38.95 44.39
C GLU B 60 51.13 39.87 43.17
N ASP B 61 50.08 39.66 42.39
CA ASP B 61 49.88 40.49 41.21
C ASP B 61 49.40 41.87 41.63
N CYS B 62 49.70 42.87 40.81
CA CYS B 62 49.25 44.22 41.09
C CYS B 62 48.80 44.91 39.82
N LEU B 63 47.68 45.63 39.93
CA LEU B 63 47.17 46.37 38.81
C LEU B 63 47.14 47.86 39.11
N ILE B 64 47.97 48.63 38.41
CA ILE B 64 47.88 50.10 38.49
C ILE B 64 47.13 50.62 37.26
N LEU B 65 46.00 51.27 37.50
CA LEU B 65 45.07 51.64 36.43
C LEU B 65 44.83 53.15 36.41
N ASN B 66 45.23 53.80 35.32
CA ASN B 66 45.10 55.25 35.23
C ASN B 66 45.81 55.94 36.41
N GLY B 67 46.92 55.38 36.84
CA GLY B 67 47.68 55.96 37.93
C GLY B 67 47.36 55.44 39.33
N ASN B 68 46.35 54.58 39.44
CA ASN B 68 45.92 54.14 40.78
C ASN B 68 45.94 52.63 41.04
N GLU B 69 46.33 52.25 42.25
CA GLU B 69 46.07 50.89 42.74
C GLU B 69 44.55 50.72 42.73
N VAL B 70 44.08 49.56 42.28
CA VAL B 70 42.64 49.32 42.28
C VAL B 70 42.23 48.68 43.60
N ASN B 71 40.92 48.63 43.85
CA ASN B 71 40.40 48.06 45.10
C ASN B 71 40.56 46.55 45.15
N ALA B 72 40.23 45.99 46.30
CA ALA B 72 40.42 44.57 46.58
C ALA B 72 39.70 43.67 45.58
N LYS B 73 38.45 44.03 45.25
CA LYS B 73 37.64 43.24 44.32
C LYS B 73 38.26 43.19 42.92
N GLU B 74 38.84 44.31 42.49
CA GLU B 74 39.57 44.36 41.23
C GLU B 74 40.86 43.55 41.30
N LYS B 75 41.51 43.59 42.47
CA LYS B 75 42.70 42.81 42.72
C LYS B 75 42.43 41.33 42.45
N GLU B 76 41.39 40.83 43.12
CA GLU B 76 40.97 39.43 43.04
C GLU B 76 40.73 39.06 41.57
N LYS B 77 40.03 39.94 40.87
CA LYS B 77 39.68 39.75 39.48
C LYS B 77 40.92 39.65 38.59
N ILE B 78 41.84 40.59 38.74
CA ILE B 78 43.05 40.59 37.92
C ILE B 78 43.94 39.38 38.22
N GLN B 79 43.89 38.88 39.45
CA GLN B 79 44.73 37.73 39.81
C GLN B 79 44.22 36.43 39.20
N ASN B 80 42.92 36.27 39.15
CA ASN B 80 42.35 35.09 38.50
C ASN B 80 42.75 35.05 37.02
N TYR B 81 42.76 36.22 36.39
CA TYR B 81 43.17 36.32 35.01
C TYR B 81 44.65 36.00 34.84
N MET B 82 45.48 36.42 35.80
CA MET B 82 46.90 36.09 35.74
C MET B 82 47.16 34.61 36.03
N ASN B 83 46.26 33.98 36.76
CA ASN B 83 46.37 32.54 36.93
C ASN B 83 46.20 31.82 35.58
N ILE B 84 45.26 32.29 34.79
CA ILE B 84 45.06 31.75 33.47
C ILE B 84 46.31 31.91 32.61
N VAL B 85 46.93 33.09 32.68
CA VAL B 85 48.11 33.34 31.87
C VAL B 85 49.24 32.41 32.27
N ARG B 86 49.40 32.24 33.58
CA ARG B 86 50.48 31.42 34.11
C ARG B 86 50.35 29.97 33.69
N ASP B 87 49.14 29.42 33.89
CA ASP B 87 48.80 28.06 33.51
C ASP B 87 49.12 27.80 32.03
N LEU B 88 48.79 28.77 31.19
CA LEU B 88 49.13 28.74 29.77
C LEU B 88 50.64 28.79 29.54
N ALA B 89 51.35 29.63 30.28
CA ALA B 89 52.80 29.79 30.07
C ALA B 89 53.66 28.69 30.74
N GLY B 90 53.13 28.05 31.77
CA GLY B 90 53.90 27.06 32.49
C GLY B 90 55.04 27.73 33.26
N ASN B 91 54.76 28.90 33.84
CA ASN B 91 55.67 29.51 34.81
C ASN B 91 54.91 30.03 36.03
N ARG B 92 55.65 30.62 36.97
CA ARG B 92 55.09 30.90 38.30
C ARG B 92 55.30 32.33 38.78
N LEU B 93 55.58 33.24 37.87
CA LEU B 93 55.86 34.63 38.26
C LEU B 93 54.61 35.49 38.51
N HIS B 94 54.76 36.53 39.33
CA HIS B 94 53.69 37.48 39.52
C HIS B 94 53.93 38.72 38.68
N ALA B 95 52.86 39.42 38.33
CA ALA B 95 53.00 40.53 37.40
C ALA B 95 52.52 41.85 37.99
N ARG B 96 53.20 42.93 37.58
CA ARG B 96 52.70 44.27 37.78
C ARG B 96 52.20 44.80 36.45
N ILE B 97 50.97 45.26 36.45
CA ILE B 97 50.31 45.70 35.24
C ILE B 97 50.01 47.19 35.32
N GLU B 98 50.52 47.95 34.35
CA GLU B 98 50.26 49.38 34.30
C GLU B 98 49.47 49.71 33.04
N SER B 99 48.30 50.32 33.23
CA SER B 99 47.41 50.57 32.12
C SER B 99 46.85 51.95 32.21
N GLU B 100 46.70 52.58 31.05
CA GLU B 100 45.99 53.84 30.97
C GLU B 100 44.85 53.63 29.99
N ASN B 101 43.67 54.04 30.41
CA ASN B 101 42.52 54.01 29.52
C ASN B 101 42.40 55.31 28.77
N TYR B 102 42.54 55.24 27.45
CA TYR B 102 42.25 56.39 26.60
C TYR B 102 40.80 56.43 26.17
N VAL B 103 39.95 56.28 27.19
CA VAL B 103 38.53 56.03 27.04
C VAL B 103 37.99 56.07 28.44
N PRO B 104 36.80 56.65 28.63
CA PRO B 104 36.14 56.57 29.95
C PRO B 104 36.09 55.11 30.39
N THR B 105 36.31 54.88 31.68
CA THR B 105 36.41 53.52 32.19
C THR B 105 35.15 53.02 32.96
N ALA B 106 34.68 51.83 32.58
CA ALA B 106 33.49 51.23 33.18
C ALA B 106 32.27 52.15 33.03
N ALA B 107 32.14 52.77 31.86
CA ALA B 107 31.02 53.69 31.64
C ALA B 107 30.13 53.31 30.45
N GLY B 108 30.34 52.13 29.86
CA GLY B 108 29.50 51.71 28.76
C GLY B 108 30.10 52.16 27.45
N LEU B 109 31.44 52.23 27.44
CA LEU B 109 32.20 52.59 26.25
C LEU B 109 33.27 51.52 25.97
N ALA B 110 33.02 50.31 26.49
CA ALA B 110 33.84 49.15 26.16
C ALA B 110 35.27 49.15 26.69
N SER B 111 35.53 49.80 27.84
CA SER B 111 36.90 49.77 28.35
C SER B 111 37.34 48.33 28.62
N SER B 112 36.39 47.41 28.88
CA SER B 112 36.65 45.98 29.02
C SER B 112 37.41 45.39 27.87
N ALA B 113 37.00 45.80 26.68
CA ALA B 113 37.37 45.11 25.46
C ALA B 113 38.78 45.52 25.13
N SER B 114 39.02 46.82 25.20
CA SER B 114 40.35 47.33 24.98
C SER B 114 41.26 46.78 26.07
N ALA B 115 40.82 46.84 27.32
CA ALA B 115 41.68 46.48 28.45
C ALA B 115 42.28 45.07 28.36
N TYR B 116 41.44 44.04 28.19
CA TYR B 116 41.96 42.66 28.19
C TYR B 116 42.53 42.22 26.81
N ALA B 117 42.20 42.95 25.75
CA ALA B 117 42.86 42.69 24.48
C ALA B 117 44.32 43.13 24.62
N ALA B 118 44.50 44.31 25.20
CA ALA B 118 45.82 44.89 25.41
C ALA B 118 46.63 44.01 26.36
N LEU B 119 46.08 43.75 27.54
CA LEU B 119 46.72 42.88 28.51
C LEU B 119 47.15 41.54 27.92
N ALA B 120 46.25 40.89 27.19
CA ALA B 120 46.59 39.63 26.54
C ALA B 120 47.76 39.79 25.57
N ALA B 121 47.64 40.73 24.65
CA ALA B 121 48.71 40.99 23.70
C ALA B 121 50.04 41.29 24.40
N ALA B 122 49.98 42.04 25.50
CA ALA B 122 51.20 42.42 26.22
C ALA B 122 51.89 41.22 26.86
N CYS B 123 51.09 40.27 27.34
CA CYS B 123 51.60 39.04 27.94
C CYS B 123 52.19 38.15 26.86
N ASN B 124 51.53 38.12 25.72
CA ASN B 124 52.01 37.34 24.58
C ASN B 124 53.43 37.77 24.25
N GLU B 125 53.63 39.09 24.18
CA GLU B 125 54.93 39.66 23.87
C GLU B 125 55.96 39.38 24.98
N ALA B 126 55.63 39.76 26.21
CA ALA B 126 56.52 39.57 27.35
C ALA B 126 56.96 38.11 27.52
N LEU B 127 56.01 37.20 27.44
CA LEU B 127 56.30 35.79 27.69
C LEU B 127 56.70 35.05 26.43
N SER B 128 56.72 35.75 25.30
CA SER B 128 57.07 35.13 24.02
C SER B 128 56.21 33.88 23.75
N LEU B 129 54.91 34.00 23.97
CA LEU B 129 54.01 32.88 23.73
C LEU B 129 53.78 32.55 22.24
N ASN B 130 53.93 33.55 21.37
CA ASN B 130 53.77 33.35 19.92
C ASN B 130 52.37 32.91 19.47
N LEU B 131 51.36 33.32 20.21
CA LEU B 131 49.98 32.92 19.91
C LEU B 131 49.53 33.37 18.51
N SER B 132 48.75 32.52 17.84
CA SER B 132 48.04 32.91 16.63
C SER B 132 47.03 34.03 16.98
N ASP B 133 46.54 34.74 15.97
CA ASP B 133 45.44 35.66 16.24
C ASP B 133 44.32 34.93 16.98
N THR B 134 43.93 33.79 16.43
CA THR B 134 42.93 32.94 17.06
C THR B 134 43.20 32.71 18.55
N ASP B 135 44.39 32.24 18.89
CA ASP B 135 44.66 31.90 20.29
C ASP B 135 44.74 33.12 21.23
N LEU B 136 45.15 34.25 20.67
CA LEU B 136 45.20 35.52 21.38
C LEU B 136 43.79 36.02 21.67
N SER B 137 42.90 35.85 20.69
CA SER B 137 41.49 36.15 20.90
C SER B 137 40.93 35.25 21.99
N ARG B 138 41.37 33.99 22.00
CA ARG B 138 40.89 33.07 23.03
C ARG B 138 41.31 33.58 24.39
N LEU B 139 42.52 34.12 24.46
CA LEU B 139 43.07 34.58 25.74
C LEU B 139 42.32 35.81 26.26
N ALA B 140 42.22 36.84 25.43
CA ALA B 140 41.45 38.04 25.78
C ALA B 140 40.04 37.70 26.28
N ARG B 141 39.40 36.74 25.62
CA ARG B 141 38.02 36.33 25.94
C ARG B 141 37.85 35.98 27.42
N ARG B 142 38.84 35.30 27.99
CA ARG B 142 38.77 34.91 29.38
C ARG B 142 38.80 36.11 30.32
N GLY B 143 39.32 37.24 29.85
CA GLY B 143 39.35 38.44 30.66
C GLY B 143 38.07 39.23 30.54
N SER B 144 37.57 39.34 29.31
CA SER B 144 36.32 40.04 29.02
C SER B 144 35.83 39.57 27.67
N GLY B 145 34.57 39.14 27.60
CA GLY B 145 34.04 38.63 26.35
C GLY B 145 34.32 39.51 25.13
N SER B 146 33.94 40.77 25.21
CA SER B 146 34.13 41.67 24.08
C SER B 146 35.60 41.80 23.68
N ALA B 147 36.52 41.56 24.62
CA ALA B 147 37.93 41.72 24.30
C ALA B 147 38.31 40.76 23.16
N SER B 148 37.62 39.63 23.07
CA SER B 148 37.84 38.71 21.96
C SER B 148 37.91 39.44 20.60
N ARG B 149 37.10 40.49 20.44
CA ARG B 149 36.99 41.14 19.12
C ARG B 149 38.00 42.28 18.91
N SER B 150 38.53 42.83 20.00
CA SER B 150 39.48 43.93 19.88
C SER B 150 40.82 43.47 19.34
N ILE B 151 41.05 42.16 19.31
CA ILE B 151 42.20 41.61 18.59
C ILE B 151 42.20 42.14 17.15
N PHE B 152 41.02 42.32 16.56
CA PHE B 152 40.93 42.66 15.15
C PHE B 152 40.41 44.08 14.94
N GLY B 153 40.58 44.59 13.71
CA GLY B 153 40.05 45.88 13.33
C GLY B 153 38.85 45.68 12.43
N GLY B 154 38.30 46.79 11.92
CA GLY B 154 37.10 46.76 11.11
C GLY B 154 35.99 45.95 11.76
N PHE B 155 35.33 45.10 10.94
CA PHE B 155 34.24 44.28 11.45
C PHE B 155 34.82 43.03 12.05
N ALA B 156 34.35 42.68 13.25
CA ALA B 156 34.80 41.44 13.88
C ALA B 156 33.61 40.62 14.35
N GLU B 157 33.72 39.31 14.25
CA GLU B 157 32.67 38.47 14.79
C GLU B 157 33.21 37.48 15.80
N TRP B 158 32.55 37.44 16.94
CA TRP B 158 32.83 36.47 17.97
C TRP B 158 31.96 35.23 17.75
N GLU B 159 32.56 34.12 17.33
CA GLU B 159 31.85 32.84 17.24
C GLU B 159 31.75 32.20 18.62
N LYS B 160 30.52 31.96 19.06
CA LYS B 160 30.31 31.43 20.41
C LYS B 160 30.98 30.10 20.69
N GLY B 161 31.11 29.25 19.68
CA GLY B 161 31.66 27.92 19.88
C GLY B 161 30.86 27.14 20.91
N HIS B 162 31.47 26.09 21.45
CA HIS B 162 30.80 25.23 22.43
C HIS B 162 31.72 24.91 23.63
N ASP B 163 32.97 25.37 23.56
CA ASP B 163 33.97 25.19 24.65
C ASP B 163 35.13 26.21 24.57
N ASP B 164 36.08 26.12 25.50
CA ASP B 164 37.19 27.08 25.54
C ASP B 164 38.01 27.04 24.24
N LEU B 165 37.94 25.94 23.53
CA LEU B 165 38.70 25.79 22.29
C LEU B 165 38.06 26.48 21.09
N THR B 166 36.73 26.39 21.00
CA THR B 166 36.04 26.83 19.80
C THR B 166 35.48 28.24 19.90
N SER B 167 35.63 28.87 21.07
CA SER B 167 35.03 30.18 21.27
C SER B 167 36.04 31.30 21.10
N TYR B 168 35.92 32.00 19.98
CA TYR B 168 36.79 33.12 19.65
C TYR B 168 36.27 33.96 18.50
N ALA B 169 36.95 35.08 18.26
CA ALA B 169 36.55 36.03 17.25
C ALA B 169 37.44 35.95 16.00
N HIS B 170 37.06 36.65 14.94
CA HIS B 170 37.90 36.80 13.75
C HIS B 170 37.51 38.07 13.01
N GLY B 171 38.43 38.60 12.21
CA GLY B 171 38.12 39.73 11.33
C GLY B 171 37.13 39.34 10.24
N ILE B 172 36.47 40.35 9.68
CA ILE B 172 35.60 40.17 8.52
C ILE B 172 36.00 41.15 7.43
N ASN B 173 36.40 40.61 6.28
CA ASN B 173 36.65 41.42 5.10
C ASN B 173 35.36 42.16 4.72
N SER B 174 35.41 43.48 4.62
CA SER B 174 34.28 44.22 4.09
C SER B 174 34.71 45.07 2.90
N ASN B 175 35.87 44.75 2.34
CA ASN B 175 36.34 45.46 1.18
C ASN B 175 36.44 46.97 1.45
N GLY B 176 36.96 47.29 2.63
CA GLY B 176 37.30 48.67 2.95
C GLY B 176 36.13 49.58 3.28
N TRP B 177 34.93 49.00 3.34
CA TRP B 177 33.72 49.75 3.68
C TRP B 177 33.85 50.45 5.03
N GLU B 178 34.49 49.78 5.99
CA GLU B 178 34.66 50.33 7.32
C GLU B 178 35.37 51.69 7.24
N LYS B 179 36.04 51.93 6.12
CA LYS B 179 36.70 53.22 5.88
C LYS B 179 35.73 54.32 5.49
N ASP B 180 34.51 53.92 5.10
CA ASP B 180 33.46 54.88 4.74
C ASP B 180 32.53 55.19 5.91
N LEU B 181 32.82 54.62 7.07
CA LEU B 181 31.90 54.69 8.19
C LEU B 181 32.46 55.45 9.40
N SER B 182 31.55 55.89 10.27
CA SER B 182 31.94 56.62 11.46
C SER B 182 30.94 56.35 12.59
N MET B 183 31.30 56.78 13.79
CA MET B 183 30.45 56.56 14.94
C MET B 183 30.51 57.73 15.91
N ILE B 184 29.50 58.57 15.86
CA ILE B 184 29.40 59.68 16.79
C ILE B 184 29.03 59.13 18.17
N PHE B 185 29.79 59.50 19.17
CA PHE B 185 29.43 59.13 20.54
C PHE B 185 28.75 60.31 21.21
N VAL B 186 27.55 60.06 21.72
CA VAL B 186 26.88 61.02 22.58
C VAL B 186 27.16 60.60 24.01
N VAL B 187 28.10 61.28 24.66
CA VAL B 187 28.56 60.87 25.99
C VAL B 187 27.77 61.49 27.15
N ILE B 188 26.73 60.79 27.55
CA ILE B 188 25.82 61.25 28.58
C ILE B 188 26.37 61.05 30.00
N ASN B 189 27.09 59.96 30.23
CA ASN B 189 27.72 59.74 31.54
C ASN B 189 29.11 59.09 31.49
N ASN B 190 30.10 59.89 31.89
CA ASN B 190 31.52 59.54 31.94
C ASN B 190 31.89 58.62 33.10
N GLN B 191 30.94 58.40 34.01
CA GLN B 191 31.27 57.84 35.33
C GLN B 191 30.96 56.36 35.37
N SER B 192 31.37 55.70 36.44
CA SER B 192 31.13 54.27 36.59
C SER B 192 29.64 53.94 36.58
N LYS B 193 29.31 52.69 36.26
CA LYS B 193 27.92 52.26 36.21
C LYS B 193 27.51 51.57 37.50
N LYS B 194 26.24 51.69 37.86
CA LYS B 194 25.71 51.09 39.08
C LYS B 194 25.62 49.58 38.96
N VAL B 195 25.63 49.08 37.72
CA VAL B 195 25.54 47.65 37.47
C VAL B 195 26.62 47.24 36.47
N SER B 196 27.64 46.52 36.92
CA SER B 196 28.71 46.19 35.98
C SER B 196 28.09 45.38 34.84
N SER B 197 28.62 45.55 33.65
CA SER B 197 28.00 44.85 32.54
C SER B 197 28.10 43.34 32.82
N ARG B 198 29.20 42.90 33.42
CA ARG B 198 29.30 41.49 33.76
C ARG B 198 28.12 41.05 34.63
N SER B 199 27.82 41.79 35.69
CA SER B 199 26.78 41.33 36.64
C SER B 199 25.38 41.59 36.10
N GLY B 200 25.21 42.64 35.30
CA GLY B 200 23.90 42.93 34.75
C GLY B 200 23.55 41.79 33.83
N MET B 201 24.53 41.46 33.00
CA MET B 201 24.44 40.35 32.05
C MET B 201 24.02 39.03 32.71
N SER B 202 24.56 38.70 33.88
CA SER B 202 24.23 37.41 34.48
C SER B 202 22.83 37.41 35.05
N LEU B 203 22.40 38.55 35.60
CA LEU B 203 21.06 38.64 36.16
C LEU B 203 20.01 38.44 35.07
N THR B 204 20.24 39.07 33.92
CA THR B 204 19.28 39.02 32.83
C THR B 204 19.28 37.63 32.19
N ARG B 205 20.46 37.12 31.85
CA ARG B 205 20.52 35.76 31.29
C ARG B 205 19.91 34.71 32.25
N ASP B 206 19.99 34.93 33.56
CA ASP B 206 19.44 33.93 34.48
C ASP B 206 17.94 34.06 34.73
N THR B 207 17.44 35.29 34.76
CA THR B 207 16.11 35.50 35.34
C THR B 207 15.15 36.23 34.39
N SER B 208 15.67 36.77 33.30
CA SER B 208 14.86 37.64 32.47
C SER B 208 13.74 36.92 31.72
N ARG B 209 12.54 37.42 31.95
CA ARG B 209 11.37 36.88 31.33
C ARG B 209 11.36 37.14 29.83
N PHE B 210 12.26 37.99 29.35
CA PHE B 210 12.25 38.33 27.93
C PHE B 210 13.47 37.76 27.22
N TYR B 211 14.30 37.07 27.99
CA TYR B 211 15.54 36.52 27.45
C TYR B 211 15.33 35.59 26.25
N GLN B 212 14.40 34.63 26.37
CA GLN B 212 14.13 33.76 25.21
C GLN B 212 13.83 34.56 23.94
N TYR B 213 12.95 35.53 24.06
CA TYR B 213 12.63 36.37 22.92
C TYR B 213 13.93 36.94 22.30
N TRP B 214 14.89 37.28 23.15
CA TRP B 214 16.17 37.77 22.68
C TRP B 214 16.96 36.73 21.86
N LEU B 215 17.05 35.51 22.38
CA LEU B 215 17.68 34.39 21.68
C LEU B 215 17.01 34.07 20.33
N ASP B 216 15.70 33.90 20.36
CA ASP B 216 14.95 33.51 19.17
C ASP B 216 15.23 34.41 17.97
N HIS B 217 15.61 35.67 18.22
CA HIS B 217 15.81 36.64 17.13
C HIS B 217 17.25 36.99 16.81
N VAL B 218 18.19 36.46 17.58
CA VAL B 218 19.55 36.97 17.48
C VAL B 218 20.27 36.50 16.20
N ASP B 219 20.15 35.22 15.86
CA ASP B 219 20.76 34.72 14.62
C ASP B 219 20.30 35.43 13.33
N GLU B 220 18.99 35.62 13.19
CA GLU B 220 18.43 36.26 12.01
C GLU B 220 19.01 37.66 11.85
N ASP B 221 19.02 38.41 12.95
CA ASP B 221 19.60 39.74 12.98
C ASP B 221 21.06 39.66 12.57
N LEU B 222 21.75 38.64 13.09
CA LEU B 222 23.17 38.44 12.83
C LEU B 222 23.44 38.18 11.34
N ASN B 223 22.69 37.27 10.77
CA ASN B 223 22.87 36.98 9.36
C ASN B 223 22.48 38.18 8.47
N GLU B 224 21.41 38.86 8.85
CA GLU B 224 20.91 39.99 8.05
C GLU B 224 21.97 41.08 8.01
N ALA B 225 22.70 41.20 9.11
CA ALA B 225 23.76 42.18 9.26
C ALA B 225 24.95 41.85 8.35
N LYS B 226 25.33 40.57 8.36
CA LYS B 226 26.36 40.07 7.48
C LYS B 226 26.01 40.28 5.99
N GLU B 227 24.79 39.93 5.58
CA GLU B 227 24.38 40.14 4.19
C GLU B 227 24.46 41.61 3.82
N ALA B 228 24.19 42.47 4.79
CA ALA B 228 24.20 43.91 4.55
C ALA B 228 25.62 44.46 4.35
N VAL B 229 26.59 43.92 5.08
CA VAL B 229 27.97 44.39 4.89
C VAL B 229 28.53 43.88 3.56
N LYS B 230 28.12 42.68 3.15
CA LYS B 230 28.54 42.16 1.84
C LYS B 230 28.08 43.07 0.71
N ASN B 231 26.89 43.64 0.85
CA ASN B 231 26.32 44.54 -0.14
C ASN B 231 26.65 46.00 0.17
N GLN B 232 27.36 46.21 1.26
CA GLN B 232 27.66 47.55 1.75
C GLN B 232 26.38 48.38 1.80
N ASP B 233 25.33 47.77 2.34
CA ASP B 233 24.00 48.37 2.40
C ASP B 233 23.74 49.08 3.74
N PHE B 234 24.09 50.36 3.81
CA PHE B 234 23.97 51.10 5.05
C PHE B 234 22.57 51.08 5.68
N GLN B 235 21.55 51.45 4.92
CA GLN B 235 20.18 51.47 5.46
C GLN B 235 19.83 50.11 6.06
N ARG B 236 20.18 49.07 5.34
CA ARG B 236 19.87 47.70 5.73
C ARG B 236 20.58 47.28 7.02
N LEU B 237 21.81 47.77 7.20
CA LEU B 237 22.61 47.40 8.36
C LEU B 237 22.17 48.16 9.60
N GLY B 238 21.86 49.44 9.45
CA GLY B 238 21.49 50.28 10.57
C GLY B 238 20.16 49.81 11.17
N GLU B 239 19.21 49.55 10.31
CA GLU B 239 17.89 49.16 10.75
C GLU B 239 17.95 47.91 11.62
N VAL B 240 18.70 46.90 11.19
CA VAL B 240 18.80 45.67 11.98
C VAL B 240 19.58 45.85 13.30
N ILE B 241 20.68 46.61 13.28
CA ILE B 241 21.49 46.79 14.49
C ILE B 241 20.82 47.69 15.50
N GLU B 242 20.05 48.68 15.00
CA GLU B 242 19.32 49.57 15.90
C GLU B 242 18.18 48.79 16.56
N ALA B 243 17.50 47.94 15.79
CA ALA B 243 16.52 47.02 16.38
C ALA B 243 17.17 46.09 17.39
N ASN B 244 18.36 45.57 17.07
CA ASN B 244 19.01 44.59 17.93
C ASN B 244 19.43 45.17 19.30
N GLY B 245 20.04 46.35 19.29
CA GLY B 245 20.44 47.00 20.52
C GLY B 245 19.26 47.08 21.47
N LEU B 246 18.18 47.67 20.99
CA LEU B 246 16.99 47.87 21.78
C LEU B 246 16.44 46.58 22.35
N ARG B 247 16.41 45.53 21.52
CA ARG B 247 15.93 44.24 21.99
C ARG B 247 16.78 43.76 23.15
N MET B 248 18.08 44.06 23.09
CA MET B 248 18.99 43.63 24.15
C MET B 248 18.73 44.36 25.47
N HIS B 249 18.33 45.62 25.36
CA HIS B 249 17.98 46.37 26.54
C HIS B 249 16.58 45.97 27.01
N ALA B 250 15.74 45.55 26.07
CA ALA B 250 14.42 45.04 26.41
C ALA B 250 14.51 43.98 27.51
N THR B 251 15.47 43.06 27.35
CA THR B 251 15.61 41.93 28.26
C THR B 251 15.93 42.37 29.68
N ASN B 252 16.45 43.58 29.83
CA ASN B 252 16.80 44.04 31.16
C ASN B 252 15.52 44.39 31.87
N LEU B 253 14.58 44.91 31.11
CA LEU B 253 13.28 45.26 31.65
C LEU B 253 12.57 44.01 32.19
N GLY B 254 12.92 42.83 31.67
CA GLY B 254 12.29 41.59 32.13
C GLY B 254 13.01 40.81 33.22
N ALA B 255 14.21 41.26 33.58
CA ALA B 255 14.96 40.63 34.67
C ALA B 255 14.27 40.74 36.04
N GLN B 256 14.84 40.05 37.03
CA GLN B 256 14.21 39.89 38.34
C GLN B 256 15.16 40.32 39.44
N PRO B 257 15.03 41.56 39.93
CA PRO B 257 14.06 42.56 39.47
C PRO B 257 14.58 43.33 38.26
N PRO B 258 13.67 43.99 37.53
CA PRO B 258 14.03 44.73 36.30
C PRO B 258 14.95 45.92 36.55
N PHE B 259 15.71 46.28 35.53
CA PHE B 259 16.64 47.38 35.62
C PHE B 259 16.93 47.89 34.20
N THR B 260 17.47 49.10 34.08
CA THR B 260 17.72 49.67 32.77
C THR B 260 19.05 50.43 32.78
N TYR B 261 19.73 50.45 31.63
CA TYR B 261 20.92 51.29 31.50
C TYR B 261 20.56 52.64 30.87
N LEU B 262 19.31 52.76 30.43
CA LEU B 262 18.89 53.97 29.74
C LEU B 262 18.41 55.08 30.68
N VAL B 263 18.60 56.32 30.24
CA VAL B 263 18.18 57.49 30.97
C VAL B 263 17.39 58.37 30.00
N GLN B 264 16.77 59.44 30.50
CA GLN B 264 15.98 60.31 29.66
C GLN B 264 16.83 60.91 28.55
N GLU B 265 18.03 61.38 28.90
CA GLU B 265 18.90 61.94 27.88
C GLU B 265 19.16 60.95 26.73
N SER B 266 19.45 59.69 27.06
CA SER B 266 19.53 58.65 26.04
C SER B 266 18.34 58.73 25.08
N TYR B 267 17.13 58.66 25.61
CA TYR B 267 15.96 58.77 24.74
C TYR B 267 15.94 60.03 23.91
N ASP B 268 16.38 61.13 24.51
CA ASP B 268 16.38 62.40 23.78
C ASP B 268 17.30 62.29 22.58
N ALA B 269 18.48 61.70 22.82
CA ALA B 269 19.44 61.41 21.76
C ALA B 269 18.84 60.52 20.67
N MET B 270 18.07 59.51 21.07
CA MET B 270 17.51 58.62 20.06
C MET B 270 16.53 59.42 19.21
N ALA B 271 15.79 60.33 19.83
CA ALA B 271 14.84 61.16 19.11
C ALA B 271 15.50 62.02 18.02
N ILE B 272 16.72 62.50 18.31
CA ILE B 272 17.48 63.31 17.35
C ILE B 272 17.95 62.51 16.13
N VAL B 273 18.32 61.25 16.36
CA VAL B 273 18.67 60.34 15.27
C VAL B 273 17.50 60.19 14.30
N GLU B 274 16.30 60.14 14.84
CA GLU B 274 15.11 59.99 14.02
C GLU B 274 14.85 61.30 13.22
N GLN B 275 14.96 62.43 13.91
CA GLN B 275 14.88 63.74 13.25
C GLN B 275 15.86 63.86 12.09
N CYS B 276 17.08 63.36 12.30
CA CYS B 276 18.12 63.31 11.28
C CYS B 276 17.71 62.51 10.03
N ARG B 277 17.11 61.35 10.26
CA ARG B 277 16.68 60.49 9.17
C ARG B 277 15.60 61.16 8.32
N LYS B 278 14.74 61.94 8.98
CA LYS B 278 13.65 62.65 8.32
C LYS B 278 14.15 63.94 7.65
N ALA B 279 15.46 64.13 7.65
CA ALA B 279 16.07 65.25 6.96
C ALA B 279 17.17 64.70 6.05
N ASN B 280 16.87 63.55 5.46
CA ASN B 280 17.77 62.87 4.56
C ASN B 280 19.19 62.74 5.12
N LEU B 281 19.28 62.29 6.37
CA LEU B 281 20.58 62.03 6.98
C LEU B 281 20.60 60.65 7.65
N PRO B 282 20.86 59.60 6.85
CA PRO B 282 20.91 58.22 7.35
C PRO B 282 21.86 58.05 8.54
N CYS B 283 21.31 57.79 9.71
CA CYS B 283 22.10 57.38 10.86
C CYS B 283 21.30 56.46 11.79
N TYR B 284 22.01 55.66 12.57
CA TYR B 284 21.38 54.64 13.40
C TYR B 284 22.11 54.48 14.72
N PHE B 285 21.37 54.27 15.80
CA PHE B 285 21.99 54.21 17.12
C PHE B 285 22.08 52.82 17.70
N THR B 286 22.96 52.70 18.69
CA THR B 286 23.03 51.53 19.55
C THR B 286 23.53 51.96 20.92
N MET B 287 23.30 51.13 21.94
CA MET B 287 23.83 51.41 23.28
C MET B 287 24.50 50.17 23.84
N ALA B 288 25.69 50.35 24.40
CA ALA B 288 26.32 49.30 25.20
C ALA B 288 25.65 49.26 26.58
N ALA B 289 26.28 48.59 27.53
CA ALA B 289 25.73 48.55 28.88
C ALA B 289 25.91 49.91 29.59
N GLY B 290 25.05 50.88 29.29
CA GLY B 290 25.19 52.22 29.83
C GLY B 290 24.28 53.24 29.14
N PRO B 291 24.28 54.48 29.64
CA PRO B 291 23.30 55.47 29.16
C PRO B 291 23.77 56.17 27.90
N ASN B 292 25.01 55.88 27.51
CA ASN B 292 25.62 56.54 26.36
C ASN B 292 25.17 55.96 25.03
N VAL B 293 24.93 56.85 24.07
CA VAL B 293 24.37 56.47 22.77
C VAL B 293 25.42 56.58 21.65
N LYS B 294 25.58 55.50 20.88
CA LYS B 294 26.50 55.54 19.74
C LYS B 294 25.73 55.65 18.43
N VAL B 295 26.06 56.66 17.63
CA VAL B 295 25.36 56.80 16.35
C VAL B 295 26.23 56.39 15.16
N LEU B 296 25.83 55.34 14.45
CA LEU B 296 26.56 54.88 13.27
C LEU B 296 26.16 55.73 12.06
N VAL B 297 27.14 56.40 11.46
CA VAL B 297 26.87 57.30 10.34
C VAL B 297 27.95 57.16 9.26
N GLU B 298 27.56 57.36 8.01
CA GLU B 298 28.52 57.50 6.92
C GLU B 298 29.35 58.79 7.08
N LYS B 299 30.65 58.70 6.79
CA LYS B 299 31.59 59.81 7.01
C LYS B 299 31.08 61.12 6.43
N LYS B 300 30.70 61.08 5.16
CA LYS B 300 30.21 62.26 4.48
C LYS B 300 29.18 63.03 5.32
N ASN B 301 28.43 62.31 6.14
CA ASN B 301 27.35 62.93 6.90
C ASN B 301 27.70 63.23 8.34
N LYS B 302 28.76 62.60 8.83
CA LYS B 302 29.23 62.84 10.19
C LYS B 302 29.00 64.28 10.69
N GLN B 303 29.55 65.25 9.97
CA GLN B 303 29.49 66.64 10.43
C GLN B 303 28.07 67.21 10.49
N ALA B 304 27.22 66.82 9.53
CA ALA B 304 25.85 67.33 9.51
C ALA B 304 25.04 66.77 10.67
N VAL B 305 25.15 65.46 10.87
CA VAL B 305 24.54 64.80 12.01
C VAL B 305 25.03 65.41 13.33
N MET B 306 26.33 65.59 13.46
CA MET B 306 26.89 66.13 14.71
C MET B 306 26.27 67.48 15.01
N GLU B 307 25.99 68.25 13.97
CA GLU B 307 25.49 69.60 14.20
C GLU B 307 24.04 69.60 14.66
N GLN B 308 23.31 68.53 14.36
CA GLN B 308 22.00 68.35 14.96
C GLN B 308 22.09 68.14 16.48
N PHE B 309 23.00 67.29 16.91
CA PHE B 309 23.22 67.06 18.33
C PHE B 309 23.71 68.29 19.08
N LEU B 310 24.49 69.13 18.39
CA LEU B 310 25.08 70.31 19.01
C LEU B 310 24.03 71.37 19.36
N LYS B 311 22.88 71.31 18.69
CA LYS B 311 21.74 72.15 19.05
C LYS B 311 21.17 71.81 20.44
N VAL B 312 21.40 70.57 20.87
CA VAL B 312 20.82 70.05 22.10
C VAL B 312 21.87 69.77 23.19
N PHE B 313 22.94 69.07 22.81
CA PHE B 313 24.01 68.71 23.74
C PHE B 313 25.24 69.63 23.65
N ASP B 314 25.83 69.94 24.81
CA ASP B 314 27.16 70.56 24.86
C ASP B 314 28.17 69.78 24.02
N GLU B 315 29.06 70.49 23.34
CA GLU B 315 30.01 69.85 22.43
C GLU B 315 30.96 68.87 23.13
N SER B 316 31.11 69.02 24.45
CA SER B 316 31.96 68.12 25.23
C SER B 316 31.44 66.68 25.23
N LYS B 317 30.15 66.52 24.99
CA LYS B 317 29.55 65.20 24.98
C LYS B 317 29.45 64.56 23.59
N ILE B 318 29.82 65.32 22.56
CA ILE B 318 29.73 64.78 21.18
C ILE B 318 31.10 64.47 20.60
N ILE B 319 31.42 63.19 20.50
CA ILE B 319 32.76 62.78 20.09
C ILE B 319 32.70 61.80 18.92
N ALA B 320 33.28 62.20 17.81
CA ALA B 320 33.25 61.40 16.60
C ALA B 320 34.44 60.44 16.54
N SER B 321 34.19 59.21 16.11
CA SER B 321 35.26 58.25 15.92
C SER B 321 35.16 57.56 14.57
N ASP B 322 36.30 57.20 14.00
CA ASP B 322 36.31 56.46 12.76
C ASP B 322 36.48 54.97 13.08
N ILE B 323 36.03 54.09 12.20
CA ILE B 323 36.35 52.68 12.38
C ILE B 323 37.80 52.47 11.96
N ILE B 324 38.60 51.82 12.80
CA ILE B 324 40.01 51.58 12.47
C ILE B 324 40.17 50.21 11.81
N SER B 325 41.08 50.11 10.84
CA SER B 325 41.21 48.88 10.04
C SER B 325 42.11 47.83 10.69
N SER B 326 43.17 48.28 11.35
CA SER B 326 44.14 47.36 11.91
C SER B 326 43.73 46.92 13.31
N GLY B 327 44.33 45.83 13.77
CA GLY B 327 44.06 45.29 15.09
C GLY B 327 45.08 45.68 16.15
N VAL B 328 45.21 44.82 17.16
CA VAL B 328 46.01 45.10 18.35
C VAL B 328 47.50 45.12 17.97
N GLU B 329 48.27 46.01 18.60
CA GLU B 329 49.66 46.23 18.22
C GLU B 329 50.61 46.39 19.42
N ILE B 330 51.91 46.33 19.16
CA ILE B 330 52.91 46.46 20.22
C ILE B 330 53.56 47.84 20.17
N ILE B 331 53.97 48.33 21.34
CA ILE B 331 54.61 49.63 21.45
C ILE B 331 55.75 49.60 22.46
N MET C 6 6.92 -24.12 -11.24
CA MET C 6 8.37 -24.17 -11.38
C MET C 6 8.91 -22.99 -12.20
N VAL C 7 10.02 -22.42 -11.74
CA VAL C 7 10.54 -21.18 -12.31
C VAL C 7 11.74 -21.40 -13.24
N LYS C 8 11.53 -21.18 -14.53
CA LYS C 8 12.50 -21.48 -15.61
C LYS C 8 13.42 -20.30 -15.90
N SER C 9 14.72 -20.55 -15.91
CA SER C 9 15.68 -19.48 -16.13
C SER C 9 16.81 -19.88 -17.08
N GLY C 10 17.20 -18.96 -17.96
CA GLY C 10 18.35 -19.17 -18.83
C GLY C 10 19.12 -17.88 -19.05
N LYS C 11 20.45 -17.99 -19.12
CA LYS C 11 21.30 -16.84 -19.43
C LYS C 11 22.20 -17.14 -20.65
N ALA C 12 22.33 -16.17 -21.56
CA ALA C 12 23.17 -16.31 -22.75
C ALA C 12 24.03 -15.06 -23.04
N ARG C 13 25.23 -15.26 -23.54
CA ARG C 13 26.04 -14.14 -24.06
C ARG C 13 26.08 -14.19 -25.59
N ALA C 14 25.81 -13.04 -26.23
CA ALA C 14 25.89 -12.94 -27.69
C ALA C 14 26.74 -11.75 -28.11
N HIS C 15 27.55 -11.93 -29.14
CA HIS C 15 28.29 -10.79 -29.67
C HIS C 15 27.54 -10.05 -30.78
N THR C 16 27.91 -8.78 -30.92
CA THR C 16 27.40 -7.92 -31.99
C THR C 16 27.96 -8.36 -33.34
N ASN C 17 27.32 -7.93 -34.41
CA ASN C 17 27.93 -8.06 -35.73
C ASN C 17 27.71 -6.82 -36.61
N ILE C 18 28.74 -6.48 -37.38
CA ILE C 18 28.69 -5.36 -38.31
C ILE C 18 28.61 -5.89 -39.75
N ALA C 19 27.53 -5.55 -40.45
CA ALA C 19 27.35 -6.04 -41.81
C ALA C 19 28.40 -5.47 -42.76
N LEU C 20 28.98 -6.34 -43.60
CA LEU C 20 29.91 -5.90 -44.64
C LEU C 20 29.16 -5.66 -45.95
N ILE C 21 28.15 -6.49 -46.19
CA ILE C 21 27.16 -6.25 -47.25
C ILE C 21 25.82 -6.03 -46.55
N LYS C 22 25.35 -4.79 -46.60
CA LYS C 22 24.35 -4.31 -45.66
C LYS C 22 22.96 -4.90 -45.80
N TYR C 23 22.30 -5.02 -44.66
CA TYR C 23 20.86 -5.25 -44.61
C TYR C 23 20.24 -3.88 -44.47
N TRP C 24 19.32 -3.54 -45.36
CA TRP C 24 18.68 -2.23 -45.29
C TRP C 24 17.33 -2.24 -46.01
N GLY C 25 16.28 -2.50 -45.24
CA GLY C 25 14.92 -2.46 -45.73
C GLY C 25 14.25 -3.82 -45.70
N LYS C 26 12.99 -3.85 -45.30
CA LYS C 26 12.25 -5.11 -45.21
C LYS C 26 11.27 -5.35 -46.34
N ALA C 27 11.23 -6.58 -46.83
CA ALA C 27 10.16 -7.00 -47.74
C ALA C 27 8.93 -7.22 -46.92
N ASP C 28 9.14 -7.66 -45.68
CA ASP C 28 8.02 -7.87 -44.75
C ASP C 28 8.31 -7.34 -43.33
N GLU C 29 7.50 -6.35 -42.95
CA GLU C 29 7.68 -5.58 -41.73
C GLU C 29 7.31 -6.40 -40.48
N THR C 30 6.43 -7.38 -40.69
CA THR C 30 5.82 -8.18 -39.61
C THR C 30 6.64 -9.43 -39.25
N TYR C 31 7.23 -10.07 -40.26
CA TYR C 31 8.07 -11.23 -39.99
C TYR C 31 9.56 -10.86 -40.07
N ILE C 32 9.84 -9.67 -40.60
CA ILE C 32 11.22 -9.23 -40.72
C ILE C 32 11.91 -10.08 -41.78
N ILE C 33 11.29 -10.11 -42.96
CA ILE C 33 11.90 -10.68 -44.16
C ILE C 33 12.61 -9.52 -44.88
N PRO C 34 13.92 -9.66 -45.11
CA PRO C 34 14.73 -8.60 -45.72
C PRO C 34 14.50 -8.47 -47.23
N MET C 35 14.74 -7.28 -47.78
CA MET C 35 14.67 -7.05 -49.22
C MET C 35 15.84 -7.67 -49.99
N ASN C 36 16.96 -7.92 -49.30
CA ASN C 36 18.15 -8.53 -49.93
C ASN C 36 18.93 -9.36 -48.91
N ASN C 37 19.85 -10.19 -49.40
CA ASN C 37 20.73 -10.94 -48.52
C ASN C 37 21.75 -10.01 -47.86
N SER C 38 22.42 -10.50 -46.82
CA SER C 38 23.42 -9.69 -46.16
C SER C 38 24.55 -10.55 -45.58
N LEU C 39 25.67 -9.89 -45.32
CA LEU C 39 26.88 -10.57 -44.88
C LEU C 39 27.53 -9.73 -43.80
N SER C 40 28.02 -10.36 -42.75
CA SER C 40 28.61 -9.63 -41.63
C SER C 40 29.74 -10.39 -40.98
N VAL C 41 30.44 -9.73 -40.06
CA VAL C 41 31.44 -10.37 -39.18
C VAL C 41 31.04 -10.15 -37.72
N THR C 42 31.41 -11.10 -36.85
CA THR C 42 30.98 -11.07 -35.45
C THR C 42 32.10 -10.63 -34.51
N LEU C 43 31.80 -9.66 -33.64
CA LEU C 43 32.86 -8.98 -32.90
C LEU C 43 33.15 -9.49 -31.49
N ASP C 44 34.44 -9.59 -31.15
CA ASP C 44 34.88 -10.05 -29.82
C ASP C 44 34.64 -8.98 -28.75
N ARG C 45 35.05 -7.74 -29.03
CA ARG C 45 34.96 -6.64 -28.07
C ARG C 45 33.52 -6.37 -27.55
N PHE C 46 32.52 -6.42 -28.44
CA PHE C 46 31.18 -5.96 -28.08
C PHE C 46 30.12 -7.04 -27.97
N TYR C 47 29.40 -7.08 -26.85
CA TYR C 47 28.42 -8.14 -26.63
C TYR C 47 27.24 -7.81 -25.73
N THR C 48 26.40 -8.83 -25.54
CA THR C 48 25.24 -8.73 -24.69
C THR C 48 25.15 -9.98 -23.79
N GLU C 49 24.88 -9.74 -22.51
CA GLU C 49 24.54 -10.79 -21.57
C GLU C 49 23.07 -10.64 -21.18
N THR C 50 22.25 -11.62 -21.52
CA THR C 50 20.83 -11.57 -21.19
C THR C 50 20.37 -12.78 -20.37
N LYS C 51 19.79 -12.53 -19.21
CA LYS C 51 19.11 -13.56 -18.43
C LYS C 51 17.60 -13.43 -18.57
N VAL C 52 16.91 -14.54 -18.72
CA VAL C 52 15.47 -14.51 -18.85
C VAL C 52 14.81 -15.44 -17.81
N THR C 53 13.68 -15.01 -17.26
CA THR C 53 12.96 -15.84 -16.30
C THR C 53 11.46 -15.86 -16.58
N PHE C 54 10.89 -17.07 -16.57
CA PHE C 54 9.44 -17.26 -16.71
C PHE C 54 8.83 -17.67 -15.36
N ASP C 55 7.76 -16.97 -14.97
CA ASP C 55 7.12 -17.16 -13.67
C ASP C 55 5.60 -17.02 -13.79
N PRO C 56 4.85 -17.96 -13.19
CA PRO C 56 3.38 -17.87 -13.19
C PRO C 56 2.88 -16.60 -12.51
N ASP C 57 3.61 -16.17 -11.48
CA ASP C 57 3.32 -14.92 -10.77
C ASP C 57 3.32 -13.70 -11.68
N PHE C 58 4.23 -13.70 -12.65
CA PHE C 58 4.32 -12.61 -13.62
C PHE C 58 3.07 -12.55 -14.49
N THR C 59 2.37 -11.42 -14.40
CA THR C 59 1.16 -11.15 -15.19
C THR C 59 1.51 -10.40 -16.48
N GLU C 60 2.75 -9.92 -16.55
CA GLU C 60 3.23 -9.20 -17.72
C GLU C 60 4.74 -9.32 -17.87
N ASP C 61 5.21 -9.18 -19.12
CA ASP C 61 6.63 -9.21 -19.42
C ASP C 61 7.31 -7.91 -19.00
N CYS C 62 8.59 -8.01 -18.67
CA CYS C 62 9.35 -6.88 -18.15
C CYS C 62 10.80 -6.96 -18.57
N LEU C 63 11.31 -5.87 -19.13
CA LEU C 63 12.70 -5.82 -19.55
C LEU C 63 13.49 -4.81 -18.72
N ILE C 64 14.60 -5.25 -18.14
CA ILE C 64 15.48 -4.34 -17.44
C ILE C 64 16.82 -4.21 -18.16
N LEU C 65 17.10 -3.00 -18.64
CA LEU C 65 18.23 -2.79 -19.53
C LEU C 65 19.27 -1.88 -18.90
N ASN C 66 20.44 -2.46 -18.61
CA ASN C 66 21.53 -1.71 -17.98
C ASN C 66 21.08 -1.12 -16.64
N GLY C 67 20.21 -1.87 -15.95
CA GLY C 67 19.77 -1.50 -14.62
C GLY C 67 18.48 -0.69 -14.53
N ASN C 68 17.91 -0.31 -15.68
CA ASN C 68 16.69 0.48 -15.64
C ASN C 68 15.54 -0.22 -16.34
N GLU C 69 14.37 -0.21 -15.71
CA GLU C 69 13.16 -0.60 -16.40
C GLU C 69 13.02 0.31 -17.65
N VAL C 70 12.63 -0.26 -18.77
CA VAL C 70 12.57 0.50 -20.02
C VAL C 70 11.26 1.31 -20.07
N ASN C 71 11.17 2.25 -21.03
CA ASN C 71 9.95 3.04 -21.20
C ASN C 71 8.81 2.25 -21.83
N ALA C 72 7.69 2.94 -22.06
CA ALA C 72 6.44 2.29 -22.44
C ALA C 72 6.45 1.66 -23.83
N LYS C 73 7.07 2.35 -24.78
CA LYS C 73 7.15 1.88 -26.16
C LYS C 73 8.05 0.63 -26.26
N GLU C 74 9.05 0.56 -25.39
CA GLU C 74 9.97 -0.58 -25.34
C GLU C 74 9.35 -1.78 -24.66
N LYS C 75 8.44 -1.54 -23.72
CA LYS C 75 7.71 -2.63 -23.09
C LYS C 75 6.88 -3.28 -24.17
N GLU C 76 6.18 -2.43 -24.93
CA GLU C 76 5.31 -2.91 -25.99
C GLU C 76 6.07 -3.77 -26.99
N LYS C 77 7.30 -3.39 -27.27
CA LYS C 77 8.14 -4.06 -28.26
C LYS C 77 8.58 -5.45 -27.79
N ILE C 78 9.04 -5.52 -26.55
CA ILE C 78 9.57 -6.75 -26.00
C ILE C 78 8.42 -7.70 -25.64
N GLN C 79 7.26 -7.13 -25.32
CA GLN C 79 6.06 -7.93 -25.11
C GLN C 79 5.64 -8.57 -26.44
N ASN C 80 5.77 -7.84 -27.54
CA ASN C 80 5.41 -8.40 -28.83
C ASN C 80 6.29 -9.59 -29.23
N TYR C 81 7.57 -9.48 -28.92
CA TYR C 81 8.50 -10.55 -29.21
C TYR C 81 8.15 -11.75 -28.36
N MET C 82 7.81 -11.49 -27.10
CA MET C 82 7.47 -12.57 -26.18
C MET C 82 6.25 -13.38 -26.65
N ASN C 83 5.24 -12.75 -27.24
CA ASN C 83 4.11 -13.50 -27.80
C ASN C 83 4.60 -14.58 -28.76
N ILE C 84 5.62 -14.23 -29.55
CA ILE C 84 6.21 -15.16 -30.51
C ILE C 84 6.84 -16.37 -29.80
N VAL C 85 7.72 -16.10 -28.84
CA VAL C 85 8.31 -17.14 -28.01
C VAL C 85 7.24 -18.02 -27.36
N ARG C 86 6.17 -17.41 -26.89
CA ARG C 86 5.11 -18.14 -26.19
C ARG C 86 4.40 -19.09 -27.13
N ASP C 87 3.92 -18.56 -28.24
CA ASP C 87 3.32 -19.37 -29.29
C ASP C 87 4.26 -20.52 -29.67
N LEU C 88 5.50 -20.16 -30.02
CA LEU C 88 6.48 -21.14 -30.47
C LEU C 88 6.59 -22.29 -29.49
N ALA C 89 6.53 -21.93 -28.21
CA ALA C 89 6.77 -22.86 -27.11
C ALA C 89 5.48 -23.52 -26.61
N GLY C 90 4.33 -23.02 -27.09
CA GLY C 90 3.03 -23.50 -26.65
C GLY C 90 2.75 -23.29 -25.17
N ASN C 91 3.09 -22.11 -24.64
CA ASN C 91 2.78 -21.79 -23.25
C ASN C 91 2.40 -20.32 -23.01
N ARG C 92 2.14 -19.97 -21.75
CA ARG C 92 1.58 -18.66 -21.42
C ARG C 92 2.37 -17.98 -20.30
N LEU C 93 3.55 -18.51 -20.00
CA LEU C 93 4.40 -17.93 -18.98
C LEU C 93 4.89 -16.55 -19.37
N HIS C 94 4.73 -15.59 -18.46
CA HIS C 94 5.25 -14.24 -18.65
C HIS C 94 6.68 -14.15 -18.12
N ALA C 95 7.47 -13.22 -18.65
CA ALA C 95 8.90 -13.27 -18.44
C ALA C 95 9.55 -11.99 -17.90
N ARG C 96 10.57 -12.16 -17.06
CA ARG C 96 11.41 -11.05 -16.66
C ARG C 96 12.76 -11.17 -17.38
N ILE C 97 12.99 -10.27 -18.32
CA ILE C 97 14.25 -10.25 -19.04
C ILE C 97 15.19 -9.22 -18.42
N GLU C 98 16.32 -9.68 -17.88
CA GLU C 98 17.35 -8.79 -17.39
C GLU C 98 18.55 -8.86 -18.32
N SER C 99 19.14 -7.70 -18.63
CA SER C 99 20.04 -7.62 -19.78
C SER C 99 21.04 -6.47 -19.68
N GLU C 100 22.31 -6.76 -19.94
CA GLU C 100 23.34 -5.70 -19.94
C GLU C 100 24.14 -5.63 -21.24
N ASN C 101 24.12 -4.47 -21.86
CA ASN C 101 24.88 -4.21 -23.08
C ASN C 101 26.31 -3.82 -22.80
N TYR C 102 27.24 -4.67 -23.20
CA TYR C 102 28.64 -4.30 -23.12
C TYR C 102 29.06 -3.62 -24.41
N VAL C 103 28.25 -2.63 -24.76
CA VAL C 103 28.27 -2.02 -26.07
C VAL C 103 27.31 -0.85 -26.01
N PRO C 104 27.73 0.32 -26.49
CA PRO C 104 26.77 1.44 -26.38
C PRO C 104 25.43 1.03 -26.97
N THR C 105 24.34 1.33 -26.28
CA THR C 105 23.03 0.90 -26.76
C THR C 105 22.37 1.94 -27.68
N ALA C 106 21.77 1.43 -28.76
CA ALA C 106 21.11 2.22 -29.81
C ALA C 106 21.97 3.33 -30.46
N ALA C 107 23.28 3.09 -30.62
CA ALA C 107 24.18 4.11 -31.14
C ALA C 107 24.66 3.88 -32.58
N GLY C 108 24.37 2.70 -33.13
CA GLY C 108 24.83 2.38 -34.46
C GLY C 108 25.99 1.41 -34.39
N LEU C 109 26.10 0.76 -33.23
CA LEU C 109 27.09 -0.28 -33.00
C LEU C 109 26.40 -1.63 -32.78
N ALA C 110 25.17 -1.75 -33.29
CA ALA C 110 24.51 -3.05 -33.48
C ALA C 110 24.07 -3.72 -32.20
N SER C 111 23.66 -2.93 -31.22
CA SER C 111 23.21 -3.51 -29.96
C SER C 111 21.94 -4.35 -30.16
N SER C 112 21.17 -4.08 -31.20
CA SER C 112 19.97 -4.89 -31.42
C SER C 112 20.29 -6.31 -31.89
N ALA C 113 21.46 -6.46 -32.49
CA ALA C 113 21.87 -7.77 -33.02
C ALA C 113 22.19 -8.70 -31.88
N SER C 114 23.14 -8.27 -31.04
CA SER C 114 23.55 -9.01 -29.84
C SER C 114 22.36 -9.18 -28.88
N ALA C 115 21.53 -8.15 -28.76
CA ALA C 115 20.38 -8.19 -27.88
C ALA C 115 19.45 -9.36 -28.16
N TYR C 116 18.94 -9.46 -29.37
CA TYR C 116 17.97 -10.52 -29.69
C TYR C 116 18.56 -11.91 -29.91
N ALA C 117 19.81 -11.96 -30.34
CA ALA C 117 20.47 -13.25 -30.45
C ALA C 117 20.52 -13.81 -29.05
N ALA C 118 21.03 -12.99 -28.14
CA ALA C 118 21.16 -13.40 -26.75
C ALA C 118 19.80 -13.77 -26.15
N LEU C 119 18.77 -12.97 -26.43
CA LEU C 119 17.46 -13.25 -25.85
C LEU C 119 16.84 -14.54 -26.37
N ALA C 120 17.09 -14.87 -27.64
CA ALA C 120 16.49 -16.06 -28.24
C ALA C 120 17.18 -17.30 -27.70
N ALA C 121 18.49 -17.21 -27.51
CA ALA C 121 19.28 -18.30 -26.96
C ALA C 121 18.98 -18.54 -25.48
N ALA C 122 18.71 -17.47 -24.73
CA ALA C 122 18.36 -17.61 -23.32
C ALA C 122 16.97 -18.20 -23.15
N CYS C 123 16.03 -17.80 -24.00
CA CYS C 123 14.71 -18.42 -23.99
C CYS C 123 14.82 -19.90 -24.36
N ASN C 124 15.54 -20.17 -25.44
CA ASN C 124 15.72 -21.53 -25.91
C ASN C 124 16.21 -22.42 -24.78
N GLU C 125 17.12 -21.87 -23.99
CA GLU C 125 17.71 -22.55 -22.84
C GLU C 125 16.70 -22.73 -21.72
N ALA C 126 16.02 -21.66 -21.34
CA ALA C 126 15.07 -21.72 -20.22
C ALA C 126 13.93 -22.73 -20.45
N LEU C 127 13.40 -22.77 -21.67
CA LEU C 127 12.25 -23.61 -21.95
C LEU C 127 12.62 -24.94 -22.59
N SER C 128 13.93 -25.15 -22.76
CA SER C 128 14.45 -26.40 -23.30
C SER C 128 13.79 -26.80 -24.62
N LEU C 129 13.72 -25.85 -25.56
CA LEU C 129 13.16 -26.13 -26.87
C LEU C 129 14.12 -26.97 -27.72
N ASN C 130 15.40 -26.94 -27.36
CA ASN C 130 16.44 -27.58 -28.16
C ASN C 130 16.27 -27.21 -29.64
N LEU C 131 16.68 -25.99 -29.98
CA LEU C 131 16.50 -25.48 -31.34
C LEU C 131 17.77 -25.64 -32.17
N SER C 132 17.61 -26.02 -33.42
CA SER C 132 18.71 -26.00 -34.37
C SER C 132 19.21 -24.57 -34.50
N ASP C 133 20.51 -24.41 -34.75
CA ASP C 133 21.11 -23.11 -35.03
C ASP C 133 20.21 -22.32 -35.99
N THR C 134 19.72 -23.02 -37.00
CA THR C 134 18.81 -22.47 -37.97
C THR C 134 17.53 -21.94 -37.35
N ASP C 135 16.85 -22.74 -36.54
CA ASP C 135 15.64 -22.24 -35.88
C ASP C 135 15.97 -21.16 -34.83
N LEU C 136 17.17 -21.21 -34.27
CA LEU C 136 17.67 -20.12 -33.42
C LEU C 136 17.70 -18.80 -34.19
N SER C 137 18.28 -18.86 -35.39
CA SER C 137 18.44 -17.68 -36.22
C SER C 137 17.08 -17.11 -36.62
N ARG C 138 16.14 -18.00 -36.92
CA ARG C 138 14.80 -17.56 -37.31
C ARG C 138 14.11 -16.87 -36.15
N LEU C 139 14.51 -17.23 -34.94
CA LEU C 139 13.84 -16.68 -33.77
C LEU C 139 14.46 -15.33 -33.43
N ALA C 140 15.78 -15.26 -33.47
CA ALA C 140 16.44 -13.97 -33.29
C ALA C 140 15.93 -12.99 -34.35
N ARG C 141 15.78 -13.50 -35.58
CA ARG C 141 15.39 -12.65 -36.71
C ARG C 141 14.12 -11.85 -36.41
N ARG C 142 13.17 -12.47 -35.70
CA ARG C 142 11.89 -11.83 -35.38
C ARG C 142 12.05 -10.64 -34.43
N GLY C 143 13.15 -10.60 -33.68
CA GLY C 143 13.45 -9.49 -32.79
C GLY C 143 14.27 -8.37 -33.44
N SER C 144 15.33 -8.77 -34.16
CA SER C 144 16.15 -7.83 -34.91
C SER C 144 16.76 -8.59 -36.08
N GLY C 145 16.54 -8.10 -37.30
CA GLY C 145 17.02 -8.78 -38.48
C GLY C 145 18.46 -9.19 -38.34
N SER C 146 19.27 -8.20 -38.00
CA SER C 146 20.71 -8.38 -37.84
C SER C 146 21.03 -9.35 -36.71
N ALA C 147 20.03 -9.68 -35.90
CA ALA C 147 20.26 -10.62 -34.81
C ALA C 147 20.42 -12.04 -35.37
N SER C 148 19.74 -12.31 -36.48
CA SER C 148 19.85 -13.61 -37.16
C SER C 148 21.29 -14.05 -37.37
N ARG C 149 22.21 -13.12 -37.55
CA ARG C 149 23.60 -13.50 -37.81
C ARG C 149 24.50 -13.53 -36.58
N SER C 150 24.01 -13.02 -35.45
CA SER C 150 24.82 -13.04 -34.22
C SER C 150 24.76 -14.40 -33.53
N ILE C 151 23.88 -15.27 -34.05
CA ILE C 151 23.89 -16.68 -33.69
C ILE C 151 25.23 -17.33 -34.04
N PHE C 152 25.90 -16.77 -35.03
CA PHE C 152 27.13 -17.36 -35.56
C PHE C 152 28.32 -16.45 -35.33
N GLY C 153 29.52 -17.06 -35.31
CA GLY C 153 30.75 -16.31 -35.19
C GLY C 153 31.26 -15.98 -36.58
N GLY C 154 32.45 -15.40 -36.66
CA GLY C 154 33.09 -15.09 -37.93
C GLY C 154 32.15 -14.51 -38.97
N PHE C 155 32.35 -14.89 -40.23
CA PHE C 155 31.50 -14.42 -41.32
C PHE C 155 30.20 -15.18 -41.30
N ALA C 156 29.10 -14.45 -41.34
CA ALA C 156 27.79 -15.09 -41.51
C ALA C 156 27.00 -14.42 -42.63
N GLU C 157 26.14 -15.18 -43.29
CA GLU C 157 25.25 -14.63 -44.29
C GLU C 157 23.81 -14.89 -43.91
N TRP C 158 23.01 -13.84 -44.01
CA TRP C 158 21.58 -13.96 -43.79
C TRP C 158 20.88 -14.06 -45.16
N GLU C 159 20.36 -15.24 -45.44
CA GLU C 159 19.64 -15.52 -46.66
C GLU C 159 18.20 -15.03 -46.53
N LYS C 160 17.74 -14.20 -47.47
CA LYS C 160 16.45 -13.55 -47.31
C LYS C 160 15.23 -14.48 -47.40
N GLY C 161 15.35 -15.56 -48.18
CA GLY C 161 14.23 -16.49 -48.35
C GLY C 161 12.97 -15.81 -48.85
N HIS C 162 11.82 -16.43 -48.58
CA HIS C 162 10.53 -15.86 -49.02
C HIS C 162 9.46 -15.86 -47.93
N ASP C 163 9.78 -16.46 -46.78
CA ASP C 163 8.87 -16.48 -45.63
C ASP C 163 9.60 -16.85 -44.35
N ASP C 164 8.83 -17.04 -43.28
CA ASP C 164 9.38 -17.16 -41.93
C ASP C 164 10.25 -18.39 -41.75
N LEU C 165 10.04 -19.41 -42.59
CA LEU C 165 10.74 -20.67 -42.45
C LEU C 165 12.06 -20.68 -43.16
N THR C 166 12.20 -19.83 -44.17
CA THR C 166 13.36 -19.87 -45.05
C THR C 166 14.29 -18.64 -44.93
N SER C 167 13.89 -17.66 -44.13
CA SER C 167 14.76 -16.50 -43.93
C SER C 167 15.58 -16.69 -42.68
N TYR C 168 16.83 -17.11 -42.85
CA TYR C 168 17.71 -17.30 -41.71
C TYR C 168 19.18 -17.23 -42.14
N ALA C 169 20.06 -17.34 -41.16
CA ALA C 169 21.46 -17.10 -41.40
C ALA C 169 22.25 -18.38 -41.24
N HIS C 170 23.47 -18.39 -41.77
CA HIS C 170 24.37 -19.51 -41.55
C HIS C 170 25.77 -18.97 -41.35
N GLY C 171 26.62 -19.73 -40.68
CA GLY C 171 28.02 -19.36 -40.57
C GLY C 171 28.70 -19.62 -41.90
N ILE C 172 29.74 -18.86 -42.21
CA ILE C 172 30.53 -19.16 -43.40
C ILE C 172 31.93 -19.57 -43.04
N ASN C 173 32.36 -20.70 -43.59
CA ASN C 173 33.75 -21.11 -43.43
C ASN C 173 34.70 -20.21 -44.22
N SER C 174 35.58 -19.52 -43.52
CA SER C 174 36.61 -18.75 -44.20
C SER C 174 37.97 -19.44 -43.97
N ASN C 175 37.90 -20.68 -43.50
CA ASN C 175 39.07 -21.44 -43.11
C ASN C 175 40.03 -20.67 -42.20
N GLY C 176 39.42 -20.06 -41.17
CA GLY C 176 40.18 -19.39 -40.13
C GLY C 176 40.60 -17.96 -40.46
N TRP C 177 40.24 -17.50 -41.65
CA TRP C 177 40.72 -16.18 -42.08
C TRP C 177 40.35 -15.11 -41.08
N GLU C 178 39.15 -15.23 -40.51
CA GLU C 178 38.63 -14.24 -39.58
C GLU C 178 39.57 -14.00 -38.41
N LYS C 179 40.47 -14.95 -38.15
CA LYS C 179 41.45 -14.81 -37.06
C LYS C 179 42.60 -13.90 -37.45
N ASP C 180 42.60 -13.47 -38.70
CA ASP C 180 43.66 -12.58 -39.19
C ASP C 180 43.20 -11.15 -39.41
N LEU C 181 41.94 -10.87 -39.07
CA LEU C 181 41.33 -9.57 -39.32
C LEU C 181 40.86 -8.90 -38.04
N SER C 182 40.90 -7.56 -38.07
CA SER C 182 40.32 -6.75 -37.01
C SER C 182 39.35 -5.66 -37.53
N MET C 183 38.57 -5.12 -36.59
CA MET C 183 37.69 -3.97 -36.83
C MET C 183 38.00 -2.85 -35.83
N ILE C 184 38.49 -1.71 -36.32
CA ILE C 184 38.65 -0.54 -35.46
C ILE C 184 37.36 0.31 -35.46
N PHE C 185 36.79 0.52 -34.28
CA PHE C 185 35.64 1.42 -34.17
C PHE C 185 36.09 2.83 -33.84
N VAL C 186 35.65 3.78 -34.65
CA VAL C 186 35.84 5.19 -34.35
C VAL C 186 34.53 5.72 -33.79
N VAL C 187 34.43 5.74 -32.45
CA VAL C 187 33.18 6.04 -31.77
C VAL C 187 32.96 7.53 -31.64
N ILE C 188 32.30 8.08 -32.66
CA ILE C 188 31.99 9.50 -32.72
C ILE C 188 30.82 9.87 -31.80
N ASN C 189 29.88 8.94 -31.65
CA ASN C 189 28.71 9.16 -30.82
C ASN C 189 28.19 7.93 -30.05
N ASN C 190 28.36 8.00 -28.73
CA ASN C 190 27.89 7.04 -27.74
C ASN C 190 26.37 6.90 -27.62
N GLN C 191 25.65 7.94 -28.03
CA GLN C 191 24.27 8.09 -27.57
C GLN C 191 23.29 7.57 -28.61
N SER C 192 22.01 7.56 -28.25
CA SER C 192 20.97 7.09 -29.14
C SER C 192 20.88 7.94 -30.41
N LYS C 193 20.40 7.35 -31.49
CA LYS C 193 20.27 8.05 -32.76
C LYS C 193 18.93 8.79 -32.75
N LYS C 194 18.81 9.80 -33.61
CA LYS C 194 17.60 10.59 -33.70
C LYS C 194 16.64 9.60 -34.37
N VAL C 195 17.14 8.89 -35.39
CA VAL C 195 16.33 7.92 -36.10
C VAL C 195 16.68 6.44 -35.98
N SER C 196 15.79 5.66 -35.36
CA SER C 196 16.06 4.22 -35.17
C SER C 196 16.35 3.48 -36.50
N SER C 197 17.20 2.45 -36.44
CA SER C 197 17.42 1.60 -37.60
C SER C 197 16.10 1.16 -38.23
N ARG C 198 15.19 0.67 -37.39
CA ARG C 198 13.95 0.10 -37.90
C ARG C 198 13.09 1.11 -38.66
N SER C 199 13.03 2.35 -38.18
CA SER C 199 12.20 3.36 -38.80
C SER C 199 12.95 4.02 -39.95
N GLY C 200 14.26 4.16 -39.78
CA GLY C 200 15.10 4.70 -40.82
C GLY C 200 14.99 3.88 -42.09
N MET C 201 15.20 2.57 -41.98
CA MET C 201 15.25 1.74 -43.18
C MET C 201 13.86 1.61 -43.81
N SER C 202 12.81 1.74 -43.00
CA SER C 202 11.45 1.66 -43.55
C SER C 202 11.15 2.88 -44.41
N LEU C 203 11.47 4.07 -43.89
CA LEU C 203 11.26 5.30 -44.67
C LEU C 203 12.01 5.26 -45.99
N THR C 204 13.26 4.79 -45.96
CA THR C 204 14.06 4.70 -47.18
C THR C 204 13.52 3.61 -48.12
N ARG C 205 13.26 2.43 -47.56
CA ARG C 205 12.71 1.34 -48.36
C ARG C 205 11.39 1.77 -49.01
N ASP C 206 10.56 2.52 -48.28
CA ASP C 206 9.27 2.94 -48.80
C ASP C 206 9.30 4.14 -49.77
N THR C 207 10.22 5.08 -49.55
CA THR C 207 10.13 6.34 -50.31
C THR C 207 11.30 6.71 -51.22
N SER C 208 12.50 6.22 -50.90
CA SER C 208 13.70 6.70 -51.55
C SER C 208 13.80 6.44 -53.08
N ARG C 209 14.10 7.52 -53.77
CA ARG C 209 14.26 7.53 -55.21
C ARG C 209 15.53 6.81 -55.66
N PHE C 210 16.40 6.47 -54.71
CA PHE C 210 17.62 5.76 -55.07
C PHE C 210 17.59 4.29 -54.63
N TYR C 211 16.45 3.82 -54.17
CA TYR C 211 16.42 2.49 -53.57
C TYR C 211 16.58 1.35 -54.58
N GLN C 212 16.08 1.56 -55.79
CA GLN C 212 16.26 0.60 -56.87
C GLN C 212 17.72 0.43 -57.21
N TYR C 213 18.43 1.55 -57.29
CA TYR C 213 19.86 1.50 -57.53
C TYR C 213 20.46 0.54 -56.54
N TRP C 214 20.12 0.72 -55.27
CA TRP C 214 20.69 -0.11 -54.24
C TRP C 214 20.37 -1.59 -54.51
N LEU C 215 19.15 -1.88 -54.95
CA LEU C 215 18.78 -3.29 -55.20
C LEU C 215 19.47 -3.89 -56.44
N ASP C 216 19.67 -3.10 -57.48
CA ASP C 216 20.31 -3.63 -58.69
C ASP C 216 21.77 -4.11 -58.45
N HIS C 217 22.41 -3.64 -57.38
CA HIS C 217 23.82 -3.95 -57.19
C HIS C 217 24.13 -4.87 -56.04
N VAL C 218 23.16 -5.04 -55.14
CA VAL C 218 23.46 -5.66 -53.88
C VAL C 218 23.89 -7.13 -54.10
N ASP C 219 23.21 -7.84 -54.98
CA ASP C 219 23.56 -9.24 -55.22
C ASP C 219 24.98 -9.39 -55.80
N GLU C 220 25.32 -8.53 -56.75
CA GLU C 220 26.66 -8.53 -57.32
C GLU C 220 27.77 -8.34 -56.27
N ASP C 221 27.63 -7.32 -55.41
CA ASP C 221 28.62 -7.11 -54.34
C ASP C 221 28.68 -8.32 -53.40
N LEU C 222 27.49 -8.83 -53.06
CA LEU C 222 27.38 -10.05 -52.30
C LEU C 222 28.31 -11.14 -52.86
N ASN C 223 28.16 -11.45 -54.13
CA ASN C 223 29.02 -12.48 -54.73
C ASN C 223 30.48 -12.10 -54.79
N GLU C 224 30.77 -10.84 -55.08
CA GLU C 224 32.16 -10.41 -55.14
C GLU C 224 32.80 -10.59 -53.75
N ALA C 225 32.08 -10.15 -52.72
CA ALA C 225 32.60 -10.30 -51.36
C ALA C 225 32.81 -11.77 -51.03
N LYS C 226 31.82 -12.60 -51.35
CA LYS C 226 31.92 -14.04 -51.14
C LYS C 226 33.15 -14.67 -51.86
N GLU C 227 33.34 -14.38 -53.14
CA GLU C 227 34.54 -14.87 -53.79
C GLU C 227 35.79 -14.39 -53.07
N ALA C 228 35.76 -13.15 -52.55
CA ALA C 228 36.94 -12.61 -51.89
C ALA C 228 37.34 -13.34 -50.59
N VAL C 229 36.35 -13.75 -49.79
CA VAL C 229 36.73 -14.53 -48.59
C VAL C 229 37.10 -15.96 -48.93
N LYS C 230 36.59 -16.48 -50.04
CA LYS C 230 37.03 -17.78 -50.52
C LYS C 230 38.53 -17.73 -50.83
N ASN C 231 38.99 -16.56 -51.26
CA ASN C 231 40.40 -16.42 -51.61
C ASN C 231 41.23 -15.73 -50.55
N GLN C 232 40.58 -15.29 -49.47
CA GLN C 232 41.23 -14.43 -48.49
C GLN C 232 41.92 -13.24 -49.17
N ASP C 233 41.20 -12.55 -50.04
CA ASP C 233 41.76 -11.41 -50.76
C ASP C 233 41.33 -10.11 -50.06
N PHE C 234 42.19 -9.59 -49.19
CA PHE C 234 41.79 -8.46 -48.36
C PHE C 234 41.41 -7.20 -49.15
N GLN C 235 42.23 -6.81 -50.11
CA GLN C 235 41.91 -5.63 -50.91
C GLN C 235 40.56 -5.78 -51.64
N ARG C 236 40.33 -6.96 -52.20
CA ARG C 236 39.08 -7.24 -52.93
C ARG C 236 37.84 -7.11 -52.04
N LEU C 237 37.93 -7.64 -50.82
CA LEU C 237 36.82 -7.53 -49.87
C LEU C 237 36.69 -6.09 -49.46
N GLY C 238 37.81 -5.38 -49.38
CA GLY C 238 37.80 -4.00 -48.93
C GLY C 238 37.10 -3.08 -49.91
N GLU C 239 37.57 -3.07 -51.15
CA GLU C 239 36.98 -2.20 -52.17
C GLU C 239 35.47 -2.39 -52.27
N VAL C 240 35.00 -3.63 -52.23
CA VAL C 240 33.57 -3.85 -52.46
C VAL C 240 32.74 -3.46 -51.25
N ILE C 241 33.16 -3.87 -50.05
CA ILE C 241 32.36 -3.56 -48.86
C ILE C 241 32.31 -2.06 -48.58
N GLU C 242 33.37 -1.35 -48.96
CA GLU C 242 33.36 0.10 -48.74
C GLU C 242 32.35 0.72 -49.69
N ALA C 243 32.37 0.28 -50.94
CA ALA C 243 31.38 0.79 -51.90
C ALA C 243 29.92 0.48 -51.45
N ASN C 244 29.69 -0.73 -50.96
CA ASN C 244 28.35 -1.16 -50.57
C ASN C 244 27.78 -0.33 -49.41
N GLY C 245 28.57 -0.18 -48.35
CA GLY C 245 28.15 0.61 -47.21
C GLY C 245 27.78 2.01 -47.65
N LEU C 246 28.66 2.66 -48.41
CA LEU C 246 28.41 4.00 -48.94
C LEU C 246 27.15 4.06 -49.79
N ARG C 247 26.91 3.00 -50.55
CA ARG C 247 25.72 2.95 -51.41
C ARG C 247 24.48 2.83 -50.54
N MET C 248 24.59 2.05 -49.48
CA MET C 248 23.48 1.96 -48.55
C MET C 248 23.15 3.37 -48.05
N HIS C 249 24.16 4.12 -47.63
CA HIS C 249 23.88 5.47 -47.13
C HIS C 249 23.32 6.38 -48.20
N ALA C 250 23.81 6.24 -49.42
CA ALA C 250 23.25 6.99 -50.54
C ALA C 250 21.73 6.89 -50.61
N THR C 251 21.16 5.72 -50.28
CA THR C 251 19.71 5.58 -50.38
C THR C 251 18.97 6.54 -49.43
N ASN C 252 19.47 6.69 -48.22
CA ASN C 252 18.81 7.59 -47.26
C ASN C 252 18.69 9.01 -47.80
N LEU C 253 19.66 9.40 -48.62
CA LEU C 253 19.66 10.74 -49.20
C LEU C 253 18.53 10.86 -50.25
N GLY C 254 18.02 9.72 -50.70
CA GLY C 254 16.94 9.73 -51.66
C GLY C 254 15.56 9.66 -51.01
N ALA C 255 15.54 9.55 -49.69
CA ALA C 255 14.28 9.35 -48.97
C ALA C 255 13.39 10.57 -49.02
N GLN C 256 12.12 10.41 -48.68
CA GLN C 256 11.21 11.55 -48.67
C GLN C 256 10.69 11.80 -47.24
N PRO C 257 11.20 12.85 -46.57
CA PRO C 257 12.30 13.72 -47.02
C PRO C 257 13.65 13.07 -46.72
N PRO C 258 14.73 13.59 -47.34
CA PRO C 258 16.04 12.98 -47.15
C PRO C 258 16.63 13.19 -45.77
N PHE C 259 17.52 12.28 -45.36
CA PHE C 259 18.20 12.33 -44.07
C PHE C 259 19.56 11.63 -44.20
N THR C 260 20.33 11.63 -43.13
CA THR C 260 21.63 11.00 -43.19
C THR C 260 22.09 10.67 -41.79
N TYR C 261 22.76 9.53 -41.64
CA TYR C 261 23.37 9.21 -40.37
C TYR C 261 24.76 9.84 -40.22
N LEU C 262 25.27 10.46 -41.28
CA LEU C 262 26.66 10.90 -41.21
C LEU C 262 26.83 12.33 -40.67
N VAL C 263 27.96 12.56 -40.01
CA VAL C 263 28.36 13.89 -39.54
C VAL C 263 29.79 14.16 -40.00
N GLN C 264 30.21 15.43 -39.93
CA GLN C 264 31.53 15.81 -40.42
C GLN C 264 32.63 14.87 -39.91
N GLU C 265 32.61 14.57 -38.61
CA GLU C 265 33.65 13.71 -38.02
C GLU C 265 33.74 12.39 -38.77
N SER C 266 32.60 11.88 -39.23
CA SER C 266 32.57 10.67 -40.03
C SER C 266 33.40 10.80 -41.30
N TYR C 267 33.22 11.92 -41.99
CA TYR C 267 33.95 12.14 -43.23
C TYR C 267 35.43 12.26 -42.93
N ASP C 268 35.76 12.82 -41.77
CA ASP C 268 37.16 12.91 -41.35
C ASP C 268 37.73 11.52 -41.13
N ALA C 269 37.00 10.68 -40.40
CA ALA C 269 37.38 9.28 -40.28
C ALA C 269 37.72 8.72 -41.67
N MET C 270 36.74 8.78 -42.59
CA MET C 270 36.93 8.21 -43.92
C MET C 270 38.19 8.77 -44.59
N ALA C 271 38.46 10.05 -44.37
CA ALA C 271 39.64 10.68 -44.97
C ALA C 271 40.93 9.97 -44.52
N ILE C 272 41.00 9.63 -43.24
CA ILE C 272 42.19 9.00 -42.68
C ILE C 272 42.42 7.61 -43.26
N VAL C 273 41.35 6.88 -43.50
CA VAL C 273 41.44 5.54 -44.08
C VAL C 273 42.12 5.59 -45.46
N GLU C 274 41.61 6.45 -46.36
CA GLU C 274 42.29 6.67 -47.64
C GLU C 274 43.75 7.15 -47.48
N GLN C 275 44.03 7.87 -46.41
CA GLN C 275 45.40 8.25 -46.11
C GLN C 275 46.24 7.03 -45.67
N CYS C 276 45.62 6.09 -44.98
CA CYS C 276 46.32 4.90 -44.53
C CYS C 276 46.70 4.01 -45.69
N ARG C 277 45.85 4.03 -46.71
CA ARG C 277 46.05 3.24 -47.91
C ARG C 277 47.22 3.77 -48.71
N LYS C 278 47.34 5.10 -48.76
CA LYS C 278 48.43 5.69 -49.52
C LYS C 278 49.73 5.37 -48.82
N ALA C 279 49.64 5.17 -47.50
CA ALA C 279 50.80 4.90 -46.66
C ALA C 279 51.00 3.39 -46.44
N ASN C 280 50.37 2.59 -47.30
CA ASN C 280 50.59 1.15 -47.34
C ASN C 280 50.09 0.43 -46.09
N LEU C 281 48.93 0.85 -45.63
CA LEU C 281 48.22 0.21 -44.55
C LEU C 281 46.79 -0.06 -45.04
N PRO C 282 46.60 -1.17 -45.77
CA PRO C 282 45.28 -1.48 -46.33
C PRO C 282 44.22 -1.55 -45.25
N CYS C 283 43.25 -0.65 -45.35
CA CYS C 283 42.06 -0.76 -44.53
C CYS C 283 40.89 -0.16 -45.29
N TYR C 284 39.69 -0.44 -44.78
CA TYR C 284 38.46 -0.12 -45.46
C TYR C 284 37.37 0.15 -44.40
N PHE C 285 36.48 1.09 -44.70
CA PHE C 285 35.49 1.49 -43.71
C PHE C 285 34.09 1.08 -44.08
N THR C 286 33.27 0.89 -43.06
CA THR C 286 31.84 0.75 -43.24
C THR C 286 31.16 1.58 -42.15
N MET C 287 29.87 1.85 -42.30
CA MET C 287 29.06 2.49 -41.24
C MET C 287 27.75 1.76 -41.12
N ALA C 288 27.36 1.42 -39.89
CA ALA C 288 26.00 0.98 -39.59
C ALA C 288 25.08 2.21 -39.55
N ALA C 289 23.84 2.03 -39.11
CA ALA C 289 22.91 3.17 -38.96
C ALA C 289 23.30 4.19 -37.88
N GLY C 290 24.31 5.01 -38.14
CA GLY C 290 24.78 6.00 -37.19
C GLY C 290 26.01 6.77 -37.63
N PRO C 291 26.58 7.61 -36.76
CA PRO C 291 27.73 8.40 -37.21
C PRO C 291 29.06 7.67 -37.03
N ASN C 292 29.03 6.52 -36.36
CA ASN C 292 30.28 5.81 -36.05
C ASN C 292 30.86 5.05 -37.24
N VAL C 293 32.19 5.10 -37.36
CA VAL C 293 32.87 4.51 -38.49
C VAL C 293 33.70 3.30 -38.03
N LYS C 294 33.36 2.11 -38.55
CA LYS C 294 34.16 0.92 -38.29
C LYS C 294 35.16 0.74 -39.42
N VAL C 295 36.36 0.28 -39.08
CA VAL C 295 37.44 0.20 -40.02
C VAL C 295 38.01 -1.22 -40.07
N LEU C 296 37.77 -1.92 -41.17
CA LEU C 296 38.16 -3.31 -41.30
C LEU C 296 39.62 -3.34 -41.70
N VAL C 297 40.42 -4.16 -41.02
CA VAL C 297 41.86 -4.07 -41.20
C VAL C 297 42.53 -5.43 -41.00
N GLU C 298 43.62 -5.68 -41.72
CA GLU C 298 44.40 -6.85 -41.37
C GLU C 298 44.92 -6.65 -39.94
N LYS C 299 44.76 -7.70 -39.14
CA LYS C 299 45.11 -7.68 -37.73
C LYS C 299 46.57 -7.26 -37.57
N LYS C 300 47.42 -7.72 -38.49
CA LYS C 300 48.83 -7.37 -38.39
C LYS C 300 49.06 -5.86 -38.49
N ASN C 301 48.07 -5.13 -39.01
CA ASN C 301 48.20 -3.68 -39.19
C ASN C 301 47.34 -2.87 -38.22
N LYS C 302 46.51 -3.58 -37.45
CA LYS C 302 45.63 -2.93 -36.48
C LYS C 302 46.27 -1.77 -35.69
N GLN C 303 47.50 -1.93 -35.21
CA GLN C 303 48.08 -0.84 -34.43
C GLN C 303 48.50 0.37 -35.27
N ALA C 304 49.24 0.14 -36.35
CA ALA C 304 49.71 1.27 -37.17
C ALA C 304 48.56 2.17 -37.60
N VAL C 305 47.41 1.55 -37.90
CA VAL C 305 46.24 2.29 -38.32
C VAL C 305 45.69 3.16 -37.20
N MET C 306 45.47 2.58 -36.03
CA MET C 306 45.04 3.36 -34.87
C MET C 306 45.98 4.55 -34.61
N GLU C 307 47.29 4.33 -34.78
CA GLU C 307 48.24 5.42 -34.62
C GLU C 307 47.88 6.63 -35.50
N GLN C 308 47.43 6.39 -36.72
CA GLN C 308 47.03 7.48 -37.62
C GLN C 308 45.73 8.10 -37.13
N PHE C 309 44.86 7.27 -36.57
CA PHE C 309 43.63 7.78 -35.99
C PHE C 309 43.82 8.60 -34.70
N LEU C 310 44.81 8.22 -33.91
CA LEU C 310 45.05 8.87 -32.61
C LEU C 310 45.65 10.27 -32.78
N LYS C 311 46.26 10.51 -33.94
CA LYS C 311 46.73 11.84 -34.27
C LYS C 311 45.58 12.86 -34.24
N VAL C 312 44.40 12.41 -34.64
CA VAL C 312 43.24 13.29 -34.86
C VAL C 312 42.17 13.16 -33.78
N PHE C 313 41.87 11.92 -33.39
CA PHE C 313 40.78 11.67 -32.42
C PHE C 313 41.31 11.41 -31.02
N ASP C 314 40.45 11.63 -30.04
CA ASP C 314 40.77 11.28 -28.67
C ASP C 314 40.76 9.76 -28.50
N GLU C 315 41.65 9.23 -27.67
CA GLU C 315 41.77 7.78 -27.52
C GLU C 315 40.47 7.13 -27.00
N SER C 316 39.68 7.89 -26.27
CA SER C 316 38.40 7.38 -25.76
C SER C 316 37.49 6.94 -26.90
N LYS C 317 37.75 7.48 -28.10
CA LYS C 317 36.90 7.26 -29.27
C LYS C 317 37.43 6.17 -30.19
N ILE C 318 38.55 5.58 -29.82
CA ILE C 318 39.18 4.60 -30.69
C ILE C 318 39.32 3.24 -30.00
N ILE C 319 38.56 2.27 -30.50
CA ILE C 319 38.41 0.98 -29.82
C ILE C 319 38.53 -0.20 -30.80
N ALA C 320 39.64 -0.93 -30.73
CA ALA C 320 39.87 -2.08 -31.60
C ALA C 320 39.14 -3.36 -31.15
N SER C 321 38.73 -4.16 -32.11
CA SER C 321 38.11 -5.44 -31.82
C SER C 321 38.71 -6.53 -32.72
N ASP C 322 38.83 -7.74 -32.17
CA ASP C 322 39.12 -8.90 -33.01
C ASP C 322 37.78 -9.48 -33.51
N ILE C 323 37.83 -10.30 -34.56
CA ILE C 323 36.62 -11.01 -34.95
C ILE C 323 36.56 -12.32 -34.16
N ILE C 324 35.40 -12.64 -33.58
CA ILE C 324 35.25 -13.87 -32.82
C ILE C 324 34.82 -15.07 -33.70
N SER C 325 35.29 -16.27 -33.37
CA SER C 325 35.07 -17.45 -34.21
C SER C 325 33.82 -18.27 -33.82
N SER C 326 33.50 -18.25 -32.54
CA SER C 326 32.36 -18.98 -31.97
C SER C 326 31.06 -18.16 -31.95
N GLY C 327 29.93 -18.86 -31.90
CA GLY C 327 28.63 -18.19 -31.88
C GLY C 327 28.10 -17.89 -30.48
N VAL C 328 26.80 -17.62 -30.40
CA VAL C 328 26.14 -17.38 -29.12
C VAL C 328 26.35 -18.55 -28.16
N GLU C 329 26.57 -18.22 -26.88
CA GLU C 329 26.88 -19.26 -25.88
C GLU C 329 26.00 -19.13 -24.62
N ILE C 330 25.69 -20.26 -23.99
CA ILE C 330 25.05 -20.24 -22.67
C ILE C 330 26.09 -20.02 -21.54
N ILE C 331 25.78 -19.07 -20.64
CA ILE C 331 26.71 -18.71 -19.55
C ILE C 331 26.11 -18.87 -18.16
N MET D 6 -44.54 -51.71 21.33
CA MET D 6 -43.11 -51.69 21.67
C MET D 6 -42.49 -50.34 21.31
N VAL D 7 -41.18 -50.20 21.53
CA VAL D 7 -40.46 -48.97 21.20
C VAL D 7 -39.32 -49.29 20.24
N LYS D 8 -39.11 -48.42 19.25
CA LYS D 8 -38.13 -48.68 18.20
C LYS D 8 -37.21 -47.48 17.96
N SER D 9 -35.96 -47.76 17.61
CA SER D 9 -35.00 -46.68 17.38
C SER D 9 -33.95 -47.04 16.34
N GLY D 10 -33.38 -46.01 15.72
CA GLY D 10 -32.34 -46.20 14.75
C GLY D 10 -31.45 -44.97 14.65
N LYS D 11 -30.22 -45.21 14.22
CA LYS D 11 -29.29 -44.11 14.02
C LYS D 11 -28.46 -44.38 12.77
N ALA D 12 -28.35 -43.38 11.90
CA ALA D 12 -27.68 -43.56 10.62
C ALA D 12 -26.84 -42.33 10.28
N ARG D 13 -25.92 -42.50 9.35
CA ARG D 13 -25.05 -41.43 8.90
C ARG D 13 -25.02 -41.37 7.37
N ALA D 14 -25.48 -40.25 6.83
CA ALA D 14 -25.50 -40.03 5.39
C ALA D 14 -24.61 -38.82 5.05
N HIS D 15 -23.76 -39.00 4.05
CA HIS D 15 -22.99 -37.87 3.56
C HIS D 15 -23.80 -37.06 2.54
N THR D 16 -23.46 -35.79 2.35
CA THR D 16 -24.16 -34.97 1.37
C THR D 16 -23.65 -35.31 -0.04
N ASN D 17 -24.41 -34.94 -1.06
CA ASN D 17 -23.93 -35.07 -2.44
C ASN D 17 -24.14 -33.78 -3.22
N ILE D 18 -23.26 -33.54 -4.19
CA ILE D 18 -23.45 -32.41 -5.09
C ILE D 18 -23.64 -32.94 -6.49
N ALA D 19 -24.67 -32.44 -7.18
CA ALA D 19 -24.98 -32.91 -8.52
C ALA D 19 -24.00 -32.34 -9.55
N LEU D 20 -23.55 -33.21 -10.45
CA LEU D 20 -22.67 -32.81 -11.56
C LEU D 20 -23.57 -32.49 -12.75
N ILE D 21 -24.62 -33.30 -12.90
CA ILE D 21 -25.73 -33.01 -13.80
C ILE D 21 -26.97 -32.75 -12.93
N LYS D 22 -27.45 -31.50 -13.00
CA LYS D 22 -28.36 -30.97 -12.00
C LYS D 22 -29.73 -31.63 -12.06
N TYR D 23 -30.32 -31.88 -10.89
CA TYR D 23 -31.75 -32.10 -10.75
C TYR D 23 -32.41 -30.75 -10.47
N TRP D 24 -33.26 -30.30 -11.40
CA TRP D 24 -33.98 -29.03 -11.22
C TRP D 24 -35.38 -29.08 -11.85
N GLY D 25 -36.39 -29.23 -10.99
CA GLY D 25 -37.78 -29.24 -11.41
C GLY D 25 -38.39 -30.63 -11.34
N LYS D 26 -39.57 -30.74 -10.76
CA LYS D 26 -40.24 -32.03 -10.66
C LYS D 26 -41.32 -32.26 -11.73
N ALA D 27 -41.44 -33.50 -12.20
CA ALA D 27 -42.62 -33.92 -12.95
C ALA D 27 -43.81 -34.03 -12.02
N ASP D 28 -43.56 -34.48 -10.78
CA ASP D 28 -44.63 -34.72 -9.81
C ASP D 28 -44.25 -34.14 -8.46
N GLU D 29 -45.06 -33.18 -8.02
CA GLU D 29 -44.77 -32.38 -6.82
C GLU D 29 -45.04 -33.22 -5.55
N THR D 30 -45.88 -34.23 -5.67
CA THR D 30 -46.30 -35.04 -4.51
C THR D 30 -45.36 -36.20 -4.21
N TYR D 31 -44.86 -36.84 -5.26
CA TYR D 31 -44.07 -38.05 -5.08
C TYR D 31 -42.61 -37.75 -5.32
N ILE D 32 -42.33 -36.53 -5.76
CA ILE D 32 -40.97 -36.14 -6.05
C ILE D 32 -40.41 -37.06 -7.16
N ILE D 33 -41.04 -36.95 -8.34
CA ILE D 33 -40.50 -37.47 -9.60
C ILE D 33 -39.89 -36.28 -10.33
N PRO D 34 -38.64 -36.44 -10.80
CA PRO D 34 -37.94 -35.32 -11.43
C PRO D 34 -38.28 -35.23 -12.92
N MET D 35 -38.06 -34.05 -13.50
CA MET D 35 -38.20 -33.86 -14.93
C MET D 35 -37.10 -34.59 -15.68
N ASN D 36 -35.95 -34.77 -15.04
CA ASN D 36 -34.83 -35.41 -15.74
C ASN D 36 -33.92 -36.19 -14.83
N ASN D 37 -33.18 -37.12 -15.40
CA ASN D 37 -32.21 -37.87 -14.63
C ASN D 37 -31.13 -36.93 -14.09
N SER D 38 -30.37 -37.38 -13.10
CA SER D 38 -29.30 -36.54 -12.56
C SER D 38 -28.18 -37.41 -12.06
N LEU D 39 -27.04 -36.78 -11.84
CA LEU D 39 -25.81 -37.49 -11.50
C LEU D 39 -24.97 -36.67 -10.54
N SER D 40 -24.44 -37.32 -9.50
CA SER D 40 -23.74 -36.59 -8.43
C SER D 40 -22.56 -37.36 -7.85
N VAL D 41 -21.77 -36.68 -7.02
CA VAL D 41 -20.77 -37.34 -6.19
C VAL D 41 -21.12 -37.22 -4.71
N THR D 42 -20.53 -38.09 -3.89
CA THR D 42 -20.83 -38.08 -2.46
C THR D 42 -19.62 -37.65 -1.67
N LEU D 43 -19.82 -36.71 -0.76
CA LEU D 43 -18.70 -36.02 -0.13
C LEU D 43 -18.38 -36.53 1.26
N ASP D 44 -17.09 -36.73 1.51
CA ASP D 44 -16.63 -37.29 2.77
C ASP D 44 -16.85 -36.30 3.91
N ARG D 45 -16.57 -35.03 3.65
CA ARG D 45 -16.44 -34.05 4.71
C ARG D 45 -17.77 -33.59 5.33
N PHE D 46 -18.84 -33.63 4.54
CA PHE D 46 -20.15 -33.16 5.00
C PHE D 46 -21.14 -34.28 5.13
N TYR D 47 -21.92 -34.23 6.19
CA TYR D 47 -22.81 -35.34 6.50
C TYR D 47 -23.79 -35.00 7.63
N THR D 48 -24.70 -35.93 7.85
CA THR D 48 -25.77 -35.76 8.82
C THR D 48 -25.93 -37.05 9.60
N GLU D 49 -26.02 -36.91 10.92
CA GLU D 49 -26.33 -38.06 11.74
C GLU D 49 -27.73 -37.83 12.27
N THR D 50 -28.59 -38.80 12.01
CA THR D 50 -29.96 -38.70 12.49
C THR D 50 -30.29 -39.93 13.31
N LYS D 51 -30.97 -39.71 14.43
CA LYS D 51 -31.52 -40.79 15.24
C LYS D 51 -33.02 -40.63 15.29
N VAL D 52 -33.76 -41.69 14.97
CA VAL D 52 -35.24 -41.64 15.12
C VAL D 52 -35.70 -42.61 16.21
N THR D 53 -36.73 -42.19 16.95
CA THR D 53 -37.28 -43.03 18.01
C THR D 53 -38.79 -43.03 17.94
N PHE D 54 -39.37 -44.22 17.83
CA PHE D 54 -40.83 -44.37 17.82
C PHE D 54 -41.29 -44.82 19.20
N ASP D 55 -42.37 -44.20 19.69
CA ASP D 55 -42.85 -44.40 21.05
C ASP D 55 -44.34 -44.07 21.13
N PRO D 56 -45.13 -44.99 21.72
CA PRO D 56 -46.57 -44.77 21.97
C PRO D 56 -46.83 -43.54 22.85
N ASP D 57 -45.80 -43.13 23.60
CA ASP D 57 -45.89 -41.96 24.47
C ASP D 57 -45.85 -40.66 23.66
N PHE D 58 -45.39 -40.74 22.43
CA PHE D 58 -45.27 -39.55 21.58
C PHE D 58 -46.60 -39.23 20.91
N THR D 59 -47.03 -37.98 21.06
CA THR D 59 -48.37 -37.62 20.62
C THR D 59 -48.37 -37.12 19.17
N GLU D 60 -47.24 -36.53 18.75
CA GLU D 60 -47.05 -36.07 17.37
C GLU D 60 -45.59 -36.26 17.00
N ASP D 61 -45.23 -36.01 15.74
CA ASP D 61 -43.82 -36.15 15.35
C ASP D 61 -43.08 -34.88 15.68
N CYS D 62 -41.78 -35.01 15.83
CA CYS D 62 -40.99 -33.93 16.39
C CYS D 62 -39.57 -34.03 15.86
N LEU D 63 -39.02 -32.90 15.45
CA LEU D 63 -37.65 -32.87 14.98
C LEU D 63 -36.84 -31.91 15.80
N ILE D 64 -35.81 -32.45 16.43
CA ILE D 64 -34.78 -31.66 17.07
C ILE D 64 -33.58 -31.63 16.12
N LEU D 65 -33.23 -30.44 15.62
CA LEU D 65 -32.12 -30.30 14.68
C LEU D 65 -30.99 -29.45 15.24
N ASN D 66 -29.84 -30.07 15.48
CA ASN D 66 -28.66 -29.36 16.01
C ASN D 66 -28.89 -28.82 17.42
N GLY D 67 -29.71 -29.52 18.20
CA GLY D 67 -29.98 -29.11 19.57
C GLY D 67 -31.13 -28.11 19.73
N ASN D 68 -31.79 -27.77 18.62
CA ASN D 68 -32.99 -26.93 18.67
C ASN D 68 -34.20 -27.59 17.98
N GLU D 69 -35.35 -27.59 18.66
CA GLU D 69 -36.60 -27.96 18.01
C GLU D 69 -36.96 -26.93 16.94
N VAL D 70 -37.43 -27.40 15.80
CA VAL D 70 -37.70 -26.53 14.64
C VAL D 70 -39.06 -25.83 14.72
N ASN D 71 -39.20 -24.78 13.90
CA ASN D 71 -40.45 -24.02 13.81
C ASN D 71 -41.67 -24.85 13.37
N ALA D 72 -42.84 -24.22 13.41
CA ALA D 72 -44.09 -24.91 13.10
C ALA D 72 -44.12 -25.43 11.66
N LYS D 73 -43.55 -24.64 10.75
CA LYS D 73 -43.50 -24.96 9.33
C LYS D 73 -42.66 -26.21 9.12
N GLU D 74 -41.49 -26.24 9.74
CA GLU D 74 -40.60 -27.37 9.63
C GLU D 74 -41.25 -28.60 10.21
N LYS D 75 -41.87 -28.44 11.37
CA LYS D 75 -42.56 -29.54 12.04
C LYS D 75 -43.57 -30.19 11.07
N GLU D 76 -44.39 -29.38 10.42
CA GLU D 76 -45.40 -29.89 9.50
C GLU D 76 -44.76 -30.69 8.37
N LYS D 77 -43.67 -30.16 7.83
CA LYS D 77 -42.90 -30.81 6.77
C LYS D 77 -42.39 -32.20 7.20
N ILE D 78 -41.77 -32.28 8.36
CA ILE D 78 -41.23 -33.56 8.79
C ILE D 78 -42.35 -34.55 9.13
N GLN D 79 -43.52 -34.03 9.49
CA GLN D 79 -44.68 -34.86 9.83
C GLN D 79 -45.41 -35.43 8.61
N ASN D 80 -45.41 -34.69 7.51
CA ASN D 80 -45.88 -35.28 6.27
C ASN D 80 -45.01 -36.47 5.88
N TYR D 81 -43.70 -36.38 6.16
CA TYR D 81 -42.77 -37.46 5.80
C TYR D 81 -42.99 -38.69 6.66
N MET D 82 -43.10 -38.47 7.97
CA MET D 82 -43.37 -39.58 8.88
C MET D 82 -44.66 -40.32 8.50
N ASN D 83 -45.67 -39.59 8.01
CA ASN D 83 -46.89 -40.21 7.51
C ASN D 83 -46.57 -41.27 6.44
N ILE D 84 -45.65 -40.95 5.55
CA ILE D 84 -45.21 -41.87 4.50
C ILE D 84 -44.56 -43.10 5.11
N VAL D 85 -43.61 -42.84 6.01
CA VAL D 85 -42.89 -43.88 6.74
C VAL D 85 -43.82 -44.84 7.52
N ARG D 86 -44.83 -44.29 8.18
CA ARG D 86 -45.77 -45.12 8.93
C ARG D 86 -46.63 -45.98 8.00
N ASP D 87 -47.12 -45.39 6.92
CA ASP D 87 -47.95 -46.14 5.96
C ASP D 87 -47.23 -47.35 5.34
N LEU D 88 -45.94 -47.16 5.06
CA LEU D 88 -45.10 -48.22 4.49
C LEU D 88 -44.73 -49.27 5.55
N ALA D 89 -44.56 -48.80 6.78
CA ALA D 89 -44.14 -49.66 7.87
C ALA D 89 -45.26 -50.60 8.30
N GLY D 90 -46.49 -50.12 8.19
CA GLY D 90 -47.65 -50.82 8.72
C GLY D 90 -47.72 -50.55 10.22
N ASN D 91 -47.74 -49.28 10.58
CA ASN D 91 -47.77 -48.93 11.99
C ASN D 91 -48.24 -47.50 12.31
N ARG D 92 -48.22 -47.17 13.60
CA ARG D 92 -48.98 -46.02 14.09
C ARG D 92 -48.22 -45.09 15.03
N LEU D 93 -47.06 -45.53 15.52
CA LEU D 93 -46.33 -44.75 16.50
C LEU D 93 -45.88 -43.38 15.96
N HIS D 94 -45.81 -42.39 16.84
CA HIS D 94 -45.24 -41.10 16.46
C HIS D 94 -43.73 -41.11 16.70
N ALA D 95 -43.01 -40.14 16.12
CA ALA D 95 -41.56 -40.23 16.09
C ALA D 95 -40.89 -39.02 16.70
N ARG D 96 -39.78 -39.25 17.40
CA ARG D 96 -38.89 -38.19 17.80
C ARG D 96 -37.59 -38.36 17.03
N ILE D 97 -37.26 -37.37 16.20
CA ILE D 97 -36.05 -37.41 15.43
C ILE D 97 -35.08 -36.42 16.01
N GLU D 98 -33.88 -36.90 16.35
CA GLU D 98 -32.79 -36.04 16.79
C GLU D 98 -31.69 -36.06 15.73
N SER D 99 -31.41 -34.90 15.16
CA SER D 99 -30.44 -34.84 14.04
C SER D 99 -29.35 -33.80 14.19
N GLU D 100 -28.19 -34.13 13.65
CA GLU D 100 -27.06 -33.23 13.68
C GLU D 100 -26.54 -33.07 12.25
N ASN D 101 -26.59 -31.84 11.77
CA ASN D 101 -25.97 -31.48 10.51
C ASN D 101 -24.52 -31.08 10.72
N TYR D 102 -23.59 -31.94 10.31
CA TYR D 102 -22.19 -31.52 10.22
C TYR D 102 -21.87 -30.81 8.91
N VAL D 103 -22.71 -29.82 8.61
CA VAL D 103 -22.72 -29.15 7.32
C VAL D 103 -23.63 -27.96 7.50
N PRO D 104 -23.33 -26.85 6.80
CA PRO D 104 -24.25 -25.71 6.92
C PRO D 104 -25.64 -26.13 6.47
N THR D 105 -26.65 -25.50 7.04
CA THR D 105 -28.03 -25.94 6.94
C THR D 105 -28.85 -25.02 6.03
N ALA D 106 -29.48 -25.60 4.99
CA ALA D 106 -30.34 -24.83 4.07
C ALA D 106 -29.59 -23.75 3.31
N ALA D 107 -28.31 -24.00 3.03
CA ALA D 107 -27.41 -22.96 2.57
C ALA D 107 -26.94 -23.16 1.13
N GLY D 108 -27.38 -24.27 0.53
CA GLY D 108 -26.96 -24.63 -0.83
C GLY D 108 -25.74 -25.52 -0.83
N LEU D 109 -25.58 -26.28 0.25
CA LEU D 109 -24.51 -27.28 0.36
C LEU D 109 -25.09 -28.67 0.52
N ALA D 110 -26.40 -28.78 0.25
CA ALA D 110 -27.10 -30.06 0.15
C ALA D 110 -27.47 -30.70 1.48
N SER D 111 -27.73 -29.93 2.53
CA SER D 111 -28.06 -30.61 3.79
C SER D 111 -29.28 -31.54 3.65
N SER D 112 -30.21 -31.20 2.76
CA SER D 112 -31.44 -31.98 2.63
C SER D 112 -31.18 -33.39 2.07
N ALA D 113 -30.16 -33.53 1.22
CA ALA D 113 -29.76 -34.84 0.69
C ALA D 113 -29.27 -35.79 1.82
N SER D 114 -28.31 -35.34 2.61
CA SER D 114 -27.82 -36.18 3.71
C SER D 114 -28.95 -36.41 4.72
N ALA D 115 -29.76 -35.38 4.96
CA ALA D 115 -30.83 -35.39 5.95
C ALA D 115 -31.86 -36.52 5.78
N TYR D 116 -32.46 -36.62 4.59
CA TYR D 116 -33.44 -37.66 4.37
C TYR D 116 -32.83 -39.00 4.02
N ALA D 117 -31.58 -38.97 3.57
CA ALA D 117 -30.88 -40.26 3.39
C ALA D 117 -30.63 -40.87 4.75
N ALA D 118 -30.11 -40.06 5.68
CA ALA D 118 -29.87 -40.49 7.05
C ALA D 118 -31.15 -40.98 7.71
N LEU D 119 -32.23 -40.21 7.59
CA LEU D 119 -33.48 -40.51 8.26
C LEU D 119 -34.16 -41.75 7.69
N ALA D 120 -34.02 -41.97 6.39
CA ALA D 120 -34.60 -43.16 5.76
C ALA D 120 -33.95 -44.39 6.36
N ALA D 121 -32.63 -44.38 6.36
CA ALA D 121 -31.87 -45.49 6.88
C ALA D 121 -32.10 -45.66 8.40
N ALA D 122 -32.21 -44.53 9.11
CA ALA D 122 -32.51 -44.60 10.54
C ALA D 122 -33.89 -45.25 10.76
N CYS D 123 -34.86 -44.92 9.90
CA CYS D 123 -36.19 -45.51 9.97
C CYS D 123 -36.21 -46.96 9.53
N ASN D 124 -35.52 -47.25 8.45
CA ASN D 124 -35.46 -48.63 7.99
C ASN D 124 -34.85 -49.57 9.04
N GLU D 125 -33.87 -49.06 9.77
CA GLU D 125 -33.23 -49.83 10.85
C GLU D 125 -34.23 -50.05 12.00
N ALA D 126 -34.86 -48.96 12.46
CA ALA D 126 -35.76 -49.04 13.59
C ALA D 126 -36.88 -50.05 13.35
N LEU D 127 -37.67 -49.83 12.30
CA LEU D 127 -38.84 -50.66 12.01
C LEU D 127 -38.48 -52.00 11.36
N SER D 128 -37.19 -52.28 11.22
CA SER D 128 -36.73 -53.53 10.61
C SER D 128 -37.46 -53.82 9.30
N LEU D 129 -37.45 -52.86 8.38
CA LEU D 129 -38.13 -53.03 7.09
C LEU D 129 -37.30 -53.86 6.12
N ASN D 130 -35.99 -53.96 6.37
CA ASN D 130 -35.12 -54.71 5.47
C ASN D 130 -35.27 -54.30 4.02
N LEU D 131 -35.24 -52.98 3.77
CA LEU D 131 -35.35 -52.47 2.41
C LEU D 131 -34.05 -52.72 1.65
N SER D 132 -34.19 -52.99 0.36
CA SER D 132 -33.05 -53.02 -0.56
C SER D 132 -32.51 -51.59 -0.69
N ASP D 133 -31.27 -51.43 -1.15
CA ASP D 133 -30.80 -50.09 -1.46
C ASP D 133 -31.83 -49.30 -2.30
N THR D 134 -32.29 -49.90 -3.40
CA THR D 134 -33.34 -49.31 -4.24
C THR D 134 -34.54 -48.81 -3.45
N ASP D 135 -35.17 -49.70 -2.70
CA ASP D 135 -36.31 -49.25 -1.88
C ASP D 135 -35.90 -48.16 -0.87
N LEU D 136 -34.67 -48.21 -0.38
CA LEU D 136 -34.17 -47.16 0.50
C LEU D 136 -34.12 -45.80 -0.22
N SER D 137 -33.56 -45.79 -1.43
CA SER D 137 -33.50 -44.59 -2.26
C SER D 137 -34.89 -44.05 -2.51
N ARG D 138 -35.81 -44.95 -2.84
CA ARG D 138 -37.20 -44.56 -3.06
C ARG D 138 -37.79 -43.81 -1.88
N LEU D 139 -37.54 -44.31 -0.66
CA LEU D 139 -38.08 -43.67 0.54
C LEU D 139 -37.42 -42.32 0.82
N ALA D 140 -36.10 -42.28 0.65
CA ALA D 140 -35.35 -41.04 0.80
C ALA D 140 -35.85 -39.97 -0.20
N ARG D 141 -36.00 -40.37 -1.45
CA ARG D 141 -36.56 -39.49 -2.49
C ARG D 141 -37.83 -38.77 -2.07
N ARG D 142 -38.68 -39.43 -1.29
CA ARG D 142 -39.93 -38.82 -0.85
C ARG D 142 -39.65 -37.64 0.08
N GLY D 143 -38.44 -37.58 0.65
CA GLY D 143 -38.09 -36.53 1.60
C GLY D 143 -37.39 -35.36 0.91
N SER D 144 -36.40 -35.70 0.11
CA SER D 144 -35.72 -34.71 -0.69
C SER D 144 -35.18 -35.48 -1.89
N GLY D 145 -35.60 -35.07 -3.08
CA GLY D 145 -35.19 -35.74 -4.30
C GLY D 145 -33.73 -36.17 -4.28
N SER D 146 -32.86 -35.25 -3.90
CA SER D 146 -31.42 -35.48 -3.96
C SER D 146 -30.95 -36.50 -2.94
N ALA D 147 -31.72 -36.66 -1.86
CA ALA D 147 -31.41 -37.66 -0.84
C ALA D 147 -31.34 -39.06 -1.48
N SER D 148 -32.14 -39.28 -2.53
CA SER D 148 -32.11 -40.55 -3.26
C SER D 148 -30.69 -40.93 -3.68
N ARG D 149 -29.84 -39.93 -3.89
CA ARG D 149 -28.47 -40.24 -4.30
C ARG D 149 -27.50 -40.42 -3.13
N SER D 150 -27.91 -40.00 -1.93
CA SER D 150 -26.99 -40.07 -0.79
C SER D 150 -26.95 -41.45 -0.17
N ILE D 151 -27.86 -42.31 -0.60
CA ILE D 151 -27.77 -43.72 -0.27
C ILE D 151 -26.41 -44.31 -0.69
N PHE D 152 -25.86 -43.84 -1.81
CA PHE D 152 -24.64 -44.45 -2.36
C PHE D 152 -23.44 -43.54 -2.23
N GLY D 153 -22.25 -44.14 -2.33
CA GLY D 153 -21.01 -43.39 -2.39
C GLY D 153 -20.58 -43.11 -3.83
N GLY D 154 -19.40 -42.52 -3.98
CA GLY D 154 -18.82 -42.27 -5.30
C GLY D 154 -19.80 -41.57 -6.22
N PHE D 155 -19.84 -41.99 -7.49
CA PHE D 155 -20.76 -41.41 -8.46
C PHE D 155 -22.15 -42.08 -8.34
N ALA D 156 -23.21 -41.28 -8.30
CA ALA D 156 -24.57 -41.84 -8.26
C ALA D 156 -25.46 -41.27 -9.37
N GLU D 157 -26.43 -42.06 -9.84
CA GLU D 157 -27.38 -41.55 -10.82
C GLU D 157 -28.81 -41.77 -10.35
N TRP D 158 -29.58 -40.69 -10.32
CA TRP D 158 -31.01 -40.79 -10.10
C TRP D 158 -31.75 -40.92 -11.45
N GLU D 159 -32.33 -42.10 -11.69
CA GLU D 159 -33.18 -42.34 -12.86
C GLU D 159 -34.58 -41.85 -12.59
N LYS D 160 -35.10 -41.03 -13.49
CA LYS D 160 -36.36 -40.35 -13.21
C LYS D 160 -37.56 -41.27 -13.12
N GLY D 161 -37.54 -42.39 -13.85
CA GLY D 161 -38.69 -43.29 -13.86
C GLY D 161 -39.97 -42.60 -14.31
N HIS D 162 -41.11 -43.07 -13.83
CA HIS D 162 -42.40 -42.50 -14.24
C HIS D 162 -43.50 -42.62 -13.18
N ASP D 163 -43.13 -43.16 -12.02
CA ASP D 163 -44.06 -43.33 -10.90
C ASP D 163 -43.25 -43.66 -9.65
N ASP D 164 -43.89 -43.62 -8.49
CA ASP D 164 -43.17 -43.89 -7.23
C ASP D 164 -42.30 -45.17 -7.27
N LEU D 165 -42.71 -46.17 -8.06
CA LEU D 165 -41.97 -47.45 -8.16
C LEU D 165 -40.65 -47.39 -8.95
N THR D 166 -40.57 -46.48 -9.91
CA THR D 166 -39.43 -46.50 -10.83
C THR D 166 -38.54 -45.27 -10.74
N SER D 167 -38.86 -44.35 -9.83
CA SER D 167 -37.97 -43.22 -9.64
C SER D 167 -37.04 -43.49 -8.45
N TYR D 168 -35.75 -43.63 -8.75
CA TYR D 168 -34.76 -43.98 -7.75
C TYR D 168 -33.35 -43.99 -8.34
N ALA D 169 -32.35 -44.13 -7.47
CA ALA D 169 -30.96 -43.97 -7.86
C ALA D 169 -30.16 -45.25 -7.73
N HIS D 170 -28.87 -45.14 -8.07
CA HIS D 170 -27.96 -46.26 -8.02
C HIS D 170 -26.56 -45.71 -8.07
N GLY D 171 -25.63 -46.43 -7.46
CA GLY D 171 -24.23 -46.02 -7.51
C GLY D 171 -23.66 -46.39 -8.86
N ILE D 172 -22.67 -45.62 -9.30
CA ILE D 172 -21.94 -45.96 -10.50
C ILE D 172 -20.55 -46.42 -10.12
N ASN D 173 -20.18 -47.60 -10.63
CA ASN D 173 -18.82 -48.05 -10.48
C ASN D 173 -17.94 -47.31 -11.49
N SER D 174 -17.01 -46.51 -10.99
CA SER D 174 -16.07 -45.82 -11.86
C SER D 174 -14.69 -46.46 -11.73
N ASN D 175 -14.67 -47.72 -11.29
CA ASN D 175 -13.40 -48.42 -11.04
C ASN D 175 -12.49 -47.58 -10.15
N GLY D 176 -13.07 -47.05 -9.07
CA GLY D 176 -12.32 -46.31 -8.08
C GLY D 176 -11.83 -44.94 -8.47
N TRP D 177 -12.38 -44.40 -9.56
CA TRP D 177 -11.93 -43.10 -10.04
C TRP D 177 -12.21 -42.05 -8.99
N GLU D 178 -13.25 -42.26 -8.21
CA GLU D 178 -13.64 -41.28 -7.21
C GLU D 178 -12.55 -41.11 -6.15
N LYS D 179 -11.67 -42.10 -6.00
CA LYS D 179 -10.56 -41.95 -5.05
C LYS D 179 -9.55 -40.87 -5.47
N ASP D 180 -9.61 -40.45 -6.73
CA ASP D 180 -8.62 -39.52 -7.27
C ASP D 180 -9.16 -38.10 -7.36
N LEU D 181 -10.45 -37.94 -7.12
CA LEU D 181 -11.08 -36.64 -7.34
C LEU D 181 -11.37 -35.92 -6.03
N SER D 182 -11.68 -34.63 -6.13
CA SER D 182 -11.74 -33.80 -4.96
C SER D 182 -12.67 -32.63 -5.23
N MET D 183 -13.12 -32.00 -4.16
CA MET D 183 -14.01 -30.87 -4.33
C MET D 183 -13.80 -29.83 -3.24
N ILE D 184 -13.47 -28.64 -3.69
CA ILE D 184 -13.20 -27.50 -2.82
C ILE D 184 -14.43 -26.61 -2.74
N PHE D 185 -14.95 -26.44 -1.52
CA PHE D 185 -16.07 -25.54 -1.30
C PHE D 185 -15.58 -24.16 -0.96
N VAL D 186 -16.00 -23.20 -1.77
CA VAL D 186 -15.91 -21.79 -1.47
C VAL D 186 -17.19 -21.42 -0.76
N VAL D 187 -17.15 -21.29 0.57
CA VAL D 187 -18.36 -20.97 1.31
C VAL D 187 -18.55 -19.47 1.39
N ILE D 188 -19.22 -18.93 0.37
CA ILE D 188 -19.50 -17.51 0.33
C ILE D 188 -20.63 -17.18 1.30
N ASN D 189 -21.51 -18.14 1.55
CA ASN D 189 -22.57 -17.91 2.53
C ASN D 189 -23.10 -19.17 3.23
N ASN D 190 -22.96 -19.22 4.55
CA ASN D 190 -23.50 -20.35 5.32
C ASN D 190 -24.87 -20.11 5.98
N GLN D 191 -25.44 -18.93 5.78
CA GLN D 191 -26.81 -18.65 6.24
C GLN D 191 -27.84 -19.31 5.32
N SER D 192 -29.10 -19.29 5.73
CA SER D 192 -30.20 -19.88 4.97
C SER D 192 -30.57 -19.09 3.70
N LYS D 193 -30.82 -19.81 2.61
CA LYS D 193 -31.43 -19.22 1.41
C LYS D 193 -32.68 -18.41 1.72
N LYS D 194 -32.88 -17.31 0.98
CA LYS D 194 -34.21 -16.68 0.94
C LYS D 194 -35.17 -17.59 0.17
N VAL D 195 -34.67 -18.18 -0.91
CA VAL D 195 -35.46 -19.04 -1.77
C VAL D 195 -35.00 -20.51 -1.68
N SER D 196 -35.84 -21.32 -1.02
CA SER D 196 -35.57 -22.72 -0.82
C SER D 196 -35.47 -23.48 -2.15
N SER D 197 -34.66 -24.54 -2.19
CA SER D 197 -34.48 -25.31 -3.42
C SER D 197 -35.83 -25.72 -3.98
N ARG D 198 -36.70 -26.20 -3.10
CA ARG D 198 -38.00 -26.71 -3.51
C ARG D 198 -38.89 -25.65 -4.13
N SER D 199 -38.96 -24.49 -3.49
CA SER D 199 -39.84 -23.47 -4.02
C SER D 199 -39.22 -22.76 -5.22
N GLY D 200 -37.89 -22.59 -5.21
CA GLY D 200 -37.19 -22.05 -6.36
C GLY D 200 -37.33 -22.91 -7.61
N MET D 201 -37.07 -24.19 -7.43
CA MET D 201 -37.29 -25.22 -8.45
C MET D 201 -38.72 -25.16 -9.06
N SER D 202 -39.72 -25.01 -8.19
CA SER D 202 -41.13 -24.98 -8.61
C SER D 202 -41.40 -23.83 -9.56
N LEU D 203 -41.03 -22.64 -9.13
CA LEU D 203 -41.33 -21.46 -9.93
C LEU D 203 -40.74 -21.65 -11.32
N THR D 204 -39.48 -22.09 -11.38
CA THR D 204 -38.74 -22.19 -12.63
C THR D 204 -39.31 -23.27 -13.54
N ARG D 205 -39.42 -24.50 -13.03
CA ARG D 205 -40.12 -25.56 -13.76
C ARG D 205 -41.49 -25.09 -14.29
N ASP D 206 -42.23 -24.33 -13.48
CA ASP D 206 -43.56 -23.91 -13.90
C ASP D 206 -43.61 -22.73 -14.89
N THR D 207 -42.70 -21.76 -14.74
CA THR D 207 -42.88 -20.47 -15.43
C THR D 207 -41.74 -20.06 -16.36
N SER D 208 -40.58 -20.67 -16.18
CA SER D 208 -39.37 -20.16 -16.82
C SER D 208 -39.32 -20.36 -18.32
N ARG D 209 -38.89 -19.31 -19.00
CA ARG D 209 -38.86 -19.29 -20.46
C ARG D 209 -37.68 -20.04 -21.09
N PHE D 210 -36.70 -20.41 -20.29
CA PHE D 210 -35.54 -21.12 -20.83
C PHE D 210 -35.55 -22.56 -20.36
N TYR D 211 -36.66 -22.98 -19.77
CA TYR D 211 -36.72 -24.32 -19.18
C TYR D 211 -36.71 -25.43 -20.24
N GLN D 212 -37.41 -25.18 -21.34
CA GLN D 212 -37.40 -26.13 -22.45
C GLN D 212 -35.98 -26.30 -22.99
N TYR D 213 -35.25 -25.19 -23.09
CA TYR D 213 -33.84 -25.29 -23.48
C TYR D 213 -33.07 -26.16 -22.49
N TRP D 214 -33.41 -26.06 -21.21
CA TRP D 214 -32.70 -26.86 -20.21
C TRP D 214 -32.96 -28.34 -20.47
N LEU D 215 -34.23 -28.69 -20.67
CA LEU D 215 -34.63 -30.08 -20.96
C LEU D 215 -34.10 -30.65 -22.30
N ASP D 216 -33.93 -29.81 -23.31
CA ASP D 216 -33.43 -30.28 -24.61
C ASP D 216 -31.97 -30.75 -24.59
N HIS D 217 -31.26 -30.47 -23.50
CA HIS D 217 -29.81 -30.65 -23.49
C HIS D 217 -29.32 -31.53 -22.37
N VAL D 218 -30.20 -31.77 -21.40
CA VAL D 218 -29.79 -32.47 -20.19
C VAL D 218 -29.39 -33.91 -20.50
N ASP D 219 -30.17 -34.62 -21.33
CA ASP D 219 -29.80 -36.01 -21.63
C ASP D 219 -28.47 -36.14 -22.39
N GLU D 220 -28.22 -35.24 -23.33
CA GLU D 220 -26.91 -35.25 -23.98
C GLU D 220 -25.76 -35.05 -22.99
N ASP D 221 -25.90 -34.06 -22.11
CA ASP D 221 -24.88 -33.77 -21.09
C ASP D 221 -24.65 -34.97 -20.16
N LEU D 222 -25.74 -35.66 -19.84
CA LEU D 222 -25.70 -36.85 -19.00
C LEU D 222 -24.85 -37.98 -19.60
N ASN D 223 -25.12 -38.33 -20.85
CA ASN D 223 -24.35 -39.38 -21.52
C ASN D 223 -22.90 -38.97 -21.69
N GLU D 224 -22.70 -37.71 -22.05
CA GLU D 224 -21.35 -37.17 -22.14
C GLU D 224 -20.62 -37.41 -20.80
N ALA D 225 -21.24 -37.07 -19.67
CA ALA D 225 -20.57 -37.26 -18.36
C ALA D 225 -20.26 -38.74 -18.08
N LYS D 226 -21.30 -39.59 -18.23
CA LYS D 226 -21.14 -41.02 -18.02
C LYS D 226 -19.98 -41.59 -18.86
N GLU D 227 -19.87 -41.17 -20.12
CA GLU D 227 -18.77 -41.62 -20.98
C GLU D 227 -17.44 -41.14 -20.42
N ALA D 228 -17.42 -39.92 -19.92
CA ALA D 228 -16.17 -39.37 -19.42
C ALA D 228 -15.71 -40.02 -18.10
N VAL D 229 -16.64 -40.60 -17.30
CA VAL D 229 -16.16 -41.44 -16.19
C VAL D 229 -15.70 -42.84 -16.62
N LYS D 230 -16.47 -43.47 -17.52
CA LYS D 230 -16.05 -44.69 -18.20
C LYS D 230 -14.58 -44.62 -18.60
N ASN D 231 -14.15 -43.47 -19.12
CA ASN D 231 -12.78 -43.32 -19.62
C ASN D 231 -11.85 -42.60 -18.65
N GLN D 232 -12.40 -42.21 -17.50
CA GLN D 232 -11.70 -41.38 -16.52
C GLN D 232 -11.08 -40.17 -17.21
N ASP D 233 -11.91 -39.49 -18.00
CA ASP D 233 -11.48 -38.33 -18.76
C ASP D 233 -11.83 -37.07 -17.98
N PHE D 234 -10.87 -36.54 -17.23
CA PHE D 234 -11.21 -35.46 -16.32
C PHE D 234 -11.74 -34.20 -17.02
N GLN D 235 -10.96 -33.70 -17.96
CA GLN D 235 -11.30 -32.53 -18.74
C GLN D 235 -12.69 -32.68 -19.35
N ARG D 236 -12.92 -33.84 -19.97
CA ARG D 236 -14.18 -34.10 -20.64
C ARG D 236 -15.34 -34.07 -19.62
N LEU D 237 -15.08 -34.47 -18.39
CA LEU D 237 -16.13 -34.40 -17.36
C LEU D 237 -16.29 -32.96 -16.84
N GLY D 238 -15.17 -32.33 -16.52
CA GLY D 238 -15.19 -30.95 -16.09
C GLY D 238 -16.03 -30.10 -17.03
N GLU D 239 -15.69 -30.13 -18.31
CA GLU D 239 -16.30 -29.24 -19.30
C GLU D 239 -17.82 -29.32 -19.38
N VAL D 240 -18.33 -30.55 -19.41
CA VAL D 240 -19.75 -30.73 -19.60
C VAL D 240 -20.52 -30.47 -18.32
N ILE D 241 -19.89 -30.72 -17.17
CA ILE D 241 -20.62 -30.54 -15.92
C ILE D 241 -20.76 -29.07 -15.59
N GLU D 242 -19.71 -28.30 -15.86
CA GLU D 242 -19.70 -26.86 -15.64
C GLU D 242 -20.78 -26.19 -16.49
N ALA D 243 -20.81 -26.55 -17.77
CA ALA D 243 -21.82 -25.96 -18.66
C ALA D 243 -23.20 -26.33 -18.15
N ASN D 244 -23.36 -27.57 -17.69
CA ASN D 244 -24.67 -28.01 -17.21
C ASN D 244 -25.10 -27.17 -16.01
N GLY D 245 -24.20 -27.04 -15.05
CA GLY D 245 -24.46 -26.25 -13.86
C GLY D 245 -24.89 -24.85 -14.24
N LEU D 246 -24.18 -24.24 -15.20
CA LEU D 246 -24.48 -22.87 -15.56
C LEU D 246 -25.85 -22.80 -16.22
N ARG D 247 -26.17 -23.81 -17.02
CA ARG D 247 -27.44 -23.84 -17.72
C ARG D 247 -28.58 -23.99 -16.73
N MET D 248 -28.33 -24.76 -15.66
CA MET D 248 -29.37 -24.89 -14.63
C MET D 248 -29.72 -23.50 -14.05
N HIS D 249 -28.68 -22.76 -13.68
CA HIS D 249 -28.88 -21.44 -13.14
C HIS D 249 -29.50 -20.48 -14.14
N ALA D 250 -29.16 -20.64 -15.42
CA ALA D 250 -29.74 -19.82 -16.47
C ALA D 250 -31.27 -19.92 -16.47
N THR D 251 -31.81 -21.07 -16.08
CA THR D 251 -33.27 -21.20 -16.16
C THR D 251 -33.94 -20.35 -15.10
N ASN D 252 -33.24 -20.04 -14.03
CA ASN D 252 -33.85 -19.14 -13.05
C ASN D 252 -33.91 -17.73 -13.63
N LEU D 253 -33.03 -17.42 -14.56
CA LEU D 253 -33.08 -16.12 -15.22
C LEU D 253 -34.40 -15.95 -16.01
N GLY D 254 -34.98 -17.05 -16.47
CA GLY D 254 -36.15 -16.98 -17.34
C GLY D 254 -37.47 -17.20 -16.64
N ALA D 255 -37.41 -17.26 -15.31
CA ALA D 255 -38.61 -17.50 -14.50
C ALA D 255 -39.47 -16.26 -14.41
N GLN D 256 -40.70 -16.43 -13.95
CA GLN D 256 -41.61 -15.30 -13.84
C GLN D 256 -41.96 -14.97 -12.39
N PRO D 257 -41.28 -13.97 -11.79
CA PRO D 257 -40.20 -13.15 -12.36
C PRO D 257 -38.82 -13.73 -12.09
N PRO D 258 -37.82 -13.35 -12.89
CA PRO D 258 -36.48 -13.93 -12.81
C PRO D 258 -35.86 -13.73 -11.45
N PHE D 259 -34.88 -14.55 -11.12
CA PHE D 259 -34.20 -14.48 -9.83
C PHE D 259 -32.90 -15.25 -9.95
N THR D 260 -32.01 -15.08 -8.99
CA THR D 260 -30.70 -15.73 -9.09
C THR D 260 -30.14 -16.15 -7.74
N TYR D 261 -29.43 -17.28 -7.73
CA TYR D 261 -28.79 -17.75 -6.50
C TYR D 261 -27.40 -17.14 -6.35
N LEU D 262 -26.88 -16.54 -7.43
CA LEU D 262 -25.48 -16.14 -7.49
C LEU D 262 -25.25 -14.68 -7.06
N VAL D 263 -24.07 -14.41 -6.51
CA VAL D 263 -23.68 -13.07 -6.07
C VAL D 263 -22.32 -12.74 -6.67
N GLN D 264 -21.83 -11.52 -6.46
CA GLN D 264 -20.58 -11.09 -7.08
C GLN D 264 -19.46 -12.07 -6.68
N GLU D 265 -19.32 -12.30 -5.38
CA GLU D 265 -18.30 -13.22 -4.90
C GLU D 265 -18.32 -14.54 -5.67
N SER D 266 -19.52 -15.09 -5.92
CA SER D 266 -19.66 -16.31 -6.76
C SER D 266 -18.89 -16.20 -8.08
N TYR D 267 -19.04 -15.07 -8.75
CA TYR D 267 -18.41 -14.88 -10.04
C TYR D 267 -16.92 -14.78 -9.86
N ASP D 268 -16.52 -13.97 -8.88
CA ASP D 268 -15.10 -13.87 -8.56
C ASP D 268 -14.48 -15.27 -8.42
N ALA D 269 -15.20 -16.18 -7.75
CA ALA D 269 -14.75 -17.57 -7.63
C ALA D 269 -14.63 -18.25 -8.99
N MET D 270 -15.60 -18.01 -9.86
CA MET D 270 -15.58 -18.60 -11.19
C MET D 270 -14.38 -18.08 -11.99
N ALA D 271 -14.07 -16.80 -11.88
CA ALA D 271 -12.92 -16.23 -12.57
C ALA D 271 -11.65 -16.98 -12.18
N ILE D 272 -11.48 -17.18 -10.87
CA ILE D 272 -10.30 -17.84 -10.34
C ILE D 272 -10.17 -19.28 -10.85
N VAL D 273 -11.29 -19.99 -11.00
CA VAL D 273 -11.20 -21.33 -11.53
C VAL D 273 -10.61 -21.28 -12.94
N GLU D 274 -11.08 -20.36 -13.76
CA GLU D 274 -10.57 -20.23 -15.14
C GLU D 274 -9.10 -19.75 -15.19
N GLN D 275 -8.70 -18.83 -14.29
CA GLN D 275 -7.28 -18.48 -14.16
C GLN D 275 -6.45 -19.74 -13.90
N CYS D 276 -6.92 -20.58 -12.99
CA CYS D 276 -6.23 -21.84 -12.69
C CYS D 276 -6.06 -22.68 -13.96
N ARG D 277 -7.12 -22.82 -14.73
CA ARG D 277 -7.02 -23.59 -15.98
C ARG D 277 -5.97 -22.98 -16.91
N LYS D 278 -5.83 -21.67 -16.88
CA LYS D 278 -4.84 -21.04 -17.75
C LYS D 278 -3.42 -21.32 -17.25
N ALA D 279 -3.30 -21.61 -15.94
CA ALA D 279 -2.03 -21.93 -15.32
C ALA D 279 -1.79 -23.45 -15.29
N ASN D 280 -2.49 -24.15 -16.18
CA ASN D 280 -2.37 -25.60 -16.29
C ASN D 280 -2.82 -26.35 -15.05
N LEU D 281 -3.78 -25.77 -14.32
CA LEU D 281 -4.42 -26.48 -13.21
C LEU D 281 -5.87 -26.80 -13.55
N PRO D 282 -6.11 -28.00 -14.09
CA PRO D 282 -7.45 -28.40 -14.51
C PRO D 282 -8.47 -28.48 -13.36
N CYS D 283 -9.49 -27.63 -13.43
CA CYS D 283 -10.58 -27.67 -12.47
C CYS D 283 -11.82 -26.99 -13.02
N TYR D 284 -12.96 -27.42 -12.51
CA TYR D 284 -14.23 -27.00 -13.04
C TYR D 284 -15.17 -26.73 -11.88
N PHE D 285 -16.07 -25.77 -12.07
CA PHE D 285 -16.98 -25.42 -10.98
C PHE D 285 -18.40 -25.86 -11.23
N THR D 286 -19.16 -25.91 -10.15
CA THR D 286 -20.59 -26.10 -10.24
C THR D 286 -21.22 -25.54 -8.99
N MET D 287 -22.51 -25.28 -9.05
CA MET D 287 -23.17 -24.57 -7.99
C MET D 287 -24.56 -25.10 -7.73
N ALA D 288 -24.83 -25.37 -6.46
CA ALA D 288 -26.18 -25.80 -6.07
C ALA D 288 -27.09 -24.59 -5.88
N ALA D 289 -28.24 -24.83 -5.27
CA ALA D 289 -29.22 -23.76 -5.05
C ALA D 289 -28.73 -22.78 -3.98
N GLY D 290 -27.81 -21.91 -4.38
CA GLY D 290 -27.16 -20.97 -3.48
C GLY D 290 -25.91 -20.40 -4.11
N PRO D 291 -25.25 -19.47 -3.41
CA PRO D 291 -24.13 -18.70 -3.99
C PRO D 291 -22.81 -19.40 -3.81
N ASN D 292 -22.79 -20.49 -3.04
CA ASN D 292 -21.54 -21.18 -2.75
C ASN D 292 -21.02 -21.92 -3.97
N VAL D 293 -19.73 -21.78 -4.23
CA VAL D 293 -19.14 -22.42 -5.39
C VAL D 293 -18.40 -23.70 -5.04
N LYS D 294 -18.79 -24.81 -5.68
CA LYS D 294 -18.08 -26.07 -5.56
C LYS D 294 -17.10 -26.27 -6.72
N VAL D 295 -15.85 -26.59 -6.40
CA VAL D 295 -14.81 -26.71 -7.41
C VAL D 295 -14.29 -28.14 -7.54
N LEU D 296 -14.60 -28.80 -8.65
CA LEU D 296 -14.13 -30.17 -8.86
C LEU D 296 -12.65 -30.14 -9.29
N VAL D 297 -11.85 -31.03 -8.72
CA VAL D 297 -10.42 -31.03 -9.00
C VAL D 297 -9.77 -32.38 -8.66
N GLU D 298 -8.82 -32.79 -9.48
CA GLU D 298 -7.99 -33.96 -9.17
C GLU D 298 -7.13 -33.69 -7.93
N LYS D 299 -7.06 -34.67 -7.04
CA LYS D 299 -6.33 -34.51 -5.77
C LYS D 299 -4.91 -33.96 -5.97
N LYS D 300 -4.21 -34.50 -6.96
CA LYS D 300 -2.84 -34.04 -7.25
C LYS D 300 -2.74 -32.52 -7.48
N ASN D 301 -3.84 -31.89 -7.89
CA ASN D 301 -3.83 -30.47 -8.19
C ASN D 301 -4.53 -29.59 -7.16
N LYS D 302 -5.17 -30.24 -6.19
CA LYS D 302 -6.07 -29.59 -5.22
C LYS D 302 -5.37 -28.57 -4.32
N GLN D 303 -4.26 -28.98 -3.70
CA GLN D 303 -3.51 -28.07 -2.85
C GLN D 303 -3.12 -26.78 -3.61
N ALA D 304 -2.56 -26.92 -4.81
CA ALA D 304 -2.21 -25.77 -5.66
C ALA D 304 -3.42 -24.89 -6.00
N VAL D 305 -4.56 -25.51 -6.27
CA VAL D 305 -5.77 -24.73 -6.55
C VAL D 305 -6.26 -23.97 -5.29
N MET D 306 -6.24 -24.63 -4.14
CA MET D 306 -6.63 -23.93 -2.92
C MET D 306 -5.74 -22.73 -2.68
N GLU D 307 -4.46 -22.87 -2.96
CA GLU D 307 -3.55 -21.77 -2.73
C GLU D 307 -3.96 -20.57 -3.58
N GLN D 308 -4.31 -20.83 -4.83
CA GLN D 308 -4.88 -19.75 -5.66
C GLN D 308 -6.00 -19.05 -4.92
N PHE D 309 -6.98 -19.84 -4.46
CA PHE D 309 -8.13 -19.25 -3.79
C PHE D 309 -7.75 -18.46 -2.56
N LEU D 310 -6.72 -18.92 -1.84
CA LEU D 310 -6.37 -18.33 -0.55
C LEU D 310 -5.84 -16.89 -0.65
N LYS D 311 -5.49 -16.49 -1.87
CA LYS D 311 -5.02 -15.13 -2.12
C LYS D 311 -6.15 -14.09 -2.17
N VAL D 312 -7.40 -14.57 -2.13
CA VAL D 312 -8.56 -13.72 -2.35
C VAL D 312 -9.57 -13.91 -1.23
N PHE D 313 -9.82 -15.18 -0.89
CA PHE D 313 -10.78 -15.52 0.15
C PHE D 313 -10.12 -15.82 1.51
N ASP D 314 -10.83 -15.48 2.57
CA ASP D 314 -10.47 -15.86 3.93
C ASP D 314 -10.26 -17.39 3.99
N GLU D 315 -9.31 -17.84 4.80
CA GLU D 315 -9.06 -19.29 4.93
C GLU D 315 -10.30 -20.01 5.49
N SER D 316 -11.13 -19.27 6.20
CA SER D 316 -12.32 -19.87 6.82
C SER D 316 -13.31 -20.39 5.79
N LYS D 317 -13.29 -19.80 4.59
CA LYS D 317 -14.31 -20.07 3.58
C LYS D 317 -13.87 -21.08 2.51
N ILE D 318 -12.64 -21.59 2.62
CA ILE D 318 -12.14 -22.52 1.61
C ILE D 318 -11.93 -23.91 2.17
N ILE D 319 -12.83 -24.82 1.82
CA ILE D 319 -12.91 -26.12 2.49
C ILE D 319 -12.88 -27.31 1.52
N ALA D 320 -11.83 -28.13 1.63
CA ALA D 320 -11.66 -29.32 0.79
C ALA D 320 -12.44 -30.52 1.33
N SER D 321 -12.99 -31.31 0.41
CA SER D 321 -13.61 -32.57 0.75
C SER D 321 -13.20 -33.61 -0.29
N ASP D 322 -12.79 -34.78 0.16
CA ASP D 322 -12.67 -35.90 -0.77
C ASP D 322 -14.05 -36.42 -1.23
N ILE D 323 -14.06 -37.37 -2.14
CA ILE D 323 -15.28 -38.03 -2.54
C ILE D 323 -15.33 -39.35 -1.79
N ILE D 324 -16.36 -39.58 -0.99
CA ILE D 324 -16.43 -40.82 -0.21
C ILE D 324 -16.94 -41.97 -1.08
N SER D 325 -16.36 -43.17 -0.90
CA SER D 325 -16.67 -44.29 -1.78
C SER D 325 -17.86 -45.15 -1.33
N SER D 326 -18.17 -45.10 -0.04
CA SER D 326 -19.19 -45.97 0.54
C SER D 326 -20.53 -45.25 0.76
N GLY D 327 -21.55 -46.05 1.08
CA GLY D 327 -22.89 -45.53 1.18
C GLY D 327 -23.29 -45.14 2.60
N VAL D 328 -24.60 -44.92 2.76
CA VAL D 328 -25.20 -44.65 4.05
C VAL D 328 -24.95 -45.81 5.00
N GLU D 329 -24.68 -45.47 6.26
CA GLU D 329 -24.32 -46.48 7.25
C GLU D 329 -25.14 -46.33 8.52
N ILE D 330 -25.38 -47.46 9.17
CA ILE D 330 -25.99 -47.49 10.49
C ILE D 330 -24.89 -47.33 11.55
N ILE D 331 -25.11 -46.44 12.52
CA ILE D 331 -24.14 -46.22 13.61
C ILE D 331 -24.74 -46.53 14.98
N GLY E 4 -12.47 31.80 -40.54
CA GLY E 4 -13.04 30.47 -40.62
C GLY E 4 -13.17 29.97 -42.05
N SER E 5 -12.47 30.64 -42.96
CA SER E 5 -12.50 30.26 -44.37
C SER E 5 -11.91 28.87 -44.58
N MET E 6 -11.05 28.45 -43.66
CA MET E 6 -10.41 27.15 -43.75
C MET E 6 -10.90 26.22 -42.65
N VAL E 7 -11.59 26.79 -41.66
CA VAL E 7 -12.12 26.02 -40.56
C VAL E 7 -13.57 25.61 -40.83
N LYS E 8 -13.89 24.35 -40.59
CA LYS E 8 -15.24 23.85 -40.84
C LYS E 8 -15.79 23.26 -39.54
N SER E 9 -17.03 23.61 -39.21
CA SER E 9 -17.60 23.20 -37.94
C SER E 9 -19.09 22.93 -38.06
N GLY E 10 -19.59 22.00 -37.25
CA GLY E 10 -20.99 21.61 -37.27
C GLY E 10 -21.40 21.07 -35.92
N LYS E 11 -22.70 21.12 -35.63
CA LYS E 11 -23.18 20.65 -34.33
C LYS E 11 -24.49 19.85 -34.48
N ALA E 12 -24.57 18.71 -33.81
CA ALA E 12 -25.77 17.87 -33.89
C ALA E 12 -26.25 17.37 -32.53
N ARG E 13 -27.52 16.96 -32.48
CA ARG E 13 -28.10 16.33 -31.31
C ARG E 13 -28.70 14.99 -31.68
N ALA E 14 -28.25 13.93 -31.02
CA ALA E 14 -28.93 12.65 -31.20
C ALA E 14 -29.47 12.11 -29.87
N HIS E 15 -30.56 11.36 -29.95
CA HIS E 15 -31.10 10.68 -28.77
C HIS E 15 -30.58 9.24 -28.64
N THR E 16 -30.61 8.74 -27.42
CA THR E 16 -30.28 7.36 -27.13
C THR E 16 -31.35 6.42 -27.66
N ASN E 17 -30.99 5.16 -27.82
CA ASN E 17 -31.98 4.15 -28.16
C ASN E 17 -31.74 2.91 -27.30
N ILE E 18 -32.83 2.32 -26.84
CA ILE E 18 -32.78 1.03 -26.17
C ILE E 18 -33.24 -0.04 -27.15
N ALA E 19 -32.40 -1.04 -27.42
CA ALA E 19 -32.85 -2.16 -28.25
C ALA E 19 -33.93 -2.92 -27.49
N LEU E 20 -34.99 -3.29 -28.21
CA LEU E 20 -36.03 -4.17 -27.68
C LEU E 20 -35.68 -5.62 -28.02
N ILE E 21 -35.20 -5.82 -29.25
CA ILE E 21 -34.58 -7.04 -29.69
C ILE E 21 -33.09 -6.73 -29.82
N LYS E 22 -32.30 -7.34 -28.93
CA LYS E 22 -30.97 -6.84 -28.63
C LYS E 22 -29.95 -7.08 -29.73
N TYR E 23 -28.98 -6.17 -29.80
CA TYR E 23 -27.74 -6.37 -30.51
C TYR E 23 -26.73 -6.82 -29.45
N TRP E 24 -26.13 -7.98 -29.66
CA TRP E 24 -25.15 -8.52 -28.72
C TRP E 24 -24.07 -9.32 -29.45
N GLY E 25 -22.89 -8.73 -29.60
CA GLY E 25 -21.79 -9.38 -30.28
C GLY E 25 -21.70 -9.02 -31.75
N LYS E 26 -20.47 -8.85 -32.24
CA LYS E 26 -20.25 -8.51 -33.63
C LYS E 26 -19.76 -9.68 -34.48
N ALA E 27 -20.01 -9.61 -35.79
CA ALA E 27 -19.59 -10.67 -36.69
C ALA E 27 -18.19 -10.23 -37.14
N ASP E 28 -17.96 -8.92 -37.14
CA ASP E 28 -16.66 -8.36 -37.51
C ASP E 28 -16.32 -7.23 -36.56
N GLU E 29 -15.20 -7.35 -35.87
CA GLU E 29 -14.88 -6.40 -34.82
C GLU E 29 -14.49 -5.04 -35.43
N THR E 30 -13.78 -5.09 -36.54
CA THR E 30 -13.21 -3.91 -37.19
C THR E 30 -14.22 -2.97 -37.89
N TYR E 31 -15.24 -3.54 -38.50
CA TYR E 31 -16.24 -2.72 -39.18
C TYR E 31 -17.53 -2.66 -38.37
N ILE E 32 -17.56 -3.37 -37.25
CA ILE E 32 -18.76 -3.44 -36.45
C ILE E 32 -19.94 -3.91 -37.32
N ILE E 33 -19.85 -5.14 -37.84
CA ILE E 33 -20.99 -5.85 -38.43
C ILE E 33 -21.56 -6.81 -37.38
N PRO E 34 -22.86 -6.76 -37.12
CA PRO E 34 -23.39 -7.52 -35.98
C PRO E 34 -23.71 -8.98 -36.33
N MET E 35 -23.89 -9.81 -35.30
CA MET E 35 -24.22 -11.23 -35.49
C MET E 35 -25.71 -11.44 -35.79
N ASN E 36 -26.55 -10.50 -35.36
CA ASN E 36 -27.96 -10.54 -35.75
C ASN E 36 -28.53 -9.16 -36.03
N ASN E 37 -29.73 -9.13 -36.60
CA ASN E 37 -30.49 -7.88 -36.65
C ASN E 37 -30.91 -7.48 -35.24
N SER E 38 -31.10 -6.19 -35.02
CA SER E 38 -31.61 -5.69 -33.75
C SER E 38 -32.73 -4.70 -34.05
N LEU E 39 -33.52 -4.38 -33.03
CA LEU E 39 -34.69 -3.50 -33.14
C LEU E 39 -34.74 -2.55 -31.94
N SER E 40 -34.61 -1.24 -32.17
CA SER E 40 -34.73 -0.32 -31.02
C SER E 40 -35.89 0.70 -31.06
N VAL E 41 -36.12 1.35 -29.93
CA VAL E 41 -36.92 2.57 -29.87
C VAL E 41 -36.05 3.73 -29.36
N THR E 42 -36.24 4.91 -29.96
CA THR E 42 -35.44 6.09 -29.63
C THR E 42 -36.13 6.97 -28.56
N LEU E 43 -35.37 7.42 -27.55
CA LEU E 43 -35.94 8.11 -26.37
C LEU E 43 -35.82 9.63 -26.32
N ASP E 44 -36.94 10.30 -26.09
CA ASP E 44 -37.02 11.76 -26.05
C ASP E 44 -36.12 12.39 -24.96
N ARG E 45 -36.03 11.73 -23.81
CA ARG E 45 -35.48 12.37 -22.62
C ARG E 45 -33.95 12.43 -22.54
N PHE E 46 -33.28 11.47 -23.18
CA PHE E 46 -31.84 11.34 -23.08
C PHE E 46 -31.20 11.60 -24.44
N TYR E 47 -30.10 12.35 -24.45
CA TYR E 47 -29.49 12.70 -25.71
C TYR E 47 -28.08 13.22 -25.52
N THR E 48 -27.43 13.43 -26.65
CA THR E 48 -26.12 14.03 -26.66
C THR E 48 -26.08 15.15 -27.68
N GLU E 49 -25.42 16.24 -27.29
CA GLU E 49 -25.15 17.34 -28.20
C GLU E 49 -23.64 17.38 -28.40
N THR E 50 -23.23 17.42 -29.66
CA THR E 50 -21.83 17.33 -30.00
C THR E 50 -21.45 18.35 -31.06
N LYS E 51 -20.34 19.04 -30.84
CA LYS E 51 -19.83 19.98 -31.82
C LYS E 51 -18.48 19.49 -32.29
N VAL E 52 -18.30 19.46 -33.61
CA VAL E 52 -17.02 19.08 -34.17
C VAL E 52 -16.44 20.27 -34.94
N THR E 53 -15.13 20.49 -34.82
CA THR E 53 -14.46 21.59 -35.52
C THR E 53 -13.14 21.15 -36.15
N PHE E 54 -13.04 21.26 -37.47
CA PHE E 54 -11.79 20.91 -38.16
C PHE E 54 -10.94 22.15 -38.44
N ASP E 55 -9.70 22.14 -37.95
CA ASP E 55 -8.76 23.24 -38.13
C ASP E 55 -7.40 22.69 -38.58
N PRO E 56 -6.90 23.18 -39.72
CA PRO E 56 -5.59 22.83 -40.33
C PRO E 56 -4.42 23.06 -39.37
N ASP E 57 -4.68 23.84 -38.32
CA ASP E 57 -3.73 24.06 -37.25
C ASP E 57 -3.60 22.85 -36.34
N PHE E 58 -4.69 22.11 -36.17
CA PHE E 58 -4.71 20.96 -35.27
C PHE E 58 -3.82 19.81 -35.74
N THR E 59 -3.06 19.25 -34.80
CA THR E 59 -2.04 18.24 -35.10
C THR E 59 -2.48 16.83 -34.69
N GLU E 60 -3.33 16.76 -33.67
CA GLU E 60 -3.97 15.51 -33.25
C GLU E 60 -5.44 15.81 -32.99
N ASP E 61 -6.27 14.79 -32.81
CA ASP E 61 -7.67 15.07 -32.48
C ASP E 61 -7.88 15.23 -30.99
N CYS E 62 -8.93 15.93 -30.61
CA CYS E 62 -9.19 16.17 -29.19
C CYS E 62 -10.68 16.19 -28.83
N LEU E 63 -11.05 15.29 -27.94
CA LEU E 63 -12.43 15.23 -27.48
C LEU E 63 -12.53 15.82 -26.09
N ILE E 64 -13.38 16.84 -25.95
CA ILE E 64 -13.74 17.35 -24.63
C ILE E 64 -15.13 16.80 -24.27
N LEU E 65 -15.20 16.00 -23.21
CA LEU E 65 -16.45 15.33 -22.89
C LEU E 65 -16.99 15.79 -21.55
N ASN E 66 -18.15 16.46 -21.61
CA ASN E 66 -18.76 17.01 -20.43
C ASN E 66 -17.88 18.10 -19.79
N GLY E 67 -17.01 18.69 -20.60
CA GLY E 67 -16.20 19.82 -20.16
C GLY E 67 -14.79 19.42 -19.75
N ASN E 68 -14.51 18.12 -19.71
CA ASN E 68 -13.17 17.63 -19.37
C ASN E 68 -12.50 16.89 -20.50
N GLU E 69 -11.24 17.25 -20.75
CA GLU E 69 -10.39 16.44 -21.61
C GLU E 69 -10.39 15.01 -21.09
N VAL E 70 -10.45 14.05 -22.01
CA VAL E 70 -10.56 12.65 -21.65
C VAL E 70 -9.17 12.00 -21.50
N ASN E 71 -9.15 10.74 -21.07
CA ASN E 71 -7.90 10.02 -20.91
C ASN E 71 -7.38 9.41 -22.21
N ALA E 72 -6.13 8.92 -22.16
CA ALA E 72 -5.42 8.43 -23.34
C ALA E 72 -6.11 7.27 -24.05
N LYS E 73 -6.88 6.49 -23.30
CA LYS E 73 -7.60 5.37 -23.89
C LYS E 73 -8.76 5.90 -24.76
N GLU E 74 -9.42 6.95 -24.29
CA GLU E 74 -10.53 7.59 -25.02
C GLU E 74 -10.01 8.29 -26.28
N LYS E 75 -8.92 9.04 -26.14
CA LYS E 75 -8.29 9.69 -27.31
C LYS E 75 -8.04 8.70 -28.44
N GLU E 76 -7.34 7.62 -28.15
CA GLU E 76 -7.10 6.58 -29.14
C GLU E 76 -8.40 6.19 -29.82
N LYS E 77 -9.41 5.89 -29.01
CA LYS E 77 -10.72 5.48 -29.50
C LYS E 77 -11.21 6.45 -30.57
N ILE E 78 -11.17 7.72 -30.21
CA ILE E 78 -11.70 8.81 -31.00
C ILE E 78 -10.85 9.08 -32.24
N GLN E 79 -9.53 8.93 -32.13
CA GLN E 79 -8.64 9.18 -33.28
C GLN E 79 -8.86 8.15 -34.37
N ASN E 80 -9.02 6.89 -33.97
CA ASN E 80 -9.33 5.83 -34.92
C ASN E 80 -10.62 6.10 -35.66
N TYR E 81 -11.61 6.63 -34.93
CA TYR E 81 -12.87 6.97 -35.55
C TYR E 81 -12.73 8.18 -36.47
N MET E 82 -12.04 9.21 -36.00
CA MET E 82 -11.68 10.32 -36.87
C MET E 82 -10.93 9.83 -38.13
N ASN E 83 -10.07 8.82 -38.01
CA ASN E 83 -9.42 8.28 -39.22
C ASN E 83 -10.45 7.83 -40.25
N ILE E 84 -11.43 7.06 -39.81
CA ILE E 84 -12.52 6.63 -40.66
C ILE E 84 -13.21 7.83 -41.35
N VAL E 85 -13.54 8.86 -40.56
CA VAL E 85 -14.13 10.07 -41.11
C VAL E 85 -13.23 10.77 -42.14
N ARG E 86 -11.92 10.74 -41.92
CA ARG E 86 -11.01 11.43 -42.82
C ARG E 86 -10.95 10.76 -44.19
N ASP E 87 -11.01 9.43 -44.20
CA ASP E 87 -10.90 8.67 -45.44
C ASP E 87 -12.18 8.84 -46.24
N LEU E 88 -13.30 8.87 -45.53
CA LEU E 88 -14.60 9.01 -46.17
C LEU E 88 -14.69 10.34 -46.91
N ALA E 89 -14.24 11.41 -46.25
CA ALA E 89 -14.32 12.77 -46.78
C ALA E 89 -13.14 13.15 -47.69
N GLY E 90 -12.10 12.33 -47.70
CA GLY E 90 -10.91 12.66 -48.45
C GLY E 90 -10.23 13.95 -47.99
N ASN E 91 -9.97 14.07 -46.70
CA ASN E 91 -9.11 15.13 -46.19
C ASN E 91 -8.23 14.70 -45.01
N ARG E 92 -7.40 15.61 -44.52
CA ARG E 92 -6.39 15.27 -43.51
C ARG E 92 -6.52 16.10 -42.24
N LEU E 93 -7.62 16.85 -42.14
CA LEU E 93 -7.77 17.79 -41.04
C LEU E 93 -8.02 17.10 -39.71
N HIS E 94 -7.38 17.61 -38.66
CA HIS E 94 -7.63 17.11 -37.31
C HIS E 94 -8.75 17.90 -36.66
N ALA E 95 -9.56 17.23 -35.84
CA ALA E 95 -10.74 17.88 -35.28
C ALA E 95 -10.69 18.07 -33.76
N ARG E 96 -11.52 19.02 -33.29
CA ARG E 96 -11.81 19.19 -31.88
C ARG E 96 -13.28 18.85 -31.67
N ILE E 97 -13.53 17.91 -30.78
CA ILE E 97 -14.88 17.47 -30.48
C ILE E 97 -15.26 17.97 -29.10
N GLU E 98 -16.34 18.73 -29.04
CA GLU E 98 -16.90 19.19 -27.77
C GLU E 98 -18.27 18.54 -27.63
N SER E 99 -18.45 17.71 -26.61
CA SER E 99 -19.73 17.00 -26.49
C SER E 99 -20.32 16.99 -25.09
N GLU E 100 -21.65 17.09 -25.02
CA GLU E 100 -22.40 17.11 -23.77
C GLU E 100 -23.33 15.89 -23.68
N ASN E 101 -23.18 15.08 -22.65
CA ASN E 101 -24.12 13.97 -22.42
C ASN E 101 -25.29 14.32 -21.51
N TYR E 102 -26.49 14.43 -22.10
CA TYR E 102 -27.69 14.62 -21.28
C TYR E 102 -28.31 13.25 -20.96
N VAL E 103 -27.56 12.50 -20.14
CA VAL E 103 -27.70 11.05 -19.98
C VAL E 103 -26.52 10.72 -19.10
N PRO E 104 -26.51 9.53 -18.48
CA PRO E 104 -25.33 9.19 -17.67
C PRO E 104 -24.48 8.42 -18.66
N THR E 105 -23.16 8.57 -18.57
CA THR E 105 -22.27 8.03 -19.58
C THR E 105 -21.58 6.70 -19.18
N ALA E 106 -21.52 5.75 -20.11
CA ALA E 106 -20.94 4.43 -19.85
C ALA E 106 -21.64 3.65 -18.74
N ALA E 107 -22.94 3.86 -18.57
CA ALA E 107 -23.66 3.23 -17.45
C ALA E 107 -24.74 2.23 -17.86
N GLY E 108 -24.92 2.02 -19.16
CA GLY E 108 -25.95 1.11 -19.63
C GLY E 108 -27.24 1.85 -19.96
N LEU E 109 -27.10 3.11 -20.35
CA LEU E 109 -28.25 3.89 -20.83
C LEU E 109 -28.00 4.39 -22.24
N ALA E 110 -27.05 3.73 -22.92
CA ALA E 110 -26.81 3.91 -24.35
C ALA E 110 -26.14 5.25 -24.70
N SER E 111 -25.31 5.76 -23.81
CA SER E 111 -24.61 7.01 -24.04
C SER E 111 -23.79 6.95 -25.33
N SER E 112 -23.43 5.75 -25.73
CA SER E 112 -22.65 5.55 -26.95
C SER E 112 -23.49 5.64 -28.22
N ALA E 113 -24.76 5.24 -28.12
CA ALA E 113 -25.67 5.28 -29.26
C ALA E 113 -25.84 6.74 -29.68
N SER E 114 -26.31 7.56 -28.75
CA SER E 114 -26.50 8.97 -29.02
C SER E 114 -25.18 9.62 -29.43
N ALA E 115 -24.10 9.32 -28.70
CA ALA E 115 -22.78 9.87 -28.97
C ALA E 115 -22.32 9.74 -30.42
N TYR E 116 -22.24 8.53 -30.94
CA TYR E 116 -21.67 8.45 -32.27
C TYR E 116 -22.68 8.88 -33.36
N ALA E 117 -23.97 8.78 -33.04
CA ALA E 117 -24.97 9.37 -33.94
C ALA E 117 -24.78 10.90 -34.03
N ALA E 118 -24.81 11.58 -32.88
CA ALA E 118 -24.54 13.00 -32.83
C ALA E 118 -23.26 13.34 -33.61
N LEU E 119 -22.18 12.61 -33.34
CA LEU E 119 -20.88 12.92 -33.94
C LEU E 119 -20.85 12.74 -35.45
N ALA E 120 -21.46 11.68 -35.96
CA ALA E 120 -21.43 11.41 -37.40
C ALA E 120 -22.23 12.50 -38.10
N ALA E 121 -23.38 12.79 -37.51
CA ALA E 121 -24.28 13.84 -37.97
C ALA E 121 -23.56 15.17 -38.04
N ALA E 122 -22.72 15.46 -37.05
CA ALA E 122 -22.03 16.75 -36.95
C ALA E 122 -20.89 16.89 -37.96
N CYS E 123 -20.19 15.80 -38.26
CA CYS E 123 -19.15 15.80 -39.27
C CYS E 123 -19.77 15.91 -40.65
N ASN E 124 -20.87 15.19 -40.84
CA ASN E 124 -21.58 15.22 -42.09
C ASN E 124 -21.96 16.66 -42.45
N GLU E 125 -22.32 17.44 -41.43
CA GLU E 125 -22.69 18.85 -41.60
C GLU E 125 -21.46 19.73 -41.82
N ALA E 126 -20.51 19.69 -40.87
CA ALA E 126 -19.30 20.50 -40.96
C ALA E 126 -18.48 20.25 -42.24
N LEU E 127 -18.58 19.05 -42.80
CA LEU E 127 -17.85 18.75 -44.03
C LEU E 127 -18.80 18.67 -45.23
N SER E 128 -20.07 18.96 -44.98
CA SER E 128 -21.10 19.02 -46.03
C SER E 128 -21.06 17.82 -46.97
N LEU E 129 -21.05 16.62 -46.38
CA LEU E 129 -20.96 15.36 -47.11
C LEU E 129 -22.29 14.96 -47.74
N ASN E 130 -23.36 15.60 -47.28
CA ASN E 130 -24.71 15.31 -47.81
C ASN E 130 -25.01 13.80 -47.85
N LEU E 131 -24.75 13.12 -46.74
CA LEU E 131 -24.86 11.67 -46.70
C LEU E 131 -26.31 11.23 -46.64
N SER E 132 -26.67 10.27 -47.49
CA SER E 132 -27.96 9.59 -47.35
C SER E 132 -28.17 9.09 -45.90
N ASP E 133 -29.41 9.01 -45.46
CA ASP E 133 -29.70 8.44 -44.14
C ASP E 133 -29.08 7.05 -43.98
N THR E 134 -28.99 6.31 -45.08
CA THR E 134 -28.33 5.03 -45.03
C THR E 134 -26.83 5.22 -44.79
N ASP E 135 -26.23 6.11 -45.57
CA ASP E 135 -24.80 6.33 -45.46
C ASP E 135 -24.38 6.92 -44.12
N LEU E 136 -25.28 7.67 -43.49
CA LEU E 136 -25.02 8.23 -42.16
C LEU E 136 -25.08 7.15 -41.09
N SER E 137 -26.04 6.24 -41.24
CA SER E 137 -26.22 5.04 -40.41
C SER E 137 -24.96 4.18 -40.43
N ARG E 138 -24.52 3.83 -41.64
CA ARG E 138 -23.26 3.16 -41.82
C ARG E 138 -22.13 3.94 -41.13
N LEU E 139 -22.16 5.26 -41.14
CA LEU E 139 -21.08 6.01 -40.49
C LEU E 139 -21.11 5.89 -38.95
N ALA E 140 -22.29 6.12 -38.36
CA ALA E 140 -22.45 5.95 -36.91
C ALA E 140 -22.07 4.54 -36.46
N ARG E 141 -22.48 3.56 -37.26
CA ARG E 141 -22.23 2.16 -37.01
C ARG E 141 -20.75 1.89 -36.72
N ARG E 142 -19.87 2.61 -37.42
CA ARG E 142 -18.42 2.44 -37.26
C ARG E 142 -17.87 2.92 -35.92
N GLY E 143 -18.67 3.66 -35.16
CA GLY E 143 -18.20 4.18 -33.88
C GLY E 143 -18.84 3.41 -32.75
N SER E 144 -20.12 3.13 -32.91
CA SER E 144 -20.85 2.29 -31.97
C SER E 144 -21.98 1.63 -32.74
N GLY E 145 -21.95 0.30 -32.84
CA GLY E 145 -22.98 -0.42 -33.54
C GLY E 145 -24.37 0.18 -33.32
N SER E 146 -24.76 0.36 -32.07
CA SER E 146 -26.09 0.89 -31.77
C SER E 146 -26.27 2.37 -32.19
N ALA E 147 -25.19 3.12 -32.36
CA ALA E 147 -25.34 4.50 -32.84
C ALA E 147 -26.09 4.46 -34.17
N SER E 148 -25.91 3.37 -34.92
CA SER E 148 -26.49 3.28 -36.25
C SER E 148 -28.01 3.50 -36.24
N ARG E 149 -28.67 3.12 -35.13
CA ARG E 149 -30.13 3.24 -35.03
C ARG E 149 -30.57 4.64 -34.57
N SER E 150 -29.66 5.38 -33.94
CA SER E 150 -30.02 6.67 -33.36
C SER E 150 -30.16 7.79 -34.40
N ILE E 151 -29.82 7.45 -35.64
CA ILE E 151 -30.11 8.32 -36.76
C ILE E 151 -31.61 8.56 -36.85
N PHE E 152 -32.39 7.57 -36.44
CA PHE E 152 -33.84 7.61 -36.60
C PHE E 152 -34.57 7.72 -35.27
N GLY E 153 -35.80 8.25 -35.31
CA GLY E 153 -36.68 8.27 -34.15
C GLY E 153 -37.61 7.06 -34.18
N GLY E 154 -38.50 6.96 -33.20
CA GLY E 154 -39.44 5.84 -33.13
C GLY E 154 -38.73 4.50 -33.21
N PHE E 155 -39.44 3.48 -33.65
CA PHE E 155 -38.85 2.15 -33.84
C PHE E 155 -37.82 2.16 -34.96
N ALA E 156 -36.66 1.57 -34.72
CA ALA E 156 -35.67 1.40 -35.79
C ALA E 156 -35.10 -0.03 -35.79
N GLU E 157 -34.57 -0.42 -36.94
CA GLU E 157 -34.01 -1.75 -37.11
C GLU E 157 -32.67 -1.68 -37.82
N TRP E 158 -31.67 -2.28 -37.19
CA TRP E 158 -30.35 -2.40 -37.79
C TRP E 158 -30.31 -3.75 -38.50
N GLU E 159 -30.16 -3.70 -39.82
CA GLU E 159 -30.07 -4.92 -40.64
C GLU E 159 -28.61 -5.34 -40.72
N LYS E 160 -28.32 -6.60 -40.47
CA LYS E 160 -26.94 -6.97 -40.18
C LYS E 160 -26.05 -7.02 -41.42
N GLY E 161 -26.65 -7.23 -42.58
CA GLY E 161 -25.87 -7.36 -43.80
C GLY E 161 -24.72 -8.36 -43.67
N HIS E 162 -23.70 -8.16 -44.50
CA HIS E 162 -22.59 -9.11 -44.62
C HIS E 162 -21.27 -8.38 -44.95
N ASP E 163 -21.37 -7.07 -45.13
CA ASP E 163 -20.21 -6.21 -45.27
C ASP E 163 -20.54 -4.75 -44.94
N ASP E 164 -19.55 -3.88 -45.08
CA ASP E 164 -19.67 -2.46 -44.76
C ASP E 164 -20.77 -1.72 -45.54
N LEU E 165 -21.14 -2.20 -46.73
CA LEU E 165 -22.15 -1.50 -47.52
C LEU E 165 -23.58 -1.89 -47.16
N THR E 166 -23.76 -3.10 -46.66
CA THR E 166 -25.10 -3.63 -46.46
C THR E 166 -25.54 -3.67 -45.00
N SER E 167 -24.62 -3.33 -44.09
CA SER E 167 -24.93 -3.31 -42.67
C SER E 167 -25.23 -1.88 -42.20
N TYR E 168 -26.51 -1.62 -41.93
CA TYR E 168 -26.99 -0.28 -41.60
C TYR E 168 -28.44 -0.37 -41.14
N ALA E 169 -28.98 0.74 -40.67
CA ALA E 169 -30.34 0.76 -40.11
C ALA E 169 -31.32 1.63 -40.92
N HIS E 170 -32.59 1.53 -40.53
CA HIS E 170 -33.68 2.26 -41.16
C HIS E 170 -34.82 2.29 -40.16
N GLY E 171 -35.54 3.41 -40.11
CA GLY E 171 -36.76 3.51 -39.32
C GLY E 171 -37.77 2.45 -39.76
N ILE E 172 -38.69 2.17 -38.86
CA ILE E 172 -39.75 1.22 -39.13
C ILE E 172 -41.08 1.90 -38.89
N ASN E 173 -42.01 1.72 -39.81
CA ASN E 173 -43.31 2.34 -39.68
C ASN E 173 -44.11 1.73 -38.52
N SER E 174 -44.54 2.56 -37.59
CA SER E 174 -45.27 2.10 -36.41
C SER E 174 -46.66 2.72 -36.31
N ASN E 175 -47.08 3.39 -37.39
CA ASN E 175 -48.36 4.12 -37.39
C ASN E 175 -48.62 4.89 -36.12
N GLY E 176 -47.59 5.59 -35.66
CA GLY E 176 -47.66 6.46 -34.49
C GLY E 176 -47.92 5.71 -33.18
N TRP E 177 -47.58 4.43 -33.14
CA TRP E 177 -47.72 3.68 -31.89
C TRP E 177 -46.85 4.30 -30.80
N GLU E 178 -45.68 4.78 -31.21
CA GLU E 178 -44.72 5.37 -30.28
C GLU E 178 -45.28 6.58 -29.51
N LYS E 179 -46.36 7.16 -30.03
CA LYS E 179 -47.00 8.31 -29.42
C LYS E 179 -47.82 7.86 -28.23
N ASP E 180 -48.23 6.60 -28.26
CA ASP E 180 -49.00 6.01 -27.18
C ASP E 180 -48.11 5.34 -26.13
N LEU E 181 -46.84 5.13 -26.46
CA LEU E 181 -45.94 4.40 -25.57
C LEU E 181 -45.01 5.29 -24.71
N SER E 182 -44.51 4.71 -23.64
CA SER E 182 -43.60 5.40 -22.75
C SER E 182 -42.59 4.40 -22.21
N MET E 183 -41.38 4.86 -21.94
CA MET E 183 -40.39 4.03 -21.24
C MET E 183 -40.05 4.59 -19.86
N ILE E 184 -40.11 3.74 -18.83
CA ILE E 184 -39.78 4.13 -17.46
C ILE E 184 -38.41 3.61 -17.02
N PHE E 185 -37.47 4.53 -16.80
CA PHE E 185 -36.12 4.16 -16.40
C PHE E 185 -35.97 4.04 -14.89
N VAL E 186 -35.55 2.86 -14.44
CA VAL E 186 -35.16 2.66 -13.05
C VAL E 186 -33.62 2.77 -12.95
N VAL E 187 -33.15 3.97 -12.61
CA VAL E 187 -31.72 4.22 -12.57
C VAL E 187 -31.10 3.71 -11.27
N ILE E 188 -30.50 2.53 -11.33
CA ILE E 188 -29.96 1.89 -10.17
C ILE E 188 -28.51 2.30 -9.95
N ASN E 189 -27.84 2.67 -11.04
CA ASN E 189 -26.44 3.07 -10.97
C ASN E 189 -26.00 4.04 -12.08
N ASN E 190 -26.01 5.32 -11.73
CA ASN E 190 -25.55 6.44 -12.54
C ASN E 190 -24.14 6.28 -13.10
N GLN E 191 -23.36 5.36 -12.53
CA GLN E 191 -21.90 5.35 -12.69
C GLN E 191 -21.40 4.44 -13.80
N SER E 192 -20.15 4.67 -14.22
CA SER E 192 -19.52 3.87 -15.27
C SER E 192 -19.56 2.35 -15.00
N LYS E 193 -19.60 1.60 -16.10
CA LYS E 193 -19.52 0.14 -16.07
C LYS E 193 -18.14 -0.34 -15.72
N LYS E 194 -18.07 -1.53 -15.15
CA LYS E 194 -16.78 -2.19 -14.95
C LYS E 194 -16.46 -2.92 -16.25
N VAL E 195 -17.50 -3.29 -16.99
CA VAL E 195 -17.32 -4.06 -18.21
C VAL E 195 -18.04 -3.40 -19.39
N SER E 196 -17.30 -2.63 -20.19
CA SER E 196 -17.91 -1.93 -21.30
C SER E 196 -18.67 -2.85 -22.25
N SER E 197 -19.73 -2.29 -22.86
CA SER E 197 -20.50 -3.00 -23.86
C SER E 197 -19.61 -3.71 -24.88
N ARG E 198 -18.59 -3.01 -25.35
CA ARG E 198 -17.74 -3.56 -26.39
C ARG E 198 -16.97 -4.80 -25.92
N SER E 199 -16.27 -4.71 -24.79
CA SER E 199 -15.48 -5.87 -24.35
C SER E 199 -16.39 -6.99 -23.83
N GLY E 200 -17.52 -6.63 -23.22
CA GLY E 200 -18.46 -7.62 -22.71
C GLY E 200 -18.96 -8.46 -23.87
N MET E 201 -19.56 -7.75 -24.83
CA MET E 201 -20.07 -8.32 -26.08
C MET E 201 -19.04 -9.26 -26.74
N SER E 202 -17.81 -8.79 -26.82
CA SER E 202 -16.75 -9.49 -27.51
C SER E 202 -16.49 -10.82 -26.81
N LEU E 203 -16.32 -10.73 -25.48
CA LEU E 203 -16.08 -11.91 -24.66
C LEU E 203 -17.22 -12.94 -24.74
N THR E 204 -18.47 -12.47 -24.71
CA THR E 204 -19.60 -13.40 -24.67
C THR E 204 -19.75 -14.07 -26.02
N ARG E 205 -19.55 -13.29 -27.08
CA ARG E 205 -19.69 -13.81 -28.42
C ARG E 205 -18.50 -14.73 -28.78
N ASP E 206 -17.31 -14.36 -28.35
CA ASP E 206 -16.18 -15.26 -28.58
C ASP E 206 -16.27 -16.59 -27.82
N THR E 207 -16.75 -16.60 -26.58
CA THR E 207 -16.65 -17.84 -25.78
C THR E 207 -17.92 -18.46 -25.20
N SER E 208 -19.02 -17.73 -25.15
CA SER E 208 -20.17 -18.21 -24.40
C SER E 208 -20.73 -19.55 -24.87
N ARG E 209 -20.98 -20.43 -23.91
CA ARG E 209 -21.57 -21.72 -24.18
C ARG E 209 -23.06 -21.61 -24.53
N PHE E 210 -23.66 -20.45 -24.28
CA PHE E 210 -25.10 -20.27 -24.58
C PHE E 210 -25.34 -19.40 -25.79
N TYR E 211 -24.27 -19.00 -26.46
CA TYR E 211 -24.43 -18.04 -27.55
C TYR E 211 -25.27 -18.61 -28.73
N GLN E 212 -25.06 -19.88 -29.04
CA GLN E 212 -25.78 -20.51 -30.12
C GLN E 212 -27.28 -20.49 -29.82
N TYR E 213 -27.64 -20.77 -28.57
CA TYR E 213 -29.04 -20.67 -28.14
C TYR E 213 -29.57 -19.29 -28.46
N TRP E 214 -28.78 -18.27 -28.13
CA TRP E 214 -29.18 -16.90 -28.45
C TRP E 214 -29.42 -16.74 -29.96
N LEU E 215 -28.43 -17.11 -30.77
CA LEU E 215 -28.60 -17.12 -32.24
C LEU E 215 -29.83 -17.90 -32.71
N ASP E 216 -30.05 -19.10 -32.17
CA ASP E 216 -31.16 -19.91 -32.65
C ASP E 216 -32.53 -19.22 -32.50
N HIS E 217 -32.65 -18.24 -31.62
CA HIS E 217 -33.97 -17.64 -31.40
C HIS E 217 -34.16 -16.19 -31.82
N VAL E 218 -33.04 -15.50 -32.10
CA VAL E 218 -33.10 -14.07 -32.38
C VAL E 218 -34.06 -13.72 -33.55
N ASP E 219 -33.91 -14.36 -34.71
CA ASP E 219 -34.77 -14.00 -35.83
C ASP E 219 -36.27 -14.26 -35.58
N GLU E 220 -36.60 -15.39 -34.94
CA GLU E 220 -38.01 -15.61 -34.63
C GLU E 220 -38.54 -14.46 -33.79
N ASP E 221 -37.74 -14.02 -32.82
CA ASP E 221 -38.14 -12.96 -31.90
C ASP E 221 -38.39 -11.64 -32.65
N LEU E 222 -37.46 -11.32 -33.53
CA LEU E 222 -37.58 -10.16 -34.41
C LEU E 222 -38.83 -10.23 -35.32
N ASN E 223 -39.12 -11.41 -35.86
CA ASN E 223 -40.32 -11.56 -36.68
C ASN E 223 -41.57 -11.35 -35.85
N GLU E 224 -41.58 -11.96 -34.67
CA GLU E 224 -42.68 -11.80 -33.71
C GLU E 224 -42.87 -10.34 -33.30
N ALA E 225 -41.75 -9.67 -33.06
CA ALA E 225 -41.82 -8.29 -32.62
C ALA E 225 -42.37 -7.40 -33.72
N LYS E 226 -41.83 -7.54 -34.94
CA LYS E 226 -42.28 -6.71 -36.06
C LYS E 226 -43.76 -6.91 -36.36
N GLU E 227 -44.24 -8.14 -36.18
CA GLU E 227 -45.66 -8.42 -36.27
C GLU E 227 -46.48 -7.62 -35.24
N ALA E 228 -45.96 -7.58 -34.02
CA ALA E 228 -46.65 -6.92 -32.92
C ALA E 228 -46.82 -5.43 -33.19
N VAL E 229 -45.78 -4.79 -33.73
CA VAL E 229 -45.90 -3.38 -34.03
C VAL E 229 -46.86 -3.14 -35.21
N LYS E 230 -46.83 -4.01 -36.22
CA LYS E 230 -47.78 -3.94 -37.33
C LYS E 230 -49.23 -4.02 -36.84
N ASN E 231 -49.43 -4.64 -35.69
CA ASN E 231 -50.76 -4.78 -35.12
C ASN E 231 -50.99 -3.88 -33.91
N GLN E 232 -49.94 -3.19 -33.46
CA GLN E 232 -49.98 -2.46 -32.18
C GLN E 232 -50.54 -3.36 -31.06
N ASP E 233 -50.07 -4.61 -31.05
CA ASP E 233 -50.47 -5.59 -30.05
C ASP E 233 -49.45 -5.50 -28.90
N PHE E 234 -49.81 -4.77 -27.85
CA PHE E 234 -48.86 -4.46 -26.77
C PHE E 234 -48.43 -5.68 -25.98
N GLN E 235 -49.39 -6.50 -25.57
CA GLN E 235 -49.07 -7.67 -24.76
C GLN E 235 -48.14 -8.58 -25.52
N ARG E 236 -48.31 -8.60 -26.83
CA ARG E 236 -47.52 -9.47 -27.66
C ARG E 236 -46.09 -8.95 -27.81
N LEU E 237 -45.94 -7.66 -28.08
CA LEU E 237 -44.62 -7.05 -28.11
C LEU E 237 -43.90 -7.26 -26.79
N GLY E 238 -44.62 -6.98 -25.70
CA GLY E 238 -44.06 -7.04 -24.35
C GLY E 238 -43.41 -8.38 -24.10
N GLU E 239 -44.18 -9.45 -24.30
CA GLU E 239 -43.75 -10.80 -24.00
C GLU E 239 -42.49 -11.23 -24.74
N VAL E 240 -42.39 -10.87 -26.01
CA VAL E 240 -41.26 -11.34 -26.77
C VAL E 240 -40.00 -10.55 -26.41
N ILE E 241 -40.08 -9.22 -26.35
CA ILE E 241 -38.88 -8.46 -25.98
C ILE E 241 -38.40 -8.80 -24.56
N GLU E 242 -39.33 -8.98 -23.63
CA GLU E 242 -38.93 -9.31 -22.26
C GLU E 242 -38.14 -10.62 -22.22
N ALA E 243 -38.55 -11.59 -23.02
CA ALA E 243 -37.83 -12.87 -23.08
C ALA E 243 -36.46 -12.69 -23.77
N ASN E 244 -36.48 -11.92 -24.86
CA ASN E 244 -35.28 -11.63 -25.64
C ASN E 244 -34.17 -10.98 -24.80
N GLY E 245 -34.52 -9.93 -24.08
CA GLY E 245 -33.55 -9.27 -23.23
C GLY E 245 -32.96 -10.23 -22.21
N LEU E 246 -33.82 -11.02 -21.57
CA LEU E 246 -33.38 -12.04 -20.61
C LEU E 246 -32.43 -13.07 -21.24
N ARG E 247 -32.86 -13.63 -22.36
CA ARG E 247 -31.98 -14.54 -23.09
C ARG E 247 -30.67 -13.87 -23.47
N MET E 248 -30.68 -12.57 -23.77
CA MET E 248 -29.43 -11.91 -24.12
C MET E 248 -28.43 -11.97 -22.96
N HIS E 249 -28.88 -11.52 -21.79
CA HIS E 249 -28.08 -11.61 -20.57
C HIS E 249 -27.69 -13.04 -20.20
N ALA E 250 -28.56 -14.01 -20.51
CA ALA E 250 -28.24 -15.40 -20.21
C ALA E 250 -26.91 -15.79 -20.85
N THR E 251 -26.65 -15.26 -22.03
CA THR E 251 -25.41 -15.62 -22.72
C THR E 251 -24.18 -15.23 -21.91
N ASN E 252 -24.30 -14.14 -21.14
CA ASN E 252 -23.16 -13.70 -20.32
C ASN E 252 -22.82 -14.69 -19.22
N LEU E 253 -23.85 -15.35 -18.70
CA LEU E 253 -23.69 -16.40 -17.70
C LEU E 253 -22.97 -17.63 -18.29
N GLY E 254 -22.98 -17.74 -19.62
CA GLY E 254 -22.28 -18.84 -20.31
C GLY E 254 -20.88 -18.50 -20.75
N ALA E 255 -20.52 -17.21 -20.65
CA ALA E 255 -19.19 -16.70 -21.00
C ALA E 255 -18.05 -17.34 -20.20
N GLN E 256 -16.83 -17.18 -20.70
CA GLN E 256 -15.69 -17.89 -20.15
C GLN E 256 -14.61 -16.90 -19.71
N PRO E 257 -14.59 -16.53 -18.42
CA PRO E 257 -15.47 -17.00 -17.34
C PRO E 257 -16.72 -16.15 -17.28
N PRO E 258 -17.77 -16.66 -16.64
CA PRO E 258 -19.09 -15.99 -16.75
C PRO E 258 -19.20 -14.67 -15.98
N PHE E 259 -20.28 -13.92 -16.21
CA PHE E 259 -20.40 -12.60 -15.61
C PHE E 259 -21.79 -12.01 -15.85
N THR E 260 -22.15 -10.98 -15.10
CA THR E 260 -23.52 -10.44 -15.16
C THR E 260 -23.54 -8.94 -14.94
N TYR E 261 -24.52 -8.29 -15.54
CA TYR E 261 -24.68 -6.86 -15.31
C TYR E 261 -25.73 -6.61 -14.25
N LEU E 262 -26.45 -7.65 -13.88
CA LEU E 262 -27.59 -7.48 -12.99
C LEU E 262 -27.19 -7.47 -11.51
N VAL E 263 -27.76 -6.55 -10.73
CA VAL E 263 -27.64 -6.64 -9.28
C VAL E 263 -28.97 -7.00 -8.62
N GLN E 264 -28.93 -7.20 -7.30
CA GLN E 264 -30.13 -7.56 -6.58
C GLN E 264 -31.27 -6.57 -6.90
N GLU E 265 -30.93 -5.29 -6.98
CA GLU E 265 -31.93 -4.26 -7.27
C GLU E 265 -32.58 -4.41 -8.67
N SER E 266 -31.87 -5.03 -9.59
CA SER E 266 -32.40 -5.27 -10.92
C SER E 266 -33.57 -6.25 -10.84
N TYR E 267 -33.34 -7.36 -10.15
CA TYR E 267 -34.38 -8.36 -9.89
C TYR E 267 -35.55 -7.78 -9.13
N ASP E 268 -35.25 -6.94 -8.13
CA ASP E 268 -36.30 -6.23 -7.40
C ASP E 268 -37.21 -5.52 -8.40
N ALA E 269 -36.60 -4.76 -9.31
CA ALA E 269 -37.34 -4.03 -10.32
C ALA E 269 -38.18 -4.98 -11.17
N MET E 270 -37.61 -6.11 -11.56
CA MET E 270 -38.35 -7.06 -12.37
C MET E 270 -39.55 -7.58 -11.58
N ALA E 271 -39.31 -7.86 -10.30
CA ALA E 271 -40.38 -8.29 -9.40
C ALA E 271 -41.58 -7.36 -9.40
N ILE E 272 -41.32 -6.05 -9.39
CA ILE E 272 -42.38 -5.05 -9.42
C ILE E 272 -43.13 -5.03 -10.74
N VAL E 273 -42.41 -5.13 -11.86
CA VAL E 273 -43.06 -5.18 -13.17
C VAL E 273 -44.11 -6.29 -13.17
N GLU E 274 -43.69 -7.49 -12.81
CA GLU E 274 -44.64 -8.60 -12.68
C GLU E 274 -45.80 -8.30 -11.71
N GLN E 275 -45.52 -7.70 -10.56
CA GLN E 275 -46.59 -7.35 -9.63
C GLN E 275 -47.63 -6.45 -10.29
N CYS E 276 -47.16 -5.51 -11.11
CA CYS E 276 -48.03 -4.62 -11.87
C CYS E 276 -48.97 -5.43 -12.76
N ARG E 277 -48.39 -6.19 -13.67
CA ARG E 277 -49.14 -7.07 -14.54
C ARG E 277 -50.23 -7.89 -13.82
N LYS E 278 -49.95 -8.32 -12.59
CA LYS E 278 -50.94 -9.06 -11.82
C LYS E 278 -52.00 -8.14 -11.20
N ALA E 279 -51.66 -6.86 -11.02
CA ALA E 279 -52.65 -5.85 -10.62
C ALA E 279 -53.24 -5.19 -11.86
N ASN E 280 -53.13 -5.88 -12.99
CA ASN E 280 -53.73 -5.43 -14.22
C ASN E 280 -53.13 -4.13 -14.77
N LEU E 281 -51.80 -4.07 -14.80
CA LEU E 281 -51.11 -2.95 -15.42
C LEU E 281 -50.04 -3.51 -16.34
N PRO E 282 -50.40 -3.75 -17.61
CA PRO E 282 -49.43 -4.36 -18.53
C PRO E 282 -48.17 -3.52 -18.66
N CYS E 283 -47.01 -4.19 -18.61
CA CYS E 283 -45.72 -3.54 -18.79
C CYS E 283 -44.64 -4.61 -18.75
N TYR E 284 -43.52 -4.33 -19.39
CA TYR E 284 -42.50 -5.35 -19.63
C TYR E 284 -41.13 -4.71 -19.49
N PHE E 285 -40.14 -5.49 -19.09
CA PHE E 285 -38.84 -4.90 -18.85
C PHE E 285 -37.77 -5.33 -19.86
N THR E 286 -36.67 -4.57 -19.87
CA THR E 286 -35.48 -4.92 -20.65
C THR E 286 -34.25 -4.20 -20.05
N MET E 287 -33.13 -4.92 -19.90
CA MET E 287 -31.88 -4.29 -19.49
C MET E 287 -30.96 -4.15 -20.70
N ALA E 288 -30.36 -2.96 -20.86
CA ALA E 288 -29.20 -2.82 -21.72
C ALA E 288 -28.00 -3.30 -20.88
N ALA E 289 -26.78 -3.00 -21.32
CA ALA E 289 -25.60 -3.48 -20.60
C ALA E 289 -25.22 -2.77 -19.31
N GLY E 290 -26.00 -3.06 -18.27
CA GLY E 290 -25.91 -2.35 -17.01
C GLY E 290 -27.00 -2.90 -16.14
N PRO E 291 -27.01 -2.49 -14.86
CA PRO E 291 -27.98 -2.92 -13.83
C PRO E 291 -29.29 -2.18 -13.90
N ASN E 292 -29.36 -1.20 -14.81
CA ASN E 292 -30.54 -0.35 -14.91
C ASN E 292 -31.66 -1.05 -15.68
N VAL E 293 -32.89 -0.88 -15.20
CA VAL E 293 -34.00 -1.59 -15.79
C VAL E 293 -34.96 -0.61 -16.46
N LYS E 294 -35.33 -0.95 -17.70
CA LYS E 294 -36.25 -0.13 -18.47
C LYS E 294 -37.60 -0.82 -18.60
N VAL E 295 -38.65 -0.10 -18.28
CA VAL E 295 -40.00 -0.64 -18.30
C VAL E 295 -40.78 0.02 -19.41
N LEU E 296 -41.09 -0.75 -20.45
CA LEU E 296 -42.00 -0.29 -21.49
C LEU E 296 -43.44 -0.34 -20.95
N VAL E 297 -44.23 0.69 -21.28
CA VAL E 297 -45.55 0.89 -20.68
C VAL E 297 -46.37 1.87 -21.52
N GLU E 298 -47.68 1.60 -21.68
CA GLU E 298 -48.56 2.53 -22.40
C GLU E 298 -48.82 3.80 -21.57
N LYS E 299 -48.87 4.95 -22.25
CA LYS E 299 -49.02 6.24 -21.57
C LYS E 299 -50.16 6.27 -20.56
N LYS E 300 -51.22 5.50 -20.81
CA LYS E 300 -52.37 5.50 -19.89
C LYS E 300 -52.08 4.77 -18.57
N ASN E 301 -51.04 3.93 -18.56
CA ASN E 301 -50.70 3.19 -17.35
C ASN E 301 -49.44 3.75 -16.68
N LYS E 302 -48.75 4.64 -17.38
CA LYS E 302 -47.47 5.17 -16.91
C LYS E 302 -47.50 5.53 -15.42
N GLN E 303 -48.33 6.50 -15.06
CA GLN E 303 -48.37 6.98 -13.68
C GLN E 303 -48.60 5.87 -12.65
N ALA E 304 -49.50 4.92 -12.95
CA ALA E 304 -49.82 3.86 -11.99
C ALA E 304 -48.66 2.86 -11.80
N VAL E 305 -48.02 2.49 -12.90
CA VAL E 305 -46.82 1.67 -12.81
C VAL E 305 -45.74 2.38 -11.99
N MET E 306 -45.52 3.67 -12.26
CA MET E 306 -44.56 4.47 -11.49
C MET E 306 -44.83 4.50 -9.96
N GLU E 307 -46.08 4.69 -9.56
CA GLU E 307 -46.43 4.69 -8.14
C GLU E 307 -46.01 3.38 -7.47
N GLN E 308 -45.98 2.29 -8.23
CA GLN E 308 -45.50 1.02 -7.69
C GLN E 308 -43.99 1.10 -7.39
N PHE E 309 -43.25 1.65 -8.33
CA PHE E 309 -41.80 1.73 -8.19
C PHE E 309 -41.40 2.70 -7.10
N LEU E 310 -42.15 3.79 -6.96
CA LEU E 310 -41.90 4.78 -5.92
C LEU E 310 -42.09 4.21 -4.50
N LYS E 311 -42.82 3.11 -4.38
CA LYS E 311 -42.97 2.48 -3.07
C LYS E 311 -41.68 1.81 -2.60
N VAL E 312 -40.74 1.63 -3.54
CA VAL E 312 -39.48 0.94 -3.24
C VAL E 312 -38.26 1.82 -3.51
N PHE E 313 -38.31 2.60 -4.59
CA PHE E 313 -37.15 3.36 -5.05
C PHE E 313 -37.29 4.84 -4.82
N ASP E 314 -36.20 5.48 -4.45
CA ASP E 314 -36.17 6.94 -4.40
C ASP E 314 -36.62 7.51 -5.73
N GLU E 315 -37.27 8.67 -5.69
CA GLU E 315 -37.84 9.27 -6.88
C GLU E 315 -36.77 9.71 -7.87
N SER E 316 -35.60 10.06 -7.33
CA SER E 316 -34.49 10.53 -8.17
C SER E 316 -34.05 9.43 -9.14
N LYS E 317 -34.35 8.18 -8.81
CA LYS E 317 -33.97 7.02 -9.63
C LYS E 317 -35.02 6.63 -10.69
N ILE E 318 -36.19 7.26 -10.67
CA ILE E 318 -37.29 6.87 -11.56
C ILE E 318 -37.67 7.96 -12.56
N ILE E 319 -37.36 7.74 -13.84
CA ILE E 319 -37.54 8.75 -14.88
C ILE E 319 -38.24 8.25 -16.15
N ALA E 320 -39.41 8.83 -16.43
CA ALA E 320 -40.17 8.50 -17.62
C ALA E 320 -39.65 9.22 -18.86
N SER E 321 -39.90 8.62 -20.03
CA SER E 321 -39.51 9.22 -21.29
C SER E 321 -40.53 8.85 -22.36
N ASP E 322 -40.90 9.83 -23.17
CA ASP E 322 -41.68 9.55 -24.37
C ASP E 322 -40.76 8.86 -25.38
N ILE E 323 -41.34 8.06 -26.27
CA ILE E 323 -40.59 7.67 -27.46
C ILE E 323 -40.66 8.86 -28.41
N ILE E 324 -39.51 9.45 -28.75
CA ILE E 324 -39.48 10.58 -29.68
C ILE E 324 -39.64 10.10 -31.12
N SER E 325 -40.42 10.85 -31.92
CA SER E 325 -40.75 10.43 -33.29
C SER E 325 -39.70 10.86 -34.32
N SER E 326 -38.98 11.94 -34.01
CA SER E 326 -38.04 12.54 -34.94
C SER E 326 -36.63 11.93 -34.84
N GLY E 327 -35.86 12.06 -35.92
CA GLY E 327 -34.51 11.54 -35.96
C GLY E 327 -33.40 12.48 -35.50
N VAL E 328 -32.28 12.45 -36.20
CA VAL E 328 -31.14 13.31 -35.87
C VAL E 328 -31.42 14.74 -36.31
N GLU E 329 -30.89 15.70 -35.56
CA GLU E 329 -31.09 17.11 -35.87
C GLU E 329 -29.88 18.02 -35.69
N ILE E 330 -29.58 18.80 -36.72
CA ILE E 330 -28.46 19.75 -36.66
C ILE E 330 -28.81 20.89 -35.71
N ILE E 331 -27.81 21.47 -35.06
CA ILE E 331 -28.03 22.72 -34.33
C ILE E 331 -27.27 23.91 -34.95
N MET F 6 36.66 -11.38 -6.39
CA MET F 6 35.66 -10.61 -5.65
C MET F 6 35.01 -11.46 -4.56
N VAL F 7 34.19 -10.84 -3.72
CA VAL F 7 33.51 -11.53 -2.62
C VAL F 7 32.13 -12.06 -3.01
N LYS F 8 31.91 -13.34 -2.69
CA LYS F 8 30.63 -13.99 -2.92
C LYS F 8 29.96 -14.32 -1.58
N SER F 9 28.67 -14.05 -1.48
CA SER F 9 27.95 -14.26 -0.22
C SER F 9 26.57 -14.84 -0.45
N GLY F 10 26.07 -15.59 0.52
CA GLY F 10 24.74 -16.16 0.43
C GLY F 10 24.12 -16.43 1.79
N LYS F 11 22.79 -16.30 1.90
CA LYS F 11 22.08 -16.68 3.12
C LYS F 11 20.84 -17.50 2.81
N ALA F 12 20.68 -18.61 3.51
CA ALA F 12 19.55 -19.52 3.27
C ALA F 12 18.98 -20.07 4.56
N ARG F 13 17.70 -20.42 4.51
CA ARG F 13 17.01 -21.01 5.66
C ARG F 13 16.40 -22.34 5.26
N ALA F 14 16.82 -23.43 5.92
CA ALA F 14 16.17 -24.72 5.74
C ALA F 14 15.56 -25.21 7.08
N HIS F 15 14.46 -25.95 6.98
CA HIS F 15 13.81 -26.49 8.16
C HIS F 15 14.30 -27.91 8.45
N THR F 16 14.11 -28.38 9.68
CA THR F 16 14.47 -29.76 10.00
C THR F 16 13.43 -30.71 9.42
N ASN F 17 13.75 -32.00 9.43
CA ASN F 17 12.73 -33.01 9.14
C ASN F 17 12.94 -34.28 9.98
N ILE F 18 11.86 -34.98 10.27
CA ILE F 18 11.95 -36.25 10.96
C ILE F 18 11.51 -37.37 10.02
N ALA F 19 12.27 -38.47 9.99
CA ALA F 19 11.90 -39.61 9.17
C ALA F 19 10.73 -40.40 9.76
N LEU F 20 9.71 -40.65 8.94
CA LEU F 20 8.63 -41.59 9.29
C LEU F 20 9.02 -43.01 8.87
N ILE F 21 9.79 -43.10 7.79
CA ILE F 21 10.46 -44.34 7.43
C ILE F 21 11.95 -44.01 7.49
N LYS F 22 12.66 -44.67 8.40
CA LYS F 22 13.99 -44.21 8.81
C LYS F 22 15.07 -44.44 7.79
N TYR F 23 15.92 -43.42 7.63
CA TYR F 23 17.26 -43.57 7.08
C TYR F 23 18.14 -44.04 8.22
N TRP F 24 18.76 -45.21 8.07
CA TRP F 24 19.64 -45.76 9.10
C TRP F 24 20.69 -46.69 8.50
N GLY F 25 21.93 -46.21 8.48
CA GLY F 25 23.04 -46.98 7.94
C GLY F 25 22.98 -46.48 6.51
N LYS F 26 24.15 -46.28 5.92
CA LYS F 26 24.25 -45.80 4.54
C LYS F 26 25.05 -46.94 3.94
N ALA F 27 25.08 -47.02 2.61
CA ALA F 27 25.80 -48.06 1.92
C ALA F 27 27.19 -47.61 1.47
N ASP F 28 27.36 -46.30 1.34
CA ASP F 28 28.64 -45.73 0.91
C ASP F 28 28.99 -44.65 1.93
N GLU F 29 29.96 -44.94 2.79
CA GLU F 29 30.34 -43.97 3.83
C GLU F 29 30.76 -42.62 3.22
N THR F 30 31.41 -42.67 2.05
CA THR F 30 32.07 -41.52 1.47
C THR F 30 31.14 -40.53 0.75
N TYR F 31 30.18 -41.06 0.00
CA TYR F 31 29.25 -40.21 -0.72
C TYR F 31 27.92 -40.14 0.01
N ILE F 32 27.85 -40.86 1.13
CA ILE F 32 26.61 -40.91 1.87
C ILE F 32 25.49 -41.38 0.94
N ILE F 33 25.64 -42.61 0.44
CA ILE F 33 24.54 -43.31 -0.22
C ILE F 33 23.92 -44.25 0.80
N PRO F 34 22.62 -44.03 1.11
CA PRO F 34 21.92 -44.81 2.15
C PRO F 34 21.78 -46.28 1.75
N MET F 35 21.44 -47.11 2.73
CA MET F 35 21.14 -48.53 2.50
C MET F 35 19.68 -48.75 2.07
N ASN F 36 18.83 -47.73 2.23
CA ASN F 36 17.41 -47.84 1.90
C ASN F 36 16.72 -46.51 1.68
N ASN F 37 15.57 -46.55 1.04
CA ASN F 37 14.76 -45.34 0.89
C ASN F 37 14.23 -44.81 2.23
N SER F 38 14.00 -43.50 2.30
CA SER F 38 13.46 -42.90 3.52
C SER F 38 12.40 -41.89 3.18
N LEU F 39 11.49 -41.68 4.14
CA LEU F 39 10.35 -40.78 4.00
C LEU F 39 10.22 -39.88 5.24
N SER F 40 10.22 -38.57 5.04
CA SER F 40 10.15 -37.64 6.16
C SER F 40 9.06 -36.57 6.00
N VAL F 41 8.82 -35.83 7.07
CA VAL F 41 8.05 -34.59 7.03
C VAL F 41 8.92 -33.43 7.53
N THR F 42 8.74 -32.26 6.91
CA THR F 42 9.52 -31.07 7.20
C THR F 42 8.79 -30.19 8.24
N LEU F 43 9.49 -29.77 9.30
CA LEU F 43 8.82 -29.10 10.42
C LEU F 43 8.88 -27.58 10.40
N ASP F 44 7.73 -26.96 10.63
CA ASP F 44 7.62 -25.50 10.65
C ASP F 44 8.49 -24.89 11.76
N ARG F 45 8.46 -25.50 12.94
CA ARG F 45 8.95 -24.85 14.16
C ARG F 45 10.48 -24.75 14.25
N PHE F 46 11.14 -25.77 13.75
CA PHE F 46 12.60 -25.87 13.87
C PHE F 46 13.29 -25.64 12.52
N TYR F 47 14.47 -25.02 12.58
CA TYR F 47 15.15 -24.61 11.35
C TYR F 47 16.51 -24.01 11.61
N THR F 48 17.28 -23.94 10.53
CA THR F 48 18.62 -23.39 10.58
C THR F 48 18.72 -22.18 9.66
N GLU F 49 19.46 -21.15 10.12
CA GLU F 49 19.80 -20.02 9.28
C GLU F 49 21.30 -20.01 9.06
N THR F 50 21.71 -20.02 7.80
CA THR F 50 23.12 -20.11 7.47
C THR F 50 23.57 -19.14 6.38
N LYS F 51 24.71 -18.51 6.62
CA LYS F 51 25.33 -17.60 5.67
C LYS F 51 26.76 -18.01 5.32
N VAL F 52 27.08 -17.97 4.03
CA VAL F 52 28.42 -18.30 3.57
C VAL F 52 29.02 -17.15 2.76
N THR F 53 30.27 -16.82 3.09
CA THR F 53 31.01 -15.79 2.38
C THR F 53 32.31 -16.37 1.89
N PHE F 54 32.50 -16.30 0.57
CA PHE F 54 33.76 -16.69 -0.05
C PHE F 54 34.62 -15.43 -0.27
N ASP F 55 35.84 -15.47 0.25
CA ASP F 55 36.75 -14.34 0.16
C ASP F 55 38.13 -14.82 -0.29
N PRO F 56 38.71 -14.16 -1.31
CA PRO F 56 40.06 -14.47 -1.78
C PRO F 56 41.11 -14.30 -0.68
N ASP F 57 40.78 -13.52 0.35
CA ASP F 57 41.69 -13.32 1.48
C ASP F 57 41.62 -14.44 2.50
N PHE F 58 40.82 -15.47 2.21
CA PHE F 58 40.61 -16.55 3.17
C PHE F 58 41.63 -17.67 3.01
N THR F 59 42.34 -17.95 4.10
CA THR F 59 43.42 -18.93 4.09
C THR F 59 42.87 -20.33 4.35
N GLU F 60 41.81 -20.40 5.13
CA GLU F 60 41.14 -21.68 5.42
C GLU F 60 39.61 -21.52 5.49
N ASP F 61 38.91 -22.63 5.67
CA ASP F 61 37.47 -22.60 5.89
C ASP F 61 37.19 -22.46 7.38
N CYS F 62 36.00 -21.96 7.72
CA CYS F 62 35.67 -21.64 9.11
C CYS F 62 34.16 -21.72 9.38
N LEU F 63 33.79 -22.40 10.47
CA LEU F 63 32.38 -22.47 10.84
C LEU F 63 32.13 -21.82 12.18
N ILE F 64 31.19 -20.88 12.19
CA ILE F 64 30.76 -20.24 13.42
C ILE F 64 29.33 -20.71 13.66
N LEU F 65 29.15 -21.56 14.66
CA LEU F 65 27.84 -22.11 14.95
C LEU F 65 27.31 -21.50 16.22
N ASN F 66 26.10 -20.96 16.15
CA ASN F 66 25.50 -20.21 17.26
C ASN F 66 26.49 -19.24 17.90
N GLY F 67 27.18 -18.47 17.07
CA GLY F 67 28.14 -17.49 17.56
C GLY F 67 29.42 -18.06 18.14
N ASN F 68 29.74 -19.32 17.83
CA ASN F 68 30.96 -19.95 18.35
C ASN F 68 31.84 -20.61 17.31
N GLU F 69 33.14 -20.44 17.46
CA GLU F 69 34.10 -21.20 16.66
C GLU F 69 34.03 -22.67 17.07
N VAL F 70 34.19 -23.58 16.12
CA VAL F 70 34.05 -25.02 16.41
C VAL F 70 35.40 -25.73 16.67
N ASN F 71 35.35 -26.75 17.51
CA ASN F 71 36.54 -27.58 17.79
C ASN F 71 37.14 -28.20 16.51
N ALA F 72 38.39 -28.64 16.58
CA ALA F 72 39.15 -29.06 15.38
C ALA F 72 38.46 -30.13 14.54
N LYS F 73 37.71 -31.01 15.19
CA LYS F 73 37.00 -32.08 14.51
C LYS F 73 35.91 -31.51 13.59
N GLU F 74 35.08 -30.63 14.14
CA GLU F 74 34.01 -30.01 13.37
C GLU F 74 34.56 -29.23 12.19
N LYS F 75 35.76 -28.69 12.35
CA LYS F 75 36.41 -27.93 11.30
C LYS F 75 36.78 -28.81 10.11
N GLU F 76 37.25 -30.02 10.41
CA GLU F 76 37.63 -30.97 9.38
C GLU F 76 36.41 -31.48 8.62
N LYS F 77 35.27 -31.55 9.32
CA LYS F 77 34.05 -32.01 8.72
C LYS F 77 33.51 -30.94 7.78
N ILE F 78 33.64 -29.69 8.23
CA ILE F 78 33.20 -28.56 7.41
C ILE F 78 34.13 -28.29 6.22
N GLN F 79 35.44 -28.43 6.42
CA GLN F 79 36.36 -28.24 5.30
C GLN F 79 36.23 -29.33 4.23
N ASN F 80 36.01 -30.56 4.68
CA ASN F 80 35.76 -31.64 3.73
C ASN F 80 34.53 -31.38 2.90
N TYR F 81 33.46 -30.95 3.58
CA TYR F 81 32.28 -30.56 2.83
C TYR F 81 32.65 -29.44 1.88
N MET F 82 33.42 -28.46 2.35
CA MET F 82 33.80 -27.33 1.47
C MET F 82 34.64 -27.77 0.27
N ASN F 83 35.58 -28.71 0.48
CA ASN F 83 36.33 -29.23 -0.67
C ASN F 83 35.39 -29.73 -1.75
N ILE F 84 34.23 -30.23 -1.33
CA ILE F 84 33.24 -30.78 -2.26
C ILE F 84 32.54 -29.67 -3.02
N VAL F 85 32.21 -28.60 -2.30
CA VAL F 85 31.60 -27.41 -2.87
C VAL F 85 32.53 -26.75 -3.89
N ARG F 86 33.83 -26.75 -3.59
CA ARG F 86 34.81 -26.15 -4.48
C ARG F 86 34.91 -26.93 -5.79
N ASP F 87 34.85 -28.25 -5.71
CA ASP F 87 34.95 -29.06 -6.92
C ASP F 87 33.80 -28.76 -7.87
N LEU F 88 32.59 -28.63 -7.32
CA LEU F 88 31.42 -28.41 -8.16
C LEU F 88 31.54 -27.09 -8.91
N ALA F 89 31.72 -26.00 -8.17
CA ALA F 89 31.73 -24.66 -8.72
C ALA F 89 32.98 -24.38 -9.55
N GLY F 90 34.02 -25.18 -9.35
CA GLY F 90 35.26 -25.04 -10.10
C GLY F 90 36.08 -23.84 -9.70
N ASN F 91 36.25 -23.65 -8.39
CA ASN F 91 37.10 -22.57 -7.87
C ASN F 91 37.91 -22.98 -6.63
N ARG F 92 38.72 -22.07 -6.11
CA ARG F 92 39.65 -22.42 -5.04
C ARG F 92 39.45 -21.58 -3.80
N LEU F 93 38.35 -20.84 -3.76
CA LEU F 93 38.08 -19.93 -2.65
C LEU F 93 37.72 -20.66 -1.37
N HIS F 94 38.29 -20.21 -0.25
CA HIS F 94 37.86 -20.71 1.04
C HIS F 94 36.63 -19.94 1.51
N ALA F 95 35.93 -20.46 2.50
CA ALA F 95 34.71 -19.81 2.95
C ALA F 95 34.69 -19.54 4.46
N ARG F 96 33.87 -18.58 4.85
CA ARG F 96 33.48 -18.41 6.24
C ARG F 96 31.99 -18.66 6.34
N ILE F 97 31.61 -19.50 7.29
CA ILE F 97 30.22 -19.89 7.43
C ILE F 97 29.65 -19.45 8.78
N GLU F 98 28.57 -18.69 8.71
CA GLU F 98 27.87 -18.25 9.92
C GLU F 98 26.48 -18.90 9.99
N SER F 99 26.29 -19.79 10.97
CA SER F 99 25.04 -20.52 11.07
C SER F 99 24.36 -20.34 12.43
N GLU F 100 23.03 -20.24 12.39
CA GLU F 100 22.23 -20.17 13.60
C GLU F 100 21.26 -21.34 13.66
N ASN F 101 21.40 -22.18 14.69
CA ASN F 101 20.43 -23.24 14.90
C ASN F 101 19.25 -22.85 15.77
N TYR F 102 18.09 -22.69 15.15
CA TYR F 102 16.83 -22.49 15.89
C TYR F 102 16.15 -23.80 16.28
N VAL F 103 16.90 -24.63 16.99
CA VAL F 103 16.45 -25.95 17.42
C VAL F 103 17.58 -26.49 18.27
N PRO F 104 17.36 -27.64 18.90
CA PRO F 104 18.39 -28.26 19.75
C PRO F 104 19.44 -28.75 18.75
N THR F 105 20.71 -28.63 19.13
CA THR F 105 21.80 -29.05 18.25
C THR F 105 22.39 -30.39 18.66
N ALA F 106 22.46 -31.31 17.70
CA ALA F 106 23.03 -32.64 17.94
C ALA F 106 22.29 -33.48 19.00
N ALA F 107 20.99 -33.27 19.15
CA ALA F 107 20.24 -33.93 20.21
C ALA F 107 19.22 -34.93 19.68
N GLY F 108 19.22 -35.17 18.37
CA GLY F 108 18.25 -36.08 17.78
C GLY F 108 16.98 -35.30 17.49
N LEU F 109 17.19 -34.09 16.98
CA LEU F 109 16.11 -33.22 16.57
C LEU F 109 16.38 -32.75 15.15
N ALA F 110 17.38 -33.39 14.55
CA ALA F 110 17.69 -33.24 13.13
C ALA F 110 18.33 -31.88 12.74
N SER F 111 19.05 -31.28 13.67
CA SER F 111 19.72 -30.00 13.42
C SER F 111 20.61 -30.10 12.19
N SER F 112 21.01 -31.32 11.85
CA SER F 112 21.86 -31.55 10.69
C SER F 112 21.06 -31.39 9.39
N ALA F 113 19.93 -32.07 9.31
CA ALA F 113 19.06 -31.99 8.13
C ALA F 113 18.95 -30.54 7.66
N SER F 114 18.58 -29.65 8.57
CA SER F 114 18.46 -28.23 8.25
C SER F 114 19.83 -27.60 8.00
N ALA F 115 20.82 -28.01 8.79
CA ALA F 115 22.17 -27.43 8.74
C ALA F 115 22.81 -27.53 7.35
N TYR F 116 22.67 -28.69 6.72
CA TYR F 116 23.33 -28.92 5.44
C TYR F 116 22.44 -28.65 4.22
N ALA F 117 21.16 -28.43 4.47
CA ALA F 117 20.28 -27.99 3.38
C ALA F 117 20.41 -26.48 3.19
N ALA F 118 20.59 -25.77 4.31
CA ALA F 118 20.77 -24.34 4.33
C ALA F 118 22.10 -23.97 3.68
N LEU F 119 23.17 -24.66 4.07
CA LEU F 119 24.48 -24.39 3.52
C LEU F 119 24.50 -24.62 2.00
N ALA F 120 24.10 -25.81 1.59
CA ALA F 120 24.07 -26.15 0.16
C ALA F 120 23.32 -25.10 -0.65
N ALA F 121 22.17 -24.65 -0.14
CA ALA F 121 21.39 -23.63 -0.83
C ALA F 121 22.14 -22.28 -0.86
N ALA F 122 22.79 -21.97 0.26
CA ALA F 122 23.54 -20.73 0.40
C ALA F 122 24.67 -20.65 -0.64
N CYS F 123 25.54 -21.67 -0.63
CA CYS F 123 26.61 -21.77 -1.62
C CYS F 123 26.04 -21.64 -3.02
N ASN F 124 24.88 -22.25 -3.24
CA ASN F 124 24.22 -22.17 -4.55
C ASN F 124 23.84 -20.73 -4.92
N GLU F 125 23.62 -19.90 -3.91
CA GLU F 125 23.35 -18.48 -4.14
C GLU F 125 24.66 -17.75 -4.39
N ALA F 126 25.61 -17.88 -3.46
CA ALA F 126 26.87 -17.17 -3.54
C ALA F 126 27.61 -17.46 -4.85
N LEU F 127 27.49 -18.69 -5.34
CA LEU F 127 28.23 -19.08 -6.54
C LEU F 127 27.35 -19.22 -7.81
N SER F 128 26.07 -18.89 -7.68
CA SER F 128 25.19 -18.82 -8.85
C SER F 128 25.21 -20.11 -9.67
N LEU F 129 25.21 -21.26 -8.98
CA LEU F 129 25.32 -22.56 -9.63
C LEU F 129 24.04 -22.95 -10.35
N ASN F 130 22.94 -22.32 -9.96
CA ASN F 130 21.64 -22.65 -10.53
C ASN F 130 21.35 -24.15 -10.53
N LEU F 131 21.69 -24.80 -9.42
CA LEU F 131 21.38 -26.21 -9.25
C LEU F 131 19.88 -26.46 -9.33
N SER F 132 19.49 -27.48 -10.07
CA SER F 132 18.10 -27.92 -10.06
C SER F 132 17.78 -28.39 -8.64
N ASP F 133 16.49 -28.51 -8.31
CA ASP F 133 16.10 -29.02 -7.00
C ASP F 133 16.82 -30.34 -6.67
N THR F 134 16.89 -31.21 -7.68
CA THR F 134 17.53 -32.51 -7.53
C THR F 134 19.04 -32.38 -7.23
N ASP F 135 19.72 -31.45 -7.88
CA ASP F 135 21.17 -31.37 -7.66
C ASP F 135 21.49 -30.61 -6.38
N LEU F 136 20.56 -29.77 -5.92
CA LEU F 136 20.69 -29.16 -4.59
C LEU F 136 20.56 -30.24 -3.50
N SER F 137 19.63 -31.16 -3.72
CA SER F 137 19.45 -32.33 -2.88
C SER F 137 20.73 -33.16 -2.85
N ARG F 138 21.22 -33.51 -4.03
CA ARG F 138 22.51 -34.21 -4.14
C ARG F 138 23.64 -33.55 -3.33
N LEU F 139 23.72 -32.24 -3.40
CA LEU F 139 24.80 -31.52 -2.73
C LEU F 139 24.63 -31.57 -1.21
N ALA F 140 23.43 -31.23 -0.74
CA ALA F 140 23.15 -31.28 0.68
C ALA F 140 23.46 -32.69 1.19
N ARG F 141 23.03 -33.68 0.41
CA ARG F 141 23.20 -35.09 0.79
C ARG F 141 24.62 -35.39 1.26
N ARG F 142 25.60 -34.82 0.57
CA ARG F 142 27.00 -35.08 0.92
C ARG F 142 27.31 -34.69 2.37
N GLY F 143 26.66 -33.65 2.87
CA GLY F 143 26.94 -33.15 4.21
C GLY F 143 26.24 -33.99 5.26
N SER F 144 25.00 -34.40 4.95
CA SER F 144 24.18 -35.15 5.87
C SER F 144 23.04 -35.76 5.09
N GLY F 145 22.92 -37.09 5.14
CA GLY F 145 21.86 -37.79 4.45
C GLY F 145 20.52 -37.08 4.64
N SER F 146 20.12 -36.90 5.88
CA SER F 146 18.81 -36.35 6.16
C SER F 146 18.62 -34.99 5.49
N ALA F 147 19.72 -34.27 5.26
CA ALA F 147 19.68 -32.92 4.67
C ALA F 147 19.11 -32.93 3.26
N SER F 148 19.34 -34.03 2.54
CA SER F 148 18.84 -34.16 1.19
C SER F 148 17.35 -33.88 1.14
N ARG F 149 16.63 -34.17 2.23
CA ARG F 149 15.16 -34.11 2.22
C ARG F 149 14.66 -32.74 2.59
N SER F 150 15.44 -32.04 3.42
CA SER F 150 15.09 -30.73 3.94
C SER F 150 15.11 -29.66 2.88
N ILE F 151 15.58 -30.04 1.69
CA ILE F 151 15.49 -29.22 0.49
C ILE F 151 14.02 -28.90 0.18
N PHE F 152 13.16 -29.88 0.44
CA PHE F 152 11.72 -29.77 0.15
C PHE F 152 10.92 -29.62 1.44
N GLY F 153 9.64 -29.23 1.31
CA GLY F 153 8.75 -29.16 2.47
C GLY F 153 7.76 -30.30 2.46
N GLY F 154 6.99 -30.46 3.54
CA GLY F 154 5.96 -31.50 3.57
C GLY F 154 6.53 -32.91 3.66
N PHE F 155 5.90 -33.85 2.96
CA PHE F 155 6.45 -35.20 2.78
C PHE F 155 7.55 -35.19 1.70
N ALA F 156 8.68 -35.81 2.01
CA ALA F 156 9.79 -35.91 1.06
C ALA F 156 10.31 -37.34 1.11
N GLU F 157 10.86 -37.80 -0.01
CA GLU F 157 11.40 -39.13 -0.09
C GLU F 157 12.83 -39.02 -0.58
N TRP F 158 13.74 -39.69 0.10
CA TRP F 158 15.11 -39.77 -0.35
C TRP F 158 15.24 -41.09 -1.10
N GLU F 159 15.49 -41.04 -2.41
CA GLU F 159 15.64 -42.28 -3.18
C GLU F 159 17.06 -42.76 -3.03
N LYS F 160 17.23 -44.04 -2.75
CA LYS F 160 18.58 -44.46 -2.41
C LYS F 160 19.55 -44.37 -3.59
N GLY F 161 19.17 -44.93 -4.74
CA GLY F 161 20.04 -44.90 -5.90
C GLY F 161 21.27 -45.76 -5.67
N HIS F 162 22.19 -45.77 -6.62
CA HIS F 162 23.36 -46.66 -6.56
C HIS F 162 24.68 -45.91 -6.58
N ASP F 163 24.62 -44.61 -6.88
CA ASP F 163 25.83 -43.78 -6.95
C ASP F 163 25.51 -42.30 -6.69
N ASP F 164 26.51 -41.42 -6.85
CA ASP F 164 26.32 -40.00 -6.53
C ASP F 164 25.24 -39.28 -7.34
N LEU F 165 25.00 -39.74 -8.57
CA LEU F 165 24.03 -39.09 -9.44
C LEU F 165 22.57 -39.48 -9.19
N THR F 166 22.35 -40.74 -8.79
CA THR F 166 20.99 -41.28 -8.66
C THR F 166 20.40 -41.26 -7.24
N SER F 167 21.23 -40.90 -6.26
CA SER F 167 20.83 -40.88 -4.85
C SER F 167 20.46 -39.48 -4.37
N TYR F 168 19.16 -39.23 -4.21
CA TYR F 168 18.67 -37.89 -3.89
C TYR F 168 17.21 -37.91 -3.50
N ALA F 169 16.68 -36.74 -3.18
CA ALA F 169 15.32 -36.68 -2.67
C ALA F 169 14.41 -35.90 -3.61
N HIS F 170 13.11 -36.19 -3.51
CA HIS F 170 12.09 -35.38 -4.15
C HIS F 170 10.96 -35.12 -3.15
N GLY F 171 10.24 -34.02 -3.33
CA GLY F 171 9.04 -33.79 -2.53
C GLY F 171 7.98 -34.81 -2.86
N ILE F 172 7.09 -35.09 -1.92
CA ILE F 172 5.95 -35.93 -2.23
C ILE F 172 4.63 -35.17 -2.06
N ASN F 173 3.85 -35.18 -3.14
CA ASN F 173 2.52 -34.59 -3.14
C ASN F 173 1.57 -35.40 -2.27
N SER F 174 1.10 -34.80 -1.18
CA SER F 174 0.20 -35.50 -0.25
C SER F 174 -1.24 -35.01 -0.40
N ASN F 175 -1.49 -34.19 -1.41
CA ASN F 175 -2.81 -33.62 -1.58
C ASN F 175 -3.07 -32.70 -0.41
N GLY F 176 -2.02 -32.02 0.03
CA GLY F 176 -2.09 -31.12 1.16
C GLY F 176 -2.41 -31.74 2.52
N TRP F 177 -2.28 -33.07 2.64
CA TRP F 177 -2.54 -33.73 3.92
C TRP F 177 -1.71 -33.10 5.04
N GLU F 178 -0.53 -32.62 4.67
CA GLU F 178 0.38 -31.97 5.59
C GLU F 178 -0.21 -30.69 6.23
N LYS F 179 -1.19 -30.09 5.58
CA LYS F 179 -1.85 -28.94 6.18
C LYS F 179 -2.63 -29.37 7.44
N ASP F 180 -3.03 -30.63 7.50
CA ASP F 180 -3.88 -31.15 8.58
C ASP F 180 -3.13 -31.87 9.71
N LEU F 181 -1.85 -32.16 9.51
CA LEU F 181 -1.08 -32.93 10.48
C LEU F 181 -0.20 -32.06 11.35
N SER F 182 0.29 -32.64 12.44
CA SER F 182 0.97 -31.87 13.44
C SER F 182 1.93 -32.79 14.18
N MET F 183 3.04 -32.25 14.66
CA MET F 183 4.02 -33.04 15.41
C MET F 183 4.26 -32.45 16.80
N ILE F 184 4.13 -33.29 17.81
CA ILE F 184 4.39 -32.87 19.19
C ILE F 184 5.74 -33.40 19.66
N PHE F 185 6.65 -32.49 19.97
CA PHE F 185 7.95 -32.90 20.47
C PHE F 185 7.93 -33.01 21.99
N VAL F 186 8.31 -34.18 22.49
CA VAL F 186 8.59 -34.37 23.92
C VAL F 186 10.08 -34.30 24.15
N VAL F 187 10.56 -33.11 24.46
CA VAL F 187 11.98 -32.86 24.55
C VAL F 187 12.54 -33.31 25.90
N ILE F 188 12.87 -34.60 25.96
CA ILE F 188 13.34 -35.30 27.16
C ILE F 188 14.78 -34.90 27.54
N ASN F 189 15.61 -34.69 26.51
CA ASN F 189 17.01 -34.30 26.70
C ASN F 189 17.51 -33.37 25.59
N ASN F 190 17.74 -32.13 26.00
CA ASN F 190 18.19 -31.03 25.14
C ASN F 190 19.61 -31.17 24.59
N GLN F 191 20.44 -31.95 25.28
CA GLN F 191 21.88 -31.85 25.08
C GLN F 191 22.46 -32.83 24.04
N SER F 192 23.78 -32.76 23.84
CA SER F 192 24.45 -33.57 22.84
C SER F 192 24.34 -35.09 23.07
N LYS F 193 24.24 -35.86 21.98
CA LYS F 193 24.35 -37.32 22.04
C LYS F 193 25.72 -37.72 22.58
N LYS F 194 25.79 -38.87 23.23
CA LYS F 194 27.07 -39.53 23.42
C LYS F 194 27.51 -40.11 22.07
N VAL F 195 26.54 -40.60 21.31
CA VAL F 195 26.78 -41.29 20.03
C VAL F 195 26.15 -40.55 18.86
N SER F 196 26.96 -39.77 18.13
CA SER F 196 26.49 -39.10 16.92
C SER F 196 25.72 -40.04 15.97
N SER F 197 24.79 -39.47 15.21
CA SER F 197 24.02 -40.26 14.26
C SER F 197 24.94 -41.02 13.31
N ARG F 198 25.98 -40.34 12.83
CA ARG F 198 26.90 -40.93 11.89
C ARG F 198 27.61 -42.17 12.44
N SER F 199 28.13 -42.08 13.66
CA SER F 199 28.90 -43.18 14.21
C SER F 199 27.99 -44.32 14.67
N GLY F 200 26.86 -43.99 15.28
CA GLY F 200 25.90 -45.01 15.70
C GLY F 200 25.41 -45.77 14.48
N MET F 201 24.90 -45.01 13.53
CA MET F 201 24.54 -45.57 12.24
C MET F 201 25.63 -46.48 11.65
N SER F 202 26.90 -46.07 11.71
CA SER F 202 27.89 -46.91 11.04
C SER F 202 28.14 -48.23 11.81
N LEU F 203 28.26 -48.14 13.14
CA LEU F 203 28.43 -49.32 13.98
C LEU F 203 27.31 -50.35 13.80
N THR F 204 26.06 -49.88 13.80
CA THR F 204 24.92 -50.80 13.67
C THR F 204 24.91 -51.45 12.31
N ARG F 205 25.02 -50.63 11.27
CA ARG F 205 24.99 -51.14 9.91
C ARG F 205 26.17 -52.09 9.62
N ASP F 206 27.32 -51.85 10.25
CA ASP F 206 28.46 -52.74 10.05
C ASP F 206 28.40 -54.00 10.89
N THR F 207 27.80 -53.91 12.08
CA THR F 207 27.92 -55.03 13.01
C THR F 207 26.63 -55.70 13.50
N SER F 208 25.51 -54.98 13.47
CA SER F 208 24.30 -55.48 14.14
C SER F 208 23.72 -56.79 13.60
N ARG F 209 23.35 -57.66 14.53
CA ARG F 209 22.81 -58.98 14.18
C ARG F 209 21.35 -58.92 13.74
N PHE F 210 20.73 -57.75 13.85
CA PHE F 210 19.34 -57.60 13.50
C PHE F 210 19.20 -56.68 12.28
N TYR F 211 20.33 -56.34 11.66
CA TYR F 211 20.29 -55.41 10.55
C TYR F 211 19.56 -55.98 9.33
N GLN F 212 19.73 -57.28 9.08
CA GLN F 212 19.01 -57.90 7.98
C GLN F 212 17.51 -57.85 8.24
N TYR F 213 17.10 -58.01 9.50
CA TYR F 213 15.66 -57.86 9.85
C TYR F 213 15.18 -56.49 9.43
N TRP F 214 15.98 -55.47 9.75
CA TRP F 214 15.64 -54.12 9.33
C TRP F 214 15.44 -54.06 7.80
N LEU F 215 16.36 -54.66 7.05
CA LEU F 215 16.31 -54.55 5.57
C LEU F 215 15.14 -55.32 4.96
N ASP F 216 14.84 -56.48 5.53
CA ASP F 216 13.77 -57.29 4.99
C ASP F 216 12.41 -56.60 5.10
N HIS F 217 12.29 -55.57 5.93
CA HIS F 217 10.96 -54.98 6.11
C HIS F 217 10.80 -53.52 5.68
N VAL F 218 11.89 -52.87 5.33
CA VAL F 218 11.85 -51.41 5.14
C VAL F 218 11.12 -50.98 3.85
N ASP F 219 11.28 -51.75 2.78
CA ASP F 219 10.57 -51.43 1.53
C ASP F 219 9.05 -51.66 1.61
N GLU F 220 8.66 -52.78 2.22
CA GLU F 220 7.24 -53.06 2.38
C GLU F 220 6.58 -51.98 3.22
N ASP F 221 7.30 -51.60 4.28
CA ASP F 221 6.89 -50.52 5.18
C ASP F 221 6.69 -49.23 4.37
N LEU F 222 7.66 -48.96 3.51
CA LEU F 222 7.68 -47.73 2.75
C LEU F 222 6.50 -47.65 1.77
N ASN F 223 6.23 -48.74 1.05
CA ASN F 223 5.06 -48.78 0.19
C ASN F 223 3.80 -48.59 1.02
N GLU F 224 3.67 -49.35 2.10
CA GLU F 224 2.50 -49.20 2.98
C GLU F 224 2.27 -47.74 3.37
N ALA F 225 3.32 -47.06 3.82
CA ALA F 225 3.24 -45.63 4.16
C ALA F 225 2.78 -44.73 3.01
N LYS F 226 3.31 -45.02 1.82
CA LYS F 226 2.97 -44.23 0.64
C LYS F 226 1.51 -44.42 0.22
N GLU F 227 0.99 -45.63 0.36
CA GLU F 227 -0.45 -45.85 0.11
C GLU F 227 -1.32 -45.13 1.15
N ALA F 228 -0.83 -45.04 2.39
CA ALA F 228 -1.55 -44.33 3.45
C ALA F 228 -1.70 -42.87 3.09
N VAL F 229 -0.66 -42.27 2.52
CA VAL F 229 -0.74 -40.87 2.12
C VAL F 229 -1.53 -40.63 0.83
N LYS F 230 -1.60 -41.63 -0.04
CA LYS F 230 -2.46 -41.53 -1.22
C LYS F 230 -3.91 -41.42 -0.80
N ASN F 231 -4.25 -42.11 0.28
CA ASN F 231 -5.64 -42.16 0.74
C ASN F 231 -5.90 -41.29 1.97
N GLN F 232 -4.86 -40.58 2.42
CA GLN F 232 -4.90 -39.81 3.68
C GLN F 232 -5.37 -40.62 4.89
N ASP F 233 -5.03 -41.91 4.92
CA ASP F 233 -5.36 -42.84 6.01
C ASP F 233 -4.37 -42.69 7.18
N PHE F 234 -4.77 -41.95 8.22
CA PHE F 234 -3.87 -41.61 9.33
C PHE F 234 -3.56 -42.77 10.28
N GLN F 235 -4.56 -43.59 10.57
CA GLN F 235 -4.31 -44.81 11.32
C GLN F 235 -3.32 -45.71 10.57
N ARG F 236 -3.56 -45.89 9.26
CA ARG F 236 -2.70 -46.76 8.47
C ARG F 236 -1.25 -46.27 8.41
N LEU F 237 -1.08 -44.96 8.25
CA LEU F 237 0.25 -44.37 8.22
C LEU F 237 0.94 -44.51 9.57
N GLY F 238 0.19 -44.17 10.62
CA GLY F 238 0.68 -44.20 11.99
C GLY F 238 1.17 -45.56 12.42
N GLU F 239 0.36 -46.59 12.17
CA GLU F 239 0.71 -47.92 12.61
C GLU F 239 2.05 -48.37 12.04
N VAL F 240 2.32 -48.09 10.76
CA VAL F 240 3.55 -48.58 10.14
C VAL F 240 4.78 -47.76 10.48
N ILE F 241 4.65 -46.44 10.46
CA ILE F 241 5.77 -45.58 10.84
C ILE F 241 6.16 -45.84 12.30
N GLU F 242 5.16 -46.11 13.14
CA GLU F 242 5.47 -46.40 14.54
C GLU F 242 6.29 -47.68 14.62
N ALA F 243 5.80 -48.73 13.97
CA ALA F 243 6.50 -50.01 13.95
C ALA F 243 7.90 -49.89 13.30
N ASN F 244 7.99 -49.12 12.22
CA ASN F 244 9.25 -48.90 11.54
C ASN F 244 10.30 -48.21 12.43
N GLY F 245 9.89 -47.14 13.12
CA GLY F 245 10.78 -46.42 14.01
C GLY F 245 11.37 -47.34 15.07
N LEU F 246 10.52 -48.19 15.64
CA LEU F 246 10.96 -49.15 16.65
C LEU F 246 11.84 -50.23 16.06
N ARG F 247 11.63 -50.56 14.80
CA ARG F 247 12.44 -51.61 14.23
C ARG F 247 13.84 -51.06 14.05
N MET F 248 13.93 -49.77 13.76
CA MET F 248 15.23 -49.13 13.62
C MET F 248 15.99 -49.15 14.95
N HIS F 249 15.32 -48.73 16.01
CA HIS F 249 15.98 -48.75 17.31
C HIS F 249 16.36 -50.16 17.73
N ALA F 250 15.51 -51.14 17.42
CA ALA F 250 15.89 -52.55 17.62
C ALA F 250 17.27 -52.93 17.04
N THR F 251 17.68 -52.33 15.93
CA THR F 251 18.97 -52.72 15.32
C THR F 251 20.16 -52.35 16.18
N ASN F 252 20.07 -51.22 16.84
CA ASN F 252 21.14 -50.83 17.73
C ASN F 252 21.34 -51.85 18.83
N LEU F 253 20.23 -52.44 19.26
CA LEU F 253 20.27 -53.47 20.28
C LEU F 253 20.99 -54.73 19.78
N GLY F 254 21.11 -54.90 18.46
CA GLY F 254 21.88 -56.02 17.92
C GLY F 254 23.35 -55.72 17.59
N ALA F 255 23.73 -54.45 17.77
CA ALA F 255 25.06 -53.99 17.43
C ALA F 255 26.15 -54.55 18.36
N GLN F 256 27.40 -54.36 17.98
CA GLN F 256 28.51 -55.10 18.61
C GLN F 256 29.59 -54.15 19.15
N PRO F 257 29.43 -53.70 20.40
CA PRO F 257 28.42 -54.12 21.37
C PRO F 257 27.19 -53.24 21.31
N PRO F 258 26.06 -53.76 21.81
CA PRO F 258 24.75 -53.12 21.72
C PRO F 258 24.69 -51.79 22.48
N PHE F 259 23.87 -50.86 22.01
CA PHE F 259 23.63 -49.60 22.70
C PHE F 259 22.19 -49.17 22.42
N THR F 260 21.76 -48.07 23.04
CA THR F 260 20.41 -47.55 22.83
C THR F 260 20.33 -46.04 23.01
N TYR F 261 19.38 -45.42 22.31
CA TYR F 261 19.16 -44.00 22.41
C TYR F 261 18.04 -43.69 23.38
N LEU F 262 17.33 -44.73 23.80
CA LEU F 262 16.12 -44.55 24.58
C LEU F 262 16.38 -44.47 26.09
N VAL F 263 15.56 -43.70 26.80
CA VAL F 263 15.66 -43.69 28.27
C VAL F 263 14.31 -44.02 28.88
N GLN F 264 14.26 -44.13 30.21
CA GLN F 264 13.03 -44.49 30.88
C GLN F 264 11.87 -43.60 30.44
N GLU F 265 12.13 -42.30 30.40
CA GLU F 265 11.09 -41.34 30.06
C GLU F 265 10.64 -41.51 28.59
N SER F 266 11.53 -41.98 27.72
CA SER F 266 11.13 -42.29 26.33
C SER F 266 9.96 -43.27 26.36
N TYR F 267 10.19 -44.38 27.06
CA TYR F 267 9.16 -45.39 27.28
C TYR F 267 7.91 -44.81 27.96
N ASP F 268 8.09 -43.88 28.91
CA ASP F 268 6.95 -43.19 29.52
C ASP F 268 6.10 -42.45 28.47
N ALA F 269 6.79 -41.75 27.57
CA ALA F 269 6.15 -41.04 26.46
C ALA F 269 5.35 -41.98 25.58
N MET F 270 5.92 -43.13 25.25
CA MET F 270 5.19 -44.10 24.43
C MET F 270 3.93 -44.59 25.12
N ALA F 271 4.03 -44.85 26.42
CA ALA F 271 2.85 -45.26 27.20
C ALA F 271 1.69 -44.23 27.10
N ILE F 272 2.02 -42.95 27.20
CA ILE F 272 1.00 -41.92 27.07
C ILE F 272 0.31 -41.99 25.71
N VAL F 273 1.10 -42.04 24.63
CA VAL F 273 0.53 -42.15 23.30
C VAL F 273 -0.54 -43.23 23.28
N GLU F 274 -0.17 -44.44 23.64
CA GLU F 274 -1.11 -45.57 23.66
C GLU F 274 -2.37 -45.28 24.50
N GLN F 275 -2.21 -44.61 25.64
CA GLN F 275 -3.36 -44.21 26.45
C GLN F 275 -4.27 -43.23 25.70
N CYS F 276 -3.67 -42.34 24.92
CA CYS F 276 -4.40 -41.43 24.04
C CYS F 276 -5.22 -42.19 23.03
N ARG F 277 -4.67 -43.29 22.52
CA ARG F 277 -5.41 -44.09 21.56
C ARG F 277 -6.58 -44.77 22.27
N LYS F 278 -6.42 -45.03 23.56
CA LYS F 278 -7.51 -45.64 24.32
C LYS F 278 -8.59 -44.62 24.66
N ALA F 279 -8.23 -43.36 24.78
CA ALA F 279 -9.20 -42.30 25.05
C ALA F 279 -9.67 -41.68 23.74
N ASN F 280 -9.50 -42.44 22.66
CA ASN F 280 -9.92 -42.03 21.32
C ASN F 280 -9.24 -40.75 20.83
N LEU F 281 -7.93 -40.66 21.09
CA LEU F 281 -7.08 -39.62 20.52
C LEU F 281 -5.97 -40.27 19.69
N PRO F 282 -6.26 -40.57 18.42
CA PRO F 282 -5.30 -41.25 17.53
C PRO F 282 -4.01 -40.45 17.38
N CYS F 283 -2.88 -41.10 17.67
CA CYS F 283 -1.58 -40.49 17.50
C CYS F 283 -0.47 -41.55 17.50
N TYR F 284 0.67 -41.19 16.93
CA TYR F 284 1.73 -42.16 16.70
C TYR F 284 3.10 -41.57 16.98
N PHE F 285 3.95 -42.36 17.64
CA PHE F 285 5.27 -41.87 17.99
C PHE F 285 6.37 -42.40 17.06
N THR F 286 7.48 -41.68 17.05
CA THR F 286 8.68 -42.08 16.36
C THR F 286 9.89 -41.40 17.03
N MET F 287 11.03 -42.09 17.09
CA MET F 287 12.24 -41.50 17.67
C MET F 287 13.29 -41.33 16.59
N ALA F 288 13.92 -40.15 16.55
CA ALA F 288 15.15 -39.96 15.79
C ALA F 288 16.33 -40.49 16.64
N ALA F 289 17.55 -40.09 16.32
CA ALA F 289 18.69 -40.69 17.00
C ALA F 289 18.94 -39.98 18.33
N GLY F 290 18.28 -40.45 19.38
CA GLY F 290 18.33 -39.78 20.66
C GLY F 290 17.13 -40.15 21.52
N PRO F 291 17.03 -39.56 22.73
CA PRO F 291 15.97 -39.94 23.69
C PRO F 291 14.62 -39.23 23.46
N ASN F 292 14.58 -38.23 22.60
CA ASN F 292 13.36 -37.45 22.44
C ASN F 292 12.30 -38.16 21.60
N VAL F 293 11.03 -37.90 21.93
CA VAL F 293 9.94 -38.61 21.27
C VAL F 293 9.07 -37.66 20.48
N LYS F 294 8.78 -38.03 19.23
CA LYS F 294 7.96 -37.19 18.37
C LYS F 294 6.62 -37.81 18.13
N VAL F 295 5.57 -37.04 18.39
CA VAL F 295 4.22 -37.57 18.36
C VAL F 295 3.46 -36.99 17.18
N LEU F 296 3.15 -37.84 16.22
CA LEU F 296 2.39 -37.45 15.03
C LEU F 296 0.90 -37.51 15.34
N VAL F 297 0.20 -36.45 14.97
CA VAL F 297 -1.20 -36.26 15.37
C VAL F 297 -1.90 -35.32 14.40
N GLU F 298 -3.19 -35.53 14.22
CA GLU F 298 -4.01 -34.62 13.42
C GLU F 298 -4.21 -33.32 14.21
N LYS F 299 -4.24 -32.18 13.51
CA LYS F 299 -4.29 -30.87 14.19
C LYS F 299 -5.53 -30.76 15.06
N LYS F 300 -6.65 -31.31 14.60
CA LYS F 300 -7.88 -31.28 15.40
C LYS F 300 -7.63 -31.83 16.82
N ASN F 301 -6.71 -32.76 16.96
CA ASN F 301 -6.48 -33.40 18.25
C ASN F 301 -5.23 -32.92 19.01
N LYS F 302 -4.40 -32.13 18.35
CA LYS F 302 -3.14 -31.73 18.95
C LYS F 302 -3.30 -31.20 20.38
N GLN F 303 -4.28 -30.33 20.60
CA GLN F 303 -4.41 -29.72 21.92
C GLN F 303 -4.73 -30.75 23.03
N ALA F 304 -5.65 -31.67 22.74
CA ALA F 304 -6.04 -32.69 23.71
C ALA F 304 -4.87 -33.62 24.04
N VAL F 305 -4.15 -34.05 23.02
CA VAL F 305 -3.00 -34.92 23.24
C VAL F 305 -1.96 -34.19 24.09
N MET F 306 -1.64 -32.96 23.71
CA MET F 306 -0.69 -32.14 24.48
C MET F 306 -1.07 -32.13 25.97
N GLU F 307 -2.35 -31.89 26.24
CA GLU F 307 -2.88 -31.92 27.60
C GLU F 307 -2.50 -33.21 28.33
N GLN F 308 -2.60 -34.35 27.64
CA GLN F 308 -2.30 -35.64 28.26
C GLN F 308 -0.85 -35.71 28.73
N PHE F 309 0.06 -35.22 27.90
CA PHE F 309 1.48 -35.14 28.22
C PHE F 309 1.80 -34.07 29.28
N LEU F 310 0.95 -33.05 29.36
CA LEU F 310 1.17 -31.98 30.34
C LEU F 310 0.86 -32.46 31.76
N LYS F 311 0.15 -33.59 31.86
CA LYS F 311 -0.19 -34.19 33.15
C LYS F 311 1.04 -34.85 33.77
N VAL F 312 2.10 -34.99 32.96
CA VAL F 312 3.30 -35.74 33.34
C VAL F 312 4.59 -34.95 33.15
N PHE F 313 4.65 -34.16 32.07
CA PHE F 313 5.87 -33.43 31.73
C PHE F 313 5.73 -31.94 32.01
N ASP F 314 6.83 -31.32 32.45
CA ASP F 314 6.85 -29.88 32.59
C ASP F 314 6.53 -29.28 31.24
N GLU F 315 5.81 -28.17 31.23
CA GLU F 315 5.40 -27.58 29.95
C GLU F 315 6.57 -27.08 29.11
N SER F 316 7.73 -26.86 29.72
CA SER F 316 8.88 -26.43 28.95
C SER F 316 9.35 -27.50 27.96
N LYS F 317 8.90 -28.74 28.18
CA LYS F 317 9.42 -29.87 27.42
C LYS F 317 8.49 -30.28 26.29
N ILE F 318 7.28 -29.75 26.30
CA ILE F 318 6.28 -30.13 25.29
C ILE F 318 6.15 -29.06 24.20
N ILE F 319 6.59 -29.38 22.98
CA ILE F 319 6.63 -28.37 21.91
C ILE F 319 5.94 -28.85 20.61
N ALA F 320 4.98 -28.06 20.14
CA ALA F 320 4.19 -28.45 18.98
C ALA F 320 4.73 -27.80 17.73
N SER F 321 4.73 -28.56 16.62
CA SER F 321 5.15 -28.02 15.34
C SER F 321 4.19 -28.43 14.25
N ASP F 322 3.79 -27.47 13.42
CA ASP F 322 3.01 -27.77 12.21
C ASP F 322 3.95 -28.36 11.15
N ILE F 323 3.41 -28.97 10.11
CA ILE F 323 4.24 -29.37 8.96
C ILE F 323 4.23 -28.25 7.92
N ILE F 324 5.41 -27.74 7.58
CA ILE F 324 5.54 -26.65 6.62
C ILE F 324 5.53 -27.17 5.17
N SER F 325 4.84 -26.45 4.27
CA SER F 325 4.61 -26.98 2.90
C SER F 325 5.73 -26.64 1.91
N SER F 326 6.39 -25.50 2.12
CA SER F 326 7.43 -25.00 1.22
C SER F 326 8.82 -25.50 1.60
N GLY F 327 9.73 -25.51 0.62
CA GLY F 327 11.09 -26.00 0.83
C GLY F 327 12.06 -24.91 1.25
N VAL F 328 13.35 -25.19 1.07
CA VAL F 328 14.42 -24.29 1.47
C VAL F 328 14.28 -22.91 0.79
N GLU F 329 14.54 -21.84 1.52
CA GLU F 329 14.41 -20.48 0.98
C GLU F 329 15.68 -19.62 1.12
N ILE F 330 15.76 -18.57 0.31
CA ILE F 330 16.90 -17.64 0.34
C ILE F 330 16.55 -16.35 1.08
N ILE F 331 17.49 -15.86 1.89
CA ILE F 331 17.35 -14.55 2.51
C ILE F 331 18.61 -13.74 2.33
N MET G 6 2.00 -17.90 18.52
CA MET G 6 1.39 -19.21 18.74
C MET G 6 -0.07 -19.08 19.21
N VAL G 7 -0.76 -20.20 19.25
CA VAL G 7 -2.23 -20.23 19.26
C VAL G 7 -2.87 -20.60 20.61
N LYS G 8 -3.51 -19.64 21.26
CA LYS G 8 -4.09 -19.84 22.59
C LYS G 8 -5.53 -20.38 22.53
N SER G 9 -5.80 -21.47 23.24
CA SER G 9 -7.16 -22.02 23.27
C SER G 9 -7.57 -22.57 24.65
N GLY G 10 -8.88 -22.63 24.87
CA GLY G 10 -9.44 -23.10 26.12
C GLY G 10 -10.93 -23.33 26.00
N LYS G 11 -11.43 -24.18 26.89
CA LYS G 11 -12.81 -24.63 26.83
C LYS G 11 -13.40 -24.69 28.24
N ALA G 12 -14.67 -24.33 28.36
CA ALA G 12 -15.35 -24.34 29.66
C ALA G 12 -16.81 -24.76 29.56
N ARG G 13 -17.32 -25.34 30.64
CA ARG G 13 -18.75 -25.64 30.77
C ARG G 13 -19.40 -24.82 31.90
N ALA G 14 -20.45 -24.08 31.57
CA ALA G 14 -21.22 -23.34 32.59
C ALA G 14 -22.68 -23.79 32.54
N HIS G 15 -23.31 -23.89 33.70
CA HIS G 15 -24.73 -24.23 33.78
C HIS G 15 -25.56 -22.96 33.85
N THR G 16 -26.81 -23.04 33.39
CA THR G 16 -27.71 -21.90 33.52
C THR G 16 -28.14 -21.75 34.96
N ASN G 17 -28.72 -20.61 35.26
CA ASN G 17 -29.33 -20.38 36.55
C ASN G 17 -30.63 -19.62 36.35
N ILE G 18 -31.58 -19.86 37.24
CA ILE G 18 -32.84 -19.12 37.23
C ILE G 18 -32.91 -18.26 38.49
N ALA G 19 -33.14 -16.95 38.30
CA ALA G 19 -33.25 -16.03 39.42
C ALA G 19 -34.49 -16.37 40.22
N LEU G 20 -34.41 -16.20 41.55
CA LEU G 20 -35.60 -16.42 42.40
C LEU G 20 -36.08 -15.05 42.83
N ILE G 21 -35.10 -14.20 43.15
CA ILE G 21 -35.29 -12.76 43.20
C ILE G 21 -34.64 -12.18 41.93
N LYS G 22 -35.45 -11.53 41.11
CA LYS G 22 -35.10 -11.23 39.74
C LYS G 22 -34.19 -10.03 39.53
N TYR G 23 -33.29 -10.18 38.57
CA TYR G 23 -32.64 -9.09 37.87
C TYR G 23 -33.54 -8.64 36.73
N TRP G 24 -33.99 -7.40 36.80
CA TRP G 24 -34.82 -6.86 35.72
C TRP G 24 -34.61 -5.34 35.62
N GLY G 25 -33.64 -4.95 34.80
CA GLY G 25 -33.37 -3.54 34.60
C GLY G 25 -32.00 -3.08 35.06
N LYS G 26 -31.33 -2.33 34.18
CA LYS G 26 -29.97 -1.86 34.43
C LYS G 26 -29.93 -0.41 34.90
N ALA G 27 -29.02 -0.14 35.84
CA ALA G 27 -28.63 1.22 36.16
C ALA G 27 -27.74 1.78 35.05
N ASP G 28 -26.78 0.98 34.61
CA ASP G 28 -25.86 1.36 33.54
C ASP G 28 -25.84 0.31 32.40
N GLU G 29 -26.20 0.75 31.20
CA GLU G 29 -26.41 -0.14 30.06
C GLU G 29 -25.10 -0.69 29.46
N THR G 30 -24.06 0.15 29.48
CA THR G 30 -22.76 -0.15 28.90
C THR G 30 -21.97 -1.12 29.76
N TYR G 31 -22.05 -0.97 31.08
CA TYR G 31 -21.35 -1.89 31.98
C TYR G 31 -22.23 -2.96 32.61
N ILE G 32 -23.52 -2.95 32.30
CA ILE G 32 -24.44 -3.92 32.90
C ILE G 32 -24.28 -3.96 34.42
N ILE G 33 -24.48 -2.80 35.05
CA ILE G 33 -24.71 -2.69 36.49
C ILE G 33 -26.24 -2.73 36.66
N PRO G 34 -26.75 -3.55 37.62
CA PRO G 34 -28.20 -3.71 37.78
C PRO G 34 -28.81 -2.65 38.66
N MET G 35 -30.14 -2.48 38.56
CA MET G 35 -30.91 -1.57 39.41
C MET G 35 -31.17 -2.12 40.82
N ASN G 36 -31.10 -3.44 40.98
CA ASN G 36 -31.31 -4.07 42.28
C ASN G 36 -30.45 -5.34 42.38
N ASN G 37 -30.27 -5.88 43.58
CA ASN G 37 -29.61 -7.18 43.71
C ASN G 37 -30.49 -8.31 43.19
N SER G 38 -29.91 -9.48 42.94
CA SER G 38 -30.66 -10.65 42.48
C SER G 38 -30.09 -11.92 43.08
N LEU G 39 -30.96 -12.92 43.26
CA LEU G 39 -30.58 -14.21 43.84
C LEU G 39 -31.09 -15.32 42.93
N SER G 40 -30.27 -16.35 42.70
CA SER G 40 -30.58 -17.36 41.70
C SER G 40 -30.20 -18.78 42.16
N VAL G 41 -30.72 -19.79 41.49
CA VAL G 41 -30.20 -21.16 41.65
C VAL G 41 -29.62 -21.70 40.32
N THR G 42 -28.56 -22.51 40.43
CA THR G 42 -27.84 -22.99 39.27
C THR G 42 -28.23 -24.44 38.95
N LEU G 43 -28.64 -24.67 37.69
CA LEU G 43 -29.30 -25.92 37.30
C LEU G 43 -28.38 -27.00 36.75
N ASP G 44 -28.54 -28.24 37.23
CA ASP G 44 -27.69 -29.34 36.76
C ASP G 44 -28.05 -29.78 35.33
N ARG G 45 -29.33 -29.64 34.96
CA ARG G 45 -29.83 -30.14 33.67
C ARG G 45 -29.42 -29.34 32.43
N PHE G 46 -29.23 -28.03 32.58
CA PHE G 46 -28.99 -27.17 31.43
C PHE G 46 -27.64 -26.49 31.51
N TYR G 47 -26.97 -26.42 30.37
CA TYR G 47 -25.62 -25.88 30.32
C TYR G 47 -25.14 -25.58 28.91
N THR G 48 -24.09 -24.78 28.84
CA THR G 48 -23.40 -24.50 27.59
C THR G 48 -21.95 -24.95 27.69
N GLU G 49 -21.39 -25.39 26.58
CA GLU G 49 -19.96 -25.69 26.49
C GLU G 49 -19.40 -24.80 25.39
N THR G 50 -18.24 -24.21 25.65
CA THR G 50 -17.73 -23.19 24.75
C THR G 50 -16.22 -23.29 24.65
N LYS G 51 -15.74 -23.28 23.42
CA LYS G 51 -14.31 -23.35 23.17
C LYS G 51 -13.95 -22.07 22.45
N VAL G 52 -12.85 -21.45 22.86
CA VAL G 52 -12.41 -20.24 22.19
C VAL G 52 -10.96 -20.40 21.71
N THR G 53 -10.73 -20.08 20.45
CA THR G 53 -9.38 -20.15 19.91
C THR G 53 -8.90 -18.77 19.49
N PHE G 54 -7.80 -18.35 20.10
CA PHE G 54 -7.15 -17.10 19.74
C PHE G 54 -6.00 -17.40 18.79
N ASP G 55 -6.15 -16.98 17.55
CA ASP G 55 -5.21 -17.33 16.48
C ASP G 55 -4.83 -16.05 15.75
N PRO G 56 -3.52 -15.84 15.56
CA PRO G 56 -2.92 -14.61 15.03
C PRO G 56 -3.44 -14.26 13.62
N ASP G 57 -3.84 -15.29 12.88
CA ASP G 57 -4.37 -15.14 11.53
C ASP G 57 -5.76 -14.46 11.43
N PHE G 58 -6.57 -14.56 12.49
CA PHE G 58 -7.97 -14.09 12.43
C PHE G 58 -8.11 -12.58 12.33
N THR G 59 -8.89 -12.13 11.35
CA THR G 59 -9.08 -10.69 11.11
C THR G 59 -10.33 -10.16 11.84
N GLU G 60 -11.19 -11.07 12.26
CA GLU G 60 -12.43 -10.71 12.96
C GLU G 60 -12.92 -11.90 13.80
N ASP G 61 -13.76 -11.63 14.80
CA ASP G 61 -14.24 -12.71 15.68
C ASP G 61 -15.36 -13.49 15.04
N CYS G 62 -15.38 -14.78 15.32
CA CYS G 62 -16.39 -15.65 14.78
C CYS G 62 -17.10 -16.37 15.92
N LEU G 63 -18.40 -16.60 15.75
CA LEU G 63 -19.14 -17.40 16.72
C LEU G 63 -19.92 -18.48 16.02
N ILE G 64 -19.61 -19.73 16.34
CA ILE G 64 -20.40 -20.84 15.82
C ILE G 64 -21.32 -21.42 16.92
N LEU G 65 -22.62 -21.21 16.77
CA LEU G 65 -23.58 -21.68 17.77
C LEU G 65 -24.36 -22.93 17.33
N ASN G 66 -24.24 -24.00 18.11
CA ASN G 66 -24.89 -25.27 17.79
C ASN G 66 -24.65 -25.70 16.34
N GLY G 67 -23.44 -25.48 15.84
CA GLY G 67 -23.04 -25.96 14.52
C GLY G 67 -23.29 -25.01 13.36
N ASN G 68 -24.00 -23.91 13.62
CA ASN G 68 -24.24 -22.89 12.61
C ASN G 68 -23.52 -21.55 12.93
N GLU G 69 -22.98 -20.88 11.90
CA GLU G 69 -22.43 -19.55 12.10
C GLU G 69 -23.58 -18.61 12.46
N VAL G 70 -23.35 -17.66 13.35
CA VAL G 70 -24.41 -16.75 13.72
C VAL G 70 -24.54 -15.68 12.65
N ASN G 71 -25.61 -14.89 12.72
CA ASN G 71 -25.88 -13.85 11.74
C ASN G 71 -25.08 -12.58 12.04
N ALA G 72 -25.32 -11.53 11.24
CA ALA G 72 -24.55 -10.28 11.31
C ALA G 72 -24.70 -9.58 12.65
N LYS G 73 -25.93 -9.57 13.17
CA LYS G 73 -26.25 -8.86 14.41
C LYS G 73 -25.75 -9.64 15.63
N GLU G 74 -25.88 -10.96 15.61
CA GLU G 74 -25.32 -11.81 16.65
C GLU G 74 -23.81 -11.74 16.61
N LYS G 75 -23.25 -11.54 15.42
CA LYS G 75 -21.80 -11.49 15.22
C LYS G 75 -21.22 -10.23 15.84
N GLU G 76 -21.83 -9.10 15.52
CA GLU G 76 -21.47 -7.81 16.08
C GLU G 76 -21.55 -7.81 17.62
N LYS G 77 -22.64 -8.35 18.17
CA LYS G 77 -22.80 -8.44 19.61
C LYS G 77 -21.58 -9.12 20.24
N ILE G 78 -21.17 -10.25 19.67
CA ILE G 78 -20.01 -10.98 20.19
C ILE G 78 -18.63 -10.29 19.97
N GLN G 79 -18.49 -9.49 18.91
CA GLN G 79 -17.23 -8.77 18.68
C GLN G 79 -17.04 -7.69 19.73
N ASN G 80 -18.14 -7.10 20.16
CA ASN G 80 -18.11 -6.05 21.16
C ASN G 80 -17.68 -6.58 22.52
N TYR G 81 -18.12 -7.79 22.84
CA TYR G 81 -17.69 -8.48 24.05
C TYR G 81 -16.22 -8.83 23.98
N MET G 82 -15.79 -9.38 22.86
CA MET G 82 -14.40 -9.77 22.68
C MET G 82 -13.49 -8.56 22.77
N ASN G 83 -14.05 -7.39 22.45
CA ASN G 83 -13.29 -6.16 22.57
C ASN G 83 -12.92 -5.95 24.00
N ILE G 84 -13.89 -6.21 24.87
CA ILE G 84 -13.67 -6.15 26.31
C ILE G 84 -12.60 -7.13 26.74
N VAL G 85 -12.71 -8.38 26.30
CA VAL G 85 -11.73 -9.40 26.69
C VAL G 85 -10.33 -9.00 26.25
N ARG G 86 -10.22 -8.38 25.08
CA ARG G 86 -8.92 -7.94 24.59
C ARG G 86 -8.37 -6.80 25.45
N ASP G 87 -9.12 -5.71 25.60
CA ASP G 87 -8.68 -4.60 26.46
C ASP G 87 -8.24 -5.11 27.84
N LEU G 88 -8.95 -6.07 28.40
CA LEU G 88 -8.58 -6.65 29.68
C LEU G 88 -7.25 -7.38 29.62
N ALA G 89 -7.14 -8.31 28.68
CA ALA G 89 -5.97 -9.18 28.57
C ALA G 89 -4.75 -8.46 27.97
N GLY G 90 -4.98 -7.26 27.45
CA GLY G 90 -3.93 -6.46 26.84
C GLY G 90 -3.35 -7.02 25.55
N ASN G 91 -4.15 -7.77 24.81
CA ASN G 91 -3.67 -8.25 23.51
C ASN G 91 -4.54 -7.82 22.33
N ARG G 92 -4.22 -8.33 21.14
CA ARG G 92 -4.88 -7.85 19.92
C ARG G 92 -5.47 -8.97 19.07
N LEU G 93 -5.38 -10.20 19.55
CA LEU G 93 -5.84 -11.34 18.76
C LEU G 93 -7.37 -11.40 18.64
N HIS G 94 -7.85 -11.94 17.53
CA HIS G 94 -9.28 -12.23 17.39
C HIS G 94 -9.55 -13.68 17.78
N ALA G 95 -10.83 -14.03 17.96
CA ALA G 95 -11.19 -15.36 18.45
C ALA G 95 -12.16 -16.11 17.53
N ARG G 96 -12.02 -17.42 17.51
CA ARG G 96 -13.02 -18.28 16.91
C ARG G 96 -13.72 -18.96 18.09
N ILE G 97 -15.03 -18.72 18.21
CA ILE G 97 -15.75 -19.27 19.34
C ILE G 97 -16.72 -20.34 18.87
N GLU G 98 -16.50 -21.55 19.36
CA GLU G 98 -17.39 -22.67 19.06
C GLU G 98 -18.23 -23.03 20.29
N SER G 99 -19.53 -22.78 20.25
CA SER G 99 -20.36 -23.03 21.42
C SER G 99 -21.55 -23.95 21.16
N GLU G 100 -21.85 -24.78 22.14
CA GLU G 100 -22.98 -25.69 22.04
C GLU G 100 -23.92 -25.48 23.22
N ASN G 101 -25.15 -25.05 22.94
CA ASN G 101 -26.16 -25.00 23.98
C ASN G 101 -26.79 -26.36 24.22
N TYR G 102 -26.71 -26.84 25.45
CA TYR G 102 -27.51 -27.97 25.87
C TYR G 102 -28.73 -27.47 26.61
N VAL G 103 -29.45 -26.58 25.91
CA VAL G 103 -30.57 -25.81 26.46
C VAL G 103 -31.12 -24.94 25.33
N PRO G 104 -32.46 -24.81 25.25
CA PRO G 104 -33.04 -23.97 24.21
C PRO G 104 -32.43 -22.57 24.16
N THR G 105 -32.03 -22.11 22.98
CA THR G 105 -31.46 -20.78 22.81
C THR G 105 -32.54 -19.68 22.81
N ALA G 106 -32.29 -18.61 23.57
CA ALA G 106 -33.14 -17.39 23.63
C ALA G 106 -34.63 -17.60 23.86
N ALA G 107 -34.98 -18.58 24.70
CA ALA G 107 -36.37 -18.98 24.82
C ALA G 107 -36.95 -18.65 26.19
N GLY G 108 -36.11 -18.16 27.09
CA GLY G 108 -36.53 -17.82 28.44
C GLY G 108 -36.05 -18.85 29.45
N LEU G 109 -34.98 -19.54 29.09
CA LEU G 109 -34.43 -20.60 29.92
C LEU G 109 -32.99 -20.29 30.28
N ALA G 110 -32.65 -19.00 30.15
CA ALA G 110 -31.38 -18.49 30.69
C ALA G 110 -30.16 -18.91 29.88
N SER G 111 -30.35 -19.27 28.62
CA SER G 111 -29.17 -19.59 27.83
C SER G 111 -28.08 -18.52 27.93
N SER G 112 -28.44 -17.25 28.11
CA SER G 112 -27.41 -16.20 28.11
C SER G 112 -26.50 -16.25 29.35
N ALA G 113 -27.08 -16.67 30.48
CA ALA G 113 -26.37 -16.90 31.73
C ALA G 113 -25.26 -17.94 31.59
N SER G 114 -25.62 -19.11 31.07
CA SER G 114 -24.61 -20.17 30.88
C SER G 114 -23.61 -19.74 29.80
N ALA G 115 -24.10 -19.14 28.74
CA ALA G 115 -23.27 -18.80 27.58
C ALA G 115 -22.07 -17.92 27.94
N TYR G 116 -22.32 -16.83 28.64
CA TYR G 116 -21.25 -15.90 28.96
C TYR G 116 -20.39 -16.32 30.17
N ALA G 117 -20.91 -17.15 31.06
CA ALA G 117 -20.01 -17.73 32.05
C ALA G 117 -19.03 -18.69 31.35
N ALA G 118 -19.57 -19.60 30.53
CA ALA G 118 -18.74 -20.47 29.72
C ALA G 118 -17.66 -19.67 28.95
N LEU G 119 -18.09 -18.65 28.22
CA LEU G 119 -17.15 -17.89 27.41
C LEU G 119 -16.10 -17.20 28.28
N ALA G 120 -16.54 -16.66 29.42
CA ALA G 120 -15.60 -15.97 30.32
C ALA G 120 -14.57 -16.93 30.92
N ALA G 121 -15.03 -18.10 31.37
CA ALA G 121 -14.13 -19.09 31.94
C ALA G 121 -13.09 -19.52 30.90
N ALA G 122 -13.53 -19.62 29.65
CA ALA G 122 -12.68 -20.19 28.60
C ALA G 122 -11.59 -19.21 28.20
N CYS G 123 -11.98 -17.97 27.94
CA CYS G 123 -11.01 -16.92 27.64
C CYS G 123 -9.96 -16.88 28.73
N ASN G 124 -10.44 -16.87 29.97
CA ASN G 124 -9.57 -16.86 31.13
C ASN G 124 -8.51 -17.94 31.07
N GLU G 125 -8.94 -19.15 30.72
CA GLU G 125 -8.06 -20.30 30.58
C GLU G 125 -7.08 -20.13 29.41
N ALA G 126 -7.62 -19.81 28.23
CA ALA G 126 -6.81 -19.63 27.02
C ALA G 126 -5.66 -18.63 27.20
N LEU G 127 -6.03 -17.44 27.67
CA LEU G 127 -5.13 -16.29 27.78
C LEU G 127 -4.40 -16.27 29.12
N SER G 128 -4.65 -17.28 29.95
CA SER G 128 -3.97 -17.41 31.24
C SER G 128 -4.09 -16.16 32.10
N LEU G 129 -5.31 -15.66 32.27
CA LEU G 129 -5.51 -14.41 33.02
C LEU G 129 -5.51 -14.65 34.54
N ASN G 130 -5.81 -15.88 34.95
CA ASN G 130 -5.79 -16.25 36.37
C ASN G 130 -6.77 -15.44 37.26
N LEU G 131 -7.96 -15.19 36.73
CA LEU G 131 -8.93 -14.34 37.39
C LEU G 131 -9.52 -15.00 38.63
N SER G 132 -9.68 -14.22 39.71
CA SER G 132 -10.43 -14.68 40.87
C SER G 132 -11.86 -14.98 40.45
N ASP G 133 -12.57 -15.80 41.21
CA ASP G 133 -13.99 -15.98 40.97
C ASP G 133 -14.74 -14.63 40.88
N THR G 134 -14.46 -13.73 41.82
CA THR G 134 -15.01 -12.36 41.74
C THR G 134 -14.78 -11.78 40.35
N ASP G 135 -13.53 -11.65 39.96
CA ASP G 135 -13.19 -11.02 38.69
C ASP G 135 -13.74 -11.77 37.49
N LEU G 136 -13.85 -13.08 37.62
CA LEU G 136 -14.41 -13.89 36.56
C LEU G 136 -15.91 -13.64 36.45
N SER G 137 -16.54 -13.37 37.60
CA SER G 137 -17.93 -12.96 37.64
C SER G 137 -18.11 -11.61 36.97
N ARG G 138 -17.17 -10.70 37.22
CA ARG G 138 -17.20 -9.36 36.62
C ARG G 138 -17.15 -9.41 35.08
N LEU G 139 -16.27 -10.25 34.55
CA LEU G 139 -16.14 -10.38 33.11
C LEU G 139 -17.43 -10.93 32.45
N ALA G 140 -17.96 -12.03 32.98
CA ALA G 140 -19.19 -12.60 32.44
C ALA G 140 -20.26 -11.52 32.49
N ARG G 141 -20.32 -10.83 33.62
CA ARG G 141 -21.32 -9.80 33.83
C ARG G 141 -21.39 -8.87 32.62
N ARG G 142 -20.24 -8.44 32.10
CA ARG G 142 -20.24 -7.57 30.92
C ARG G 142 -20.94 -8.19 29.72
N GLY G 143 -21.11 -9.51 29.72
CA GLY G 143 -21.71 -10.20 28.59
C GLY G 143 -23.22 -10.39 28.78
N SER G 144 -23.58 -10.77 30.00
CA SER G 144 -24.97 -10.98 30.38
C SER G 144 -25.00 -10.84 31.89
N GLY G 145 -25.88 -9.98 32.39
CA GLY G 145 -25.94 -9.73 33.82
C GLY G 145 -26.07 -11.03 34.58
N SER G 146 -27.11 -11.79 34.25
CA SER G 146 -27.35 -13.09 34.86
C SER G 146 -26.16 -14.06 34.78
N ALA G 147 -25.34 -13.94 33.73
CA ALA G 147 -24.17 -14.82 33.58
C ALA G 147 -23.24 -14.67 34.77
N SER G 148 -23.28 -13.51 35.41
CA SER G 148 -22.41 -13.25 36.55
C SER G 148 -22.66 -14.27 37.68
N ARG G 149 -23.88 -14.75 37.82
CA ARG G 149 -24.18 -15.74 38.85
C ARG G 149 -23.82 -17.16 38.42
N SER G 150 -23.78 -17.41 37.11
CA SER G 150 -23.48 -18.78 36.63
C SER G 150 -22.02 -19.24 36.87
N ILE G 151 -21.21 -18.36 37.44
CA ILE G 151 -19.87 -18.72 37.86
C ILE G 151 -19.92 -19.75 39.02
N PHE G 152 -21.03 -19.75 39.76
CA PHE G 152 -21.11 -20.55 40.97
C PHE G 152 -22.22 -21.58 40.92
N GLY G 153 -22.17 -22.52 41.87
CA GLY G 153 -23.24 -23.49 42.05
C GLY G 153 -24.23 -23.07 43.12
N GLY G 154 -25.24 -23.91 43.33
CA GLY G 154 -26.25 -23.69 44.34
C GLY G 154 -26.87 -22.31 44.26
N PHE G 155 -27.00 -21.68 45.42
CA PHE G 155 -27.55 -20.34 45.51
C PHE G 155 -26.47 -19.32 45.19
N ALA G 156 -26.86 -18.25 44.54
CA ALA G 156 -25.91 -17.21 44.19
C ALA G 156 -26.61 -15.88 44.26
N GLU G 157 -25.86 -14.86 44.62
CA GLU G 157 -26.39 -13.52 44.71
C GLU G 157 -25.50 -12.68 43.84
N TRP G 158 -26.12 -11.80 43.08
CA TRP G 158 -25.36 -10.82 42.35
C TRP G 158 -25.60 -9.51 43.08
N GLU G 159 -24.50 -8.95 43.60
CA GLU G 159 -24.50 -7.67 44.33
C GLU G 159 -24.36 -6.52 43.33
N LYS G 160 -25.27 -5.55 43.40
CA LYS G 160 -25.31 -4.55 42.33
C LYS G 160 -24.09 -3.63 42.25
N GLY G 161 -23.54 -3.25 43.41
CA GLY G 161 -22.40 -2.35 43.43
C GLY G 161 -22.78 -1.01 42.84
N HIS G 162 -21.77 -0.19 42.54
CA HIS G 162 -22.06 1.14 42.00
C HIS G 162 -21.17 1.42 40.81
N ASP G 163 -20.24 0.50 40.55
CA ASP G 163 -19.38 0.64 39.38
C ASP G 163 -18.82 -0.71 38.91
N ASP G 164 -17.98 -0.67 37.88
CA ASP G 164 -17.42 -1.89 37.30
C ASP G 164 -16.59 -2.75 38.23
N LEU G 165 -16.09 -2.21 39.33
CA LEU G 165 -15.35 -3.06 40.26
C LEU G 165 -16.24 -3.69 41.32
N THR G 166 -17.36 -3.04 41.61
CA THR G 166 -18.20 -3.48 42.73
C THR G 166 -19.41 -4.36 42.34
N SER G 167 -19.74 -4.44 41.05
CA SER G 167 -20.92 -5.21 40.61
C SER G 167 -20.58 -6.63 40.24
N TYR G 168 -20.84 -7.57 41.15
CA TYR G 168 -20.49 -8.96 40.91
C TYR G 168 -21.25 -9.94 41.81
N ALA G 169 -20.94 -11.22 41.67
CA ALA G 169 -21.67 -12.25 42.39
C ALA G 169 -20.76 -13.08 43.29
N HIS G 170 -21.37 -13.83 44.20
CA HIS G 170 -20.68 -14.79 45.03
C HIS G 170 -21.64 -15.96 45.32
N GLY G 171 -21.09 -17.15 45.52
CA GLY G 171 -21.92 -18.27 45.93
C GLY G 171 -22.43 -18.03 47.33
N ILE G 172 -23.54 -18.67 47.67
CA ILE G 172 -24.14 -18.50 48.99
C ILE G 172 -24.31 -19.86 49.62
N ASN G 173 -23.78 -20.02 50.83
CA ASN G 173 -23.80 -21.33 51.46
C ASN G 173 -25.15 -21.62 52.15
N SER G 174 -25.56 -22.89 52.10
CA SER G 174 -26.84 -23.32 52.66
C SER G 174 -26.77 -24.73 53.23
N ASN G 175 -25.56 -25.21 53.51
CA ASN G 175 -25.38 -26.55 54.05
C ASN G 175 -25.91 -27.65 53.13
N GLY G 176 -25.74 -27.47 51.83
CA GLY G 176 -26.19 -28.46 50.87
C GLY G 176 -27.70 -28.64 50.92
N TRP G 177 -28.41 -27.55 51.22
CA TRP G 177 -29.85 -27.55 51.08
C TRP G 177 -30.20 -27.75 49.62
N GLU G 178 -29.29 -27.30 48.74
CA GLU G 178 -29.57 -27.34 47.33
C GLU G 178 -29.58 -28.77 46.82
N LYS G 179 -29.10 -29.72 47.62
CA LYS G 179 -29.16 -31.13 47.25
C LYS G 179 -30.54 -31.72 47.55
N ASP G 180 -31.30 -31.05 48.42
CA ASP G 180 -32.67 -31.45 48.75
C ASP G 180 -33.71 -30.77 47.86
N LEU G 181 -33.28 -29.94 46.92
CA LEU G 181 -34.23 -29.18 46.10
C LEU G 181 -34.13 -29.53 44.63
N SER G 182 -35.15 -29.10 43.88
CA SER G 182 -35.29 -29.50 42.50
C SER G 182 -36.11 -28.43 41.78
N MET G 183 -36.00 -28.37 40.46
CA MET G 183 -36.77 -27.43 39.66
C MET G 183 -37.37 -28.17 38.46
N ILE G 184 -38.70 -28.16 38.35
CA ILE G 184 -39.39 -28.75 37.20
C ILE G 184 -39.64 -27.68 36.14
N PHE G 185 -39.08 -27.86 34.95
CA PHE G 185 -39.38 -26.91 33.87
C PHE G 185 -40.63 -27.31 33.11
N VAL G 186 -41.57 -26.37 33.01
CA VAL G 186 -42.68 -26.53 32.09
C VAL G 186 -42.37 -25.71 30.86
N VAL G 187 -41.80 -26.37 29.85
CA VAL G 187 -41.45 -25.73 28.61
C VAL G 187 -42.68 -25.61 27.73
N ILE G 188 -43.30 -24.42 27.74
CA ILE G 188 -44.39 -24.11 26.84
C ILE G 188 -43.91 -23.61 25.46
N ASN G 189 -42.71 -23.01 25.40
CA ASN G 189 -42.15 -22.56 24.11
C ASN G 189 -40.64 -22.66 23.94
N ASN G 190 -40.22 -23.46 22.96
CA ASN G 190 -38.83 -23.79 22.65
C ASN G 190 -38.10 -22.75 21.81
N GLN G 191 -38.85 -21.79 21.28
CA GLN G 191 -38.39 -20.95 20.18
C GLN G 191 -37.79 -19.68 20.72
N SER G 192 -37.33 -18.79 19.85
CA SER G 192 -36.77 -17.51 20.28
C SER G 192 -37.85 -16.53 20.76
N LYS G 193 -37.54 -15.68 21.75
CA LYS G 193 -38.43 -14.61 22.18
C LYS G 193 -38.64 -13.59 21.08
N LYS G 194 -39.87 -13.09 20.94
CA LYS G 194 -40.05 -11.87 20.19
C LYS G 194 -39.22 -10.75 20.82
N VAL G 195 -39.25 -10.70 22.16
CA VAL G 195 -38.65 -9.59 22.90
C VAL G 195 -37.53 -10.04 23.83
N SER G 196 -36.30 -9.85 23.37
CA SER G 196 -35.12 -10.31 24.09
C SER G 196 -35.11 -9.82 25.55
N SER G 197 -34.51 -10.61 26.42
CA SER G 197 -34.32 -10.17 27.81
C SER G 197 -33.83 -8.74 27.87
N ARG G 198 -32.77 -8.46 27.12
CA ARG G 198 -32.08 -7.19 27.21
C ARG G 198 -32.95 -5.99 26.87
N SER G 199 -33.68 -6.07 25.76
CA SER G 199 -34.45 -4.91 25.29
C SER G 199 -35.77 -4.73 26.01
N GLY G 200 -36.45 -5.82 26.36
CA GLY G 200 -37.66 -5.73 27.18
C GLY G 200 -37.32 -5.04 28.49
N MET G 201 -36.28 -5.56 29.12
CA MET G 201 -35.67 -4.99 30.32
C MET G 201 -35.47 -3.48 30.20
N SER G 202 -34.84 -3.05 29.11
CA SER G 202 -34.52 -1.65 28.96
C SER G 202 -35.77 -0.84 28.67
N LEU G 203 -36.79 -1.46 28.09
CA LEU G 203 -38.02 -0.71 27.85
C LEU G 203 -38.81 -0.55 29.14
N THR G 204 -38.75 -1.58 29.98
CA THR G 204 -39.53 -1.55 31.22
C THR G 204 -38.94 -0.59 32.26
N ARG G 205 -37.62 -0.66 32.48
CA ARG G 205 -37.04 0.24 33.51
C ARG G 205 -37.03 1.69 33.04
N ASP G 206 -37.01 1.90 31.73
CA ASP G 206 -37.03 3.28 31.23
C ASP G 206 -38.42 3.90 31.28
N THR G 207 -39.45 3.12 31.03
CA THR G 207 -40.77 3.71 30.83
C THR G 207 -41.88 3.21 31.74
N SER G 208 -41.68 2.07 32.39
CA SER G 208 -42.80 1.43 33.06
C SER G 208 -43.38 2.22 34.25
N ARG G 209 -44.69 2.35 34.25
CA ARG G 209 -45.38 3.06 35.32
C ARG G 209 -45.41 2.29 36.65
N PHE G 210 -44.96 1.03 36.63
CA PHE G 210 -44.99 0.21 37.86
C PHE G 210 -43.59 -0.15 38.35
N TYR G 211 -42.58 0.40 37.69
CA TYR G 211 -41.21 0.02 38.00
C TYR G 211 -40.79 0.41 39.43
N GLN G 212 -41.20 1.62 39.83
CA GLN G 212 -40.87 2.10 41.17
C GLN G 212 -41.45 1.14 42.20
N TYR G 213 -42.67 0.69 41.94
CA TYR G 213 -43.29 -0.33 42.77
C TYR G 213 -42.34 -1.52 42.92
N TRP G 214 -41.80 -1.98 41.79
CA TRP G 214 -40.84 -3.05 41.81
C TRP G 214 -39.65 -2.76 42.74
N LEU G 215 -39.04 -1.57 42.58
CA LEU G 215 -37.90 -1.14 43.42
C LEU G 215 -38.25 -1.05 44.90
N ASP G 216 -39.45 -0.59 45.21
CA ASP G 216 -39.83 -0.43 46.60
C ASP G 216 -39.83 -1.77 47.35
N HIS G 217 -40.05 -2.88 46.67
CA HIS G 217 -40.17 -4.16 47.38
C HIS G 217 -39.03 -5.19 47.22
N VAL G 218 -38.05 -4.87 46.39
CA VAL G 218 -37.10 -5.90 46.02
C VAL G 218 -36.13 -6.26 47.15
N ASP G 219 -35.72 -5.27 47.93
CA ASP G 219 -34.82 -5.52 49.06
C ASP G 219 -35.48 -6.29 50.22
N GLU G 220 -36.71 -5.94 50.55
CA GLU G 220 -37.46 -6.71 51.54
C GLU G 220 -37.54 -8.19 51.14
N ASP G 221 -37.89 -8.43 49.88
CA ASP G 221 -38.00 -9.81 49.37
C ASP G 221 -36.65 -10.53 49.41
N LEU G 222 -35.60 -9.80 49.07
CA LEU G 222 -34.26 -10.35 49.07
C LEU G 222 -33.83 -10.82 50.47
N ASN G 223 -33.92 -9.93 51.44
CA ASN G 223 -33.52 -10.31 52.80
C ASN G 223 -34.39 -11.45 53.29
N GLU G 224 -35.67 -11.42 52.93
CA GLU G 224 -36.59 -12.49 53.28
C GLU G 224 -36.16 -13.84 52.68
N ALA G 225 -35.80 -13.85 51.39
CA ALA G 225 -35.31 -15.09 50.75
C ALA G 225 -34.02 -15.60 51.39
N LYS G 226 -33.11 -14.67 51.69
CA LYS G 226 -31.85 -15.02 52.38
C LYS G 226 -32.10 -15.64 53.76
N GLU G 227 -32.97 -15.01 54.54
CA GLU G 227 -33.36 -15.59 55.83
C GLU G 227 -33.91 -17.00 55.62
N ALA G 228 -34.82 -17.14 54.67
CA ALA G 228 -35.36 -18.46 54.30
C ALA G 228 -34.31 -19.55 54.00
N VAL G 229 -33.23 -19.20 53.29
CA VAL G 229 -32.19 -20.21 53.03
C VAL G 229 -31.41 -20.51 54.31
N LYS G 230 -31.13 -19.48 55.11
CA LYS G 230 -30.53 -19.70 56.44
C LYS G 230 -31.27 -20.75 57.26
N ASN G 231 -32.59 -20.65 57.30
CA ASN G 231 -33.42 -21.57 58.08
C ASN G 231 -33.87 -22.79 57.29
N GLN G 232 -33.39 -22.91 56.05
CA GLN G 232 -33.85 -23.95 55.13
C GLN G 232 -35.37 -24.08 55.20
N ASP G 233 -36.06 -22.95 55.26
CA ASP G 233 -37.51 -22.95 55.39
C ASP G 233 -38.17 -22.89 54.00
N PHE G 234 -38.52 -24.04 53.44
CA PHE G 234 -39.04 -24.08 52.07
C PHE G 234 -40.27 -23.20 51.84
N GLN G 235 -41.32 -23.40 52.65
CA GLN G 235 -42.55 -22.62 52.48
C GLN G 235 -42.25 -21.14 52.45
N ARG G 236 -41.36 -20.70 53.33
CA ARG G 236 -41.05 -19.28 53.42
C ARG G 236 -40.31 -18.76 52.17
N LEU G 237 -39.45 -19.61 51.59
CA LEU G 237 -38.73 -19.22 50.36
C LEU G 237 -39.74 -19.11 49.22
N GLY G 238 -40.48 -20.20 48.99
CA GLY G 238 -41.46 -20.27 47.93
C GLY G 238 -42.32 -19.03 47.86
N GLU G 239 -42.97 -18.70 48.98
CA GLU G 239 -43.95 -17.60 49.02
C GLU G 239 -43.38 -16.27 48.51
N VAL G 240 -42.15 -15.97 48.91
CA VAL G 240 -41.57 -14.67 48.56
C VAL G 240 -41.10 -14.65 47.11
N ILE G 241 -40.54 -15.76 46.63
CA ILE G 241 -40.02 -15.76 45.26
C ILE G 241 -41.14 -15.85 44.22
N GLU G 242 -42.23 -16.51 44.58
CA GLU G 242 -43.35 -16.55 43.67
C GLU G 242 -43.89 -15.15 43.49
N ALA G 243 -44.12 -14.46 44.59
CA ALA G 243 -44.55 -13.07 44.56
C ALA G 243 -43.57 -12.15 43.81
N ASN G 244 -42.29 -12.25 44.14
CA ASN G 244 -41.29 -11.41 43.50
C ASN G 244 -41.28 -11.59 41.98
N GLY G 245 -41.38 -12.85 41.56
CA GLY G 245 -41.44 -13.18 40.15
C GLY G 245 -42.61 -12.49 39.49
N LEU G 246 -43.77 -12.61 40.12
CA LEU G 246 -44.96 -11.97 39.62
C LEU G 246 -44.81 -10.45 39.52
N ARG G 247 -44.09 -9.86 40.48
CA ARG G 247 -43.95 -8.40 40.48
C ARG G 247 -43.07 -7.98 39.31
N MET G 248 -42.08 -8.79 39.01
CA MET G 248 -41.25 -8.48 37.88
C MET G 248 -42.10 -8.46 36.61
N HIS G 249 -43.03 -9.39 36.47
CA HIS G 249 -43.83 -9.43 35.25
C HIS G 249 -44.92 -8.36 35.21
N ALA G 250 -45.30 -7.87 36.38
CA ALA G 250 -46.22 -6.75 36.46
C ALA G 250 -45.59 -5.52 35.82
N THR G 251 -44.29 -5.34 36.02
CA THR G 251 -43.67 -4.13 35.51
C THR G 251 -43.78 -4.06 33.98
N ASN G 252 -43.76 -5.20 33.30
CA ASN G 252 -43.87 -5.17 31.85
C ASN G 252 -45.24 -4.62 31.40
N LEU G 253 -46.25 -4.90 32.20
CA LEU G 253 -47.61 -4.47 31.93
C LEU G 253 -47.74 -2.95 32.08
N GLY G 254 -46.84 -2.34 32.86
CA GLY G 254 -46.83 -0.89 33.02
C GLY G 254 -45.95 -0.13 32.02
N ALA G 255 -45.22 -0.87 31.19
CA ALA G 255 -44.33 -0.27 30.18
C ALA G 255 -45.11 0.51 29.09
N GLN G 256 -44.36 1.14 28.20
CA GLN G 256 -44.93 2.03 27.20
C GLN G 256 -44.40 1.73 25.79
N PRO G 257 -45.16 0.96 24.98
CA PRO G 257 -46.45 0.37 25.35
C PRO G 257 -46.30 -0.97 26.09
N PRO G 258 -47.34 -1.37 26.82
CA PRO G 258 -47.20 -2.55 27.68
C PRO G 258 -46.99 -3.83 26.88
N PHE G 259 -46.34 -4.80 27.52
CA PHE G 259 -46.18 -6.11 26.92
C PHE G 259 -46.20 -7.20 27.99
N THR G 260 -46.24 -8.45 27.56
CA THR G 260 -46.18 -9.57 28.50
C THR G 260 -45.42 -10.75 27.92
N TYR G 261 -44.68 -11.44 28.78
CA TYR G 261 -44.07 -12.70 28.35
C TYR G 261 -45.00 -13.90 28.48
N LEU G 262 -46.06 -13.76 29.28
CA LEU G 262 -46.89 -14.89 29.66
C LEU G 262 -47.93 -15.23 28.61
N VAL G 263 -48.37 -16.48 28.60
CA VAL G 263 -49.35 -16.98 27.65
C VAL G 263 -50.41 -17.73 28.48
N GLN G 264 -51.59 -18.00 27.91
CA GLN G 264 -52.64 -18.72 28.66
C GLN G 264 -52.13 -20.03 29.32
N GLU G 265 -51.30 -20.76 28.58
CA GLU G 265 -50.69 -21.98 29.09
C GLU G 265 -49.75 -21.73 30.28
N SER G 266 -49.09 -20.57 30.34
CA SER G 266 -48.32 -20.22 31.53
C SER G 266 -49.25 -20.21 32.73
N TYR G 267 -50.39 -19.55 32.57
CA TYR G 267 -51.34 -19.43 33.66
C TYR G 267 -51.90 -20.81 34.03
N ASP G 268 -52.18 -21.65 33.03
CA ASP G 268 -52.63 -23.02 33.29
C ASP G 268 -51.62 -23.72 34.19
N ALA G 269 -50.36 -23.73 33.75
CA ALA G 269 -49.28 -24.23 34.59
C ALA G 269 -49.28 -23.66 36.03
N MET G 270 -49.50 -22.37 36.19
CA MET G 270 -49.47 -21.81 37.54
C MET G 270 -50.62 -22.41 38.38
N ALA G 271 -51.77 -22.63 37.74
CA ALA G 271 -52.95 -23.20 38.40
C ALA G 271 -52.69 -24.60 38.94
N ILE G 272 -51.93 -25.39 38.20
CA ILE G 272 -51.59 -26.73 38.66
C ILE G 272 -50.70 -26.68 39.91
N VAL G 273 -49.77 -25.72 39.96
CA VAL G 273 -48.94 -25.53 41.14
C VAL G 273 -49.82 -25.30 42.37
N GLU G 274 -50.72 -24.33 42.28
CA GLU G 274 -51.64 -24.02 43.37
C GLU G 274 -52.56 -25.22 43.73
N GLN G 275 -52.98 -26.02 42.76
CA GLN G 275 -53.67 -27.27 43.10
C GLN G 275 -52.78 -28.25 43.90
N CYS G 276 -51.51 -28.36 43.52
CA CYS G 276 -50.59 -29.25 44.25
C CYS G 276 -50.49 -28.78 45.70
N ARG G 277 -50.42 -27.48 45.89
CA ARG G 277 -50.28 -26.91 47.22
C ARG G 277 -51.50 -27.29 48.05
N LYS G 278 -52.67 -27.29 47.42
CA LYS G 278 -53.88 -27.68 48.12
C LYS G 278 -53.87 -29.19 48.42
N ALA G 279 -53.08 -29.95 47.67
CA ALA G 279 -52.91 -31.38 47.94
C ALA G 279 -51.77 -31.62 48.93
N ASN G 280 -51.41 -30.56 49.65
CA ASN G 280 -50.25 -30.57 50.52
C ASN G 280 -48.94 -31.10 49.88
N LEU G 281 -48.72 -30.74 48.62
CA LEU G 281 -47.40 -30.85 47.99
C LEU G 281 -46.83 -29.42 47.81
N PRO G 282 -46.02 -28.96 48.79
CA PRO G 282 -45.48 -27.60 48.67
C PRO G 282 -44.63 -27.40 47.41
N CYS G 283 -44.94 -26.36 46.65
CA CYS G 283 -44.17 -26.02 45.44
C CYS G 283 -44.53 -24.62 44.96
N TYR G 284 -43.61 -24.01 44.23
CA TYR G 284 -43.70 -22.60 43.91
C TYR G 284 -43.12 -22.34 42.53
N PHE G 285 -43.74 -21.45 41.76
CA PHE G 285 -43.32 -21.24 40.39
C PHE G 285 -42.59 -19.91 40.20
N THR G 286 -41.77 -19.85 39.16
CA THR G 286 -41.19 -18.58 38.71
C THR G 286 -41.08 -18.59 37.17
N MET G 287 -41.00 -17.40 36.59
CA MET G 287 -40.86 -17.27 35.13
C MET G 287 -39.73 -16.32 34.78
N ALA G 288 -38.85 -16.76 33.88
CA ALA G 288 -37.85 -15.86 33.33
C ALA G 288 -38.52 -15.05 32.21
N ALA G 289 -37.74 -14.46 31.32
CA ALA G 289 -38.32 -13.71 30.19
C ALA G 289 -38.85 -14.68 29.14
N GLY G 290 -40.04 -15.21 29.38
CA GLY G 290 -40.63 -16.12 28.43
C GLY G 290 -41.89 -16.73 29.00
N PRO G 291 -42.57 -17.55 28.20
CA PRO G 291 -43.82 -18.13 28.69
C PRO G 291 -43.53 -19.33 29.57
N ASN G 292 -42.28 -19.82 29.56
CA ASN G 292 -41.96 -21.03 30.32
C ASN G 292 -41.99 -20.87 31.85
N VAL G 293 -42.56 -21.86 32.52
CA VAL G 293 -42.76 -21.79 33.97
C VAL G 293 -41.86 -22.79 34.71
N LYS G 294 -41.09 -22.29 35.68
CA LYS G 294 -40.22 -23.15 36.47
C LYS G 294 -40.80 -23.30 37.87
N VAL G 295 -40.92 -24.56 38.32
CA VAL G 295 -41.57 -24.86 39.59
C VAL G 295 -40.54 -25.36 40.62
N LEU G 296 -40.26 -24.56 41.63
CA LEU G 296 -39.33 -25.00 42.69
C LEU G 296 -40.04 -25.99 43.62
N VAL G 297 -39.42 -27.15 43.84
CA VAL G 297 -40.00 -28.19 44.67
C VAL G 297 -38.98 -29.06 45.38
N GLU G 298 -39.29 -29.45 46.60
CA GLU G 298 -38.43 -30.38 47.34
C GLU G 298 -38.32 -31.69 46.58
N LYS G 299 -37.13 -32.30 46.63
CA LYS G 299 -36.89 -33.57 45.95
C LYS G 299 -37.90 -34.66 46.35
N LYS G 300 -38.39 -34.62 47.58
CA LYS G 300 -39.25 -35.70 48.09
C LYS G 300 -40.65 -35.63 47.47
N ASN G 301 -41.01 -34.45 46.99
CA ASN G 301 -42.29 -34.27 46.32
C ASN G 301 -42.18 -34.17 44.79
N LYS G 302 -40.96 -34.26 44.25
CA LYS G 302 -40.77 -34.05 42.83
C LYS G 302 -41.69 -34.94 41.99
N GLN G 303 -41.52 -36.26 42.08
CA GLN G 303 -42.28 -37.18 41.25
C GLN G 303 -43.81 -36.93 41.31
N ALA G 304 -44.33 -36.53 42.47
CA ALA G 304 -45.76 -36.35 42.62
C ALA G 304 -46.28 -35.10 41.92
N VAL G 305 -45.58 -33.99 42.07
CA VAL G 305 -45.91 -32.77 41.34
C VAL G 305 -45.82 -32.98 39.83
N MET G 306 -44.78 -33.69 39.40
CA MET G 306 -44.63 -34.01 37.98
C MET G 306 -45.77 -34.89 37.47
N GLU G 307 -46.18 -35.85 38.30
CA GLU G 307 -47.33 -36.69 37.99
C GLU G 307 -48.58 -35.82 37.80
N GLN G 308 -48.64 -34.67 38.49
CA GLN G 308 -49.79 -33.76 38.29
C GLN G 308 -49.72 -33.08 36.93
N PHE G 309 -48.60 -32.42 36.65
CA PHE G 309 -48.45 -31.78 35.35
C PHE G 309 -48.73 -32.77 34.23
N LEU G 310 -48.27 -34.02 34.37
CA LEU G 310 -48.38 -35.00 33.28
C LEU G 310 -49.82 -35.35 32.91
N LYS G 311 -50.77 -34.93 33.75
CA LYS G 311 -52.19 -35.14 33.48
C LYS G 311 -52.75 -34.04 32.57
N VAL G 312 -52.02 -32.95 32.44
CA VAL G 312 -52.47 -31.82 31.62
C VAL G 312 -51.55 -31.61 30.43
N PHE G 313 -50.26 -31.71 30.67
CA PHE G 313 -49.26 -31.36 29.67
C PHE G 313 -48.67 -32.56 28.98
N ASP G 314 -48.38 -32.38 27.70
CA ASP G 314 -47.62 -33.36 26.94
C ASP G 314 -46.33 -33.65 27.69
N GLU G 315 -45.93 -34.91 27.75
CA GLU G 315 -44.77 -35.28 28.54
C GLU G 315 -43.47 -34.71 27.96
N SER G 316 -43.49 -34.35 26.68
CA SER G 316 -42.33 -33.68 26.08
C SER G 316 -42.03 -32.36 26.77
N LYS G 317 -43.08 -31.68 27.24
CA LYS G 317 -42.98 -30.37 27.88
C LYS G 317 -42.56 -30.37 29.36
N ILE G 318 -42.45 -31.56 29.97
CA ILE G 318 -42.15 -31.58 31.41
C ILE G 318 -40.78 -32.18 31.74
N ILE G 319 -39.87 -31.29 32.15
CA ILE G 319 -38.48 -31.65 32.39
C ILE G 319 -38.03 -31.29 33.79
N ALA G 320 -37.48 -32.27 34.49
CA ALA G 320 -36.95 -32.05 35.83
C ALA G 320 -35.45 -31.68 35.78
N SER G 321 -35.03 -30.81 36.68
CA SER G 321 -33.60 -30.63 36.91
C SER G 321 -33.28 -30.58 38.39
N ASP G 322 -32.11 -31.12 38.75
CA ASP G 322 -31.54 -30.92 40.06
C ASP G 322 -30.90 -29.54 40.13
N ILE G 323 -30.50 -29.15 41.32
CA ILE G 323 -29.69 -27.96 41.48
C ILE G 323 -28.24 -28.37 41.66
N ILE G 324 -27.37 -27.91 40.78
CA ILE G 324 -25.96 -28.30 40.87
C ILE G 324 -25.24 -27.57 42.01
N SER G 325 -24.42 -28.30 42.76
CA SER G 325 -23.67 -27.69 43.86
C SER G 325 -22.39 -26.97 43.40
N SER G 326 -21.74 -27.48 42.36
CA SER G 326 -20.47 -26.92 41.88
C SER G 326 -20.67 -25.75 40.91
N GLY G 327 -19.59 -25.02 40.62
CA GLY G 327 -19.67 -23.87 39.73
C GLY G 327 -19.16 -24.16 38.32
N VAL G 328 -18.62 -23.11 37.70
CA VAL G 328 -18.12 -23.21 36.31
C VAL G 328 -16.84 -24.04 36.28
N GLU G 329 -16.65 -24.80 35.21
CA GLU G 329 -15.50 -25.71 35.14
C GLU G 329 -14.82 -25.74 33.77
N ILE G 330 -13.50 -25.91 33.78
CA ILE G 330 -12.73 -25.96 32.54
C ILE G 330 -12.60 -27.39 32.03
N ILE G 331 -12.67 -27.55 30.71
CA ILE G 331 -12.57 -28.86 30.09
C ILE G 331 -11.60 -28.84 28.91
N MET H 6 57.20 18.23 -18.90
CA MET H 6 56.76 16.93 -18.40
C MET H 6 55.23 16.86 -18.30
N VAL H 7 54.68 15.71 -18.67
CA VAL H 7 53.26 15.45 -18.53
C VAL H 7 53.01 14.87 -17.14
N LYS H 8 52.03 15.42 -16.42
CA LYS H 8 51.71 14.96 -15.07
C LYS H 8 50.33 14.31 -15.01
N SER H 9 50.24 13.17 -14.32
CA SER H 9 48.97 12.44 -14.25
C SER H 9 48.62 11.83 -12.89
N GLY H 10 47.34 11.55 -12.68
CA GLY H 10 46.86 10.94 -11.45
C GLY H 10 45.41 10.51 -11.56
N LYS H 11 45.01 9.54 -10.76
CA LYS H 11 43.65 9.00 -10.83
C LYS H 11 43.17 8.57 -9.46
N ALA H 12 41.96 9.02 -9.08
CA ALA H 12 41.42 8.66 -7.78
C ALA H 12 39.96 8.22 -7.79
N ARG H 13 39.55 7.65 -6.67
CA ARG H 13 38.19 7.15 -6.48
C ARG H 13 37.56 7.79 -5.24
N ALA H 14 36.35 8.32 -5.42
CA ALA H 14 35.64 8.96 -4.31
C ALA H 14 34.19 8.53 -4.32
N HIS H 15 33.68 8.24 -3.13
CA HIS H 15 32.30 7.81 -2.97
C HIS H 15 31.36 9.00 -2.72
N THR H 16 30.11 8.84 -3.14
CA THR H 16 29.08 9.83 -2.86
C THR H 16 28.85 9.94 -1.35
N ASN H 17 28.35 11.09 -0.91
CA ASN H 17 27.83 11.18 0.45
C ASN H 17 26.41 11.76 0.44
N ILE H 18 25.55 11.28 1.34
CA ILE H 18 24.20 11.83 1.49
C ILE H 18 24.07 12.62 2.80
N ALA H 19 23.66 13.87 2.69
CA ALA H 19 23.48 14.69 3.87
C ALA H 19 22.28 14.21 4.70
N LEU H 20 22.49 14.12 6.02
CA LEU H 20 21.41 13.82 6.97
C LEU H 20 20.92 15.15 7.55
N ILE H 21 21.84 16.05 7.84
CA ILE H 21 21.51 17.44 8.08
C ILE H 21 22.00 18.21 6.84
N LYS H 22 21.07 18.88 6.18
CA LYS H 22 21.27 19.32 4.81
C LYS H 22 22.23 20.51 4.60
N TYR H 23 22.98 20.46 3.50
CA TYR H 23 23.55 21.66 2.90
C TYR H 23 22.49 22.22 1.95
N TRP H 24 22.15 23.50 2.10
CA TRP H 24 21.22 24.12 1.18
C TRP H 24 21.23 25.64 1.34
N GLY H 25 22.00 26.25 0.45
CA GLY H 25 22.10 27.69 0.38
C GLY H 25 23.53 28.14 0.62
N LYS H 26 24.14 28.81 -0.35
CA LYS H 26 25.48 29.37 -0.14
C LYS H 26 25.43 30.76 0.49
N ALA H 27 26.45 31.07 1.29
CA ALA H 27 26.65 32.41 1.82
C ALA H 27 27.55 33.20 0.86
N ASP H 28 28.35 32.48 0.08
CA ASP H 28 29.21 33.09 -0.95
C ASP H 28 29.30 32.15 -2.14
N GLU H 29 28.78 32.59 -3.27
CA GLU H 29 28.67 31.72 -4.44
C GLU H 29 30.00 31.49 -5.16
N THR H 30 30.94 32.41 -4.98
CA THR H 30 32.23 32.31 -5.67
C THR H 30 33.17 31.32 -5.00
N TYR H 31 33.13 31.21 -3.68
CA TYR H 31 34.00 30.25 -3.00
C TYR H 31 33.22 29.04 -2.53
N ILE H 32 31.89 29.12 -2.66
CA ILE H 32 31.02 28.07 -2.14
C ILE H 32 31.17 27.99 -0.60
N ILE H 33 30.95 29.12 0.06
CA ILE H 33 30.71 29.15 1.51
C ILE H 33 29.20 28.93 1.77
N PRO H 34 28.86 27.97 2.66
CA PRO H 34 27.47 27.58 2.90
C PRO H 34 26.82 28.40 4.00
N MET H 35 25.48 28.45 4.02
CA MET H 35 24.76 29.21 5.04
C MET H 35 24.68 28.49 6.38
N ASN H 36 25.03 27.22 6.39
CA ASN H 36 25.00 26.46 7.64
C ASN H 36 25.89 25.22 7.58
N ASN H 37 26.24 24.70 8.77
CA ASN H 37 26.91 23.41 8.89
C ASN H 37 26.02 22.30 8.37
N SER H 38 26.64 21.13 8.28
CA SER H 38 26.20 20.13 7.35
C SER H 38 26.67 18.75 7.81
N LEU H 39 25.80 17.75 7.71
CA LEU H 39 26.15 16.41 8.18
C LEU H 39 25.72 15.32 7.20
N SER H 40 26.68 14.49 6.78
CA SER H 40 26.41 13.43 5.83
C SER H 40 26.88 12.04 6.33
N VAL H 41 26.52 11.00 5.59
CA VAL H 41 27.21 9.71 5.69
C VAL H 41 27.80 9.37 4.32
N THR H 42 28.93 8.68 4.30
CA THR H 42 29.55 8.34 3.01
C THR H 42 29.20 6.92 2.58
N LEU H 43 28.88 6.73 1.30
CA LEU H 43 28.34 5.44 0.84
C LEU H 43 29.31 4.63 0.00
N ASP H 44 29.36 3.32 0.28
CA ASP H 44 30.33 2.44 -0.38
C ASP H 44 29.83 1.98 -1.75
N ARG H 45 28.53 2.07 -1.98
CA ARG H 45 27.93 1.54 -3.20
C ARG H 45 28.16 2.40 -4.45
N PHE H 46 28.07 3.71 -4.24
CA PHE H 46 28.14 4.67 -5.33
C PHE H 46 29.42 5.48 -5.28
N TYR H 47 30.08 5.58 -6.43
CA TYR H 47 31.36 6.28 -6.49
C TYR H 47 31.67 6.80 -7.88
N THR H 48 32.69 7.65 -7.94
CA THR H 48 33.19 8.19 -9.19
C THR H 48 34.67 7.84 -9.33
N GLU H 49 35.07 7.43 -10.53
CA GLU H 49 36.49 7.27 -10.82
C GLU H 49 36.91 8.31 -11.88
N THR H 50 37.97 9.05 -11.56
CA THR H 50 38.41 10.19 -12.39
C THR H 50 39.92 10.20 -12.63
N LYS H 51 40.30 10.34 -13.89
CA LYS H 51 41.70 10.45 -14.27
C LYS H 51 41.95 11.88 -14.78
N VAL H 52 43.06 12.47 -14.35
CA VAL H 52 43.44 13.79 -14.82
C VAL H 52 44.85 13.77 -15.45
N THR H 53 45.03 14.59 -16.49
CA THR H 53 46.29 14.63 -17.22
C THR H 53 46.66 16.05 -17.62
N PHE H 54 47.82 16.50 -17.15
CA PHE H 54 48.34 17.82 -17.53
C PHE H 54 49.40 17.70 -18.65
N ASP H 55 49.15 18.41 -19.76
CA ASP H 55 49.97 18.30 -20.95
C ASP H 55 50.23 19.65 -21.59
N PRO H 56 51.50 19.92 -21.94
CA PRO H 56 51.93 21.14 -22.62
C PRO H 56 51.22 21.32 -23.98
N ASP H 57 50.78 20.21 -24.57
CA ASP H 57 50.09 20.26 -25.87
C ASP H 57 48.64 20.71 -25.77
N PHE H 58 47.98 20.36 -24.68
CA PHE H 58 46.58 20.74 -24.47
C PHE H 58 46.44 22.26 -24.48
N THR H 59 45.42 22.74 -25.18
CA THR H 59 45.20 24.17 -25.38
C THR H 59 44.06 24.72 -24.51
N GLU H 60 43.07 23.87 -24.23
CA GLU H 60 41.99 24.16 -23.29
C GLU H 60 41.67 22.88 -22.51
N ASP H 61 40.86 22.99 -21.45
CA ASP H 61 40.59 21.82 -20.60
C ASP H 61 39.54 20.89 -21.19
N CYS H 62 39.67 19.60 -20.88
CA CYS H 62 38.80 18.61 -21.51
C CYS H 62 38.17 17.64 -20.50
N LEU H 63 36.87 17.39 -20.64
CA LEU H 63 36.20 16.40 -19.81
C LEU H 63 35.46 15.32 -20.59
N ILE H 64 35.87 14.07 -20.34
CA ILE H 64 35.14 12.91 -20.86
C ILE H 64 34.46 12.18 -19.68
N LEU H 65 33.14 12.03 -19.79
CA LEU H 65 32.32 11.47 -18.73
C LEU H 65 31.54 10.26 -19.23
N ASN H 66 31.79 9.10 -18.64
CA ASN H 66 31.25 7.84 -19.14
C ASN H 66 31.44 7.66 -20.66
N GLY H 67 32.67 7.84 -21.14
CA GLY H 67 32.97 7.69 -22.55
C GLY H 67 32.58 8.87 -23.44
N ASN H 68 31.89 9.86 -22.88
CA ASN H 68 31.32 10.91 -23.71
C ASN H 68 32.01 12.25 -23.51
N GLU H 69 32.19 13.00 -24.60
CA GLU H 69 32.75 14.35 -24.49
C GLU H 69 31.58 15.29 -24.21
N VAL H 70 31.67 16.06 -23.13
CA VAL H 70 30.51 16.80 -22.60
C VAL H 70 30.32 18.20 -23.22
N ASN H 71 29.12 18.74 -23.06
CA ASN H 71 28.70 19.98 -23.72
C ASN H 71 29.42 21.25 -23.24
N ALA H 72 29.09 22.38 -23.88
CA ALA H 72 29.74 23.66 -23.65
C ALA H 72 29.64 24.17 -22.22
N LYS H 73 28.44 24.11 -21.65
CA LYS H 73 28.22 24.57 -20.29
C LYS H 73 28.94 23.70 -19.26
N GLU H 74 29.08 22.42 -19.56
CA GLU H 74 29.76 21.49 -18.66
C GLU H 74 31.27 21.63 -18.87
N LYS H 75 31.65 22.26 -19.99
CA LYS H 75 33.06 22.45 -20.31
C LYS H 75 33.56 23.73 -19.62
N GLU H 76 32.76 24.78 -19.72
CA GLU H 76 33.08 26.03 -19.03
C GLU H 76 33.12 25.78 -17.53
N LYS H 77 32.18 24.97 -17.03
CA LYS H 77 32.15 24.66 -15.62
C LYS H 77 33.41 23.89 -15.20
N ILE H 78 34.01 23.16 -16.12
CA ILE H 78 35.17 22.36 -15.75
C ILE H 78 36.47 23.17 -15.78
N GLN H 79 36.53 24.13 -16.69
CA GLN H 79 37.68 25.01 -16.83
C GLN H 79 37.80 26.02 -15.69
N ASN H 80 36.65 26.51 -15.21
CA ASN H 80 36.64 27.42 -14.09
C ASN H 80 37.22 26.77 -12.83
N TYR H 81 36.88 25.48 -12.66
CA TYR H 81 37.46 24.70 -11.57
C TYR H 81 38.96 24.52 -11.72
N MET H 82 39.40 24.26 -12.94
CA MET H 82 40.82 24.04 -13.19
C MET H 82 41.66 25.31 -12.95
N ASN H 83 41.10 26.48 -13.24
CA ASN H 83 41.82 27.73 -12.97
C ASN H 83 42.18 27.86 -11.48
N ILE H 84 41.23 27.49 -10.63
CA ILE H 84 41.45 27.38 -9.18
C ILE H 84 42.56 26.37 -8.83
N VAL H 85 42.51 25.19 -9.43
CA VAL H 85 43.58 24.20 -9.24
C VAL H 85 44.95 24.76 -9.70
N ARG H 86 44.97 25.47 -10.83
CA ARG H 86 46.23 26.03 -11.34
C ARG H 86 46.83 27.10 -10.42
N ASP H 87 46.01 28.02 -9.95
CA ASP H 87 46.47 29.05 -9.05
C ASP H 87 46.99 28.45 -7.73
N LEU H 88 46.34 27.39 -7.27
CA LEU H 88 46.81 26.70 -6.07
C LEU H 88 48.19 26.04 -6.29
N ALA H 89 48.37 25.39 -7.44
CA ALA H 89 49.60 24.66 -7.73
C ALA H 89 50.76 25.54 -8.21
N GLY H 90 50.46 26.68 -8.81
CA GLY H 90 51.47 27.54 -9.37
C GLY H 90 52.03 27.05 -10.70
N ASN H 91 51.22 26.31 -11.44
CA ASN H 91 51.56 25.93 -12.81
C ASN H 91 50.47 26.39 -13.77
N ARG H 92 50.74 26.29 -15.06
CA ARG H 92 49.82 26.84 -16.03
C ARG H 92 49.40 25.83 -17.11
N LEU H 93 49.65 24.55 -16.86
CA LEU H 93 49.29 23.49 -17.82
C LEU H 93 47.78 23.24 -17.88
N HIS H 94 47.24 23.23 -19.09
CA HIS H 94 45.86 22.78 -19.28
C HIS H 94 45.73 21.26 -19.07
N ALA H 95 44.51 20.78 -18.88
CA ALA H 95 44.34 19.37 -18.53
C ALA H 95 43.12 18.70 -19.16
N ARG H 96 43.22 17.38 -19.32
CA ARG H 96 42.11 16.57 -19.80
C ARG H 96 41.65 15.64 -18.67
N ILE H 97 40.35 15.51 -18.52
CA ILE H 97 39.79 14.74 -17.41
C ILE H 97 38.92 13.57 -17.90
N GLU H 98 39.29 12.38 -17.46
CA GLU H 98 38.62 11.16 -17.85
C GLU H 98 37.87 10.57 -16.67
N SER H 99 36.57 10.79 -16.64
CA SER H 99 35.77 10.41 -15.48
C SER H 99 34.68 9.39 -15.80
N GLU H 100 34.57 8.38 -14.93
CA GLU H 100 33.48 7.41 -15.01
C GLU H 100 32.66 7.42 -13.72
N ASN H 101 31.34 7.64 -13.87
CA ASN H 101 30.41 7.65 -12.74
C ASN H 101 29.80 6.27 -12.47
N TYR H 102 30.00 5.76 -11.26
CA TYR H 102 29.36 4.51 -10.84
C TYR H 102 28.15 4.80 -9.99
N VAL H 103 27.56 5.95 -10.31
CA VAL H 103 26.30 6.41 -9.78
C VAL H 103 25.56 7.10 -10.92
N PRO H 104 24.22 6.98 -10.94
CA PRO H 104 23.38 7.77 -11.84
C PRO H 104 23.76 9.26 -11.77
N THR H 105 23.90 9.91 -12.92
CA THR H 105 24.45 11.27 -13.01
C THR H 105 23.42 12.40 -12.88
N ALA H 106 23.67 13.33 -11.95
CA ALA H 106 22.87 14.55 -11.79
C ALA H 106 21.38 14.26 -11.54
N ALA H 107 21.12 13.16 -10.87
CA ALA H 107 19.77 12.65 -10.68
C ALA H 107 19.32 12.88 -9.24
N GLY H 108 20.14 13.60 -8.48
CA GLY H 108 19.91 13.80 -7.05
C GLY H 108 20.48 12.65 -6.21
N LEU H 109 21.69 12.23 -6.55
CA LEU H 109 22.35 11.17 -5.80
C LEU H 109 23.77 11.53 -5.43
N ALA H 110 24.07 12.82 -5.56
CA ALA H 110 25.33 13.40 -5.16
C ALA H 110 26.52 12.95 -6.02
N SER H 111 26.27 12.63 -7.29
CA SER H 111 27.32 12.26 -8.20
C SER H 111 28.44 13.30 -8.17
N SER H 112 28.07 14.52 -7.81
CA SER H 112 29.04 15.61 -7.71
C SER H 112 29.89 15.55 -6.44
N ALA H 113 29.32 14.98 -5.38
CA ALA H 113 30.02 14.89 -4.11
C ALA H 113 31.17 13.94 -4.39
N SER H 114 30.89 12.88 -5.14
CA SER H 114 31.91 11.92 -5.54
C SER H 114 32.83 12.50 -6.62
N ALA H 115 32.27 13.25 -7.57
CA ALA H 115 33.08 13.80 -8.66
C ALA H 115 34.17 14.81 -8.22
N TYR H 116 33.78 15.87 -7.54
CA TYR H 116 34.82 16.82 -7.18
C TYR H 116 35.77 16.32 -6.07
N ALA H 117 35.36 15.31 -5.30
CA ALA H 117 36.28 14.72 -4.33
C ALA H 117 37.39 13.95 -5.06
N ALA H 118 36.96 13.18 -6.06
CA ALA H 118 37.85 12.47 -6.96
C ALA H 118 38.82 13.42 -7.66
N LEU H 119 38.26 14.37 -8.41
CA LEU H 119 39.07 15.25 -9.26
C LEU H 119 40.11 16.00 -8.43
N ALA H 120 39.70 16.42 -7.23
CA ALA H 120 40.60 17.10 -6.31
C ALA H 120 41.74 16.18 -5.85
N ALA H 121 41.37 14.98 -5.42
CA ALA H 121 42.35 13.99 -4.96
C ALA H 121 43.27 13.49 -6.09
N ALA H 122 42.81 13.60 -7.33
CA ALA H 122 43.62 13.22 -8.48
C ALA H 122 44.59 14.34 -8.85
N CYS H 123 44.16 15.58 -8.70
CA CYS H 123 45.01 16.73 -9.01
C CYS H 123 46.13 16.83 -8.01
N ASN H 124 45.75 16.74 -6.74
CA ASN H 124 46.70 16.67 -5.63
C ASN H 124 47.77 15.61 -5.85
N GLU H 125 47.41 14.55 -6.56
CA GLU H 125 48.32 13.44 -6.79
C GLU H 125 49.27 13.80 -7.94
N ALA H 126 48.69 14.22 -9.05
CA ALA H 126 49.41 14.55 -10.28
C ALA H 126 50.49 15.60 -10.09
N LEU H 127 50.15 16.70 -9.42
CA LEU H 127 51.09 17.81 -9.24
C LEU H 127 51.75 17.78 -7.86
N SER H 128 51.65 16.64 -7.19
CA SER H 128 52.40 16.37 -5.95
C SER H 128 52.22 17.39 -4.82
N LEU H 129 51.09 18.09 -4.79
CA LEU H 129 50.87 19.16 -3.79
C LEU H 129 50.96 18.64 -2.36
N ASN H 130 50.71 17.35 -2.19
CA ASN H 130 50.73 16.75 -0.85
C ASN H 130 49.88 17.56 0.12
N LEU H 131 48.57 17.60 -0.15
CA LEU H 131 47.64 18.39 0.62
C LEU H 131 47.12 17.64 1.85
N SER H 132 46.94 18.36 2.94
CA SER H 132 46.33 17.80 4.16
C SER H 132 44.85 17.51 3.89
N ASP H 133 44.23 16.68 4.75
CA ASP H 133 42.81 16.38 4.63
C ASP H 133 42.00 17.65 4.52
N THR H 134 42.34 18.61 5.38
CA THR H 134 41.62 19.87 5.46
C THR H 134 41.73 20.64 4.16
N ASP H 135 42.96 20.78 3.64
CA ASP H 135 43.16 21.52 2.40
C ASP H 135 42.67 20.78 1.17
N LEU H 136 42.66 19.45 1.23
CA LEU H 136 42.05 18.66 0.15
C LEU H 136 40.53 18.87 0.17
N SER H 137 39.98 18.95 1.37
CA SER H 137 38.57 19.17 1.58
C SER H 137 38.18 20.56 1.06
N ARG H 138 39.00 21.56 1.37
CA ARG H 138 38.77 22.93 0.89
C ARG H 138 38.83 23.03 -0.66
N LEU H 139 39.65 22.17 -1.27
CA LEU H 139 39.79 22.19 -2.73
C LEU H 139 38.56 21.56 -3.39
N ALA H 140 38.06 20.48 -2.80
CA ALA H 140 36.84 19.83 -3.28
C ALA H 140 35.62 20.77 -3.12
N ARG H 141 35.53 21.41 -1.95
CA ARG H 141 34.53 22.45 -1.71
C ARG H 141 34.38 23.47 -2.86
N ARG H 142 35.47 23.82 -3.53
CA ARG H 142 35.38 24.85 -4.57
C ARG H 142 34.66 24.36 -5.84
N GLY H 143 34.49 23.05 -5.97
CA GLY H 143 33.90 22.49 -7.17
C GLY H 143 32.48 21.99 -6.93
N SER H 144 32.21 21.63 -5.67
CA SER H 144 30.88 21.23 -5.25
C SER H 144 30.92 21.21 -3.73
N GLY H 145 30.03 21.97 -3.09
CA GLY H 145 29.94 22.01 -1.63
C GLY H 145 30.02 20.61 -1.03
N SER H 146 29.09 19.74 -1.41
CA SER H 146 29.03 18.39 -0.87
C SER H 146 30.33 17.59 -1.03
N ALA H 147 31.18 18.01 -1.96
CA ALA H 147 32.44 17.27 -2.26
C ALA H 147 33.47 17.37 -1.13
N SER H 148 33.35 18.42 -0.32
CA SER H 148 34.16 18.61 0.87
C SER H 148 34.07 17.40 1.80
N ARG H 149 32.86 16.86 1.89
CA ARG H 149 32.59 15.78 2.84
C ARG H 149 32.93 14.38 2.29
N SER H 150 33.02 14.25 0.97
CA SER H 150 33.38 12.96 0.38
C SER H 150 34.92 12.69 0.38
N ILE H 151 35.68 13.59 1.01
CA ILE H 151 37.10 13.35 1.27
C ILE H 151 37.23 12.35 2.43
N PHE H 152 36.20 12.29 3.26
CA PHE H 152 36.19 11.40 4.43
C PHE H 152 35.13 10.30 4.31
N GLY H 153 35.24 9.28 5.16
CA GLY H 153 34.29 8.17 5.18
C GLY H 153 33.30 8.34 6.33
N GLY H 154 32.46 7.33 6.55
CA GLY H 154 31.47 7.36 7.64
C GLY H 154 30.66 8.66 7.70
N PHE H 155 30.45 9.17 8.92
CA PHE H 155 29.84 10.49 9.10
C PHE H 155 30.89 11.60 8.88
N ALA H 156 30.52 12.62 8.12
CA ALA H 156 31.36 13.83 7.98
C ALA H 156 30.55 15.09 8.28
N GLU H 157 31.18 16.08 8.88
CA GLU H 157 30.54 17.38 9.05
C GLU H 157 31.22 18.46 8.21
N TRP H 158 30.42 19.20 7.47
CA TRP H 158 30.95 20.38 6.78
C TRP H 158 30.75 21.61 7.68
N GLU H 159 31.86 22.12 8.20
CA GLU H 159 31.87 23.33 9.04
C GLU H 159 31.88 24.56 8.14
N LYS H 160 30.91 25.44 8.32
CA LYS H 160 30.69 26.49 7.34
C LYS H 160 31.80 27.53 7.31
N GLY H 161 32.27 27.95 8.49
CA GLY H 161 33.32 28.94 8.56
C GLY H 161 32.84 30.30 8.07
N HIS H 162 33.79 31.20 7.78
CA HIS H 162 33.44 32.57 7.36
C HIS H 162 34.24 33.00 6.13
N ASP H 163 35.18 32.15 5.69
CA ASP H 163 36.02 32.46 4.53
C ASP H 163 36.63 31.21 3.89
N ASP H 164 37.50 31.39 2.90
CA ASP H 164 38.07 30.25 2.19
C ASP H 164 38.91 29.33 3.06
N LEU H 165 39.65 29.90 4.02
CA LEU H 165 40.50 29.13 4.93
C LEU H 165 39.73 28.30 5.96
N THR H 166 38.61 28.86 6.44
CA THR H 166 37.84 28.27 7.55
C THR H 166 36.69 27.32 7.13
N SER H 167 36.37 27.26 5.84
CA SER H 167 35.22 26.45 5.37
C SER H 167 35.63 25.06 4.86
N TYR H 168 35.41 24.05 5.70
CA TYR H 168 35.83 22.69 5.35
C TYR H 168 35.19 21.63 6.24
N ALA H 169 35.34 20.38 5.83
CA ALA H 169 34.72 19.27 6.54
C ALA H 169 35.76 18.48 7.30
N HIS H 170 35.31 17.76 8.33
CA HIS H 170 36.16 16.77 8.97
C HIS H 170 35.37 15.47 9.13
N GLY H 171 36.09 14.35 9.18
CA GLY H 171 35.49 13.09 9.58
C GLY H 171 34.99 13.18 11.00
N ILE H 172 33.85 12.53 11.24
CA ILE H 172 33.28 12.42 12.57
C ILE H 172 33.44 10.98 13.04
N ASN H 173 33.99 10.83 14.24
CA ASN H 173 34.15 9.53 14.87
C ASN H 173 32.87 9.14 15.61
N SER H 174 32.16 8.14 15.07
CA SER H 174 30.93 7.63 15.66
C SER H 174 31.23 6.42 16.53
N ASN H 175 32.53 6.13 16.66
CA ASN H 175 33.00 4.92 17.30
C ASN H 175 32.53 3.68 16.52
N GLY H 176 32.73 3.72 15.21
CA GLY H 176 32.44 2.57 14.35
C GLY H 176 30.98 2.29 14.03
N TRP H 177 30.08 3.17 14.46
CA TRP H 177 28.64 2.94 14.33
C TRP H 177 28.15 2.78 12.89
N GLU H 178 28.91 3.31 11.93
CA GLU H 178 28.52 3.24 10.53
C GLU H 178 28.54 1.80 9.99
N LYS H 179 29.19 0.91 10.75
CA LYS H 179 29.25 -0.50 10.38
C LYS H 179 27.92 -1.18 10.66
N ASP H 180 27.12 -0.56 11.53
CA ASP H 180 25.84 -1.13 11.95
C ASP H 180 24.66 -0.52 11.17
N LEU H 181 24.96 0.44 10.29
CA LEU H 181 23.91 1.13 9.54
C LEU H 181 23.97 0.89 8.03
N SER H 182 22.90 1.29 7.37
CA SER H 182 22.69 0.98 5.96
C SER H 182 21.79 2.06 5.35
N MET H 183 21.89 2.25 4.05
CA MET H 183 21.00 3.17 3.36
C MET H 183 20.44 2.48 2.14
N ILE H 184 19.12 2.30 2.15
CA ILE H 184 18.40 1.75 1.01
C ILE H 184 18.07 2.88 0.05
N PHE H 185 18.35 2.68 -1.24
CA PHE H 185 17.90 3.67 -2.22
C PHE H 185 16.60 3.24 -2.91
N VAL H 186 15.70 4.20 -3.08
CA VAL H 186 14.51 4.01 -3.91
C VAL H 186 14.65 4.89 -5.13
N VAL H 187 15.12 4.30 -6.23
CA VAL H 187 15.45 5.08 -7.41
C VAL H 187 14.24 5.29 -8.32
N ILE H 188 13.44 6.28 -7.97
CA ILE H 188 12.26 6.62 -8.74
C ILE H 188 12.64 7.08 -10.15
N ASN H 189 13.68 7.90 -10.23
CA ASN H 189 14.09 8.50 -11.52
C ASN H 189 15.61 8.62 -11.75
N ASN H 190 16.12 7.85 -12.71
CA ASN H 190 17.55 7.82 -13.06
C ASN H 190 18.13 9.07 -13.77
N GLN H 191 17.25 9.92 -14.28
CA GLN H 191 17.62 10.92 -15.27
C GLN H 191 18.08 12.24 -14.66
N SER H 192 18.48 13.17 -15.52
CA SER H 192 18.93 14.46 -15.05
C SER H 192 17.79 15.11 -14.25
N LYS H 193 18.18 15.84 -13.21
CA LYS H 193 17.27 16.73 -12.50
C LYS H 193 17.12 17.99 -13.33
N LYS H 194 15.89 18.49 -13.42
CA LYS H 194 15.56 19.64 -14.27
C LYS H 194 16.16 20.96 -13.76
N VAL H 195 16.03 21.18 -12.44
CA VAL H 195 16.64 22.33 -11.78
C VAL H 195 17.90 21.83 -11.08
N SER H 196 19.05 22.19 -11.64
CA SER H 196 20.33 21.78 -11.07
C SER H 196 20.43 22.17 -9.59
N SER H 197 20.70 21.18 -8.75
CA SER H 197 20.81 21.41 -7.32
C SER H 197 21.45 22.76 -7.02
N ARG H 198 22.47 23.12 -7.80
CA ARG H 198 23.16 24.39 -7.61
C ARG H 198 22.22 25.58 -7.71
N SER H 199 21.65 25.78 -8.89
CA SER H 199 20.70 26.88 -9.12
C SER H 199 19.42 26.75 -8.26
N GLY H 200 19.09 25.51 -7.91
CA GLY H 200 17.97 25.26 -7.04
C GLY H 200 18.15 26.00 -5.74
N MET H 201 19.22 25.65 -5.02
CA MET H 201 19.49 26.25 -3.71
C MET H 201 19.73 27.75 -3.84
N SER H 202 20.36 28.14 -4.93
CA SER H 202 20.56 29.55 -5.21
C SER H 202 19.23 30.32 -5.19
N LEU H 203 18.24 29.86 -5.96
CA LEU H 203 16.96 30.55 -6.02
C LEU H 203 16.29 30.59 -4.65
N THR H 204 16.39 29.47 -3.92
CA THR H 204 15.66 29.37 -2.66
C THR H 204 16.25 30.26 -1.56
N ARG H 205 17.57 30.29 -1.47
CA ARG H 205 18.24 31.08 -0.45
C ARG H 205 18.12 32.54 -0.83
N ASP H 206 17.96 32.81 -2.12
CA ASP H 206 17.78 34.18 -2.56
C ASP H 206 16.32 34.70 -2.37
N THR H 207 15.34 33.83 -2.60
CA THR H 207 13.94 34.31 -2.64
C THR H 207 12.96 33.70 -1.62
N SER H 208 13.30 32.57 -1.01
CA SER H 208 12.27 31.81 -0.29
C SER H 208 11.75 32.46 0.98
N ARG H 209 10.43 32.47 1.09
CA ARG H 209 9.73 33.03 2.24
C ARG H 209 9.87 32.15 3.49
N PHE H 210 10.27 30.90 3.33
CA PHE H 210 10.51 30.02 4.49
C PHE H 210 11.99 29.72 4.73
N TYR H 211 12.87 30.50 4.11
CA TYR H 211 14.31 30.24 4.31
C TYR H 211 14.78 30.61 5.71
N GLN H 212 14.27 31.71 6.27
CA GLN H 212 14.59 32.04 7.66
C GLN H 212 14.15 30.92 8.62
N TYR H 213 12.99 30.32 8.34
CA TYR H 213 12.52 29.20 9.14
C TYR H 213 13.54 28.06 9.11
N TRP H 214 14.12 27.83 7.95
CA TRP H 214 15.14 26.80 7.78
C TRP H 214 16.38 27.12 8.64
N LEU H 215 16.84 28.37 8.56
CA LEU H 215 18.05 28.78 9.27
C LEU H 215 17.84 28.76 10.79
N ASP H 216 16.63 29.10 11.21
CA ASP H 216 16.31 29.16 12.63
C ASP H 216 16.32 27.79 13.32
N HIS H 217 16.38 26.70 12.55
CA HIS H 217 16.24 25.40 13.15
C HIS H 217 17.39 24.44 12.89
N VAL H 218 18.28 24.81 11.97
CA VAL H 218 19.27 23.86 11.48
C VAL H 218 20.33 23.54 12.54
N ASP H 219 20.82 24.57 13.23
CA ASP H 219 21.85 24.40 14.28
C ASP H 219 21.44 23.45 15.39
N GLU H 220 20.32 23.77 16.02
CA GLU H 220 19.71 22.91 17.01
C GLU H 220 19.56 21.50 16.48
N ASP H 221 19.05 21.34 15.25
CA ASP H 221 18.89 20.03 14.62
C ASP H 221 20.21 19.28 14.46
N LEU H 222 21.22 20.03 14.03
CA LEU H 222 22.58 19.52 13.92
C LEU H 222 23.12 19.05 15.27
N ASN H 223 22.98 19.90 16.30
CA ASN H 223 23.47 19.57 17.63
C ASN H 223 22.73 18.38 18.21
N GLU H 224 21.42 18.36 18.02
CA GLU H 224 20.60 17.21 18.38
C GLU H 224 21.10 15.98 17.65
N ALA H 225 21.43 16.16 16.37
CA ALA H 225 21.90 15.05 15.54
C ALA H 225 23.31 14.58 15.90
N LYS H 226 24.13 15.52 16.35
CA LYS H 226 25.50 15.21 16.73
C LYS H 226 25.51 14.46 18.06
N GLU H 227 24.53 14.77 18.90
CA GLU H 227 24.34 14.05 20.16
C GLU H 227 23.92 12.60 19.93
N ALA H 228 23.01 12.41 18.98
CA ALA H 228 22.48 11.09 18.69
C ALA H 228 23.59 10.10 18.34
N VAL H 229 24.59 10.53 17.58
CA VAL H 229 25.71 9.64 17.24
C VAL H 229 26.60 9.28 18.45
N LYS H 230 27.00 10.27 19.25
CA LYS H 230 27.72 9.99 20.50
C LYS H 230 27.06 8.82 21.23
N ASN H 231 25.74 8.90 21.41
CA ASN H 231 24.97 7.84 22.07
C ASN H 231 24.59 6.64 21.19
N GLN H 232 24.94 6.67 19.91
CA GLN H 232 24.46 5.66 18.95
C GLN H 232 22.95 5.42 19.10
N ASP H 233 22.19 6.52 19.19
CA ASP H 233 20.75 6.50 19.43
C ASP H 233 19.99 6.68 18.09
N PHE H 234 19.51 5.56 17.53
CA PHE H 234 18.95 5.54 16.18
C PHE H 234 17.66 6.36 16.02
N GLN H 235 16.67 6.04 16.84
CA GLN H 235 15.40 6.74 16.77
C GLN H 235 15.67 8.23 16.84
N ARG H 236 16.54 8.60 17.78
CA ARG H 236 16.88 10.01 17.98
C ARG H 236 17.48 10.60 16.71
N LEU H 237 18.42 9.88 16.11
CA LEU H 237 19.00 10.29 14.84
C LEU H 237 17.93 10.49 13.75
N GLY H 238 17.16 9.44 13.49
CA GLY H 238 16.22 9.43 12.40
C GLY H 238 15.16 10.51 12.48
N GLU H 239 14.72 10.81 13.69
CA GLU H 239 13.61 11.74 13.83
C GLU H 239 14.00 13.16 13.45
N VAL H 240 15.20 13.56 13.84
CA VAL H 240 15.71 14.91 13.53
C VAL H 240 16.08 15.06 12.05
N ILE H 241 16.76 14.06 11.48
CA ILE H 241 17.14 14.14 10.07
C ILE H 241 15.94 14.06 9.12
N GLU H 242 14.96 13.24 9.47
CA GLU H 242 13.76 13.14 8.65
C GLU H 242 13.09 14.50 8.60
N ALA H 243 12.81 15.06 9.77
CA ALA H 243 12.29 16.43 9.86
C ALA H 243 13.17 17.39 9.07
N ASN H 244 14.49 17.32 9.31
CA ASN H 244 15.40 18.26 8.70
C ASN H 244 15.31 18.31 7.18
N GLY H 245 15.27 17.15 6.54
CA GLY H 245 15.20 17.05 5.09
C GLY H 245 13.88 17.57 4.59
N LEU H 246 12.82 17.17 5.29
CA LEU H 246 11.49 17.67 5.03
C LEU H 246 11.52 19.19 5.12
N ARG H 247 12.23 19.71 6.12
CA ARG H 247 12.30 21.15 6.23
C ARG H 247 13.02 21.74 5.03
N MET H 248 14.06 21.04 4.55
CA MET H 248 14.82 21.59 3.44
C MET H 248 13.88 21.82 2.26
N HIS H 249 13.14 20.78 1.88
CA HIS H 249 12.24 20.86 0.73
C HIS H 249 11.14 21.88 0.91
N ALA H 250 10.72 22.10 2.15
CA ALA H 250 9.66 23.08 2.41
C ALA H 250 10.10 24.45 1.97
N THR H 251 11.41 24.70 2.02
CA THR H 251 11.89 26.03 1.62
C THR H 251 11.68 26.27 0.13
N ASN H 252 11.80 25.22 -0.69
CA ASN H 252 11.63 25.38 -2.13
C ASN H 252 10.21 25.79 -2.44
N LEU H 253 9.28 25.13 -1.74
CA LEU H 253 7.86 25.47 -1.74
C LEU H 253 7.60 26.97 -1.43
N GLY H 254 8.56 27.61 -0.77
CA GLY H 254 8.40 29.00 -0.42
C GLY H 254 9.13 29.93 -1.38
N ALA H 255 9.83 29.33 -2.35
CA ALA H 255 10.66 30.09 -3.27
C ALA H 255 9.81 30.93 -4.23
N GLN H 256 10.44 31.88 -4.89
CA GLN H 256 9.72 32.83 -5.71
C GLN H 256 10.21 32.73 -7.15
N PRO H 257 9.52 31.92 -7.99
CA PRO H 257 8.32 31.12 -7.70
C PRO H 257 8.65 29.70 -7.24
N PRO H 258 7.77 29.11 -6.46
CA PRO H 258 7.97 27.81 -5.80
C PRO H 258 8.22 26.68 -6.78
N PHE H 259 8.85 25.63 -6.28
CA PHE H 259 9.12 24.42 -7.06
C PHE H 259 9.36 23.25 -6.10
N THR H 260 9.35 22.04 -6.64
CA THR H 260 9.52 20.86 -5.80
C THR H 260 10.32 19.75 -6.52
N TYR H 261 11.24 19.13 -5.81
CA TYR H 261 11.94 17.96 -6.31
C TYR H 261 11.10 16.70 -6.19
N LEU H 262 10.06 16.77 -5.36
CA LEU H 262 9.33 15.56 -4.97
C LEU H 262 8.28 15.19 -5.99
N VAL H 263 7.80 13.95 -5.92
CA VAL H 263 6.97 13.35 -6.95
C VAL H 263 6.08 12.34 -6.22
N GLN H 264 4.91 12.02 -6.78
CA GLN H 264 3.96 11.14 -6.11
C GLN H 264 4.65 9.90 -5.55
N GLU H 265 5.50 9.27 -6.36
CA GLU H 265 6.15 8.05 -5.91
C GLU H 265 7.03 8.29 -4.68
N SER H 266 7.65 9.47 -4.59
CA SER H 266 8.40 9.80 -3.39
C SER H 266 7.48 9.71 -2.20
N TYR H 267 6.32 10.35 -2.31
CA TYR H 267 5.36 10.35 -1.22
C TYR H 267 5.01 8.92 -0.85
N ASP H 268 4.66 8.11 -1.85
CA ASP H 268 4.36 6.70 -1.60
C ASP H 268 5.47 6.02 -0.79
N ALA H 269 6.73 6.28 -1.17
CA ALA H 269 7.88 5.73 -0.45
C ALA H 269 7.87 6.14 1.01
N MET H 270 7.50 7.40 1.25
CA MET H 270 7.53 7.98 2.60
C MET H 270 6.47 7.32 3.43
N ALA H 271 5.35 6.99 2.78
CA ALA H 271 4.28 6.25 3.41
C ALA H 271 4.76 4.85 3.79
N ILE H 272 5.57 4.25 2.92
CA ILE H 272 6.08 2.93 3.24
C ILE H 272 6.93 2.97 4.51
N VAL H 273 7.83 3.95 4.60
CA VAL H 273 8.69 4.09 5.78
C VAL H 273 7.89 4.22 7.08
N GLU H 274 6.75 4.92 7.02
CA GLU H 274 5.89 5.03 8.19
C GLU H 274 5.20 3.71 8.56
N GLN H 275 4.84 2.90 7.56
CA GLN H 275 4.25 1.59 7.83
C GLN H 275 5.28 0.61 8.39
N CYS H 276 6.54 0.78 8.00
CA CYS H 276 7.62 -0.02 8.56
C CYS H 276 7.81 0.36 10.02
N ARG H 277 7.82 1.66 10.29
CA ARG H 277 7.91 2.11 11.67
C ARG H 277 6.74 1.53 12.47
N LYS H 278 5.54 1.56 11.88
CA LYS H 278 4.37 1.03 12.57
C LYS H 278 4.36 -0.50 12.65
N ALA H 279 5.17 -1.16 11.84
CA ALA H 279 5.32 -2.61 11.94
C ALA H 279 6.52 -3.03 12.79
N ASN H 280 6.88 -2.17 13.75
CA ASN H 280 8.07 -2.40 14.58
C ASN H 280 9.37 -2.53 13.79
N LEU H 281 9.49 -1.79 12.69
CA LEU H 281 10.73 -1.75 11.90
C LEU H 281 11.29 -0.32 11.76
N PRO H 282 12.21 0.07 12.67
CA PRO H 282 12.73 1.45 12.70
C PRO H 282 13.55 1.85 11.46
N CYS H 283 13.08 2.86 10.74
CA CYS H 283 13.79 3.40 9.57
C CYS H 283 13.24 4.78 9.23
N TYR H 284 14.09 5.59 8.60
CA TYR H 284 13.77 7.00 8.35
C TYR H 284 14.27 7.43 6.96
N PHE H 285 13.50 8.28 6.28
CA PHE H 285 13.88 8.68 4.93
C PHE H 285 14.53 10.07 4.90
N THR H 286 15.24 10.32 3.81
CA THR H 286 15.68 11.66 3.46
C THR H 286 15.66 11.73 1.92
N MET H 287 15.57 12.94 1.36
CA MET H 287 15.66 13.11 -0.10
C MET H 287 16.77 14.09 -0.40
N ALA H 288 17.55 13.84 -1.44
CA ALA H 288 18.49 14.86 -1.95
C ALA H 288 17.74 15.78 -2.94
N ALA H 289 18.46 16.54 -3.76
CA ALA H 289 17.79 17.39 -4.74
C ALA H 289 17.23 16.56 -5.92
N GLY H 290 16.22 15.76 -5.62
CA GLY H 290 15.53 15.02 -6.64
C GLY H 290 14.33 14.28 -6.07
N PRO H 291 13.72 13.41 -6.88
CA PRO H 291 12.56 12.62 -6.50
C PRO H 291 12.97 11.36 -5.74
N ASN H 292 14.26 11.04 -5.74
CA ASN H 292 14.73 9.79 -5.12
C ASN H 292 14.67 9.78 -3.59
N VAL H 293 14.20 8.66 -3.03
CA VAL H 293 14.12 8.51 -1.59
C VAL H 293 15.14 7.53 -1.01
N LYS H 294 16.05 8.05 -0.19
CA LYS H 294 16.99 7.22 0.56
C LYS H 294 16.42 6.89 1.93
N VAL H 295 16.55 5.63 2.32
CA VAL H 295 16.06 5.20 3.62
C VAL H 295 17.17 4.70 4.52
N LEU H 296 17.54 5.51 5.50
CA LEU H 296 18.50 5.11 6.55
C LEU H 296 17.89 4.06 7.47
N VAL H 297 18.54 2.92 7.61
CA VAL H 297 18.04 1.83 8.46
C VAL H 297 19.18 1.07 9.12
N GLU H 298 18.92 0.46 10.28
CA GLU H 298 19.93 -0.38 10.91
C GLU H 298 20.14 -1.61 10.04
N LYS H 299 21.35 -2.15 10.05
CA LYS H 299 21.69 -3.24 9.14
C LYS H 299 20.88 -4.50 9.43
N LYS H 300 20.46 -4.68 10.68
CA LYS H 300 19.68 -5.85 11.08
C LYS H 300 18.22 -5.80 10.61
N ASN H 301 17.76 -4.60 10.26
CA ASN H 301 16.40 -4.42 9.73
C ASN H 301 16.39 -4.15 8.24
N LYS H 302 17.57 -4.20 7.64
CA LYS H 302 17.75 -3.82 6.24
C LYS H 302 16.92 -4.69 5.26
N GLN H 303 16.87 -6.01 5.51
CA GLN H 303 16.22 -6.92 4.56
C GLN H 303 14.70 -6.83 4.61
N ALA H 304 14.15 -6.91 5.82
CA ALA H 304 12.70 -6.82 6.00
C ALA H 304 12.14 -5.48 5.50
N VAL H 305 12.93 -4.41 5.62
CA VAL H 305 12.53 -3.11 5.09
C VAL H 305 12.52 -3.14 3.57
N MET H 306 13.52 -3.79 2.97
CA MET H 306 13.55 -3.96 1.52
C MET H 306 12.35 -4.78 1.02
N GLU H 307 12.02 -5.83 1.76
CA GLU H 307 10.87 -6.65 1.46
C GLU H 307 9.62 -5.77 1.29
N GLN H 308 9.41 -4.86 2.23
CA GLN H 308 8.23 -3.98 2.19
C GLN H 308 8.16 -3.14 0.91
N PHE H 309 9.29 -2.52 0.55
CA PHE H 309 9.37 -1.71 -0.66
C PHE H 309 9.19 -2.55 -1.93
N LEU H 310 9.52 -3.83 -1.84
CA LEU H 310 9.40 -4.69 -3.00
C LEU H 310 7.97 -5.09 -3.28
N LYS H 311 7.07 -4.88 -2.32
CA LYS H 311 5.65 -5.20 -2.51
C LYS H 311 4.99 -4.21 -3.45
N VAL H 312 5.67 -3.08 -3.66
CA VAL H 312 5.16 -1.99 -4.49
C VAL H 312 6.13 -1.61 -5.62
N PHE H 313 7.43 -1.60 -5.31
CA PHE H 313 8.42 -1.19 -6.28
C PHE H 313 9.17 -2.33 -6.96
N ASP H 314 9.52 -2.13 -8.23
CA ASP H 314 10.37 -3.07 -8.96
C ASP H 314 11.77 -3.19 -8.34
N GLU H 315 12.27 -4.42 -8.32
CA GLU H 315 13.55 -4.77 -7.71
C GLU H 315 14.75 -4.05 -8.32
N SER H 316 14.56 -3.38 -9.46
CA SER H 316 15.65 -2.63 -10.09
C SER H 316 15.76 -1.21 -9.53
N LYS H 317 14.76 -0.82 -8.76
CA LYS H 317 14.69 0.54 -8.21
C LYS H 317 15.00 0.58 -6.71
N ILE H 318 15.28 -0.60 -6.15
CA ILE H 318 15.53 -0.75 -4.72
C ILE H 318 16.92 -1.31 -4.42
N ILE H 319 17.85 -0.39 -4.14
CA ILE H 319 19.29 -0.68 -4.14
C ILE H 319 19.91 -0.34 -2.80
N ALA H 320 20.44 -1.34 -2.11
CA ALA H 320 20.95 -1.13 -0.75
C ALA H 320 22.43 -0.76 -0.75
N SER H 321 22.86 -0.08 0.30
CA SER H 321 24.24 0.38 0.39
C SER H 321 24.69 0.59 1.83
N ASP H 322 25.79 -0.07 2.19
CA ASP H 322 26.41 0.15 3.49
C ASP H 322 27.00 1.54 3.55
N ILE H 323 27.35 1.97 4.76
CA ILE H 323 28.17 3.16 4.92
C ILE H 323 29.63 2.72 4.97
N ILE H 324 30.43 3.26 4.05
CA ILE H 324 31.87 2.99 4.01
C ILE H 324 32.59 3.78 5.12
N SER H 325 33.72 3.24 5.59
CA SER H 325 34.42 3.87 6.70
C SER H 325 35.66 4.56 6.17
N SER H 326 36.28 3.94 5.17
CA SER H 326 37.45 4.47 4.49
C SER H 326 37.10 5.74 3.70
N GLY H 327 38.12 6.54 3.41
CA GLY H 327 37.92 7.78 2.67
C GLY H 327 38.25 7.67 1.19
N VAL H 328 38.59 8.81 0.59
CA VAL H 328 39.00 8.86 -0.81
C VAL H 328 40.38 8.23 -0.95
N GLU H 329 40.60 7.50 -2.05
CA GLU H 329 41.88 6.82 -2.28
C GLU H 329 42.48 7.12 -3.66
N ILE H 330 43.77 6.85 -3.82
CA ILE H 330 44.42 6.99 -5.12
C ILE H 330 44.48 5.60 -5.79
N ILE H 331 44.35 5.56 -7.11
CA ILE H 331 44.35 4.29 -7.84
C ILE H 331 45.17 4.36 -9.12
PG AGS I . -13.61 23.12 1.13
S1G AGS I . -12.26 23.86 -0.22
O2G AGS I . -14.17 24.20 1.98
O3G AGS I . -12.93 22.28 2.13
PB AGS I . -14.39 21.50 -0.87
O1B AGS I . -15.58 21.43 -1.77
O2B AGS I . -13.22 22.18 -1.62
O3B AGS I . -14.74 22.32 0.39
PA AGS I . -14.59 19.38 0.85
O1A AGS I . -13.84 18.05 1.18
O2A AGS I . -14.46 20.34 2.01
O3A AGS I . -13.96 20.02 -0.44
O5' AGS I . -16.15 19.07 0.58
C5' AGS I . -16.59 17.77 0.38
C4' AGS I . -17.85 17.38 0.99
O4' AGS I . -18.80 18.37 0.74
C3' AGS I . -18.37 16.16 0.37
O3' AGS I . -18.25 15.12 1.26
C2' AGS I . -19.74 16.40 0.10
O2' AGS I . -20.51 15.44 0.76
C1' AGS I . -20.02 17.72 0.66
N9 AGS I . -20.86 18.52 -0.16
C8 AGS I . -20.52 19.17 -1.28
N7 AGS I . -21.59 19.82 -1.75
C5 AGS I . -22.63 19.57 -0.93
C6 AGS I . -23.97 19.95 -0.91
N6 AGS I . -24.50 20.79 -1.92
N1 AGS I . -24.75 19.51 0.07
C2 AGS I . -24.29 18.72 1.05
N3 AGS I . -23.02 18.33 1.05
C4 AGS I . -22.17 18.74 0.08
C3A DP6 J . -9.46 26.65 4.65
O1A DP6 J . -14.51 22.21 4.19
O2A DP6 J . -14.04 24.16 5.64
O3A DP6 J . -8.28 25.48 3.00
O1B DP6 J . -15.50 21.21 6.45
O2B DP6 J . -14.42 22.45 8.29
O3B DP6 J . -13.78 20.10 7.84
PB DP6 J . -14.21 21.41 7.21
O6 DP6 J . -13.10 21.91 6.24
PA DP6 J . -13.48 22.87 5.07
O5 DP6 J . -12.21 23.19 4.23
C5 DP6 J . -11.50 24.34 4.48
C4 DP6 J . -10.08 24.38 4.02
C3 DP6 J . -9.54 25.68 3.52
C2 DP6 J . -10.43 26.21 2.46
C1 DP6 J . -9.95 27.38 1.67
O1 DP6 J . -8.72 27.52 1.45
O2 DP6 J . -10.77 28.22 1.22
C FMT K . -26.26 34.32 -9.55
O1 FMT K . -27.09 33.44 -9.69
O2 FMT K . -25.16 34.16 -9.00
PG AGS L . 32.21 46.80 28.16
S1G AGS L . 30.37 47.61 27.84
O2G AGS L . 32.69 46.02 26.99
O3G AGS L . 32.16 45.74 29.19
PB AGS L . 33.09 48.65 29.89
O1B AGS L . 31.60 48.98 30.14
O2B AGS L . 33.88 49.93 29.85
O3B AGS L . 33.25 47.91 28.55
PA AGS L . 32.64 47.09 32.09
O1A AGS L . 32.18 45.74 31.58
O2A AGS L . 31.39 48.02 32.25
O3A AGS L . 33.65 47.73 31.07
O5' AGS L . 33.36 46.90 33.52
C5' AGS L . 34.54 47.58 33.80
C4' AGS L . 35.69 46.78 34.20
O4' AGS L . 36.72 46.96 33.29
C3' AGS L . 36.21 47.25 35.49
O3' AGS L . 35.92 46.31 36.46
C2' AGS L . 37.62 47.34 35.34
O2' AGS L . 38.25 46.53 36.29
C1' AGS L . 37.91 46.85 34.00
N9 AGS L . 38.89 47.59 33.30
C8 AGS L . 38.70 48.71 32.58
N7 AGS L . 39.88 49.10 32.08
C5 AGS L . 40.82 48.22 32.47
C6 AGS L . 42.21 48.11 32.26
N6 AGS L . 42.90 49.07 31.48
N1 AGS L . 42.85 47.09 32.82
C2 AGS L . 42.23 46.17 33.57
N3 AGS L . 40.92 46.25 33.78
C4 AGS L . 40.19 47.27 33.25
C3A DP6 M . 28.15 43.87 24.30
O1A DP6 M . 32.02 42.68 26.91
O2A DP6 M . 32.38 43.54 29.18
O3A DP6 M . 26.52 44.93 25.60
O1B DP6 M . 32.95 39.52 29.77
O2B DP6 M . 33.10 41.83 30.60
O3B DP6 M . 31.16 40.43 31.19
PB DP6 M . 32.16 40.76 30.10
O6 DP6 M . 31.40 41.23 28.84
PA DP6 M . 31.49 42.70 28.31
O5 DP6 M . 30.07 43.32 28.31
C5 DP6 M . 29.66 44.08 27.24
C4 DP6 M . 28.27 43.88 26.73
C3 DP6 M . 27.87 44.67 25.53
C2 DP6 M . 28.63 45.94 25.49
C1 DP6 M . 29.38 46.28 24.24
O1 DP6 M . 30.59 45.95 24.11
O2 DP6 M . 28.81 46.91 23.32
PG AGS N . 21.49 -2.05 -35.23
S1G AGS N . 22.23 -0.62 -36.49
O2G AGS N . 21.71 -3.42 -35.77
O3G AGS N . 20.01 -2.00 -35.18
PB AGS N . 21.41 -1.00 -32.77
O1B AGS N . 21.93 -1.32 -31.40
O2B AGS N . 21.69 0.49 -33.09
O3B AGS N . 22.12 -1.89 -33.81
PA AGS N . 18.82 -0.12 -33.02
O1A AGS N . 17.68 -0.58 -33.92
O2A AGS N . 19.55 1.10 -33.66
O3A AGS N . 19.83 -1.29 -32.83
O5' AGS N . 18.22 0.31 -31.58
C5' AGS N . 18.32 -0.57 -30.50
C4' AGS N . 17.09 -1.12 -29.97
O4' AGS N . 17.29 -2.46 -29.63
C3' AGS N . 16.71 -0.42 -28.73
O3' AGS N . 15.75 0.52 -29.02
C2' AGS N . 16.14 -1.43 -27.92
O2' AGS N . 14.75 -1.46 -28.13
C1' AGS N . 16.72 -2.67 -28.37
N9 AGS N . 17.78 -3.16 -27.54
C8 AGS N . 19.03 -2.70 -27.47
N7 AGS N . 19.71 -3.42 -26.56
C5 AGS N . 18.87 -4.35 -26.05
C6 AGS N . 18.99 -5.36 -25.09
N6 AGS N . 20.23 -5.57 -24.43
N1 AGS N . 17.93 -6.12 -24.82
C2 AGS N . 16.76 -5.95 -25.42
N3 AGS N . 16.60 -4.98 -26.34
C4 AGS N . 17.63 -4.18 -26.66
C3A DP6 O . 22.12 -3.01 -41.91
O1A DP6 O . 19.23 -5.30 -37.61
O2A DP6 O . 18.35 -3.51 -36.16
O3A DP6 O . 21.25 -1.09 -40.89
O1B DP6 O . 15.07 -5.36 -38.22
O2B DP6 O . 15.09 -3.05 -37.36
O3B DP6 O . 16.27 -4.83 -36.12
PB DP6 O . 15.90 -4.32 -37.50
O6 DP6 O . 17.19 -4.03 -38.31
PA DP6 O . 18.57 -3.95 -37.59
O5 DP6 O . 19.47 -2.91 -38.31
C5 DP6 O . 20.13 -3.26 -39.47
C4 DP6 O . 21.59 -2.98 -39.54
C3 DP6 O . 22.08 -2.17 -40.69
C2 DP6 O . 23.46 -1.67 -40.38
C1 DP6 O . 24.48 -2.68 -39.96
O1 DP6 O . 25.55 -2.78 -40.60
O2 DP6 O . 24.27 -3.41 -38.97
PG AGS P . -30.66 -29.30 -1.08
S1G AGS P . -29.30 -28.24 -2.19
O2G AGS P . -30.57 -30.76 -1.37
O3G AGS P . -32.04 -29.01 -1.52
PB AGS P . -29.98 -27.62 0.91
O1B AGS P . -28.82 -27.15 0.00
O2B AGS P . -29.51 -27.70 2.32
O3B AGS P . -30.47 -29.01 0.44
PA AGS P . -32.65 -27.04 1.08
O1A AGS P . -32.85 -28.44 0.48
O2A AGS P . -33.65 -26.05 0.41
O3A AGS P . -31.19 -26.57 0.80
O5' AGS P . -32.91 -27.09 2.67
C5' AGS P . -33.00 -28.31 3.33
C4' AGS P . -34.19 -28.55 4.13
O4' AGS P . -34.15 -29.84 4.63
C3' AGS P . -34.21 -27.65 5.29
O3' AGS P . -35.03 -26.58 5.01
C2' AGS P . -34.79 -28.43 6.32
O2' AGS P . -36.17 -28.24 6.32
C1' AGS P . -34.48 -29.81 5.99
N9 AGS P . -33.37 -30.35 6.69
C8 AGS P . -32.09 -29.95 6.62
N7 AGS P . -31.35 -30.72 7.44
C5 AGS P . -32.17 -31.60 8.04
C6 AGS P . -31.99 -32.63 8.97
N6 AGS P . -30.70 -32.91 9.49
N1 AGS P . -33.05 -33.33 9.37
C2 AGS P . -34.28 -33.10 8.91
N3 AGS P . -34.48 -32.12 8.01
C4 AGS P . -33.46 -31.37 7.56
C3A DP6 Q . -30.75 -30.28 -7.54
O1A DP6 Q . -32.56 -32.02 -3.15
O2A DP6 Q . -33.92 -30.33 -1.97
O3A DP6 Q . -29.93 -28.12 -7.17
O1B DP6 Q . -37.37 -31.94 -4.04
O2B DP6 Q . -36.52 -29.76 -3.28
O3B DP6 Q . -36.28 -31.74 -1.84
PB DP6 Q . -36.28 -31.24 -3.27
O6 DP6 Q . -34.90 -31.56 -3.93
PA DP6 Q . -33.60 -30.94 -3.31
O5 DP6 Q . -33.06 -29.83 -4.27
C5 DP6 Q . -32.09 -30.15 -5.20
C4 DP6 Q . -30.95 -29.21 -5.36
C3 DP6 Q . -30.10 -29.35 -6.57
C2 DP6 Q . -28.77 -29.90 -6.18
C1 DP6 Q . -27.57 -29.05 -6.45
O1 DP6 Q . -26.44 -29.60 -6.62
O2 DP6 Q . -27.67 -27.80 -6.52
C FMT R . -21.43 -15.88 6.45
O1 FMT R . -21.16 -16.57 5.48
O2 FMT R . -21.52 -16.30 7.60
PG AGS S . -24.43 1.47 -25.24
S1G AGS S . -25.62 0.50 -23.88
O2G AGS S . -25.17 1.78 -26.49
O3G AGS S . -23.37 0.58 -25.74
PB AGS S . -23.41 2.76 -23.11
O1B AGS S . -24.64 2.41 -22.24
O2B AGS S . -22.90 4.11 -22.72
O3B AGS S . -23.82 2.77 -24.60
PA AGS S . -20.89 1.82 -23.60
O1A AGS S . -20.97 1.17 -24.97
O2A AGS S . -19.77 1.13 -22.76
O3A AGS S . -22.26 1.67 -22.87
O5' AGS S . -20.55 3.39 -23.77
C5' AGS S . -19.37 3.90 -23.26
C4' AGS S . -18.48 4.60 -24.18
O4' AGS S . -19.18 5.62 -24.80
C3' AGS S . -17.38 5.24 -23.45
O3' AGS S . -16.21 4.57 -23.70
C2' AGS S . -17.28 6.56 -23.97
O2' AGS S . -16.00 6.76 -24.48
C1' AGS S . -18.26 6.63 -25.05
N9 AGS S . -18.98 7.84 -25.11
C8 AGS S . -20.09 8.16 -24.43
N7 AGS S . -20.46 9.41 -24.76
C5 AGS S . -19.58 9.89 -25.67
C6 AGS S . -19.45 11.10 -26.36
N6 AGS S . -20.40 12.14 -26.17
N1 AGS S . -18.43 11.25 -27.20
C2 AGS S . -17.53 10.29 -27.40
N3 AGS S . -17.64 9.12 -26.75
C4 AGS S . -18.64 8.90 -25.89
C3A DP6 T . -27.29 -2.87 -28.22
O1A DP6 T . -23.54 -0.38 -29.44
O2A DP6 T . -21.92 0.22 -27.69
O3A DP6 T . -27.35 -4.19 -26.29
O1B DP6 T . -20.56 -0.94 -31.09
O2B DP6 T . -19.18 -2.31 -29.57
O3B DP6 T . -19.88 -0.04 -28.90
PB DP6 T . -20.29 -1.29 -29.65
O6 DP6 T . -21.58 -1.88 -29.00
PA DP6 T . -22.63 -0.93 -28.37
O5 DP6 T . -23.47 -1.71 -27.31
C5 DP6 T . -24.82 -1.91 -27.53
C4 DP6 T . -25.58 -2.68 -26.51
C3 DP6 T . -27.02 -2.93 -26.76
C2 DP6 T . -27.84 -1.91 -26.05
C1 DP6 T . -29.18 -2.32 -25.55
O1 DP6 T . -29.96 -2.97 -26.30
O2 DP6 T . -29.54 -2.01 -24.38
C1 GOL U . -23.29 -0.15 -13.57
O1 GOL U . -23.21 1.25 -13.68
C2 GOL U . -22.34 -0.63 -12.47
O2 GOL U . -23.01 -1.53 -11.63
C3 GOL U . -21.13 -1.32 -13.11
O3 GOL U . -20.11 -1.48 -12.14
C FMT V . -29.09 -15.23 -36.58
O1 FMT V . -28.77 -16.34 -37.01
O2 FMT V . -29.44 -14.29 -37.28
PG AGS W . 20.12 -35.60 12.60
S1G AGS W . 18.96 -36.65 13.92
O2G AGS W . 19.34 -35.24 11.38
O3G AGS W . 21.17 -36.46 12.02
PB AGS W . 21.15 -34.40 14.76
O1B AGS W . 19.91 -34.68 15.64
O2B AGS W . 21.76 -33.10 15.17
O3B AGS W . 20.73 -34.33 13.28
PA AGS W . 23.66 -35.43 14.37
O1A AGS W . 23.72 -36.08 13.01
O2A AGS W . 24.69 -36.10 15.33
O3A AGS W . 22.22 -35.58 14.96
O5' AGS W . 24.01 -33.85 14.22
C5' AGS W . 25.15 -33.33 14.82
C4' AGS W . 26.09 -32.62 13.96
O4' AGS W . 25.41 -31.65 13.25
C3' AGS W . 27.08 -31.91 14.77
O3' AGS W . 28.31 -32.56 14.65
C2' AGS W . 27.18 -30.62 14.22
O2' AGS W . 28.51 -30.38 13.82
C1' AGS W . 26.32 -30.61 13.05
N9 AGS W . 25.55 -29.42 12.90
C8 AGS W . 24.40 -29.10 13.52
N7 AGS W . 24.01 -27.90 13.10
C5 AGS W . 24.90 -27.44 12.21
C6 AGS W . 25.02 -26.27 11.46
N6 AGS W . 24.04 -25.24 11.55
N1 AGS W . 26.08 -26.13 10.64
C2 AGS W . 27.01 -27.06 10.53
N3 AGS W . 26.93 -28.20 11.24
C4 AGS W . 25.89 -28.40 12.07
C3A DP6 X . 17.06 -41.10 9.93
O1A DP6 X . 21.36 -38.32 8.21
O2A DP6 X . 22.25 -36.73 9.88
O3A DP6 X . 18.56 -41.28 11.70
O1B DP6 X . 23.92 -38.70 7.02
O2B DP6 X . 25.77 -39.14 8.59
O3B DP6 X . 24.69 -36.92 8.56
PB DP6 X . 24.47 -38.41 8.40
O6 DP6 X . 23.44 -38.89 9.46
PA DP6 X . 22.06 -38.19 9.54
O5 DP6 X . 21.21 -38.88 10.64
C5 DP6 X . 20.35 -39.89 10.29
C4 DP6 X . 18.90 -39.54 10.16
C3 DP6 X . 17.91 -40.36 10.90
C2 DP6 X . 17.07 -39.48 11.76
C1 DP6 X . 15.62 -39.29 11.42
O1 DP6 X . 15.29 -38.75 10.34
O2 DP6 X . 14.73 -39.69 12.22
PG AGS Y . -31.33 -14.95 29.75
S1G AGS Y . -32.98 -15.88 30.50
O2G AGS Y . -30.16 -15.10 30.65
O3G AGS Y . -31.50 -13.49 29.74
PB AGS Y . -32.17 -15.99 27.41
O1B AGS Y . -31.68 -17.10 26.55
O2B AGS Y . -33.33 -16.48 28.30
O3B AGS Y . -31.01 -15.50 28.31
PA AGS Y . -31.72 -13.58 26.18
O1A AGS Y . -30.69 -13.46 27.30
O2A AGS Y . -32.54 -12.26 26.09
O3A AGS Y . -32.67 -14.78 26.49
O5' AGS Y . -30.96 -13.86 24.78
C5' AGS Y . -30.00 -14.85 24.68
C4' AGS Y . -28.76 -14.52 23.98
O4' AGS Y . -27.78 -15.42 24.36
C3' AGS Y . -28.94 -14.68 22.54
O3' AGS Y . -28.96 -13.43 21.94
C2' AGS Y . -27.80 -15.39 22.08
O2' AGS Y . -27.13 -14.64 21.12
C1' AGS Y . -26.94 -15.57 23.25
N9 AGS Y . -26.34 -16.84 23.35
C8 AGS Y . -26.95 -18.00 23.63
N7 AGS Y . -26.03 -18.98 23.64
C5 AGS Y . -24.83 -18.44 23.35
C6 AGS Y . -23.53 -18.94 23.21
N6 AGS Y . -23.27 -20.32 23.39
N1 AGS Y . -22.54 -18.09 22.92
C2 AGS Y . -22.74 -16.79 22.74
N3 AGS Y . -23.98 -16.28 22.87
C4 AGS Y . -25.02 -17.08 23.17
C3A DP6 Z . -34.39 -11.62 35.33
O1A DP6 Z . -29.93 -12.01 30.21
O2A DP6 Z . -29.44 -10.77 32.26
O3A DP6 Z . -34.84 -13.47 33.97
O1B DP6 Z . -28.01 -9.94 29.08
O2B DP6 Z . -28.87 -7.64 29.21
O3B DP6 Z . -28.01 -8.76 31.24
PB DP6 Z . -28.76 -8.96 29.94
O6 DP6 Z . -30.18 -9.52 30.23
PA DP6 Z . -30.33 -10.83 31.06
O5 DP6 Z . -31.81 -10.99 31.51
C5 DP6 Z . -32.10 -11.72 32.64
C4 DP6 Z . -33.53 -11.76 33.07
C3 DP6 Z . -33.88 -12.55 34.29
C2 DP6 Z . -32.66 -13.24 34.81
C1 DP6 Z . -32.77 -14.69 35.14
O1 DP6 Z . -31.83 -15.48 34.85
O2 DP6 Z . -33.80 -15.13 35.72
PG AGS AA . 24.61 16.61 -5.71
S1G AGS AA . 22.61 16.43 -5.33
O2G AGS AA . 25.42 15.90 -4.67
O3G AGS AA . 25.06 18.00 -5.51
PB AGS AA . 23.80 15.62 -8.07
O1B AGS AA . 24.34 14.68 -9.10
O2B AGS AA . 22.73 14.90 -7.22
O3B AGS AA . 24.94 16.09 -7.14
PA AGS AA . 24.02 18.14 -9.11
O1A AGS AA . 23.22 19.13 -10.01
O2A AGS AA . 24.41 18.83 -7.82
O3A AGS AA . 23.14 16.89 -8.80
O5' AGS AA . 25.36 17.67 -9.89
C5' AGS AA . 25.42 17.73 -11.27
C4' AGS AA . 26.67 18.17 -11.87
O4' AGS AA . 27.68 17.31 -11.48
C3' AGS AA . 26.60 18.07 -13.33
O3' AGS AA . 26.54 19.35 -13.86
C2' AGS AA . 27.80 17.45 -13.76
O2' AGS AA . 28.48 18.29 -14.64
C1' AGS AA . 28.59 17.26 -12.54
N9 AGS AA . 29.26 16.01 -12.47
C8 AGS AA . 28.75 14.84 -12.06
N7 AGS AA . 29.70 13.91 -12.14
C5 AGS AA . 30.83 14.49 -12.60
C6 AGS AA . 32.12 14.02 -12.87
N6 AGS AA . 32.47 12.66 -12.68
N1 AGS AA . 33.02 14.90 -13.34
C2 AGS AA . 32.74 16.18 -13.53
N3 AGS AA . 31.51 16.64 -13.28
C4 AGS AA . 30.56 15.82 -12.81
C3A DP6 BA . 20.68 19.44 -1.54
O1A DP6 BA . 25.76 20.09 -5.67
O2A DP6 BA . 26.68 19.25 -3.54
O3A DP6 BA . 22.15 17.69 -2.09
O1B DP6 BA . 27.42 21.86 -6.29
O2B DP6 BA . 27.88 23.70 -4.72
O3B DP6 BA . 25.60 23.35 -5.57
PB DP6 BA . 26.87 22.67 -5.14
O6 DP6 BA . 26.57 21.72 -3.94
PA DP6 BA . 25.87 20.35 -4.18
O5 DP6 BA . 24.44 20.37 -3.55
C5 DP6 BA . 24.09 19.41 -2.64
C4 DP6 BA . 23.09 19.78 -1.60
C3 DP6 BA . 22.01 18.80 -1.29
C2 DP6 BA . 22.11 18.40 0.14
C1 DP6 BA . 21.82 16.97 0.47
O1 DP6 BA . 21.94 16.08 -0.40
O2 DP6 BA . 21.44 16.67 1.64
C FMT CA . 8.56 25.21 -10.98
O1 FMT CA . 8.15 26.38 -11.03
O2 FMT CA . 7.88 24.27 -10.58
#